data_8G9U
#
_entry.id   8G9U
#
_cell.length_a   1.00
_cell.length_b   1.00
_cell.length_c   1.00
_cell.angle_alpha   90.00
_cell.angle_beta   90.00
_cell.angle_gamma   90.00
#
_symmetry.space_group_name_H-M   'P 1'
#
loop_
_entity.id
_entity.type
_entity.pdbx_description
1 polymer Cas3
2 polymer 'CRISPR-associated protein, Csd2 family'
3 polymer 'Phage associated protein'
4 polymer 'CRISPR-associated protein, Csd1 family'
5 polymer 'crRNA (43-MER)'
6 polymer 'Traget strand DNA (53-MER)'
7 polymer 'pre-crRNA processing endonuclease'
8 polymer "proximal nontarget strand DNA (5'-D(P*AP*TP*GP*AP*AP*CP*TP*TP*CP*AP*AP*AP*AP*AP*AP*AP*AP*AP*AP*A)-3')"
9 polymer "Distal nontarget DNA (5'-D(P*TP*TP*AP*TP*AP*TP*TP*AP*AP*TP*AP*TP*TP*AP*TP*AP*TP*TP*TP*A)-3')"
10 non-polymer 'MAGNESIUM ION'
11 non-polymer 'PHOSPHATE ION'
#
loop_
_entity_poly.entity_id
_entity_poly.type
_entity_poly.pdbx_seq_one_letter_code
_entity_poly.pdbx_strand_id
1 'polypeptide(L)'
;DYIAHARQDSSNAWHSHPLQKHLQKVAQLAKRFAGRYGSLFAEYAGLLHDLGKFQESFQKYIRNASGFEKENAHLEDVES
TKLRKIPHSTAGAKYAVERLNPFFGHLLAYLIAGHHAGLADWYDKGSLKRRLQQADDELAASLSGFVESSLPEDFFPLSD
DDLMRDFFAFWEDGAKLEELHIWMRFLFSCLVDADFLDTEAFMNGYADADAAAAAAAAAAAAAAAARRYAEQYAQLSAAE
DADKNSSLNQERHAILQQCFSAAETDRTLFSLTVPTGGGKTLASLGFALKHALKFGKKRIIYAIPFTSIIEQNANVFRNA
LGDDVVLEHHSNLEVKEDKETAKTRLATENWDAPLIVTTNVQLFESLFAAKTSRCRKIHNIADSVVILDEAQQLPRDFQK
PITDMMRVLARDYGVTFVLCTATQPELGKNIDAFGRTILEGLPDVREIVADKIALSEKLRRVRIKMPPPNGETQSWQKIA
DEIAARPCVLAVVNTRKHAQKLFAALPSNGIKLHLSANMCATHCSEVIALVRRYLALYRAGSLHKPLWLVSTQLIEAGVD
LDFPCVYRAMAGLDSIAQAAGRCNREGKLPQLGEVVVFRAEEGAPSGSLKQGQDITEEMLKAGLLDDPLSPLAFAEYFRR
FNGKGDVDKHDITRLLTAEASNENPLAIKFRTAAERFHLIDNQGVALIVPFIPLAHWEKDGSPQIVEANELDDFFRRHLA
AAAAAAAWAAAAAAAAAAFPQPPDNPDNPFGQTDQPLLAAAAAAAAAAAAA
;
P
2 'polypeptide(L)'
;TIEKRYDFVFLFDVQDGNPNGDPDAGNLPRIDPQTGEGLVTDVCLKRKVRNFIQMTQNDEHHDIFIREKGILNNLIDEAH
EQENVKGKEKGEKTEAARQYMCSRYYDIRTFGAVMTTGKNAGQVRGPVQLTFSRSIDPIMTLEHSITRMAVTNEKDASET
GDNRTMGRKFTVPYGLYRCHGFISTHFAKQTGFSENDLELFWQALVNMFDHDHSAARGQMNARGLYVFEHSNNLGDAPAD
SLFKRIQVVKKDGVEVVRSFDDYLVSVDDKNLEETKLLRKLGG
;
A,B,D,C,E,F,M
3 'polypeptide(L)'
;GLDRNRQDIGYVLGRLFAVLEKIQAEANPGLNATIADRYFGSASSTPIAVFGTLMRLLPHHLNKLEFEGRAVQLQWEIRQ
ILEHCQRFPNHLNLEQQGLFAIGYYHETQFLFTKDALKNLFNEA
;
I,G,J
4 'polypeptide(L)'
;MILHALTQYYQRKAESDGGIAQEGFENKEIPFIIVIDKQGNFIQLEDTRELKVKKKVGRTFLVPKGLGRSGSKSYEVSNL
LWDHYGYVLAYAGEKGQEQADKQHASFTAKVNELKQALPDDAGVTAVAAFLSSAEEKSKVMQAANWAECAKVKGCNLSFR
LVDEAVDLVCQSKAVREYVSQANQTQSDNAQKGICLVTGKAAPIARLHNAVKGVNAKPAPFASVNLSAFESYGKEQGFAF
PIGEQAMFEYTTALNTLLAGENRFRIGDVTTVCWGAKRTPLEESLASMINGGGKDNPDAHIDAVKALYKSLYNGQYCKPD
GEDKFYLLGLSPNSARIVVRFWHETTVAALSESIAAWYDDLQMVRGENSPYPEYMPLPRLLGNLVLDGKMENLPSDLIAQ
ITDAALNNRVLPVSLLQAALRRNKAEQKITYGRASLLKAYINRAIRAGRLKNMKELTMGLDRNRQDIGYVLGRLFAVLEK
IQAEANPGLNATIADRYFGSASSTPIAVFGTLMRLLPHHLNKLEFEGRAVQLQWEIRQILEHCQRFPNHLNLEQQGLFAI
GYYHETQFLFTKDALKNLFNEA
;
H
5 'polyribonucleotide' GUUGAAACAGGGUCAGCUUGCCGUAGGUGGCAUCGCCCUCGUC K
6 'polydeoxyribonucleotide'
;(DA)(DG)(DG)(DA)(DG)(DG)(DG)(DC)(DG)(DA)(DG)(DG)(DG)(DC)(DG)(DA)(DT)(DG)(DC)(DC)
(DA)(DC)(DC)(DT)(DA)(DC)(DG)(DG)(DC)(DA)(DA)(DG)(DC)(DT)(DG)(DA)(DC)(DC)(DC)(DT)
(DG)(DA)(DA)(DG)(DT)(DT)(DC)(DA)(DT)(DC)(DT)(DG)(DC)
;
L
7 'polypeptide(L)'
;RFILEISGDLACFTRSELKVERVSYPVITPSAARNILMAILWKPAIRWKVLKIEILKPIQWTNIRRNEVGTKMSERSGSL
YIEDNRQQRASMLLKDVAYRIHADFDMTSEAGESDNYVKFAEMFKRRAKKGQYFHQPYLGCREFPCDFRLLEKAEDGLPL
EDITQDFGFMLYDMDFSKSDPRDSNNAEPMFYQCKAVNGVITVPP
;
N
8 'polydeoxyribonucleotide' (DA)(DT)(DG)(DA)(DA)(DC)(DT)(DT)(DC)(DA)(DA)(DA)(DA)(DA)(DA)(DA)(DA)(DA)(DA)(DA) O
9 'polydeoxyribonucleotide' (DT)(DT)(DA)(DT)(DA)(DT)(DT)(DA)(DA)(DT)(DA)(DT)(DT)(DA)(DT)(DA)(DT)(DT)(DT)(DA) Q
#
# COMPACT_ATOMS: atom_id res chain seq x y z
N ASP A 1 8.86 25.11 39.66
CA ASP A 1 9.90 24.54 38.81
C ASP A 1 11.19 24.34 39.60
N TYR A 2 11.79 23.16 39.46
CA TYR A 2 11.28 22.11 38.60
C TYR A 2 10.35 21.16 39.34
N ILE A 3 9.37 20.65 38.61
CA ILE A 3 8.18 20.06 39.20
C ILE A 3 8.50 18.58 39.39
N ALA A 4 9.05 18.24 40.55
CA ALA A 4 9.41 16.85 40.79
C ALA A 4 8.19 15.96 40.77
N HIS A 5 7.13 16.36 41.46
CA HIS A 5 5.90 15.59 41.52
C HIS A 5 4.74 16.55 41.41
N ALA A 6 3.80 16.23 40.54
CA ALA A 6 2.63 17.06 40.31
C ALA A 6 1.44 16.30 40.90
N ARG A 7 0.99 16.72 42.07
CA ARG A 7 -0.12 16.07 42.74
C ARG A 7 -1.38 16.89 42.50
N GLN A 8 -2.32 16.30 41.78
CA GLN A 8 -3.66 16.86 41.66
C GLN A 8 -4.35 16.74 43.02
N ASP A 9 -4.49 17.85 43.72
CA ASP A 9 -4.97 17.83 45.09
C ASP A 9 -6.40 17.29 45.16
N SER A 10 -6.75 16.78 46.34
CA SER A 10 -8.10 16.26 46.54
C SER A 10 -9.16 17.33 46.35
N SER A 11 -8.78 18.60 46.57
CA SER A 11 -9.68 19.73 46.35
C SER A 11 -9.61 20.24 44.91
N ASN A 12 -9.23 19.38 43.96
CA ASN A 12 -9.12 19.74 42.55
C ASN A 12 -8.14 20.88 42.34
N ALA A 13 -7.21 21.05 43.27
CA ALA A 13 -6.06 21.93 43.11
C ALA A 13 -4.88 21.09 42.66
N TRP A 14 -3.76 21.76 42.40
CA TRP A 14 -2.53 21.09 42.01
C TRP A 14 -1.40 21.66 42.85
N HIS A 15 -0.69 20.77 43.54
CA HIS A 15 0.51 21.15 44.28
C HIS A 15 1.73 20.61 43.57
N SER A 16 2.81 21.38 43.63
CA SER A 16 4.05 21.06 42.95
C SER A 16 5.09 20.66 43.97
N HIS A 17 5.68 19.49 43.79
CA HIS A 17 6.80 19.11 44.62
C HIS A 17 8.05 19.70 43.98
N PRO A 18 8.66 20.70 44.59
CA PRO A 18 9.83 21.33 43.99
C PRO A 18 11.00 20.35 43.98
N LEU A 19 11.53 20.10 42.79
CA LEU A 19 12.64 19.16 42.66
C LEU A 19 13.79 19.57 43.56
N GLN A 20 13.94 20.87 43.81
CA GLN A 20 14.90 21.35 44.78
C GLN A 20 14.74 20.61 46.09
N LYS A 21 13.59 20.80 46.72
CA LYS A 21 13.33 20.17 48.01
C LYS A 21 13.07 18.68 47.87
N HIS A 22 12.62 18.21 46.72
CA HIS A 22 12.46 16.77 46.57
C HIS A 22 13.80 16.06 46.70
N LEU A 23 14.80 16.49 45.92
CA LEU A 23 16.12 15.90 46.04
C LEU A 23 16.74 16.18 47.40
N GLN A 24 16.59 17.40 47.90
CA GLN A 24 17.17 17.73 49.19
C GLN A 24 16.62 16.86 50.30
N LYS A 25 15.30 16.70 50.35
CA LYS A 25 14.67 15.90 51.38
C LYS A 25 14.98 14.43 51.21
N VAL A 26 15.04 13.94 49.97
CA VAL A 26 15.37 12.53 49.78
C VAL A 26 16.79 12.25 50.23
N ALA A 27 17.72 13.13 49.90
CA ALA A 27 19.10 12.96 50.34
C ALA A 27 19.21 13.01 51.86
N GLN A 28 18.54 13.99 52.48
CA GLN A 28 18.59 14.09 53.93
C GLN A 28 17.96 12.85 54.57
N LEU A 29 16.87 12.37 53.99
CA LEU A 29 16.17 11.21 54.53
C LEU A 29 17.01 9.96 54.41
N ALA A 30 17.57 9.71 53.23
CA ALA A 30 18.54 8.63 53.07
C ALA A 30 19.95 9.12 53.30
N LYS A 31 20.11 9.94 54.33
CA LYS A 31 21.34 10.06 55.09
C LYS A 31 21.17 9.54 56.51
N ARG A 32 19.99 9.73 57.09
CA ARG A 32 19.66 9.01 58.32
C ARG A 32 19.35 7.55 58.02
N PHE A 33 18.76 7.27 56.84
CA PHE A 33 18.42 5.90 56.51
C PHE A 33 19.64 4.99 56.58
N ALA A 34 20.75 5.42 55.99
CA ALA A 34 22.00 4.73 56.19
C ALA A 34 22.66 5.21 57.48
N GLY A 35 23.22 4.27 58.22
CA GLY A 35 23.87 4.63 59.46
C GLY A 35 25.31 4.99 59.20
N ARG A 36 26.24 4.26 59.81
CA ARG A 36 27.64 4.38 59.46
C ARG A 36 27.93 3.86 58.06
N TYR A 37 26.92 3.35 57.36
CA TYR A 37 27.13 2.62 56.11
C TYR A 37 27.32 3.57 54.93
N GLY A 38 26.28 4.32 54.60
CA GLY A 38 26.34 5.22 53.47
C GLY A 38 25.69 6.55 53.76
N SER A 39 25.80 7.01 55.00
CA SER A 39 25.08 8.19 55.47
C SER A 39 25.24 9.34 54.49
N LEU A 40 26.45 9.85 54.31
CA LEU A 40 26.65 10.86 53.29
C LEU A 40 26.91 10.23 51.92
N PHE A 41 26.90 8.91 51.84
CA PHE A 41 27.12 8.29 50.54
C PHE A 41 25.81 8.07 49.81
N ALA A 42 24.79 7.59 50.51
CA ALA A 42 23.49 7.35 49.89
C ALA A 42 22.81 8.66 49.54
N GLU A 43 23.07 9.73 50.29
CA GLU A 43 22.49 11.02 49.95
C GLU A 43 22.99 11.48 48.59
N TYR A 44 24.26 11.26 48.29
CA TYR A 44 24.79 11.69 47.00
C TYR A 44 24.10 10.98 45.87
N ALA A 45 23.45 9.85 46.15
CA ALA A 45 22.47 9.30 45.25
C ALA A 45 21.07 9.79 45.54
N GLY A 46 20.80 10.19 46.78
CA GLY A 46 19.54 10.85 47.07
C GLY A 46 19.46 12.20 46.38
N LEU A 47 20.54 12.99 46.46
CA LEU A 47 20.59 14.24 45.71
C LEU A 47 20.30 14.00 44.24
N LEU A 48 20.76 12.87 43.71
CA LEU A 48 20.79 12.65 42.27
C LEU A 48 19.70 11.72 41.80
N HIS A 49 18.88 11.19 42.72
CA HIS A 49 18.04 10.05 42.38
C HIS A 49 17.10 10.40 41.24
N ASP A 50 16.60 11.63 41.22
CA ASP A 50 15.72 12.14 40.19
C ASP A 50 16.34 13.38 39.56
N LEU A 51 17.64 13.35 39.27
CA LEU A 51 18.24 14.44 38.52
C LEU A 51 17.60 14.56 37.16
N GLY A 52 17.37 13.44 36.49
CA GLY A 52 16.70 13.46 35.21
C GLY A 52 15.31 14.04 35.26
N LYS A 53 14.73 14.10 36.45
CA LYS A 53 13.46 14.79 36.63
C LYS A 53 13.59 16.26 36.26
N PHE A 54 14.82 16.79 36.25
CA PHE A 54 15.12 18.13 35.74
C PHE A 54 14.98 18.24 34.24
N GLN A 55 14.75 17.12 33.54
CA GLN A 55 14.68 17.13 32.09
C GLN A 55 13.63 18.13 31.64
N GLU A 56 14.01 18.97 30.66
CA GLU A 56 13.03 19.88 30.09
C GLU A 56 11.87 19.11 29.47
N SER A 57 12.15 17.91 28.96
CA SER A 57 11.07 17.06 28.45
C SER A 57 10.23 16.49 29.58
N PHE A 58 10.87 16.00 30.65
CA PHE A 58 10.09 15.44 31.76
C PHE A 58 9.25 16.51 32.44
N GLN A 59 9.76 17.71 32.50
CA GLN A 59 8.98 18.83 33.00
C GLN A 59 7.94 19.27 32.04
N LYS A 60 7.76 18.48 30.97
CA LYS A 60 6.61 18.57 30.11
C LYS A 60 5.74 17.32 30.16
N TYR A 61 6.28 16.21 30.66
CA TYR A 61 5.55 14.96 30.86
C TYR A 61 4.89 14.84 32.22
N ILE A 62 5.64 15.09 33.31
CA ILE A 62 5.04 15.02 34.62
C ILE A 62 3.88 15.99 34.71
N ARG A 63 3.94 17.07 33.92
CA ARG A 63 2.79 17.95 33.80
C ARG A 63 1.69 17.30 32.98
N ASN A 64 2.06 16.70 31.84
CA ASN A 64 1.08 16.12 30.94
C ASN A 64 0.41 14.90 31.59
N ALA A 65 1.19 14.03 32.22
CA ALA A 65 0.64 12.81 32.80
C ALA A 65 -0.11 13.07 34.09
N SER A 66 0.38 13.98 34.92
CA SER A 66 -0.26 14.27 36.21
C SER A 66 -1.17 15.49 36.14
N GLY A 67 -1.39 16.05 34.96
CA GLY A 67 -2.35 17.13 34.81
C GLY A 67 -1.98 18.40 35.55
N PHE A 68 -0.71 18.79 35.52
CA PHE A 68 -0.29 20.08 36.03
C PHE A 68 -0.14 21.05 34.88
N GLU A 69 -0.78 22.22 35.01
CA GLU A 69 -0.94 23.20 33.94
C GLU A 69 -1.19 22.51 32.60
N LYS A 70 -2.12 21.55 32.60
CA LYS A 70 -2.50 20.73 31.45
C LYS A 70 -1.33 20.38 30.53
N LEU A 83 1.47 11.79 26.92
CA LEU A 83 1.95 10.43 27.23
C LEU A 83 3.20 10.10 26.44
N ARG A 84 4.34 10.10 27.12
CA ARG A 84 5.63 9.84 26.48
C ARG A 84 6.47 8.86 27.31
N LYS A 85 6.28 8.87 28.63
CA LYS A 85 7.05 8.05 29.57
C LYS A 85 8.55 8.32 29.45
N ILE A 86 8.93 9.53 29.82
CA ILE A 86 10.31 10.01 29.67
C ILE A 86 11.21 9.44 30.75
N PRO A 87 12.29 8.74 30.38
CA PRO A 87 13.23 8.27 31.39
C PRO A 87 13.90 9.43 32.10
N HIS A 88 14.09 9.26 33.41
CA HIS A 88 14.79 10.27 34.20
C HIS A 88 15.78 9.65 35.17
N SER A 89 15.72 8.35 35.43
CA SER A 89 16.63 7.73 36.37
C SER A 89 18.05 7.74 35.84
N THR A 90 18.22 7.54 34.53
CA THR A 90 19.55 7.35 33.97
C THR A 90 20.38 8.63 34.05
N ALA A 91 19.73 9.79 33.96
CA ALA A 91 20.48 11.04 33.89
C ALA A 91 21.28 11.30 35.15
N GLY A 92 20.66 11.11 36.32
CA GLY A 92 21.41 11.25 37.55
C GLY A 92 22.54 10.27 37.63
N ALA A 93 22.34 9.06 37.12
CA ALA A 93 23.38 8.04 37.15
C ALA A 93 24.57 8.47 36.30
N LYS A 94 24.31 8.96 35.09
CA LYS A 94 25.38 9.43 34.23
C LYS A 94 26.11 10.60 34.87
N TYR A 95 25.34 11.50 35.49
CA TYR A 95 25.97 12.62 36.18
C TYR A 95 26.93 12.11 37.24
N ALA A 96 26.49 11.11 38.01
CA ALA A 96 27.35 10.53 39.03
C ALA A 96 28.61 9.92 38.41
N VAL A 97 28.45 9.10 37.37
CA VAL A 97 29.60 8.37 36.84
C VAL A 97 30.61 9.34 36.26
N GLU A 98 30.16 10.47 35.71
CA GLU A 98 31.16 11.39 35.19
C GLU A 98 31.77 12.23 36.29
N ARG A 99 31.06 12.48 37.38
CA ARG A 99 31.60 13.42 38.36
C ARG A 99 32.42 12.78 39.46
N LEU A 100 31.94 11.72 40.11
CA LEU A 100 32.66 11.26 41.30
C LEU A 100 33.93 10.49 40.95
N ASN A 101 33.78 9.33 40.33
CA ASN A 101 34.87 8.37 40.30
C ASN A 101 34.35 7.26 39.40
N PRO A 102 35.17 6.58 38.60
CA PRO A 102 34.63 5.41 37.89
C PRO A 102 34.06 4.37 38.83
N PHE A 103 34.65 4.20 40.02
CA PHE A 103 34.07 3.27 40.98
C PHE A 103 32.84 3.87 41.64
N PHE A 104 33.02 4.97 42.37
CA PHE A 104 31.91 5.56 43.10
C PHE A 104 30.80 5.98 42.17
N GLY A 105 31.16 6.46 40.98
CA GLY A 105 30.13 6.86 40.03
C GLY A 105 29.24 5.71 39.62
N HIS A 106 29.84 4.55 39.31
CA HIS A 106 29.03 3.40 38.94
C HIS A 106 28.31 2.82 40.13
N LEU A 107 28.97 2.80 41.29
CA LEU A 107 28.32 2.42 42.53
C LEU A 107 27.03 3.21 42.70
N LEU A 108 27.15 4.52 42.53
CA LEU A 108 26.07 5.42 42.82
C LEU A 108 25.04 5.36 41.71
N ALA A 109 25.49 5.03 40.50
CA ALA A 109 24.61 4.95 39.34
C ALA A 109 23.74 3.70 39.39
N TYR A 110 24.24 2.62 39.96
CA TYR A 110 23.38 1.48 40.23
C TYR A 110 22.17 1.91 41.02
N LEU A 111 22.40 2.64 42.10
CA LEU A 111 21.33 3.17 42.93
C LEU A 111 20.45 4.12 42.13
N ILE A 112 21.06 5.06 41.41
CA ILE A 112 20.30 6.15 40.82
C ILE A 112 19.47 5.66 39.65
N ALA A 113 20.12 5.13 38.61
CA ALA A 113 19.39 4.67 37.44
C ALA A 113 18.48 3.50 37.75
N GLY A 114 18.67 2.84 38.88
CA GLY A 114 17.74 1.82 39.29
C GLY A 114 16.59 2.30 40.14
N HIS A 115 16.63 3.55 40.59
CA HIS A 115 15.73 3.99 41.64
C HIS A 115 14.27 3.90 41.24
N HIS A 116 13.98 3.79 39.96
CA HIS A 116 12.61 3.48 39.55
C HIS A 116 12.54 2.27 38.65
N ALA A 117 13.53 2.05 37.80
CA ALA A 117 13.55 0.87 36.93
C ALA A 117 13.98 -0.38 37.68
N GLY A 118 14.15 -0.29 38.99
CA GLY A 118 14.70 -1.40 39.73
C GLY A 118 16.20 -1.44 39.57
N LEU A 119 16.90 -2.02 40.54
CA LEU A 119 18.35 -2.13 40.44
C LEU A 119 18.74 -2.85 39.16
N ALA A 120 19.70 -2.30 38.45
CA ALA A 120 20.00 -2.77 37.10
C ALA A 120 21.31 -3.56 37.09
N ASP A 121 21.48 -4.38 36.06
CA ASP A 121 22.77 -4.98 35.81
C ASP A 121 23.69 -3.97 35.15
N TRP A 122 24.98 -4.28 35.15
CA TRP A 122 25.85 -3.50 34.30
C TRP A 122 25.77 -3.95 32.85
N TYR A 123 25.55 -5.24 32.61
CA TYR A 123 25.63 -5.79 31.28
C TYR A 123 24.33 -6.43 30.80
N ASP A 124 23.73 -7.31 31.60
CA ASP A 124 22.83 -8.30 31.04
C ASP A 124 21.44 -7.74 30.80
N LYS A 125 20.74 -7.36 31.87
CA LYS A 125 19.34 -6.99 31.77
C LYS A 125 19.15 -5.60 32.34
N GLY A 126 18.53 -4.72 31.55
CA GLY A 126 18.43 -3.33 31.96
C GLY A 126 19.80 -2.74 32.20
N SER A 127 20.77 -3.09 31.37
CA SER A 127 22.16 -2.84 31.67
C SER A 127 22.43 -1.37 31.89
N LEU A 128 23.15 -1.06 32.97
CA LEU A 128 23.60 0.29 33.18
C LEU A 128 24.61 0.72 32.11
N LYS A 129 25.54 -0.16 31.74
CA LYS A 129 26.53 0.24 30.75
C LYS A 129 25.85 0.78 29.50
N ARG A 130 24.71 0.20 29.14
CA ARG A 130 23.96 0.72 28.01
C ARG A 130 23.27 2.04 28.34
N ARG A 131 22.62 2.10 29.50
CA ARG A 131 21.81 3.27 29.81
C ARG A 131 22.67 4.50 30.01
N LEU A 132 23.79 4.37 30.71
CA LEU A 132 24.70 5.47 30.90
C LEU A 132 25.26 5.96 29.58
N GLN A 133 25.76 5.04 28.76
CA GLN A 133 26.27 5.44 27.45
C GLN A 133 25.18 6.09 26.62
N GLN A 134 23.93 5.71 26.84
CA GLN A 134 22.80 6.37 26.19
C GLN A 134 22.21 7.49 27.02
N ALA A 135 22.74 7.73 28.21
CA ALA A 135 22.26 8.83 29.04
C ALA A 135 22.93 10.15 28.72
N ASP A 136 23.94 10.15 27.85
CA ASP A 136 24.71 11.37 27.58
C ASP A 136 23.80 12.50 27.12
N ASP A 137 22.92 12.23 26.16
CA ASP A 137 21.96 13.25 25.74
C ASP A 137 20.96 13.55 26.85
N GLU A 138 20.46 12.51 27.51
CA GLU A 138 19.52 12.72 28.61
C GLU A 138 20.18 13.48 29.75
N LEU A 139 21.42 13.13 30.08
CA LEU A 139 22.11 13.89 31.11
C LEU A 139 22.36 15.33 30.68
N ALA A 140 22.70 15.54 29.42
CA ALA A 140 22.88 16.90 28.94
C ALA A 140 21.60 17.71 29.14
N ALA A 141 20.47 17.13 28.75
CA ALA A 141 19.19 17.84 28.89
C ALA A 141 18.87 18.10 30.36
N SER A 142 18.99 17.08 31.20
CA SER A 142 18.61 17.22 32.60
C SER A 142 19.57 18.15 33.34
N LEU A 143 20.86 18.12 33.03
CA LEU A 143 21.80 19.03 33.65
C LEU A 143 21.62 20.45 33.15
N SER A 144 21.22 20.61 31.88
CA SER A 144 20.85 21.95 31.40
C SER A 144 19.68 22.47 32.20
N GLY A 145 18.68 21.63 32.46
CA GLY A 145 17.59 22.02 33.33
C GLY A 145 18.07 22.39 34.72
N PHE A 146 18.99 21.59 35.26
CA PHE A 146 19.49 21.82 36.61
C PHE A 146 20.19 23.17 36.72
N VAL A 147 21.01 23.51 35.72
CA VAL A 147 21.76 24.77 35.74
C VAL A 147 20.90 25.94 35.29
N GLU A 148 19.79 25.68 34.59
CA GLU A 148 19.13 26.72 33.80
C GLU A 148 18.55 27.82 34.67
N SER A 149 17.81 27.45 35.71
CA SER A 149 17.02 28.43 36.46
C SER A 149 17.47 28.64 37.88
N SER A 150 17.85 27.59 38.59
CA SER A 150 17.98 27.62 40.04
C SER A 150 19.08 26.66 40.44
N LEU A 151 19.04 26.22 41.69
CA LEU A 151 19.87 25.13 42.18
C LEU A 151 21.34 25.52 42.13
N PRO A 152 21.81 26.34 43.07
CA PRO A 152 23.21 26.79 43.07
C PRO A 152 24.19 25.71 42.67
N GLU A 153 25.23 26.10 41.92
CA GLU A 153 26.11 25.12 41.30
C GLU A 153 26.70 24.15 42.32
N ASP A 154 26.88 24.60 43.56
CA ASP A 154 27.26 23.69 44.64
C ASP A 154 26.04 23.18 45.40
N PHE A 155 25.05 22.70 44.65
CA PHE A 155 23.94 21.94 45.25
C PHE A 155 24.21 20.46 45.20
N PHE A 156 24.81 20.00 44.12
CA PHE A 156 25.37 18.66 43.98
C PHE A 156 26.86 18.75 44.20
N PRO A 157 27.34 18.68 45.45
CA PRO A 157 28.79 18.72 45.64
C PRO A 157 29.46 17.47 45.11
N LEU A 158 28.87 16.30 45.37
CA LEU A 158 29.44 15.03 44.94
C LEU A 158 30.91 14.97 45.33
N SER A 159 31.19 15.41 46.55
CA SER A 159 32.55 15.55 47.04
C SER A 159 33.13 14.15 47.22
N ASP A 160 33.88 13.69 46.23
CA ASP A 160 34.39 12.34 46.26
C ASP A 160 35.34 12.14 47.43
N ASP A 161 36.13 13.17 47.76
CA ASP A 161 37.00 13.07 48.93
C ASP A 161 36.20 12.91 50.21
N ASP A 162 35.09 13.64 50.35
CA ASP A 162 34.20 13.43 51.47
C ASP A 162 33.39 12.16 51.32
N LEU A 163 32.92 11.88 50.10
CA LEU A 163 32.24 10.63 49.84
C LEU A 163 33.15 9.43 50.02
N MET A 164 34.46 9.60 49.88
CA MET A 164 35.39 8.54 50.18
C MET A 164 35.36 8.16 51.65
N ARG A 165 34.84 9.03 52.51
CA ARG A 165 34.88 8.75 53.94
C ARG A 165 33.90 7.64 54.32
N ASP A 166 32.59 7.87 54.15
CA ASP A 166 31.63 6.85 54.55
C ASP A 166 31.79 5.56 53.77
N PHE A 167 32.35 5.62 52.56
CA PHE A 167 32.77 4.38 51.93
C PHE A 167 33.86 3.70 52.75
N PHE A 168 34.92 4.43 53.08
CA PHE A 168 36.01 3.86 53.87
C PHE A 168 35.73 3.89 55.36
N ALA A 169 34.73 4.65 55.81
CA ALA A 169 34.30 4.51 57.20
C ALA A 169 33.58 3.19 57.41
N PHE A 170 32.98 2.64 56.35
CA PHE A 170 32.37 1.33 56.41
C PHE A 170 33.25 0.24 55.83
N TRP A 171 33.82 0.47 54.65
CA TRP A 171 34.71 -0.53 54.06
C TRP A 171 36.12 -0.37 54.62
N GLU A 172 36.24 -0.72 55.90
CA GLU A 172 37.57 -0.89 56.46
C GLU A 172 38.31 -1.92 55.65
N ASP A 173 39.55 -1.59 55.26
CA ASP A 173 40.38 -2.48 54.44
C ASP A 173 39.73 -2.76 53.09
N GLY A 174 39.14 -1.72 52.49
CA GLY A 174 38.67 -1.81 51.13
C GLY A 174 37.29 -2.45 51.00
N ALA A 175 36.80 -2.45 49.76
CA ALA A 175 35.48 -2.94 49.44
C ALA A 175 35.53 -4.40 49.03
N LYS A 176 34.93 -5.27 49.83
CA LYS A 176 34.75 -6.66 49.42
C LYS A 176 33.92 -6.70 48.15
N LEU A 177 34.41 -7.43 47.15
CA LEU A 177 33.71 -7.46 45.87
C LEU A 177 32.52 -8.40 45.93
N GLU A 178 32.70 -9.55 46.58
CA GLU A 178 31.67 -10.58 46.61
C GLU A 178 30.44 -10.15 47.39
N GLU A 179 30.53 -9.05 48.13
CA GLU A 179 29.38 -8.53 48.87
C GLU A 179 29.28 -7.01 48.80
N LEU A 180 29.96 -6.39 47.85
CA LEU A 180 29.66 -5.01 47.53
C LEU A 180 28.25 -4.84 47.01
N HIS A 181 27.63 -5.92 46.52
CA HIS A 181 26.26 -5.82 46.04
C HIS A 181 25.30 -5.45 47.16
N ILE A 182 25.66 -5.73 48.41
CA ILE A 182 24.71 -5.54 49.49
C ILE A 182 24.47 -4.05 49.75
N TRP A 183 25.51 -3.22 49.73
CA TRP A 183 25.22 -1.81 49.60
C TRP A 183 24.42 -1.52 48.35
N MET A 184 24.84 -2.08 47.24
CA MET A 184 24.22 -1.67 45.99
C MET A 184 22.73 -1.87 46.08
N ARG A 185 22.30 -2.72 47.01
CA ARG A 185 20.92 -2.96 47.34
C ARG A 185 20.49 -2.31 48.64
N PHE A 186 21.35 -2.23 49.65
CA PHE A 186 20.94 -1.59 50.90
C PHE A 186 20.86 -0.08 50.75
N LEU A 187 21.91 0.54 50.24
CA LEU A 187 21.84 1.95 49.93
C LEU A 187 20.84 2.22 48.82
N PHE A 188 20.64 1.25 47.93
CA PHE A 188 19.52 1.34 47.01
C PHE A 188 18.20 1.40 47.77
N SER A 189 18.10 0.61 48.84
CA SER A 189 16.91 0.65 49.67
C SER A 189 16.77 2.02 50.31
N CYS A 190 17.88 2.58 50.78
CA CYS A 190 17.85 3.91 51.36
C CYS A 190 17.28 4.92 50.36
N LEU A 191 17.80 4.90 49.13
CA LEU A 191 17.28 5.79 48.09
C LEU A 191 15.82 5.53 47.79
N VAL A 192 15.47 4.29 47.52
CA VAL A 192 14.13 4.03 47.02
C VAL A 192 13.11 4.24 48.12
N ASP A 193 13.47 3.90 49.36
CA ASP A 193 12.65 4.24 50.51
C ASP A 193 12.47 5.74 50.62
N ALA A 194 13.56 6.50 50.54
CA ALA A 194 13.47 7.94 50.69
C ALA A 194 12.63 8.56 49.59
N ASP A 195 12.88 8.16 48.33
CA ASP A 195 12.12 8.70 47.22
C ASP A 195 10.65 8.31 47.32
N PHE A 196 10.38 7.05 47.67
CA PHE A 196 9.00 6.61 47.84
C PHE A 196 8.35 7.29 49.04
N LEU A 197 9.05 7.33 50.16
CA LEU A 197 8.52 8.03 51.33
C LEU A 197 8.34 9.50 51.06
N ASP A 198 9.07 10.08 50.10
CA ASP A 198 8.90 11.48 49.77
C ASP A 198 8.00 11.71 48.59
N THR A 199 7.98 10.82 47.60
CA THR A 199 6.98 10.96 46.54
C THR A 199 5.58 10.74 47.09
N GLU A 200 5.42 9.79 48.02
CA GLU A 200 4.14 9.53 48.64
C GLU A 200 3.92 10.34 49.90
N ALA A 201 4.92 11.09 50.35
CA ALA A 201 4.65 12.23 51.21
C ALA A 201 4.10 13.41 50.42
N PHE A 202 4.27 13.39 49.10
CA PHE A 202 3.68 14.41 48.25
C PHE A 202 2.54 13.88 47.40
N MET A 203 2.47 12.58 47.15
CA MET A 203 1.27 12.00 46.57
C MET A 203 0.13 11.91 47.57
N ASN A 204 0.41 12.18 48.85
CA ASN A 204 -0.62 12.31 49.85
C ASN A 204 -0.68 13.69 50.47
N GLY A 205 0.29 14.56 50.18
CA GLY A 205 0.17 15.96 50.54
C GLY A 205 0.69 16.34 51.90
N TYR A 206 1.90 15.92 52.24
CA TYR A 206 2.52 16.33 53.48
C TYR A 206 3.81 17.13 53.26
N ALA A 207 4.36 17.13 52.06
CA ALA A 207 5.54 17.90 51.68
C ALA A 207 6.77 17.55 52.50
N ASP A 208 6.72 16.46 53.27
CA ASP A 208 7.87 15.99 54.02
C ASP A 208 7.59 14.58 54.53
N ALA A 209 8.65 13.83 54.80
CA ALA A 209 8.52 12.50 55.38
C ALA A 209 9.17 12.39 56.76
N ASP A 210 10.45 12.73 56.87
CA ASP A 210 11.14 12.56 58.15
C ASP A 210 10.53 13.43 59.22
N ALA A 211 10.11 14.64 58.87
CA ALA A 211 9.42 15.50 59.81
C ALA A 211 8.02 14.93 60.12
N ALA A 212 7.33 15.61 61.03
CA ALA A 212 6.00 15.17 61.46
C ALA A 212 4.99 15.15 60.33
N ALA A 213 5.36 15.60 59.14
CA ALA A 213 4.45 15.57 58.00
C ALA A 213 4.00 14.16 57.70
N ALA A 214 4.92 13.29 57.29
CA ALA A 214 4.60 11.89 57.11
C ALA A 214 4.95 11.04 58.33
N ALA A 215 5.49 11.65 59.38
CA ALA A 215 5.63 10.97 60.65
C ALA A 215 4.36 11.06 61.49
N ALA A 216 3.38 11.85 61.06
CA ALA A 216 2.09 11.86 61.72
C ALA A 216 1.44 10.48 61.60
N ALA A 217 0.78 10.06 62.67
CA ALA A 217 0.28 8.69 62.77
C ALA A 217 -0.73 8.38 61.68
N ALA A 218 -1.29 9.39 61.03
CA ALA A 218 -2.23 9.20 59.93
C ALA A 218 -1.54 8.97 58.60
N ALA A 219 -0.21 9.01 58.55
CA ALA A 219 0.51 8.95 57.28
C ALA A 219 1.01 7.55 56.94
N ALA A 220 1.85 6.95 57.80
CA ALA A 220 2.53 5.72 57.42
C ALA A 220 2.56 4.68 58.53
N ALA A 221 1.52 4.66 59.38
CA ALA A 221 1.31 3.58 60.36
C ALA A 221 2.51 3.44 61.30
N ALA A 222 2.68 4.46 62.14
CA ALA A 222 3.69 4.39 63.18
C ALA A 222 3.35 3.30 64.18
N ALA A 223 4.40 2.72 64.79
CA ALA A 223 4.25 1.69 65.80
C ALA A 223 5.35 1.85 66.84
N ALA A 224 5.01 1.57 68.09
CA ALA A 224 5.99 1.69 69.17
C ALA A 224 7.07 0.64 69.03
N ALA A 225 8.29 1.00 69.43
CA ALA A 225 9.47 0.18 69.17
C ALA A 225 10.11 -0.36 70.44
N ALA A 226 10.44 0.49 71.40
CA ALA A 226 11.17 0.09 72.59
C ALA A 226 10.38 0.28 73.88
N ARG A 227 9.56 1.31 73.97
CA ARG A 227 8.66 1.47 75.12
C ARG A 227 7.66 0.32 75.18
N ARG A 228 7.18 -0.12 74.02
CA ARG A 228 6.24 -1.23 73.97
C ARG A 228 6.86 -2.53 74.49
N TYR A 229 8.18 -2.66 74.36
CA TYR A 229 8.85 -3.85 74.88
C TYR A 229 8.62 -4.01 76.38
N ALA A 230 8.87 -2.95 77.14
CA ALA A 230 8.72 -3.03 78.59
C ALA A 230 7.26 -3.25 78.98
N GLU A 231 6.33 -2.58 78.30
CA GLU A 231 4.91 -2.80 78.55
C GLU A 231 4.48 -4.21 78.18
N GLN A 232 4.49 -4.51 76.88
CA GLN A 232 3.68 -5.59 76.36
C GLN A 232 4.42 -6.92 76.26
N TYR A 233 5.69 -6.95 75.86
CA TYR A 233 6.36 -8.24 75.90
C TYR A 233 6.62 -8.67 77.33
N ALA A 234 6.99 -7.75 78.21
CA ALA A 234 7.06 -8.11 79.62
C ALA A 234 5.69 -8.51 80.15
N GLN A 235 4.63 -7.87 79.65
CA GLN A 235 3.27 -8.26 80.03
C GLN A 235 3.00 -9.72 79.70
N LEU A 236 3.29 -10.13 78.46
CA LEU A 236 3.02 -11.51 78.09
C LEU A 236 4.05 -12.47 78.64
N SER A 237 5.21 -11.99 79.05
CA SER A 237 6.13 -12.87 79.78
C SER A 237 5.57 -13.19 81.16
N ALA A 238 5.12 -12.17 81.88
CA ALA A 238 4.56 -12.40 83.21
C ALA A 238 3.27 -13.20 83.14
N ALA A 239 2.32 -12.78 82.29
CA ALA A 239 1.03 -13.43 82.20
C ALA A 239 1.11 -14.84 81.63
N GLU A 240 2.24 -15.21 81.03
CA GLU A 240 2.43 -16.58 80.56
C GLU A 240 3.20 -17.43 81.56
N ASP A 241 4.19 -16.84 82.24
CA ASP A 241 4.93 -17.61 83.24
C ASP A 241 4.07 -17.89 84.47
N ALA A 242 3.21 -16.95 84.84
CA ALA A 242 2.36 -17.15 86.01
C ALA A 242 1.15 -18.04 85.72
N ASP A 243 0.93 -18.43 84.47
CA ASP A 243 -0.23 -19.26 84.15
C ASP A 243 -0.08 -20.67 84.69
N LYS A 244 0.95 -21.39 84.24
CA LYS A 244 1.15 -22.78 84.65
C LYS A 244 2.61 -23.01 85.02
N ASN A 245 2.81 -24.03 85.85
CA ASN A 245 4.16 -24.46 86.25
C ASN A 245 4.14 -25.99 86.29
N SER A 246 4.56 -26.60 85.19
CA SER A 246 4.48 -28.04 85.00
C SER A 246 5.77 -28.48 84.28
N SER A 247 5.72 -29.66 83.65
CA SER A 247 6.86 -30.12 82.86
C SER A 247 7.24 -29.10 81.81
N LEU A 248 6.29 -28.30 81.33
CA LEU A 248 6.59 -27.12 80.54
C LEU A 248 6.57 -25.88 81.43
N ASN A 249 7.13 -24.80 80.90
CA ASN A 249 7.30 -23.52 81.59
C ASN A 249 8.43 -23.66 82.61
N GLN A 250 8.83 -24.89 82.92
CA GLN A 250 10.09 -25.13 83.61
C GLN A 250 11.25 -25.29 82.64
N GLU A 251 10.95 -25.57 81.38
CA GLU A 251 11.92 -25.51 80.30
C GLU A 251 11.63 -24.41 79.30
N ARG A 252 10.38 -24.00 79.15
CA ARG A 252 10.07 -22.78 78.41
C ARG A 252 10.78 -21.60 79.04
N HIS A 253 10.73 -21.50 80.37
CA HIS A 253 11.52 -20.52 81.08
C HIS A 253 13.01 -20.82 80.93
N ALA A 254 13.40 -22.09 80.95
CA ALA A 254 14.79 -22.42 80.71
C ALA A 254 15.24 -22.02 79.31
N ILE A 255 14.30 -21.91 78.36
CA ILE A 255 14.63 -21.36 77.06
C ILE A 255 14.73 -19.84 77.14
N LEU A 256 13.63 -19.17 77.47
CA LEU A 256 13.64 -17.71 77.57
C LEU A 256 14.15 -17.22 78.92
N GLN A 257 15.25 -17.80 79.36
CA GLN A 257 16.02 -17.26 80.48
C GLN A 257 17.47 -17.21 80.02
N GLN A 258 17.84 -18.12 79.13
CA GLN A 258 19.10 -18.03 78.42
C GLN A 258 18.96 -17.27 77.10
N CYS A 259 17.80 -17.38 76.44
CA CYS A 259 17.50 -16.49 75.32
C CYS A 259 17.53 -15.03 75.75
N PHE A 260 17.32 -14.77 77.03
CA PHE A 260 17.50 -13.44 77.59
C PHE A 260 18.92 -13.20 78.07
N SER A 261 19.62 -14.25 78.51
CA SER A 261 21.04 -14.10 78.81
C SER A 261 21.87 -14.04 77.54
N ALA A 262 21.39 -14.65 76.45
CA ALA A 262 22.14 -14.62 75.20
C ALA A 262 22.10 -13.25 74.55
N ALA A 263 21.07 -12.44 74.81
CA ALA A 263 20.99 -11.13 74.20
C ALA A 263 22.12 -10.21 74.64
N GLU A 264 22.74 -10.47 75.79
CA GLU A 264 23.83 -9.62 76.26
C GLU A 264 25.06 -9.77 75.38
N THR A 265 25.48 -11.01 75.10
CA THR A 265 26.73 -11.23 74.39
C THR A 265 26.63 -10.68 72.98
N ASP A 266 27.77 -10.26 72.43
CA ASP A 266 27.76 -9.52 71.18
C ASP A 266 27.35 -10.43 70.02
N ARG A 267 28.24 -11.36 69.67
CA ARG A 267 27.97 -12.52 68.81
C ARG A 267 26.89 -12.22 67.78
N THR A 268 27.16 -11.23 66.93
CA THR A 268 26.19 -10.59 66.07
C THR A 268 25.33 -11.57 65.26
N LEU A 269 25.72 -12.83 65.21
CA LEU A 269 25.01 -13.86 64.45
C LEU A 269 24.69 -15.01 65.38
N PHE A 270 23.39 -15.25 65.62
CA PHE A 270 22.91 -16.17 66.64
C PHE A 270 22.06 -17.26 66.02
N SER A 271 21.61 -18.19 66.86
CA SER A 271 20.69 -19.24 66.44
C SER A 271 19.99 -19.81 67.65
N LEU A 272 18.69 -20.08 67.51
CA LEU A 272 17.86 -20.60 68.58
C LEU A 272 17.52 -22.04 68.26
N THR A 273 18.06 -22.97 69.05
CA THR A 273 17.83 -24.40 68.85
C THR A 273 16.79 -24.88 69.85
N VAL A 274 15.52 -24.59 69.56
CA VAL A 274 14.41 -24.97 70.42
C VAL A 274 13.47 -25.86 69.62
N PRO A 275 13.04 -26.99 70.15
CA PRO A 275 12.07 -27.83 69.46
C PRO A 275 10.67 -27.24 69.53
N THR A 276 9.75 -27.88 68.82
CA THR A 276 8.37 -27.39 68.76
C THR A 276 7.75 -27.37 70.16
N GLY A 277 7.02 -26.31 70.44
CA GLY A 277 6.36 -26.17 71.73
C GLY A 277 7.26 -25.73 72.87
N GLY A 278 8.50 -25.36 72.58
CA GLY A 278 9.40 -24.93 73.64
C GLY A 278 9.57 -23.43 73.71
N GLY A 279 8.48 -22.71 73.47
CA GLY A 279 8.57 -21.26 73.39
C GLY A 279 9.38 -20.79 72.21
N LYS A 280 9.26 -21.49 71.08
CA LYS A 280 9.99 -21.10 69.88
C LYS A 280 9.60 -19.69 69.44
N THR A 281 8.30 -19.46 69.27
CA THR A 281 7.84 -18.15 68.83
C THR A 281 7.80 -17.12 69.95
N LEU A 282 7.89 -17.55 71.20
CA LEU A 282 7.79 -16.61 72.32
C LEU A 282 9.16 -16.18 72.84
N ALA A 283 10.18 -17.02 72.66
CA ALA A 283 11.53 -16.66 73.10
C ALA A 283 12.37 -16.10 71.98
N SER A 284 12.10 -16.49 70.73
CA SER A 284 12.78 -15.86 69.61
C SER A 284 12.54 -14.36 69.62
N LEU A 285 11.27 -13.96 69.73
CA LEU A 285 10.96 -12.56 69.98
C LEU A 285 11.57 -12.10 71.29
N GLY A 286 11.56 -12.96 72.30
CA GLY A 286 12.11 -12.59 73.59
C GLY A 286 13.59 -12.29 73.50
N PHE A 287 14.35 -13.14 72.81
CA PHE A 287 15.76 -12.82 72.59
C PHE A 287 15.90 -11.58 71.73
N ALA A 288 15.03 -11.43 70.74
CA ALA A 288 15.17 -10.30 69.82
C ALA A 288 14.95 -8.97 70.53
N LEU A 289 13.83 -8.83 71.24
CA LEU A 289 13.55 -7.54 71.86
C LEU A 289 14.40 -7.28 73.10
N LYS A 290 15.15 -8.26 73.59
CA LYS A 290 16.18 -7.93 74.55
C LYS A 290 17.49 -7.58 73.86
N HIS A 291 17.74 -8.17 72.70
CA HIS A 291 18.89 -7.82 71.89
C HIS A 291 18.59 -6.62 70.99
N ALA A 292 17.32 -6.25 70.84
CA ALA A 292 16.96 -5.03 70.14
C ALA A 292 17.14 -3.80 71.02
N LEU A 293 16.63 -3.85 72.26
CA LEU A 293 16.85 -2.76 73.20
C LEU A 293 18.33 -2.55 73.48
N LYS A 294 19.08 -3.65 73.62
CA LYS A 294 20.48 -3.51 74.01
C LYS A 294 21.32 -2.94 72.87
N PHE A 295 21.39 -3.64 71.75
CA PHE A 295 22.35 -3.27 70.71
C PHE A 295 21.75 -2.31 69.69
N GLY A 296 21.09 -1.26 70.16
CA GLY A 296 20.54 -0.23 69.30
C GLY A 296 19.74 -0.70 68.11
N LYS A 297 19.32 -1.95 68.11
CA LYS A 297 18.58 -2.50 66.99
C LYS A 297 17.20 -1.86 66.91
N LYS A 298 16.89 -1.24 65.78
CA LYS A 298 15.68 -0.46 65.65
C LYS A 298 14.53 -1.26 65.07
N ARG A 299 14.71 -2.56 64.85
CA ARG A 299 13.68 -3.34 64.19
C ARG A 299 13.89 -4.81 64.48
N ILE A 300 12.79 -5.56 64.50
CA ILE A 300 12.82 -7.00 64.65
C ILE A 300 12.10 -7.59 63.45
N ILE A 301 12.82 -8.37 62.67
CA ILE A 301 12.24 -9.05 61.52
C ILE A 301 12.19 -10.53 61.84
N TYR A 302 11.07 -11.16 61.46
CA TYR A 302 10.85 -12.55 61.82
C TYR A 302 10.39 -13.21 60.53
N ALA A 303 11.17 -14.14 60.01
CA ALA A 303 10.98 -14.67 58.66
C ALA A 303 10.58 -16.13 58.69
N ILE A 304 9.68 -16.51 57.79
CA ILE A 304 9.10 -17.85 57.76
C ILE A 304 9.15 -18.42 56.35
N PRO A 305 9.50 -19.69 56.17
CA PRO A 305 9.45 -20.27 54.81
C PRO A 305 8.08 -20.23 54.18
N PHE A 306 7.01 -20.45 54.94
CA PHE A 306 5.68 -20.54 54.37
C PHE A 306 4.69 -19.70 55.15
N THR A 307 3.66 -19.23 54.45
CA THR A 307 2.65 -18.37 55.05
C THR A 307 1.62 -19.19 55.82
N SER A 308 2.10 -20.10 56.66
CA SER A 308 1.27 -20.82 57.62
C SER A 308 1.69 -20.55 59.04
N ILE A 309 2.97 -20.74 59.35
CA ILE A 309 3.51 -20.28 60.62
C ILE A 309 3.37 -18.78 60.75
N ILE A 310 3.22 -18.08 59.62
CA ILE A 310 2.95 -16.65 59.65
C ILE A 310 1.71 -16.35 60.47
N GLU A 311 0.64 -17.13 60.29
CA GLU A 311 -0.56 -16.93 61.09
C GLU A 311 -0.32 -17.26 62.55
N GLN A 312 0.35 -18.39 62.81
CA GLN A 312 0.61 -18.80 64.19
C GLN A 312 1.51 -17.82 64.92
N ASN A 313 2.25 -16.98 64.22
CA ASN A 313 3.05 -15.95 64.85
C ASN A 313 2.37 -14.59 64.86
N ALA A 314 1.52 -14.29 63.88
CA ALA A 314 0.69 -13.10 63.96
C ALA A 314 -0.19 -13.15 65.19
N ASN A 315 -0.86 -14.29 65.41
CA ASN A 315 -1.72 -14.41 66.57
C ASN A 315 -0.91 -14.29 67.86
N VAL A 316 0.21 -15.01 67.95
CA VAL A 316 0.99 -15.01 69.19
C VAL A 316 1.56 -13.63 69.47
N PHE A 317 2.10 -12.97 68.43
CA PHE A 317 2.75 -11.69 68.62
C PHE A 317 1.74 -10.60 68.97
N ARG A 318 0.57 -10.64 68.33
CA ARG A 318 -0.49 -9.69 68.70
C ARG A 318 -0.99 -9.96 70.12
N ASN A 319 -1.12 -11.23 70.50
CA ASN A 319 -1.45 -11.55 71.87
C ASN A 319 -0.37 -11.05 72.83
N ALA A 320 0.86 -10.93 72.34
CA ALA A 320 1.92 -10.34 73.14
C ALA A 320 1.91 -8.82 73.04
N LEU A 321 1.85 -8.30 71.82
CA LEU A 321 2.13 -6.89 71.59
C LEU A 321 0.99 -6.13 70.91
N GLY A 322 -0.23 -6.64 70.93
CA GLY A 322 -1.39 -5.84 70.56
C GLY A 322 -1.56 -5.75 69.04
N ASP A 323 -1.22 -4.58 68.48
CA ASP A 323 -1.48 -4.30 67.08
C ASP A 323 -0.25 -3.86 66.30
N ASP A 324 0.91 -3.71 66.94
CA ASP A 324 2.09 -3.25 66.21
C ASP A 324 2.53 -4.24 65.14
N VAL A 325 2.14 -5.50 65.25
CA VAL A 325 2.70 -6.56 64.42
C VAL A 325 2.26 -6.33 62.98
N VAL A 326 3.19 -5.89 62.15
CA VAL A 326 2.92 -5.69 60.74
C VAL A 326 3.34 -6.94 60.00
N LEU A 327 2.69 -7.21 58.88
CA LEU A 327 2.83 -8.51 58.24
C LEU A 327 2.53 -8.41 56.76
N GLU A 328 3.13 -9.32 56.00
CA GLU A 328 2.76 -9.57 54.61
C GLU A 328 2.88 -11.06 54.34
N HIS A 329 1.73 -11.71 54.17
CA HIS A 329 1.72 -13.12 53.81
C HIS A 329 2.48 -13.35 52.51
N HIS A 330 2.38 -12.39 51.58
CA HIS A 330 2.90 -12.43 50.22
C HIS A 330 2.16 -13.47 49.40
N SER A 331 1.31 -14.26 50.06
CA SER A 331 0.39 -15.17 49.38
C SER A 331 -1.07 -14.89 49.73
N ASN A 332 -1.41 -14.87 51.02
CA ASN A 332 -2.81 -14.68 51.42
C ASN A 332 -3.17 -13.19 51.41
N LEU A 333 -2.56 -12.42 52.29
CA LEU A 333 -2.77 -10.98 52.40
C LEU A 333 -4.26 -10.64 52.32
N GLU A 334 -4.99 -11.10 53.34
CA GLU A 334 -6.45 -11.05 53.34
C GLU A 334 -6.95 -9.64 53.01
N VAL A 335 -8.13 -9.58 52.41
CA VAL A 335 -8.53 -8.44 51.59
C VAL A 335 -9.34 -7.43 52.39
N LYS A 336 -9.29 -7.51 53.72
CA LYS A 336 -9.86 -6.48 54.56
C LYS A 336 -9.18 -5.14 54.27
N GLU A 337 -9.96 -4.06 54.38
CA GLU A 337 -9.60 -2.75 53.86
C GLU A 337 -9.70 -1.69 54.96
N ASP A 338 -9.67 -0.43 54.55
CA ASP A 338 -10.02 0.72 55.38
C ASP A 338 -9.08 0.85 56.59
N LYS A 339 -7.82 1.13 56.28
CA LYS A 339 -6.81 1.65 57.20
C LYS A 339 -6.36 0.68 58.26
N GLU A 340 -6.94 -0.52 58.33
CA GLU A 340 -6.26 -1.58 59.07
C GLU A 340 -5.26 -2.28 58.15
N THR A 341 -5.65 -2.51 56.92
CA THR A 341 -4.72 -2.74 55.81
C THR A 341 -4.66 -1.48 54.97
N ALA A 342 -3.64 -1.43 54.10
CA ALA A 342 -3.37 -0.28 53.24
C ALA A 342 -3.04 0.95 54.07
N LYS A 343 -3.02 0.80 55.39
CA LYS A 343 -2.34 1.75 56.26
C LYS A 343 -1.20 1.06 57.00
N THR A 344 -1.48 0.01 57.76
CA THR A 344 -0.42 -0.84 58.27
C THR A 344 0.24 -1.61 57.13
N ARG A 345 -0.54 -2.04 56.15
CA ARG A 345 0.04 -2.63 54.95
C ARG A 345 0.81 -1.61 54.11
N LEU A 346 0.62 -0.33 54.37
CA LEU A 346 1.49 0.69 53.80
C LEU A 346 2.80 0.82 54.56
N ALA A 347 2.89 0.23 55.74
CA ALA A 347 4.11 0.21 56.53
C ALA A 347 4.93 -1.04 56.29
N THR A 348 4.44 -1.96 55.47
CA THR A 348 5.14 -3.20 55.17
C THR A 348 5.59 -3.30 53.72
N GLU A 349 5.28 -2.30 52.89
CA GLU A 349 6.01 -2.18 51.64
C GLU A 349 7.49 -1.95 51.90
N ASN A 350 7.82 -1.28 53.01
CA ASN A 350 9.19 -1.01 53.37
C ASN A 350 9.57 -1.49 54.75
N TRP A 351 8.64 -2.12 55.49
CA TRP A 351 8.93 -2.60 56.84
C TRP A 351 9.42 -1.49 57.77
N ASP A 352 8.86 -0.30 57.62
CA ASP A 352 9.24 0.76 58.55
C ASP A 352 8.44 0.61 59.84
N ALA A 353 8.49 -0.59 60.43
CA ALA A 353 7.81 -0.88 61.68
C ALA A 353 8.70 -1.77 62.52
N PRO A 354 8.66 -1.60 63.85
CA PRO A 354 9.62 -2.32 64.70
C PRO A 354 9.52 -3.82 64.64
N LEU A 355 8.33 -4.36 64.43
CA LEU A 355 8.12 -5.80 64.42
C LEU A 355 7.42 -6.18 63.12
N ILE A 356 8.22 -6.48 62.10
CA ILE A 356 7.71 -6.97 60.82
C ILE A 356 7.91 -8.47 60.80
N VAL A 357 6.83 -9.20 60.54
CA VAL A 357 6.87 -10.64 60.39
C VAL A 357 6.34 -10.96 59.00
N THR A 358 7.24 -11.39 58.13
CA THR A 358 6.86 -11.88 56.80
C THR A 358 7.66 -13.14 56.54
N THR A 359 7.60 -13.61 55.30
CA THR A 359 8.23 -14.85 54.90
C THR A 359 9.65 -14.59 54.44
N ASN A 360 10.57 -15.54 54.68
CA ASN A 360 11.87 -15.41 54.05
C ASN A 360 11.82 -15.85 52.60
N VAL A 361 10.78 -15.40 51.91
CA VAL A 361 10.74 -15.27 50.46
C VAL A 361 10.25 -13.90 50.06
N GLN A 362 9.72 -13.12 50.99
CA GLN A 362 9.66 -11.68 50.83
C GLN A 362 10.74 -10.99 51.64
N LEU A 363 11.46 -11.73 52.48
CA LEU A 363 12.68 -11.17 53.05
C LEU A 363 13.84 -11.33 52.08
N PHE A 364 14.28 -12.57 51.84
CA PHE A 364 15.53 -12.78 51.13
C PHE A 364 15.40 -12.43 49.66
N GLU A 365 14.27 -12.78 49.05
CA GLU A 365 14.00 -12.35 47.69
C GLU A 365 14.09 -10.84 47.57
N SER A 366 13.48 -10.12 48.51
CA SER A 366 13.63 -8.68 48.57
C SER A 366 14.99 -8.26 49.08
N LEU A 367 15.51 -8.98 50.07
CA LEU A 367 16.85 -8.70 50.56
C LEU A 367 17.89 -8.95 49.47
N PHE A 368 17.55 -9.75 48.47
CA PHE A 368 18.38 -9.90 47.27
C PHE A 368 17.70 -9.34 46.04
N ALA A 369 16.79 -8.39 46.21
CA ALA A 369 15.99 -7.96 45.07
C ALA A 369 16.74 -6.93 44.22
N ALA A 370 16.15 -6.66 43.07
CA ALA A 370 16.51 -5.52 42.26
C ALA A 370 15.35 -4.61 41.97
N LYS A 371 14.12 -5.14 41.94
CA LYS A 371 12.95 -4.35 41.62
C LYS A 371 12.79 -3.20 42.62
N THR A 372 12.33 -2.06 42.12
CA THR A 372 12.22 -0.86 42.95
C THR A 372 11.36 -1.12 44.18
N SER A 373 10.19 -1.74 43.99
CA SER A 373 9.28 -1.96 45.11
C SER A 373 9.89 -2.89 46.15
N ARG A 374 10.45 -4.00 45.71
CA ARG A 374 10.94 -5.00 46.66
C ARG A 374 12.12 -4.47 47.45
N CYS A 375 12.93 -3.62 46.84
CA CYS A 375 14.19 -3.18 47.42
C CYS A 375 14.03 -2.15 48.51
N ARG A 376 12.81 -1.69 48.80
CA ARG A 376 12.68 -0.62 49.79
C ARG A 376 12.99 -1.08 51.20
N LYS A 377 13.16 -2.38 51.41
CA LYS A 377 13.19 -2.93 52.76
C LYS A 377 14.59 -3.10 53.32
N ILE A 378 15.59 -3.31 52.47
CA ILE A 378 16.93 -3.63 52.95
C ILE A 378 17.47 -2.53 53.85
N HIS A 379 16.95 -1.31 53.69
CA HIS A 379 16.93 -0.37 54.78
C HIS A 379 16.67 -1.00 56.13
N ASN A 380 15.50 -1.58 56.30
CA ASN A 380 15.05 -1.95 57.62
C ASN A 380 15.61 -3.29 58.07
N ILE A 381 16.03 -4.16 57.16
CA ILE A 381 16.78 -5.33 57.58
C ILE A 381 18.08 -4.91 58.26
N ALA A 382 18.83 -4.01 57.62
CA ALA A 382 20.06 -3.52 58.24
C ALA A 382 19.75 -2.83 59.55
N ASP A 383 20.61 -3.05 60.54
CA ASP A 383 20.37 -2.58 61.91
C ASP A 383 19.03 -3.08 62.43
N SER A 384 18.76 -4.35 62.20
CA SER A 384 17.61 -5.00 62.81
C SER A 384 18.07 -6.26 63.52
N VAL A 385 17.13 -7.12 63.91
CA VAL A 385 17.44 -8.49 64.34
C VAL A 385 16.49 -9.38 63.56
N VAL A 386 16.96 -9.88 62.41
CA VAL A 386 16.15 -10.79 61.62
C VAL A 386 16.07 -12.12 62.35
N ILE A 387 14.85 -12.65 62.47
CA ILE A 387 14.62 -13.95 63.06
C ILE A 387 14.11 -14.87 61.96
N LEU A 388 14.74 -16.03 61.82
CA LEU A 388 14.42 -16.98 60.77
C LEU A 388 13.84 -18.21 61.45
N ASP A 389 12.52 -18.24 61.59
CA ASP A 389 11.87 -19.44 62.11
C ASP A 389 11.68 -20.44 60.99
N GLU A 390 11.79 -21.72 61.34
CA GLU A 390 11.82 -22.79 60.35
C GLU A 390 12.91 -22.50 59.32
N ALA A 391 14.00 -21.88 59.77
CA ALA A 391 15.08 -21.49 58.90
C ALA A 391 15.72 -22.68 58.20
N GLN A 392 15.51 -23.88 58.71
CA GLN A 392 16.04 -25.07 58.08
C GLN A 392 15.52 -25.26 56.66
N GLN A 393 14.47 -24.52 56.29
CA GLN A 393 13.95 -24.55 54.93
C GLN A 393 14.52 -23.46 54.05
N LEU A 394 15.55 -22.75 54.49
CA LEU A 394 16.25 -21.86 53.58
C LEU A 394 16.84 -22.70 52.46
N PRO A 395 16.47 -22.44 51.21
CA PRO A 395 16.77 -23.42 50.15
C PRO A 395 18.28 -23.62 50.00
N ARG A 396 18.68 -24.88 50.08
CA ARG A 396 20.08 -25.21 49.79
C ARG A 396 20.47 -24.77 48.40
N ASP A 397 19.51 -24.76 47.47
CA ASP A 397 19.79 -24.21 46.14
C ASP A 397 20.33 -22.80 46.25
N PHE A 398 19.72 -21.99 47.11
CA PHE A 398 20.11 -20.60 47.30
C PHE A 398 20.75 -20.41 48.66
N GLN A 399 21.41 -21.44 49.16
CA GLN A 399 21.98 -21.37 50.49
C GLN A 399 23.24 -20.53 50.52
N LYS A 400 24.06 -20.58 49.47
CA LYS A 400 25.27 -19.76 49.47
C LYS A 400 24.95 -18.28 49.41
N PRO A 401 24.14 -17.77 48.47
CA PRO A 401 23.87 -16.33 48.48
C PRO A 401 23.23 -15.88 49.76
N ILE A 402 22.26 -16.64 50.24
CA ILE A 402 21.55 -16.29 51.47
C ILE A 402 22.51 -16.25 52.64
N THR A 403 23.38 -17.25 52.74
CA THR A 403 24.27 -17.29 53.90
C THR A 403 25.35 -16.23 53.79
N ASP A 404 25.84 -15.91 52.58
CA ASP A 404 26.83 -14.85 52.50
C ASP A 404 26.22 -13.51 52.84
N MET A 405 25.01 -13.27 52.37
CA MET A 405 24.42 -11.97 52.68
C MET A 405 24.04 -11.87 54.14
N MET A 406 23.52 -12.94 54.74
CA MET A 406 23.23 -12.86 56.16
C MET A 406 24.50 -12.81 56.99
N ARG A 407 25.58 -13.47 56.55
CA ARG A 407 26.87 -13.33 57.22
C ARG A 407 27.38 -11.91 57.16
N VAL A 408 27.29 -11.27 55.99
CA VAL A 408 27.74 -9.90 55.88
C VAL A 408 26.89 -8.98 56.73
N LEU A 409 25.58 -9.14 56.64
CA LEU A 409 24.68 -8.33 57.44
C LEU A 409 25.02 -8.47 58.92
N ALA A 410 25.27 -9.69 59.37
CA ALA A 410 25.67 -9.88 60.76
C ALA A 410 26.99 -9.21 61.04
N ARG A 411 27.95 -9.37 60.14
CA ARG A 411 29.30 -8.84 60.34
C ARG A 411 29.27 -7.33 60.46
N ASP A 412 28.95 -6.63 59.38
CA ASP A 412 28.82 -5.18 59.42
C ASP A 412 27.53 -4.77 58.73
N TYR A 413 26.42 -4.98 59.42
CA TYR A 413 25.21 -4.20 59.24
C TYR A 413 24.48 -4.04 60.56
N GLY A 414 25.04 -4.53 61.66
CA GLY A 414 24.35 -4.47 62.93
C GLY A 414 23.05 -5.23 62.92
N VAL A 415 23.03 -6.42 62.33
CA VAL A 415 21.84 -7.26 62.42
C VAL A 415 22.21 -8.43 63.33
N THR A 416 21.21 -9.24 63.64
CA THR A 416 21.40 -10.49 64.35
C THR A 416 20.41 -11.48 63.77
N PHE A 417 20.85 -12.23 62.78
CA PHE A 417 20.00 -13.29 62.25
C PHE A 417 19.83 -14.35 63.32
N VAL A 418 18.59 -14.74 63.56
CA VAL A 418 18.26 -15.77 64.54
C VAL A 418 17.70 -16.96 63.76
N LEU A 419 18.32 -18.11 63.95
CA LEU A 419 17.88 -19.35 63.30
C LEU A 419 17.00 -20.15 64.25
N CYS A 420 15.84 -19.59 64.57
CA CYS A 420 14.94 -20.19 65.56
C CYS A 420 14.05 -21.26 64.92
N THR A 421 14.69 -22.16 64.18
CA THR A 421 14.04 -23.34 63.70
C THR A 421 14.12 -24.43 64.76
N ALA A 422 13.41 -25.52 64.51
CA ALA A 422 13.46 -26.64 65.44
C ALA A 422 14.88 -27.18 65.57
N THR A 423 15.43 -27.68 64.47
CA THR A 423 16.68 -28.42 64.56
C THR A 423 17.92 -27.53 64.51
N GLN A 424 18.26 -27.09 63.29
CA GLN A 424 19.22 -26.07 62.84
C GLN A 424 19.23 -26.03 61.32
N PRO A 425 19.53 -24.89 60.73
CA PRO A 425 20.14 -24.91 59.40
C PRO A 425 21.63 -25.04 59.58
N GLU A 426 22.27 -26.03 58.99
CA GLU A 426 23.73 -26.00 58.96
C GLU A 426 24.13 -25.05 57.84
N LEU A 427 23.98 -23.75 58.10
CA LEU A 427 24.27 -22.75 57.09
C LEU A 427 25.78 -22.55 57.03
N GLY A 428 26.50 -23.65 56.95
CA GLY A 428 27.93 -23.65 56.73
C GLY A 428 28.71 -23.12 57.91
N LYS A 429 29.92 -23.64 58.06
CA LYS A 429 30.97 -22.97 58.81
C LYS A 429 32.10 -22.63 57.85
N ASN A 430 32.70 -23.66 57.25
CA ASN A 430 33.34 -23.57 55.95
C ASN A 430 33.23 -24.98 55.36
N ILE A 431 32.20 -25.23 54.56
CA ILE A 431 32.14 -26.56 53.97
C ILE A 431 33.02 -26.55 52.74
N ASP A 432 34.29 -26.87 52.93
CA ASP A 432 35.29 -26.80 51.88
C ASP A 432 35.61 -28.21 51.41
N ALA A 433 35.48 -28.44 50.10
CA ALA A 433 35.70 -29.79 49.56
C ALA A 433 37.18 -30.06 49.34
N PHE A 434 37.82 -29.31 48.43
CA PHE A 434 39.24 -29.49 48.17
C PHE A 434 40.10 -28.51 48.93
N GLY A 435 40.07 -27.25 48.50
CA GLY A 435 40.57 -26.15 49.28
C GLY A 435 39.56 -25.02 49.21
N ARG A 436 38.71 -25.07 48.18
CA ARG A 436 37.77 -24.01 47.95
C ARG A 436 36.72 -24.01 49.05
N THR A 437 36.37 -22.82 49.53
CA THR A 437 35.35 -22.68 50.57
C THR A 437 33.98 -22.61 49.91
N ILE A 438 33.44 -23.79 49.62
CA ILE A 438 32.03 -23.87 49.23
C ILE A 438 31.20 -23.34 50.38
N LEU A 439 30.22 -22.49 50.07
CA LEU A 439 29.28 -21.99 51.06
C LEU A 439 30.03 -21.41 52.26
N GLU A 440 30.80 -20.36 52.02
CA GLU A 440 31.54 -19.75 53.11
C GLU A 440 30.52 -19.07 54.00
N GLY A 441 30.04 -19.79 55.00
CA GLY A 441 28.82 -19.44 55.69
C GLY A 441 29.03 -18.67 56.98
N LEU A 442 28.15 -18.91 57.91
CA LEU A 442 28.06 -18.11 59.12
C LEU A 442 29.21 -18.45 60.06
N PRO A 443 29.96 -17.46 60.52
CA PRO A 443 31.10 -17.75 61.41
C PRO A 443 30.73 -17.78 62.88
N ASP A 444 31.01 -18.90 63.54
CA ASP A 444 30.86 -19.05 64.99
C ASP A 444 29.45 -18.66 65.44
N VAL A 445 28.49 -19.46 64.99
CA VAL A 445 27.10 -19.26 65.36
C VAL A 445 26.88 -19.74 66.78
N ARG A 446 26.27 -18.90 67.61
CA ARG A 446 25.95 -19.26 68.98
C ARG A 446 24.60 -19.96 69.03
N GLU A 447 24.59 -21.16 69.59
CA GLU A 447 23.36 -21.83 69.99
C GLU A 447 22.94 -21.21 71.31
N ILE A 448 21.96 -20.31 71.26
CA ILE A 448 21.55 -19.59 72.47
C ILE A 448 21.00 -20.53 73.53
N VAL A 449 20.63 -21.75 73.14
CA VAL A 449 20.32 -22.80 74.10
C VAL A 449 21.62 -23.34 74.67
N ALA A 450 21.70 -23.39 76.00
CA ALA A 450 22.94 -23.82 76.64
C ALA A 450 23.28 -25.26 76.30
N ASP A 451 22.26 -26.13 76.25
CA ASP A 451 22.44 -27.53 75.90
C ASP A 451 21.47 -27.84 74.76
N LYS A 452 21.97 -27.71 73.53
CA LYS A 452 21.15 -27.97 72.35
C LYS A 452 20.61 -29.38 72.34
N ILE A 453 21.45 -30.36 72.63
CA ILE A 453 21.11 -31.76 72.42
C ILE A 453 20.19 -32.28 73.52
N ALA A 454 20.62 -32.14 74.79
CA ALA A 454 19.84 -32.72 75.88
C ALA A 454 18.48 -32.04 76.03
N LEU A 455 18.38 -30.76 75.69
CA LEU A 455 17.08 -30.10 75.75
C LEU A 455 16.13 -30.71 74.73
N SER A 456 16.59 -30.99 73.52
CA SER A 456 15.76 -31.72 72.58
C SER A 456 15.41 -33.10 73.09
N GLU A 457 16.28 -33.68 73.91
CA GLU A 457 15.92 -34.89 74.64
C GLU A 457 14.99 -34.57 75.79
N LYS A 458 15.30 -33.50 76.54
CA LYS A 458 14.45 -33.09 77.65
C LYS A 458 13.08 -32.64 77.16
N LEU A 459 13.02 -31.95 76.03
CA LEU A 459 11.78 -31.47 75.46
C LEU A 459 11.34 -32.35 74.29
N ARG A 460 11.71 -33.62 74.32
CA ARG A 460 11.32 -34.55 73.27
C ARG A 460 9.81 -34.76 73.30
N ARG A 461 9.12 -34.22 72.29
CA ARG A 461 7.68 -34.41 72.22
C ARG A 461 7.33 -35.84 71.83
N VAL A 462 8.08 -36.45 70.92
CA VAL A 462 7.69 -37.71 70.30
C VAL A 462 8.88 -38.63 70.18
N ARG A 463 8.67 -39.91 70.52
CA ARG A 463 9.63 -40.96 70.19
C ARG A 463 9.45 -41.37 68.73
N ILE A 464 10.57 -41.53 68.04
CA ILE A 464 10.57 -41.74 66.59
C ILE A 464 11.05 -43.15 66.29
N LYS A 465 10.47 -43.74 65.24
CA LYS A 465 10.80 -45.09 64.78
C LYS A 465 11.09 -45.04 63.29
N MET A 466 12.37 -45.12 62.94
CA MET A 466 12.77 -45.19 61.54
C MET A 466 12.41 -46.53 60.89
N PRO A 467 12.36 -46.56 59.57
CA PRO A 467 12.17 -47.82 58.87
C PRO A 467 13.36 -48.73 59.09
N PRO A 468 13.20 -50.03 58.86
CA PRO A 468 14.32 -50.95 59.09
C PRO A 468 15.53 -50.55 58.26
N PRO A 469 16.74 -50.75 58.80
CA PRO A 469 17.94 -50.28 58.08
C PRO A 469 18.12 -50.91 56.72
N ASN A 470 17.61 -52.12 56.50
CA ASN A 470 17.72 -52.73 55.18
C ASN A 470 16.91 -51.92 54.16
N GLY A 471 17.02 -52.30 52.90
CA GLY A 471 16.42 -51.56 51.82
C GLY A 471 14.95 -51.85 51.56
N GLU A 472 14.29 -52.60 52.44
CA GLU A 472 12.90 -52.95 52.20
C GLU A 472 12.03 -51.70 52.19
N THR A 473 11.06 -51.67 51.28
CA THR A 473 10.16 -50.54 51.14
C THR A 473 8.74 -51.00 51.44
N GLN A 474 8.10 -50.36 52.41
CA GLN A 474 6.72 -50.68 52.74
C GLN A 474 5.81 -50.21 51.61
N SER A 475 4.78 -51.01 51.33
CA SER A 475 3.90 -50.75 50.20
C SER A 475 2.83 -49.73 50.56
N TRP A 476 2.22 -49.16 49.52
CA TRP A 476 1.17 -48.16 49.73
C TRP A 476 -0.01 -48.76 50.47
N GLN A 477 -0.50 -49.91 50.01
CA GLN A 477 -1.58 -50.56 50.73
C GLN A 477 -1.09 -51.13 52.05
N LYS A 478 0.19 -51.50 52.13
CA LYS A 478 0.76 -51.97 53.38
C LYS A 478 0.67 -50.88 54.45
N ILE A 479 1.16 -49.67 54.13
CA ILE A 479 1.11 -48.60 55.11
C ILE A 479 -0.32 -48.12 55.30
N ALA A 480 -1.18 -48.32 54.30
CA ALA A 480 -2.60 -48.03 54.51
C ALA A 480 -3.17 -48.89 55.61
N ASP A 481 -2.84 -50.18 55.62
CA ASP A 481 -3.24 -51.06 56.71
C ASP A 481 -2.55 -50.66 58.01
N GLU A 482 -1.27 -50.25 57.92
CA GLU A 482 -0.55 -49.86 59.12
C GLU A 482 -1.18 -48.67 59.82
N ILE A 483 -1.60 -47.66 59.04
CA ILE A 483 -2.26 -46.51 59.63
C ILE A 483 -3.71 -46.80 59.97
N ALA A 484 -4.32 -47.78 59.30
CA ALA A 484 -5.67 -48.19 59.68
C ALA A 484 -5.71 -48.83 61.05
N ALA A 485 -4.58 -49.35 61.53
CA ALA A 485 -4.56 -50.05 62.82
C ALA A 485 -4.65 -49.10 64.01
N ARG A 486 -4.33 -47.82 63.82
CA ARG A 486 -4.33 -46.87 64.91
C ARG A 486 -5.06 -45.60 64.50
N PRO A 487 -5.71 -44.93 65.45
CA PRO A 487 -6.48 -43.73 65.12
C PRO A 487 -5.61 -42.49 65.05
N CYS A 488 -6.14 -41.48 64.36
CA CYS A 488 -5.53 -40.15 64.27
C CYS A 488 -4.09 -40.23 63.77
N VAL A 489 -3.93 -40.70 62.54
CA VAL A 489 -2.62 -40.90 61.94
C VAL A 489 -2.41 -39.82 60.90
N LEU A 490 -1.47 -38.93 61.15
CA LEU A 490 -0.99 -38.12 60.05
C LEU A 490 -0.10 -39.00 59.18
N ALA A 491 -0.14 -38.78 57.87
CA ALA A 491 0.64 -39.59 56.95
C ALA A 491 1.14 -38.68 55.84
N VAL A 492 2.36 -38.20 55.99
CA VAL A 492 2.89 -37.17 55.09
C VAL A 492 3.75 -37.85 54.04
N VAL A 493 3.20 -38.05 52.86
CA VAL A 493 3.95 -38.65 51.77
C VAL A 493 4.56 -37.55 50.91
N ASN A 494 5.60 -37.91 50.16
CA ASN A 494 6.47 -36.90 49.56
C ASN A 494 5.80 -36.18 48.39
N THR A 495 5.18 -36.92 47.49
CA THR A 495 4.62 -36.28 46.30
C THR A 495 3.14 -36.07 46.46
N ARG A 496 2.61 -35.16 45.62
CA ARG A 496 1.17 -35.05 45.47
C ARG A 496 0.60 -36.35 44.91
N LYS A 497 1.32 -36.98 43.98
CA LYS A 497 0.89 -38.26 43.44
C LYS A 497 0.93 -39.35 44.51
N HIS A 498 1.92 -39.31 45.41
CA HIS A 498 1.90 -40.24 46.54
C HIS A 498 0.69 -39.98 47.41
N ALA A 499 0.27 -38.73 47.56
CA ALA A 499 -0.94 -38.44 48.31
C ALA A 499 -2.17 -39.03 47.63
N GLN A 500 -2.25 -38.91 46.31
CA GLN A 500 -3.36 -39.52 45.59
C GLN A 500 -3.36 -41.04 45.74
N LYS A 501 -2.17 -41.65 45.68
CA LYS A 501 -2.08 -43.10 45.80
C LYS A 501 -2.45 -43.56 47.20
N LEU A 502 -2.01 -42.84 48.23
CA LEU A 502 -2.37 -43.19 49.60
C LEU A 502 -3.86 -43.00 49.84
N PHE A 503 -4.42 -41.91 49.32
CA PHE A 503 -5.87 -41.71 49.45
C PHE A 503 -6.65 -42.76 48.67
N ALA A 504 -6.08 -43.28 47.59
CA ALA A 504 -6.70 -44.36 46.84
C ALA A 504 -6.44 -45.72 47.45
N ALA A 505 -5.68 -45.78 48.54
CA ALA A 505 -5.39 -47.02 49.23
C ALA A 505 -6.01 -47.12 50.61
N LEU A 506 -6.71 -46.10 51.06
CA LEU A 506 -7.20 -46.24 52.42
C LEU A 506 -8.64 -46.75 52.45
N PRO A 507 -8.97 -47.58 53.44
CA PRO A 507 -10.35 -48.04 53.57
C PRO A 507 -11.28 -46.89 53.93
N SER A 508 -12.54 -47.03 53.51
CA SER A 508 -13.57 -46.08 53.87
C SER A 508 -14.04 -46.22 55.32
N ASN A 509 -13.42 -47.12 56.08
CA ASN A 509 -13.75 -47.28 57.49
C ASN A 509 -13.65 -45.94 58.22
N GLY A 510 -12.46 -45.36 58.24
CA GLY A 510 -12.24 -44.09 58.89
C GLY A 510 -12.20 -42.93 57.91
N ILE A 511 -12.35 -41.72 58.46
CA ILE A 511 -12.25 -40.52 57.65
C ILE A 511 -10.81 -40.38 57.15
N LYS A 512 -10.65 -40.40 55.83
CA LYS A 512 -9.36 -40.13 55.21
C LYS A 512 -9.39 -38.72 54.65
N LEU A 513 -8.36 -37.95 54.94
CA LEU A 513 -8.28 -36.55 54.55
C LEU A 513 -7.04 -36.34 53.71
N HIS A 514 -7.22 -35.81 52.51
CA HIS A 514 -6.16 -35.69 51.53
C HIS A 514 -5.63 -34.27 51.54
N LEU A 515 -4.31 -34.10 51.50
CA LEU A 515 -3.74 -32.76 51.50
C LEU A 515 -2.46 -32.76 50.69
N SER A 516 -2.57 -32.31 49.43
CA SER A 516 -1.43 -32.17 48.54
C SER A 516 -1.47 -30.79 47.91
N ALA A 517 -0.44 -30.48 47.13
CA ALA A 517 -0.43 -29.24 46.37
C ALA A 517 -1.42 -29.26 45.21
N ASN A 518 -2.17 -30.35 45.04
CA ASN A 518 -3.24 -30.41 44.05
C ASN A 518 -4.50 -29.68 44.53
N MET A 519 -4.40 -28.90 45.59
CA MET A 519 -5.55 -28.24 46.21
C MET A 519 -5.29 -26.74 46.30
N CYS A 520 -6.24 -26.03 46.90
CA CYS A 520 -6.20 -24.59 47.00
C CYS A 520 -5.88 -24.17 48.43
N ALA A 521 -5.21 -23.02 48.56
CA ALA A 521 -4.73 -22.58 49.86
C ALA A 521 -5.90 -22.34 50.83
N THR A 522 -6.98 -21.73 50.35
CA THR A 522 -8.15 -21.60 51.20
C THR A 522 -8.75 -22.96 51.53
N HIS A 523 -8.91 -23.80 50.52
CA HIS A 523 -9.40 -25.15 50.74
C HIS A 523 -8.41 -25.92 51.62
N CYS A 524 -7.11 -25.69 51.41
CA CYS A 524 -6.09 -26.24 52.31
C CYS A 524 -6.39 -25.88 53.75
N SER A 525 -6.36 -24.58 54.07
CA SER A 525 -6.57 -24.14 55.44
C SER A 525 -7.89 -24.65 55.99
N GLU A 526 -8.91 -24.81 55.15
CA GLU A 526 -10.15 -25.44 55.59
C GLU A 526 -9.89 -26.87 56.05
N VAL A 527 -9.10 -27.61 55.27
CA VAL A 527 -8.79 -28.99 55.63
C VAL A 527 -8.02 -29.04 56.94
N ILE A 528 -7.02 -28.17 57.10
CA ILE A 528 -6.26 -28.12 58.34
C ILE A 528 -7.15 -27.75 59.52
N ALA A 529 -8.09 -26.83 59.32
CA ALA A 529 -8.97 -26.44 60.41
C ALA A 529 -9.87 -27.59 60.84
N LEU A 530 -10.45 -28.31 59.88
CA LEU A 530 -11.30 -29.43 60.24
C LEU A 530 -10.47 -30.56 60.87
N VAL A 531 -9.22 -30.73 60.44
CA VAL A 531 -8.34 -31.67 61.10
C VAL A 531 -8.08 -31.25 62.54
N ARG A 532 -7.90 -29.95 62.75
CA ARG A 532 -7.64 -29.44 64.09
C ARG A 532 -8.81 -29.74 65.02
N ARG A 533 -10.03 -29.48 64.55
CA ARG A 533 -11.15 -29.73 65.45
C ARG A 533 -11.47 -31.22 65.57
N TYR A 534 -11.16 -32.02 64.55
CA TYR A 534 -11.20 -33.47 64.70
C TYR A 534 -10.26 -33.93 65.81
N LEU A 535 -9.03 -33.40 65.79
CA LEU A 535 -8.08 -33.71 66.85
C LEU A 535 -8.60 -33.26 68.20
N ALA A 536 -9.21 -32.07 68.26
CA ALA A 536 -9.76 -31.57 69.51
C ALA A 536 -10.85 -32.50 70.04
N LEU A 537 -11.73 -32.97 69.16
CA LEU A 537 -12.71 -33.98 69.59
C LEU A 537 -12.04 -35.25 70.06
N TYR A 538 -10.91 -35.61 69.43
CA TYR A 538 -10.16 -36.78 69.88
C TYR A 538 -9.63 -36.57 71.30
N ARG A 539 -9.16 -35.36 71.62
CA ARG A 539 -8.68 -35.08 72.96
C ARG A 539 -9.85 -34.89 73.92
N ALA A 540 -10.67 -33.86 73.67
CA ALA A 540 -11.85 -33.59 74.47
C ALA A 540 -12.96 -34.51 73.99
N GLY A 541 -13.22 -35.58 74.73
CA GLY A 541 -14.09 -36.63 74.26
C GLY A 541 -13.32 -37.56 73.35
N SER A 542 -14.00 -38.17 72.38
CA SER A 542 -13.34 -39.07 71.46
C SER A 542 -14.15 -39.14 70.17
N LEU A 543 -13.46 -39.33 69.05
CA LEU A 543 -14.10 -39.56 67.76
C LEU A 543 -14.12 -41.06 67.51
N HIS A 544 -15.33 -41.64 67.52
CA HIS A 544 -15.45 -43.08 67.36
C HIS A 544 -14.99 -43.52 65.97
N LYS A 545 -15.19 -42.67 64.98
CA LYS A 545 -14.73 -42.97 63.63
C LYS A 545 -13.21 -42.84 63.57
N PRO A 546 -12.51 -43.76 62.91
CA PRO A 546 -11.05 -43.65 62.84
C PRO A 546 -10.60 -42.40 62.10
N LEU A 547 -9.49 -41.83 62.54
CA LEU A 547 -9.00 -40.56 62.03
C LEU A 547 -7.61 -40.75 61.42
N TRP A 548 -7.45 -40.23 60.21
CA TRP A 548 -6.12 -40.11 59.60
C TRP A 548 -6.17 -39.04 58.53
N LEU A 549 -4.98 -38.61 58.11
CA LEU A 549 -4.79 -37.47 57.22
C LEU A 549 -3.68 -37.78 56.23
N VAL A 550 -4.05 -38.09 54.99
CA VAL A 550 -3.05 -38.20 53.93
C VAL A 550 -2.60 -36.81 53.54
N SER A 551 -1.29 -36.60 53.49
CA SER A 551 -0.77 -35.25 53.35
C SER A 551 0.54 -35.26 52.58
N THR A 552 0.96 -34.07 52.20
CA THR A 552 2.24 -33.80 51.57
C THR A 552 2.92 -32.75 52.44
N GLN A 553 3.95 -32.10 51.92
CA GLN A 553 4.71 -31.12 52.67
C GLN A 553 3.85 -29.99 53.23
N LEU A 554 2.57 -29.96 52.88
CA LEU A 554 1.69 -28.88 53.32
C LEU A 554 1.52 -28.89 54.84
N ILE A 555 1.23 -30.05 55.43
CA ILE A 555 1.25 -30.16 56.89
C ILE A 555 2.64 -29.90 57.43
N GLU A 556 3.66 -30.12 56.60
CA GLU A 556 5.03 -29.92 57.04
C GLU A 556 5.32 -28.45 57.33
N ALA A 557 4.44 -27.55 56.88
CA ALA A 557 4.61 -26.11 57.07
C ALA A 557 3.98 -25.61 58.36
N GLY A 558 4.33 -26.26 59.47
CA GLY A 558 4.07 -25.74 60.80
C GLY A 558 2.62 -25.57 61.18
N VAL A 559 1.70 -26.23 60.46
CA VAL A 559 0.28 -26.11 60.81
C VAL A 559 0.04 -26.74 62.17
N ASP A 560 -0.83 -26.11 62.95
CA ASP A 560 -1.03 -26.46 64.36
C ASP A 560 -1.90 -27.72 64.45
N LEU A 561 -1.26 -28.88 64.33
CA LEU A 561 -1.94 -30.16 64.46
C LEU A 561 -1.27 -30.99 65.54
N ASP A 562 -2.06 -31.43 66.52
CA ASP A 562 -1.58 -32.34 67.55
C ASP A 562 -1.98 -33.76 67.21
N PHE A 563 -1.22 -34.35 66.30
CA PHE A 563 -1.46 -35.74 65.94
C PHE A 563 -0.79 -36.67 66.93
N PRO A 564 -1.52 -37.59 67.56
CA PRO A 564 -0.85 -38.55 68.44
C PRO A 564 0.17 -39.40 67.72
N CYS A 565 -0.08 -39.74 66.46
CA CYS A 565 0.82 -40.59 65.70
C CYS A 565 0.92 -40.10 64.26
N VAL A 566 2.14 -40.02 63.77
CA VAL A 566 2.43 -39.53 62.43
C VAL A 566 3.35 -40.52 61.74
N TYR A 567 2.89 -41.10 60.65
CA TYR A 567 3.74 -41.83 59.74
C TYR A 567 4.10 -40.88 58.60
N ARG A 568 5.40 -40.75 58.36
CA ARG A 568 5.87 -39.82 57.35
C ARG A 568 6.83 -40.53 56.41
N ALA A 569 6.71 -40.20 55.13
CA ALA A 569 7.44 -40.90 54.10
C ALA A 569 8.94 -40.71 54.29
N MET A 570 9.71 -41.44 53.49
CA MET A 570 11.14 -41.44 53.66
C MET A 570 11.71 -40.24 52.92
N ALA A 571 12.13 -39.23 53.66
CA ALA A 571 12.77 -38.05 53.07
C ALA A 571 13.59 -37.35 54.14
N GLY A 572 13.92 -36.09 53.88
CA GLY A 572 14.92 -35.41 54.70
C GLY A 572 14.51 -35.25 56.14
N LEU A 573 15.53 -35.30 57.01
CA LEU A 573 15.32 -35.00 58.43
C LEU A 573 14.72 -33.62 58.63
N ASP A 574 15.04 -32.67 57.75
CA ASP A 574 14.35 -31.39 57.74
C ASP A 574 12.85 -31.61 57.74
N SER A 575 12.38 -32.48 56.86
CA SER A 575 10.95 -32.77 56.81
C SER A 575 10.53 -33.74 57.90
N ILE A 576 11.44 -34.62 58.34
CA ILE A 576 11.12 -35.48 59.47
C ILE A 576 10.89 -34.65 60.73
N ALA A 577 11.70 -33.61 60.91
CA ALA A 577 11.49 -32.71 62.04
C ALA A 577 10.12 -32.05 61.97
N GLN A 578 9.74 -31.59 60.78
CA GLN A 578 8.45 -30.93 60.63
C GLN A 578 7.32 -31.91 60.92
N ALA A 579 7.45 -33.15 60.44
CA ALA A 579 6.44 -34.16 60.76
C ALA A 579 6.36 -34.37 62.27
N ALA A 580 7.52 -34.48 62.93
CA ALA A 580 7.53 -34.66 64.37
C ALA A 580 6.89 -33.47 65.08
N GLY A 581 6.98 -32.28 64.49
CA GLY A 581 6.30 -31.13 65.06
C GLY A 581 4.80 -31.24 65.04
N ARG A 582 4.24 -31.96 64.07
CA ARG A 582 2.81 -32.21 64.02
C ARG A 582 2.39 -33.37 64.90
N CYS A 583 3.34 -34.08 65.48
CA CYS A 583 3.05 -35.20 66.37
C CYS A 583 3.26 -34.74 67.81
N ASN A 584 2.24 -34.95 68.65
CA ASN A 584 2.26 -34.46 70.03
C ASN A 584 2.56 -32.96 70.08
N ARG A 585 1.85 -32.22 69.22
CA ARG A 585 2.01 -30.77 69.21
C ARG A 585 1.41 -30.18 70.47
N GLU A 586 2.20 -29.36 71.16
CA GLU A 586 1.86 -28.70 72.42
C GLU A 586 1.71 -29.69 73.57
N GLY A 587 1.91 -30.98 73.33
CA GLY A 587 1.81 -31.94 74.43
C GLY A 587 0.38 -32.29 74.77
N LYS A 588 0.11 -32.39 76.07
CA LYS A 588 -1.19 -32.78 76.64
C LYS A 588 -1.57 -34.21 76.29
N LEU A 589 -0.70 -34.90 75.57
CA LEU A 589 -0.88 -36.30 75.21
C LEU A 589 -0.31 -37.19 76.30
N PRO A 590 -0.49 -38.51 76.22
CA PRO A 590 0.26 -39.40 77.12
C PRO A 590 1.76 -39.35 76.84
N GLN A 591 2.52 -40.22 77.52
CA GLN A 591 3.97 -40.09 77.70
C GLN A 591 4.69 -39.50 76.49
N LEU A 592 4.46 -40.03 75.30
CA LEU A 592 5.06 -39.50 74.09
C LEU A 592 4.15 -39.82 72.91
N GLY A 593 4.24 -38.98 71.88
CA GLY A 593 3.64 -39.33 70.61
C GLY A 593 4.47 -40.37 69.90
N GLU A 594 3.96 -40.84 68.76
CA GLU A 594 4.66 -41.85 67.98
C GLU A 594 4.74 -41.39 66.52
N VAL A 595 5.94 -41.06 66.07
CA VAL A 595 6.20 -40.76 64.67
C VAL A 595 7.07 -41.89 64.12
N VAL A 596 6.66 -42.43 62.99
CA VAL A 596 7.36 -43.50 62.31
C VAL A 596 7.59 -43.08 60.87
N VAL A 597 8.82 -43.21 60.41
CA VAL A 597 9.15 -42.94 59.02
C VAL A 597 9.04 -44.23 58.24
N PHE A 598 8.31 -44.21 57.13
CA PHE A 598 8.14 -45.38 56.29
C PHE A 598 8.83 -45.16 54.96
N ARG A 599 9.60 -46.15 54.53
CA ARG A 599 10.30 -46.08 53.24
C ARG A 599 9.28 -46.46 52.17
N ALA A 600 8.57 -45.45 51.66
CA ALA A 600 7.43 -45.68 50.79
C ALA A 600 7.88 -46.19 49.43
N GLU A 601 6.91 -46.36 48.53
CA GLU A 601 7.17 -46.87 47.20
C GLU A 601 7.75 -45.77 46.34
N GLU A 602 9.04 -45.90 46.02
CA GLU A 602 9.78 -45.10 45.05
C GLU A 602 10.09 -43.69 45.55
N GLY A 603 9.35 -43.22 46.55
CA GLY A 603 9.74 -42.05 47.32
C GLY A 603 9.92 -40.74 46.57
N ALA A 604 9.97 -39.63 47.31
CA ALA A 604 10.89 -38.51 47.07
C ALA A 604 11.17 -38.25 45.60
N PRO A 605 10.25 -37.61 44.89
CA PRO A 605 10.28 -37.63 43.41
C PRO A 605 11.62 -37.28 42.80
N SER A 606 12.13 -36.09 43.11
CA SER A 606 13.38 -35.58 42.59
C SER A 606 13.72 -34.33 43.38
N GLY A 607 14.75 -33.61 42.94
CA GLY A 607 15.05 -32.36 43.60
C GLY A 607 15.58 -32.57 45.01
N SER A 608 15.38 -31.55 45.84
CA SER A 608 15.82 -31.64 47.23
C SER A 608 15.12 -32.77 47.98
N LEU A 609 13.90 -33.13 47.56
CA LEU A 609 13.18 -34.20 48.24
C LEU A 609 13.92 -35.52 48.12
N LYS A 610 14.33 -35.90 46.91
CA LYS A 610 15.00 -37.18 46.73
C LYS A 610 16.36 -37.20 47.43
N GLN A 611 17.09 -36.09 47.40
CA GLN A 611 18.28 -35.99 48.23
C GLN A 611 17.93 -36.02 49.71
N GLY A 612 16.71 -35.62 50.07
CA GLY A 612 16.30 -35.72 51.46
C GLY A 612 16.28 -37.15 51.96
N GLN A 613 15.64 -38.05 51.19
CA GLN A 613 15.62 -39.45 51.61
C GLN A 613 17.01 -40.07 51.47
N ASP A 614 17.72 -39.72 50.41
CA ASP A 614 19.02 -40.31 50.16
C ASP A 614 20.04 -39.97 51.24
N ILE A 615 19.73 -39.00 52.09
CA ILE A 615 20.53 -38.70 53.26
C ILE A 615 20.01 -39.42 54.48
N THR A 616 18.71 -39.27 54.74
CA THR A 616 18.14 -39.91 55.92
C THR A 616 18.27 -41.42 55.84
N GLU A 617 18.07 -41.99 54.65
CA GLU A 617 18.37 -43.41 54.46
C GLU A 617 19.83 -43.69 54.74
N GLU A 618 20.73 -42.89 54.16
CA GLU A 618 22.15 -43.25 54.21
C GLU A 618 22.72 -43.11 55.61
N MET A 619 21.95 -42.55 56.54
CA MET A 619 22.39 -42.52 57.93
C MET A 619 21.92 -43.75 58.69
N LEU A 620 20.61 -43.97 58.73
CA LEU A 620 20.08 -45.08 59.51
C LEU A 620 20.66 -46.41 59.03
N LYS A 621 21.08 -46.49 57.77
CA LYS A 621 21.78 -47.67 57.30
C LYS A 621 23.25 -47.67 57.66
N ALA A 622 23.76 -46.58 58.26
CA ALA A 622 25.18 -46.43 58.47
C ALA A 622 25.53 -46.11 59.92
N GLY A 623 24.63 -46.37 60.85
CA GLY A 623 24.90 -46.14 62.26
C GLY A 623 24.54 -44.76 62.76
N LEU A 624 24.33 -43.79 61.88
CA LEU A 624 23.83 -42.50 62.30
C LEU A 624 22.34 -42.61 62.62
N LEU A 625 21.74 -41.49 63.00
CA LEU A 625 20.32 -41.45 63.36
C LEU A 625 20.00 -42.41 64.50
N ASP A 626 20.83 -42.42 65.54
CA ASP A 626 20.48 -43.16 66.74
C ASP A 626 19.21 -42.61 67.37
N ASP A 627 19.09 -41.29 67.43
CA ASP A 627 17.88 -40.60 67.85
C ASP A 627 17.58 -39.55 66.79
N PRO A 628 16.86 -39.92 65.73
CA PRO A 628 16.73 -39.01 64.58
C PRO A 628 15.74 -37.89 64.83
N LEU A 629 15.80 -37.33 66.03
CA LEU A 629 15.23 -36.02 66.30
C LEU A 629 16.21 -35.19 67.12
N SER A 630 17.37 -35.73 67.42
CA SER A 630 18.44 -35.00 68.09
C SER A 630 19.04 -33.97 67.14
N PRO A 631 19.42 -32.80 67.65
CA PRO A 631 20.07 -31.80 66.79
C PRO A 631 21.38 -32.28 66.18
N LEU A 632 22.14 -33.13 66.90
CA LEU A 632 23.40 -33.60 66.34
C LEU A 632 23.17 -34.43 65.08
N ALA A 633 22.12 -35.24 65.06
CA ALA A 633 21.75 -35.94 63.84
C ALA A 633 21.13 -35.02 62.81
N PHE A 634 20.49 -33.93 63.25
CA PHE A 634 19.92 -32.99 62.29
C PHE A 634 20.99 -32.17 61.59
N ALA A 635 21.95 -31.66 62.35
CA ALA A 635 23.07 -30.95 61.75
C ALA A 635 23.83 -31.86 60.80
N GLU A 636 23.96 -33.14 61.18
CA GLU A 636 24.54 -34.11 60.27
C GLU A 636 23.74 -34.21 58.99
N TYR A 637 22.41 -34.18 59.09
CA TYR A 637 21.58 -34.24 57.88
C TYR A 637 21.83 -33.03 57.00
N PHE A 638 21.81 -31.84 57.59
CA PHE A 638 22.04 -30.65 56.80
C PHE A 638 23.48 -30.58 56.32
N ARG A 639 24.45 -30.94 57.17
CA ARG A 639 25.83 -31.01 56.73
C ARG A 639 25.95 -31.87 55.49
N ARG A 640 25.29 -33.02 55.48
CA ARG A 640 25.19 -33.78 54.23
C ARG A 640 24.38 -33.01 53.19
N PHE A 641 23.25 -32.43 53.59
CA PHE A 641 22.35 -31.84 52.62
C PHE A 641 23.00 -30.69 51.88
N ASN A 642 23.67 -29.79 52.58
CA ASN A 642 24.40 -28.74 51.89
C ASN A 642 25.74 -29.32 51.47
N GLY A 643 25.95 -29.44 50.17
CA GLY A 643 27.10 -30.16 49.67
C GLY A 643 26.65 -31.41 48.96
N LYS A 644 25.34 -31.44 48.64
CA LYS A 644 24.77 -32.53 47.88
C LYS A 644 23.97 -32.06 46.68
N GLY A 645 23.40 -30.86 46.75
CA GLY A 645 23.07 -30.09 45.57
C GLY A 645 24.04 -28.93 45.47
N ASP A 646 24.00 -28.25 44.33
CA ASP A 646 24.82 -27.05 44.19
C ASP A 646 24.38 -26.05 45.23
N VAL A 647 25.23 -25.80 46.23
CA VAL A 647 24.80 -24.97 47.35
C VAL A 647 24.49 -23.56 46.88
N ASP A 648 25.04 -23.15 45.75
CA ASP A 648 24.59 -21.97 45.03
C ASP A 648 23.95 -22.44 43.74
N LYS A 649 22.65 -22.19 43.61
CA LYS A 649 21.96 -22.47 42.36
C LYS A 649 22.31 -21.29 41.45
N HIS A 650 21.50 -21.04 40.44
CA HIS A 650 21.97 -20.74 39.09
C HIS A 650 23.32 -20.05 39.06
N ASP A 651 23.45 -18.85 39.61
CA ASP A 651 24.78 -18.28 39.74
C ASP A 651 24.96 -17.43 41.00
N ILE A 652 23.87 -17.15 41.70
CA ILE A 652 23.64 -15.88 42.38
C ILE A 652 24.87 -15.29 43.07
N THR A 653 25.64 -16.09 43.81
CA THR A 653 26.79 -15.50 44.48
C THR A 653 27.83 -15.00 43.49
N ARG A 654 27.88 -15.59 42.30
CA ARG A 654 28.79 -15.13 41.26
C ARG A 654 28.26 -13.92 40.53
N LEU A 655 26.95 -13.83 40.34
CA LEU A 655 26.37 -12.67 39.69
C LEU A 655 26.63 -11.40 40.49
N LEU A 656 26.48 -11.50 41.80
CA LEU A 656 26.57 -10.33 42.67
C LEU A 656 27.98 -10.03 43.13
N THR A 657 28.92 -10.94 42.91
CA THR A 657 30.31 -10.57 43.12
C THR A 657 30.62 -9.39 42.23
N ALA A 658 30.86 -8.23 42.82
CA ALA A 658 31.26 -7.08 42.03
C ALA A 658 32.54 -7.40 41.28
N GLU A 659 32.61 -6.95 40.03
CA GLU A 659 33.63 -7.41 39.11
C GLU A 659 34.25 -6.19 38.45
N ALA A 660 35.31 -5.68 39.06
CA ALA A 660 35.81 -4.35 38.82
C ALA A 660 36.93 -4.38 37.79
N SER A 661 36.72 -3.68 36.68
CA SER A 661 37.74 -3.45 35.69
C SER A 661 37.79 -1.97 35.41
N ASN A 662 38.93 -1.49 34.92
CA ASN A 662 39.10 -0.06 34.75
C ASN A 662 38.05 0.51 33.80
N GLU A 663 37.73 -0.21 32.74
CA GLU A 663 36.75 0.30 31.78
C GLU A 663 35.33 0.20 32.32
N ASN A 664 35.01 -0.90 32.99
CA ASN A 664 33.66 -1.17 33.48
C ASN A 664 33.72 -1.54 34.95
N PRO A 665 34.13 -0.62 35.82
CA PRO A 665 34.29 -0.97 37.22
C PRO A 665 32.96 -1.25 37.86
N LEU A 666 32.97 -2.21 38.79
CA LEU A 666 31.81 -2.47 39.60
C LEU A 666 30.61 -2.82 38.72
N ALA A 667 30.74 -3.99 38.08
CA ALA A 667 29.80 -4.42 37.05
C ALA A 667 28.82 -5.45 37.57
N ILE A 668 28.31 -5.26 38.79
CA ILE A 668 27.44 -6.24 39.40
C ILE A 668 26.21 -6.47 38.54
N LYS A 669 25.73 -7.71 38.52
CA LYS A 669 24.50 -8.06 37.83
C LYS A 669 23.42 -8.20 38.89
N PHE A 670 22.38 -7.38 38.79
CA PHE A 670 21.34 -7.33 39.80
C PHE A 670 20.01 -7.84 39.28
N ARG A 671 19.48 -7.20 38.24
CA ARG A 671 18.28 -7.77 37.65
C ARG A 671 18.56 -9.13 37.03
N THR A 672 19.83 -9.48 36.84
CA THR A 672 20.16 -10.87 36.56
C THR A 672 20.15 -11.71 37.82
N ALA A 673 20.61 -11.17 38.94
CA ALA A 673 20.66 -11.89 40.18
C ALA A 673 19.46 -11.63 41.08
N ALA A 674 18.50 -10.84 40.61
CA ALA A 674 17.19 -10.83 41.25
C ALA A 674 16.21 -11.70 40.50
N GLU A 675 16.20 -11.61 39.17
CA GLU A 675 15.36 -12.49 38.37
C GLU A 675 15.75 -13.94 38.56
N ARG A 676 17.04 -14.23 38.70
CA ARG A 676 17.42 -15.61 38.95
C ARG A 676 17.30 -16.00 40.41
N PHE A 677 17.15 -15.02 41.30
CA PHE A 677 16.93 -15.32 42.71
C PHE A 677 15.45 -15.66 42.90
N HIS A 678 15.10 -16.95 42.80
CA HIS A 678 13.75 -17.42 43.09
C HIS A 678 13.83 -18.48 44.18
N LEU A 679 13.41 -18.12 45.39
CA LEU A 679 13.32 -19.12 46.44
C LEU A 679 12.15 -20.06 46.18
N ILE A 680 10.99 -19.52 45.84
CA ILE A 680 9.90 -20.36 45.35
C ILE A 680 10.18 -20.73 43.91
N ASP A 681 10.69 -21.96 43.69
CA ASP A 681 10.92 -22.46 42.35
C ASP A 681 9.59 -22.95 41.79
N ASN A 682 8.75 -21.99 41.41
CA ASN A 682 7.42 -22.27 40.86
C ASN A 682 7.57 -22.77 39.43
N GLN A 683 8.20 -23.94 39.31
CA GLN A 683 8.32 -24.57 38.01
C GLN A 683 6.97 -25.10 37.55
N GLY A 684 6.64 -24.85 36.28
CA GLY A 684 5.34 -25.23 35.78
C GLY A 684 4.36 -24.08 35.77
N VAL A 685 3.07 -24.39 35.94
CA VAL A 685 2.01 -23.39 35.87
C VAL A 685 1.09 -23.57 37.07
N ALA A 686 0.33 -22.51 37.36
CA ALA A 686 -0.60 -22.48 38.49
C ALA A 686 -2.02 -22.34 37.95
N LEU A 687 -2.81 -23.40 38.12
CA LEU A 687 -4.22 -23.37 37.76
C LEU A 687 -5.06 -23.07 38.99
N ILE A 688 -6.10 -22.26 38.80
CA ILE A 688 -7.04 -21.95 39.87
C ILE A 688 -8.27 -22.82 39.67
N VAL A 689 -8.51 -23.73 40.60
CA VAL A 689 -9.69 -24.58 40.58
C VAL A 689 -10.66 -24.08 41.63
N PRO A 690 -11.83 -23.56 41.26
CA PRO A 690 -12.72 -22.95 42.24
C PRO A 690 -13.35 -23.97 43.17
N PHE A 691 -12.87 -24.02 44.41
CA PHE A 691 -13.53 -24.75 45.48
C PHE A 691 -14.27 -23.74 46.33
N ILE A 692 -15.60 -23.80 46.31
CA ILE A 692 -16.42 -22.89 47.11
C ILE A 692 -16.07 -23.10 48.58
N PRO A 693 -15.36 -22.16 49.20
CA PRO A 693 -14.83 -22.40 50.54
C PRO A 693 -15.89 -22.54 51.60
N LEU A 694 -16.71 -21.48 51.75
CA LEU A 694 -17.67 -21.34 52.84
C LEU A 694 -18.48 -20.06 52.63
N ALA A 695 -19.41 -19.78 53.54
CA ALA A 695 -20.25 -18.59 53.47
C ALA A 695 -20.97 -18.42 54.79
N HIS A 696 -21.12 -17.16 55.22
CA HIS A 696 -21.91 -16.86 56.40
C HIS A 696 -23.38 -16.58 56.08
N TRP A 697 -23.73 -16.50 54.79
CA TRP A 697 -25.10 -16.29 54.35
C TRP A 697 -25.72 -15.06 55.01
N GLU A 698 -24.90 -14.01 55.14
CA GLU A 698 -25.29 -12.71 55.66
C GLU A 698 -24.92 -11.63 54.66
N LYS A 699 -25.33 -11.85 53.41
CA LYS A 699 -24.69 -11.26 52.23
C LYS A 699 -23.23 -11.69 52.22
N ASP A 700 -23.05 -13.01 52.13
CA ASP A 700 -21.88 -13.72 52.63
C ASP A 700 -20.53 -13.10 52.28
N GLY A 701 -20.17 -13.07 51.00
CA GLY A 701 -18.78 -12.84 50.65
C GLY A 701 -17.91 -13.74 51.49
N SER A 702 -17.14 -13.14 52.40
CA SER A 702 -16.46 -13.80 53.50
C SER A 702 -15.73 -15.09 53.10
N PRO A 703 -14.58 -14.98 52.41
CA PRO A 703 -13.73 -16.17 52.24
C PRO A 703 -13.29 -16.77 53.57
N GLN A 704 -13.24 -15.98 54.64
CA GLN A 704 -13.31 -16.48 56.00
C GLN A 704 -12.05 -17.29 56.34
N ILE A 705 -10.94 -16.86 55.73
CA ILE A 705 -9.72 -17.66 55.64
C ILE A 705 -9.11 -17.96 57.01
N VAL A 706 -8.99 -16.95 57.87
CA VAL A 706 -8.28 -17.12 59.13
C VAL A 706 -9.23 -17.35 60.30
N GLU A 707 -10.53 -17.19 60.13
CA GLU A 707 -11.51 -17.61 61.11
C GLU A 707 -12.17 -18.93 60.74
N ALA A 708 -11.63 -19.63 59.74
CA ALA A 708 -12.12 -20.97 59.42
C ALA A 708 -12.05 -21.89 60.63
N GLU A 710 -10.92 -21.86 61.35
CA GLU A 710 -10.72 -22.82 62.43
C GLU A 710 -11.57 -22.51 63.66
N LEU A 711 -12.03 -21.27 63.80
CA LEU A 711 -12.71 -20.85 65.02
C LEU A 711 -14.17 -20.49 64.79
N ASP A 712 -14.46 -19.54 63.89
CA ASP A 712 -15.82 -19.06 63.75
C ASP A 712 -16.74 -20.10 63.13
N ASP A 713 -16.32 -20.72 62.03
CA ASP A 713 -17.20 -21.66 61.34
C ASP A 713 -17.44 -22.90 62.18
N PHE A 714 -16.38 -23.49 62.71
CA PHE A 714 -16.49 -24.79 63.37
C PHE A 714 -16.94 -24.70 64.82
N PHE A 715 -17.22 -23.50 65.32
CA PHE A 715 -17.92 -23.37 66.59
C PHE A 715 -19.42 -23.16 66.38
N ARG A 716 -19.81 -22.54 65.26
CA ARG A 716 -21.22 -22.39 64.95
C ARG A 716 -21.78 -23.65 64.30
N ARG A 717 -21.12 -24.15 63.26
CA ARG A 717 -21.48 -25.41 62.60
C ARG A 717 -20.42 -26.43 62.97
N HIS A 718 -20.84 -27.56 63.50
CA HIS A 718 -19.90 -28.52 64.08
C HIS A 718 -19.30 -29.38 62.96
N LEU A 719 -18.60 -30.44 63.36
CA LEU A 719 -17.77 -31.22 62.46
C LEU A 719 -18.54 -32.23 61.62
N ALA A 720 -19.85 -32.37 61.83
CA ALA A 720 -20.65 -33.23 60.98
C ALA A 720 -20.52 -32.77 59.53
N ALA A 721 -19.98 -33.63 58.67
CA ALA A 721 -19.61 -33.25 57.31
C ALA A 721 -20.86 -33.05 56.46
N ALA A 722 -21.57 -31.95 56.75
CA ALA A 722 -22.74 -31.58 55.96
C ALA A 722 -22.77 -30.08 55.68
N ALA A 723 -21.64 -29.40 55.77
CA ALA A 723 -21.60 -27.96 55.54
C ALA A 723 -21.87 -27.65 54.09
N ALA A 724 -22.77 -26.71 53.83
CA ALA A 724 -23.12 -26.27 52.49
C ALA A 724 -22.98 -24.76 52.42
N ALA A 725 -22.15 -24.29 51.50
CA ALA A 725 -21.92 -22.86 51.35
C ALA A 725 -21.12 -22.64 50.07
N ALA A 726 -21.44 -21.56 49.36
CA ALA A 726 -20.84 -21.27 48.06
C ALA A 726 -20.31 -19.85 48.04
N ALA A 727 -19.17 -19.67 47.37
CA ALA A 727 -18.56 -18.35 47.22
C ALA A 727 -17.85 -18.32 45.87
N TRP A 728 -18.55 -17.82 44.85
CA TRP A 728 -18.03 -17.77 43.50
C TRP A 728 -17.33 -16.45 43.23
N ALA A 729 -16.30 -16.52 42.40
CA ALA A 729 -15.36 -15.41 42.23
C ALA A 729 -15.02 -15.30 40.75
N ALA A 730 -13.92 -14.60 40.46
CA ALA A 730 -13.43 -14.37 39.10
C ALA A 730 -14.44 -13.56 38.28
N ALA A 731 -14.68 -12.34 38.74
CA ALA A 731 -15.55 -11.41 38.03
C ALA A 731 -14.95 -10.91 36.72
N ALA A 732 -13.72 -11.30 36.40
CA ALA A 732 -13.07 -10.94 35.15
C ALA A 732 -12.91 -9.42 35.00
N ALA A 733 -12.79 -8.73 36.12
CA ALA A 733 -12.55 -7.29 36.13
C ALA A 733 -11.14 -7.00 36.62
N ALA A 734 -10.54 -5.94 36.09
CA ALA A 734 -9.22 -5.51 36.55
C ALA A 734 -9.29 -5.10 38.01
N ALA A 735 -9.99 -4.00 38.29
CA ALA A 735 -10.36 -3.59 39.65
C ALA A 735 -9.15 -3.21 40.50
N ALA A 736 -7.94 -3.45 39.98
CA ALA A 736 -6.68 -3.13 40.66
C ALA A 736 -6.55 -3.84 42.01
N ALA A 737 -7.52 -4.70 42.34
CA ALA A 737 -7.59 -5.31 43.66
C ALA A 737 -8.44 -6.58 43.54
N ALA A 738 -8.88 -7.12 44.68
CA ALA A 738 -9.63 -8.36 44.78
C ALA A 738 -8.85 -9.54 44.20
N PHE A 739 -7.54 -9.42 44.12
CA PHE A 739 -6.64 -10.42 43.56
C PHE A 739 -6.45 -11.62 44.48
N PRO A 740 -6.48 -11.47 45.81
CA PRO A 740 -6.42 -12.65 46.69
C PRO A 740 -7.71 -13.44 46.83
N GLN A 741 -8.73 -13.23 46.00
CA GLN A 741 -9.70 -14.31 45.85
C GLN A 741 -9.19 -15.28 44.79
N PRO A 742 -8.69 -14.78 43.65
CA PRO A 742 -7.74 -15.57 42.84
C PRO A 742 -6.41 -15.65 43.56
N PRO A 743 -5.27 -15.97 42.87
CA PRO A 743 -4.35 -17.04 43.35
C PRO A 743 -4.20 -17.30 44.84
N ASP A 744 -5.04 -16.75 45.71
CA ASP A 744 -5.23 -17.42 47.00
C ASP A 744 -5.82 -18.83 46.84
N ASN A 745 -6.46 -19.14 45.70
CA ASN A 745 -7.02 -20.49 45.49
C ASN A 745 -6.46 -21.22 44.27
N PRO A 746 -5.13 -21.30 44.08
CA PRO A 746 -4.62 -21.99 42.89
C PRO A 746 -4.27 -23.42 43.24
N ASP A 747 -3.85 -24.18 42.24
CA ASP A 747 -3.02 -25.35 42.46
C ASP A 747 -1.95 -25.36 41.36
N ASN A 748 -0.86 -26.09 41.60
CA ASN A 748 0.38 -25.93 40.85
C ASN A 748 0.84 -27.22 40.18
N PRO A 749 0.15 -27.67 39.13
CA PRO A 749 0.64 -28.82 38.36
C PRO A 749 1.93 -28.46 37.66
N PHE A 750 2.73 -29.49 37.38
CA PHE A 750 3.90 -29.27 36.56
C PHE A 750 3.51 -29.28 35.09
N GLY A 751 4.43 -28.84 34.24
CA GLY A 751 4.17 -28.82 32.81
C GLY A 751 3.94 -30.20 32.22
N THR A 753 4.31 -31.25 32.96
CA THR A 753 4.06 -32.61 32.50
C THR A 753 2.60 -33.00 32.67
N ASP A 754 1.96 -32.51 33.72
CA ASP A 754 0.59 -32.94 34.04
C ASP A 754 -0.48 -32.21 33.25
N GLN A 755 -0.13 -31.18 32.49
CA GLN A 755 -1.12 -30.45 31.71
C GLN A 755 -1.50 -31.15 30.40
N PRO A 756 -0.55 -31.60 29.57
CA PRO A 756 -0.95 -32.24 28.31
C PRO A 756 -1.59 -33.61 28.46
N LEU A 757 -1.72 -34.13 29.69
CA LEU A 757 -2.38 -35.40 29.92
C LEU A 757 -3.81 -35.21 30.42
N LEU A 758 -4.36 -34.00 30.30
CA LEU A 758 -5.69 -33.70 30.80
C LEU A 758 -6.75 -33.85 29.70
N ALA A 759 -10.03 -29.30 26.17
CA ALA A 759 -9.19 -30.31 26.81
C ALA A 759 -8.79 -29.88 28.21
N ALA A 760 -9.15 -28.65 28.57
CA ALA A 760 -8.86 -28.16 29.92
C ALA A 760 -9.59 -28.99 30.97
N ALA A 761 -10.85 -29.34 30.71
CA ALA A 761 -11.64 -30.18 31.60
C ALA A 761 -11.73 -29.56 33.00
N ALA A 762 -12.38 -28.40 33.06
CA ALA A 762 -12.57 -27.72 34.33
C ALA A 762 -13.49 -28.54 35.25
N ALA A 763 -13.49 -28.18 36.53
N ALA A 763 -13.49 -28.18 36.53
CA ALA A 763 -14.26 -28.83 37.58
CA ALA A 763 -14.26 -28.83 37.58
C ALA A 763 -13.88 -30.30 37.76
C ALA A 763 -13.88 -30.30 37.76
N ALA A 764 -12.76 -30.74 37.19
CA ALA A 764 -12.29 -32.11 37.37
C ALA A 764 -11.54 -32.30 38.67
N ALA A 765 -11.20 -31.22 39.37
CA ALA A 765 -10.51 -31.32 40.65
C ALA A 765 -11.49 -31.78 41.72
N ALA A 766 -11.26 -32.97 42.27
CA ALA A 766 -12.18 -33.58 43.21
C ALA A 766 -12.08 -32.90 44.58
N ALA A 767 -12.87 -33.41 45.53
CA ALA A 767 -12.85 -32.90 46.89
C ALA A 767 -11.60 -33.30 47.66
N ALA A 768 -10.83 -34.26 47.15
CA ALA A 768 -9.59 -34.67 47.80
C ALA A 768 -8.35 -34.05 47.17
N ALA A 769 -8.36 -33.82 45.86
CA ALA A 769 -7.21 -33.28 45.14
C ALA A 769 -7.69 -32.82 43.77
N ALA A 770 -6.75 -32.49 42.91
CA ALA A 770 -7.03 -32.19 41.51
C ALA A 770 -6.69 -33.41 40.66
N ALA A 771 -6.74 -33.24 39.34
CA ALA A 771 -6.39 -34.31 38.42
C ALA A 771 -4.93 -34.19 37.98
N THR B 1 -39.55 -18.41 -1.96
CA THR B 1 -38.46 -18.23 -2.91
C THR B 1 -38.93 -18.54 -4.31
N ILE B 2 -38.26 -17.98 -5.30
CA ILE B 2 -38.60 -18.26 -6.69
C ILE B 2 -37.99 -19.59 -7.07
N GLU B 3 -38.56 -20.21 -8.10
CA GLU B 3 -38.11 -21.52 -8.54
C GLU B 3 -37.76 -21.57 -10.01
N LYS B 4 -37.79 -20.44 -10.71
CA LYS B 4 -37.45 -20.39 -12.13
C LYS B 4 -36.43 -19.28 -12.34
N ARG B 5 -35.39 -19.57 -13.10
CA ARG B 5 -34.25 -18.66 -13.24
C ARG B 5 -34.54 -17.67 -14.34
N TYR B 6 -34.86 -16.44 -13.97
CA TYR B 6 -35.19 -15.41 -14.94
C TYR B 6 -33.92 -14.73 -15.41
N ASP B 7 -33.81 -14.53 -16.71
CA ASP B 7 -32.77 -13.71 -17.32
C ASP B 7 -33.45 -12.70 -18.22
N PHE B 8 -33.31 -11.42 -17.90
CA PHE B 8 -34.15 -10.43 -18.56
C PHE B 8 -33.29 -9.37 -19.23
N VAL B 9 -33.67 -9.01 -20.44
CA VAL B 9 -33.15 -7.81 -21.09
C VAL B 9 -34.08 -6.68 -20.72
N PHE B 10 -33.57 -5.69 -20.02
CA PHE B 10 -34.38 -4.55 -19.63
C PHE B 10 -33.87 -3.35 -20.40
N LEU B 11 -34.53 -3.04 -21.50
CA LEU B 11 -34.20 -1.87 -22.29
C LEU B 11 -34.88 -0.67 -21.65
N PHE B 12 -34.12 0.36 -21.37
CA PHE B 12 -34.71 1.59 -20.90
C PHE B 12 -34.02 2.75 -21.57
N ASP B 13 -34.78 3.73 -21.99
CA ASP B 13 -34.19 4.87 -22.66
C ASP B 13 -34.19 6.08 -21.75
N VAL B 14 -33.50 7.11 -22.21
CA VAL B 14 -33.55 8.43 -21.60
C VAL B 14 -33.86 9.42 -22.71
N GLN B 15 -35.03 10.05 -22.65
CA GLN B 15 -35.46 10.85 -23.79
C GLN B 15 -34.65 12.13 -23.90
N ASP B 16 -34.40 12.81 -22.79
CA ASP B 16 -33.40 13.88 -22.78
C ASP B 16 -33.00 14.12 -21.33
N GLY B 17 -31.88 13.55 -20.93
CA GLY B 17 -31.49 13.69 -19.55
C GLY B 17 -30.30 12.80 -19.26
N ASN B 18 -29.83 12.94 -18.04
CA ASN B 18 -28.66 12.25 -17.59
C ASN B 18 -29.04 10.91 -16.97
N PRO B 19 -28.83 9.82 -17.69
CA PRO B 19 -29.43 8.54 -17.30
C PRO B 19 -28.92 8.07 -15.97
N ASN B 20 -27.61 7.89 -15.94
CA ASN B 20 -26.87 7.58 -14.73
C ASN B 20 -25.81 8.64 -14.62
N GLY B 21 -26.04 9.61 -13.75
CA GLY B 21 -25.03 10.61 -13.44
C GLY B 21 -23.70 9.95 -13.26
N ASP B 22 -22.73 10.65 -13.66
CA ASP B 22 -22.22 9.86 -14.73
C ASP B 22 -21.14 8.86 -14.40
N PRO B 23 -19.87 9.20 -14.21
CA PRO B 23 -19.04 8.28 -13.42
C PRO B 23 -18.77 8.77 -12.03
N ASP B 24 -19.18 10.00 -11.72
CA ASP B 24 -18.81 10.70 -10.50
C ASP B 24 -17.35 11.05 -10.64
N ALA B 25 -16.76 10.49 -11.68
CA ALA B 25 -15.39 10.67 -12.12
C ALA B 25 -15.59 11.27 -13.48
N GLY B 26 -15.89 12.56 -13.50
CA GLY B 26 -16.73 13.12 -14.54
C GLY B 26 -18.15 13.21 -14.06
N ASN B 27 -18.93 14.04 -14.71
CA ASN B 27 -20.35 13.87 -14.61
C ASN B 27 -21.01 14.09 -15.95
N LEU B 28 -20.44 13.52 -17.02
CA LEU B 28 -21.20 13.48 -18.25
C LEU B 28 -21.57 12.04 -18.56
N PRO B 29 -22.80 11.78 -19.04
CA PRO B 29 -23.39 10.44 -18.94
C PRO B 29 -22.44 9.29 -19.05
N ARG B 30 -22.51 8.40 -18.07
CA ARG B 30 -21.59 7.28 -17.94
C ARG B 30 -21.48 6.58 -19.28
N ILE B 31 -20.30 6.61 -19.88
CA ILE B 31 -20.08 6.07 -21.20
C ILE B 31 -19.18 4.86 -21.12
N ASP B 32 -19.32 3.98 -22.09
CA ASP B 32 -18.27 3.07 -22.46
C ASP B 32 -17.28 3.85 -23.31
N PRO B 33 -16.03 3.93 -22.93
CA PRO B 33 -15.08 4.72 -23.71
C PRO B 33 -15.02 4.33 -25.17
N GLN B 34 -14.63 3.10 -25.48
CA GLN B 34 -14.35 2.75 -26.87
C GLN B 34 -15.54 3.05 -27.77
N THR B 35 -16.70 2.54 -27.40
CA THR B 35 -17.86 2.65 -28.26
C THR B 35 -18.56 3.98 -28.12
N GLY B 36 -18.29 4.72 -27.06
CA GLY B 36 -19.10 5.87 -26.76
C GLY B 36 -20.49 5.51 -26.29
N GLU B 37 -20.78 4.23 -26.14
CA GLU B 37 -22.08 3.80 -25.67
C GLU B 37 -22.24 4.18 -24.22
N GLY B 38 -23.38 4.77 -23.89
CA GLY B 38 -23.63 5.13 -22.52
C GLY B 38 -23.69 3.90 -21.63
N LEU B 39 -23.26 4.06 -20.40
CA LEU B 39 -23.41 3.05 -19.39
C LEU B 39 -24.35 3.57 -18.34
N VAL B 40 -25.14 2.69 -17.76
CA VAL B 40 -25.88 2.98 -16.56
C VAL B 40 -25.55 1.85 -15.60
N THR B 41 -24.86 2.18 -14.53
CA THR B 41 -24.46 1.16 -13.57
C THR B 41 -25.65 0.32 -13.19
N ASP B 42 -25.39 -0.96 -12.93
CA ASP B 42 -26.42 -1.80 -12.37
C ASP B 42 -26.96 -1.21 -11.08
N VAL B 43 -26.11 -0.51 -10.33
CA VAL B 43 -26.57 0.06 -9.07
C VAL B 43 -27.50 1.23 -9.31
N CYS B 44 -27.40 1.91 -10.45
CA CYS B 44 -28.33 2.99 -10.74
C CYS B 44 -29.73 2.45 -10.93
N LEU B 45 -29.88 1.43 -11.76
CA LEU B 45 -31.19 0.82 -11.94
C LEU B 45 -31.64 0.13 -10.66
N LYS B 46 -30.72 -0.47 -9.94
CA LYS B 46 -31.07 -1.05 -8.66
C LYS B 46 -31.61 0.02 -7.73
N ARG B 47 -31.09 1.24 -7.83
CA ARG B 47 -31.60 2.31 -7.01
C ARG B 47 -32.95 2.80 -7.50
N LYS B 48 -33.16 2.79 -8.80
CA LYS B 48 -34.49 3.11 -9.29
C LYS B 48 -35.50 2.10 -8.77
N VAL B 49 -35.13 0.82 -8.77
CA VAL B 49 -35.98 -0.20 -8.18
C VAL B 49 -36.16 0.05 -6.70
N ARG B 50 -35.08 0.40 -6.01
CA ARG B 50 -35.16 0.61 -4.57
C ARG B 50 -36.08 1.78 -4.24
N ASN B 51 -35.96 2.87 -4.99
CA ASN B 51 -36.85 4.01 -4.78
C ASN B 51 -38.27 3.65 -5.11
N PHE B 52 -38.48 2.87 -6.17
CA PHE B 52 -39.84 2.48 -6.50
C PHE B 52 -40.45 1.63 -5.39
N ILE B 53 -39.69 0.66 -4.89
CA ILE B 53 -40.21 -0.18 -3.82
C ILE B 53 -40.38 0.63 -2.55
N GLN B 54 -39.51 1.60 -2.32
CA GLN B 54 -39.58 2.40 -1.11
C GLN B 54 -40.82 3.28 -1.12
N MET B 55 -41.16 3.84 -2.29
CA MET B 55 -42.36 4.65 -2.36
C MET B 55 -43.61 3.78 -2.41
N THR B 56 -43.51 2.61 -3.01
CA THR B 56 -44.71 1.82 -3.31
C THR B 56 -45.09 0.96 -2.12
N GLN B 57 -44.17 0.12 -1.65
CA GLN B 57 -44.50 -0.80 -0.58
C GLN B 57 -44.77 -0.07 0.73
N ASN B 58 -43.85 0.82 1.13
CA ASN B 58 -43.91 1.49 2.42
C ASN B 58 -44.37 0.52 3.50
N ASP B 59 -43.61 -0.57 3.61
CA ASP B 59 -44.07 -1.75 4.30
C ASP B 59 -42.88 -2.43 4.97
N GLU B 60 -43.15 -3.08 6.10
CA GLU B 60 -42.19 -4.03 6.65
C GLU B 60 -42.19 -5.27 5.78
N HIS B 61 -41.05 -5.97 5.78
CA HIS B 61 -40.72 -6.98 4.78
C HIS B 61 -40.50 -6.39 3.41
N HIS B 62 -40.45 -5.06 3.27
CA HIS B 62 -40.04 -4.46 2.01
C HIS B 62 -39.23 -3.18 2.22
N ASP B 63 -38.54 -3.04 3.34
CA ASP B 63 -37.71 -1.86 3.53
C ASP B 63 -36.53 -1.93 2.57
N ILE B 64 -35.63 -0.94 2.60
CA ILE B 64 -34.81 -0.70 1.42
C ILE B 64 -33.32 -0.52 1.69
N PHE B 65 -32.79 -0.30 2.89
CA PHE B 65 -31.48 0.35 2.99
C PHE B 65 -31.52 1.73 2.33
N ILE B 66 -32.26 2.59 3.02
CA ILE B 66 -32.87 3.85 2.60
C ILE B 66 -31.86 4.94 2.25
N ARG B 67 -32.39 6.10 1.90
CA ARG B 67 -31.70 7.28 1.40
C ARG B 67 -30.88 7.92 2.51
N GLU B 68 -30.59 9.21 2.36
CA GLU B 68 -29.61 9.96 3.12
C GLU B 68 -29.47 9.47 4.55
N LYS B 69 -30.55 9.46 5.30
CA LYS B 69 -30.45 8.99 6.68
C LYS B 69 -30.33 7.47 6.66
N GLY B 70 -29.31 6.97 5.96
CA GLY B 70 -29.23 5.56 5.68
C GLY B 70 -28.00 4.89 6.24
N ILE B 71 -27.60 5.22 7.47
CA ILE B 71 -26.49 4.52 8.06
C ILE B 71 -26.83 3.05 8.03
N LEU B 72 -26.11 2.27 7.22
CA LEU B 72 -26.52 0.89 7.01
C LEU B 72 -26.24 0.06 8.24
N ASN B 73 -25.16 0.34 8.95
CA ASN B 73 -24.89 -0.42 10.16
C ASN B 73 -25.93 -0.16 11.23
N ASN B 74 -26.63 0.98 11.17
CA ASN B 74 -27.79 1.14 12.03
C ASN B 74 -28.83 0.07 11.72
N LEU B 75 -29.15 -0.11 10.43
CA LEU B 75 -30.13 -1.09 10.03
C LEU B 75 -29.64 -2.52 10.20
N ILE B 76 -28.34 -2.72 10.28
CA ILE B 76 -27.76 -4.04 10.49
C ILE B 76 -27.72 -4.40 11.95
N ASP B 77 -27.23 -3.49 12.78
CA ASP B 77 -27.30 -3.67 14.23
C ASP B 77 -28.73 -3.70 14.71
N GLU B 78 -29.67 -3.17 13.91
CA GLU B 78 -31.07 -3.39 14.21
C GLU B 78 -31.45 -4.85 14.00
N ALA B 79 -30.77 -5.53 13.07
CA ALA B 79 -31.06 -6.94 12.85
C ALA B 79 -30.57 -7.81 14.00
N HIS B 80 -29.59 -7.34 14.77
CA HIS B 80 -29.10 -8.06 15.92
C HIS B 80 -29.89 -7.74 17.17
N GLU B 81 -31.12 -7.26 17.01
CA GLU B 81 -32.02 -6.99 18.12
C GLU B 81 -33.34 -7.74 17.93
N GLN B 82 -33.27 -8.95 17.37
CA GLN B 82 -34.44 -9.77 17.12
C GLN B 82 -34.25 -11.12 17.80
N GLU B 83 -35.07 -12.10 17.42
CA GLU B 83 -34.93 -13.47 17.89
C GLU B 83 -33.47 -13.88 17.99
N ASN B 84 -32.63 -13.37 17.10
CA ASN B 84 -31.18 -13.55 17.20
C ASN B 84 -30.52 -12.39 17.95
N VAL B 85 -31.02 -12.03 19.14
CA VAL B 85 -30.37 -10.97 19.91
C VAL B 85 -28.90 -11.32 20.12
N LYS B 86 -28.65 -12.39 20.85
CA LYS B 86 -27.35 -13.04 20.83
C LYS B 86 -27.46 -14.55 20.81
N GLY B 87 -28.62 -15.12 21.14
CA GLY B 87 -28.75 -16.56 21.28
C GLY B 87 -28.46 -17.34 20.02
N LYS B 88 -28.12 -16.66 18.94
CA LYS B 88 -27.85 -17.33 17.67
C LYS B 88 -26.37 -17.53 17.41
N GLU B 89 -25.52 -17.42 18.43
CA GLU B 89 -24.24 -18.12 18.36
C GLU B 89 -23.38 -17.71 17.19
N LYS B 90 -22.65 -16.60 17.31
CA LYS B 90 -22.15 -15.76 16.23
C LYS B 90 -22.01 -16.42 14.86
N GLY B 91 -21.56 -17.67 14.81
CA GLY B 91 -21.53 -18.38 13.55
C GLY B 91 -22.81 -18.24 12.75
N GLU B 92 -23.92 -18.76 13.28
CA GLU B 92 -25.21 -18.63 12.63
C GLU B 92 -25.96 -17.38 13.05
N LYS B 93 -25.40 -16.57 13.95
CA LYS B 93 -26.03 -15.30 14.27
C LYS B 93 -26.03 -14.39 13.05
N THR B 94 -24.91 -14.33 12.32
CA THR B 94 -24.87 -13.51 11.13
C THR B 94 -25.82 -14.06 10.08
N GLU B 95 -25.97 -15.38 10.02
CA GLU B 95 -26.91 -15.95 9.07
C GLU B 95 -28.35 -15.65 9.46
N ALA B 96 -28.66 -15.65 10.76
CA ALA B 96 -30.00 -15.28 11.19
C ALA B 96 -30.27 -13.81 10.96
N ALA B 97 -29.29 -12.95 11.18
CA ALA B 97 -29.44 -11.54 10.86
C ALA B 97 -29.59 -11.35 9.36
N ARG B 98 -28.85 -12.13 8.57
CA ARG B 98 -28.97 -12.06 7.13
C ARG B 98 -30.36 -12.46 6.69
N GLN B 99 -30.90 -13.52 7.28
CA GLN B 99 -32.26 -13.90 6.94
C GLN B 99 -33.25 -12.83 7.39
N TYR B 100 -33.00 -12.20 8.54
CA TYR B 100 -33.90 -11.17 9.01
C TYR B 100 -33.94 -9.99 8.05
N MET B 101 -32.78 -9.50 7.62
CA MET B 101 -32.79 -8.37 6.70
C MET B 101 -33.02 -8.76 5.25
N CYS B 102 -32.93 -10.03 4.90
CA CYS B 102 -33.58 -10.43 3.67
C CYS B 102 -35.07 -10.26 3.81
N SER B 103 -35.67 -10.92 4.80
CA SER B 103 -37.12 -10.83 4.99
C SER B 103 -37.57 -9.38 5.07
N ARG B 104 -36.87 -8.55 5.84
CA ARG B 104 -37.32 -7.19 6.09
C ARG B 104 -37.08 -6.28 4.90
N TYR B 105 -35.93 -6.38 4.26
CA TYR B 105 -35.55 -5.43 3.23
C TYR B 105 -35.76 -6.07 1.87
N TYR B 106 -36.77 -5.58 1.14
CA TYR B 106 -36.95 -6.03 -0.23
C TYR B 106 -35.70 -5.79 -1.03
N ASP B 107 -35.02 -4.70 -0.75
CA ASP B 107 -33.71 -4.43 -1.30
C ASP B 107 -32.84 -5.68 -1.24
N ILE B 108 -32.62 -6.17 -0.04
CA ILE B 108 -31.64 -7.22 0.20
C ILE B 108 -32.11 -8.53 -0.39
N ARG B 109 -33.39 -8.84 -0.27
CA ARG B 109 -33.91 -10.03 -0.94
C ARG B 109 -33.68 -9.94 -2.43
N THR B 110 -33.95 -8.79 -3.01
CA THR B 110 -33.89 -8.64 -4.45
C THR B 110 -32.46 -8.46 -4.91
N PHE B 111 -31.83 -7.40 -4.45
CA PHE B 111 -30.43 -7.17 -4.76
C PHE B 111 -29.66 -7.47 -3.50
N GLY B 112 -28.40 -7.82 -3.64
CA GLY B 112 -27.72 -8.24 -2.44
C GLY B 112 -27.52 -7.09 -1.50
N ALA B 113 -26.72 -7.35 -0.48
CA ALA B 113 -26.28 -6.27 0.38
C ALA B 113 -24.99 -6.70 1.05
N VAL B 114 -24.01 -5.83 1.04
CA VAL B 114 -22.81 -6.09 1.82
C VAL B 114 -23.12 -5.66 3.23
N MET B 115 -23.70 -6.56 3.98
CA MET B 115 -24.12 -6.29 5.34
C MET B 115 -23.07 -6.70 6.33
N THR B 116 -21.92 -7.16 5.86
CA THR B 116 -20.87 -7.62 6.75
C THR B 116 -20.12 -6.42 7.29
N THR B 117 -20.84 -5.43 7.78
CA THR B 117 -20.22 -4.16 8.15
C THR B 117 -20.40 -3.82 9.62
N GLY B 118 -21.62 -3.81 10.12
CA GLY B 118 -21.81 -3.38 11.48
C GLY B 118 -21.62 -4.52 12.43
N LYS B 119 -22.64 -4.83 13.21
CA LYS B 119 -22.67 -6.13 13.85
C LYS B 119 -22.88 -7.10 12.70
N ASN B 120 -21.77 -7.62 12.17
CA ASN B 120 -21.73 -8.28 10.87
C ASN B 120 -22.97 -9.13 10.66
N ALA B 121 -23.65 -8.91 9.55
CA ALA B 121 -24.91 -9.58 9.27
C ALA B 121 -24.88 -10.26 7.92
N GLY B 122 -23.77 -10.90 7.60
CA GLY B 122 -23.69 -11.70 6.40
C GLY B 122 -23.70 -10.85 5.15
N GLN B 123 -23.42 -11.48 4.02
CA GLN B 123 -23.49 -10.85 2.73
C GLN B 123 -24.57 -11.57 1.93
N VAL B 124 -25.35 -10.83 1.18
CA VAL B 124 -26.45 -11.42 0.42
C VAL B 124 -26.09 -11.36 -1.05
N ARG B 125 -26.31 -12.46 -1.76
CA ARG B 125 -25.91 -12.54 -3.15
C ARG B 125 -26.91 -11.87 -4.08
N GLY B 126 -28.10 -11.53 -3.63
CA GLY B 126 -28.94 -10.72 -4.46
C GLY B 126 -29.42 -11.41 -5.70
N PRO B 127 -30.38 -12.29 -5.55
CA PRO B 127 -30.94 -13.03 -6.68
C PRO B 127 -31.02 -12.22 -7.95
N VAL B 128 -31.58 -11.02 -7.86
CA VAL B 128 -31.71 -10.15 -9.02
C VAL B 128 -30.41 -9.42 -9.25
N GLN B 129 -29.81 -9.64 -10.41
CA GLN B 129 -28.49 -9.07 -10.71
C GLN B 129 -28.55 -8.36 -12.04
N LEU B 130 -28.97 -7.10 -12.01
CA LEU B 130 -28.84 -6.27 -13.18
C LEU B 130 -27.37 -6.07 -13.50
N THR B 131 -27.07 -5.84 -14.77
CA THR B 131 -25.72 -5.55 -15.19
C THR B 131 -25.63 -4.10 -15.61
N PHE B 132 -24.43 -3.70 -16.02
CA PHE B 132 -24.28 -2.34 -16.50
C PHE B 132 -25.10 -2.14 -17.75
N SER B 133 -26.11 -1.29 -17.65
CA SER B 133 -26.92 -0.93 -18.79
C SER B 133 -26.04 -0.17 -19.76
N ARG B 134 -25.79 -0.72 -20.93
CA ARG B 134 -25.02 0.01 -21.94
C ARG B 134 -25.90 0.32 -23.12
N SER B 135 -25.90 1.59 -23.52
CA SER B 135 -26.81 2.06 -24.55
C SER B 135 -26.56 1.31 -25.85
N ILE B 136 -27.64 1.11 -26.60
CA ILE B 136 -27.55 0.38 -27.86
C ILE B 136 -26.62 1.11 -28.82
N ASP B 137 -26.78 2.42 -28.93
CA ASP B 137 -25.97 3.23 -29.80
C ASP B 137 -25.26 4.30 -28.97
N PRO B 138 -24.07 4.72 -29.38
CA PRO B 138 -23.37 5.77 -28.63
C PRO B 138 -24.26 6.93 -28.25
N ILE B 139 -24.42 7.15 -26.94
CA ILE B 139 -25.15 8.31 -26.47
C ILE B 139 -24.36 9.55 -26.85
N MET B 140 -25.04 10.50 -27.46
CA MET B 140 -24.36 11.69 -27.93
C MET B 140 -24.53 12.82 -26.92
N THR B 141 -24.00 12.59 -25.72
CA THR B 141 -24.17 13.48 -24.58
C THR B 141 -24.04 14.94 -24.97
N LEU B 142 -25.06 15.73 -24.64
CA LEU B 142 -25.12 17.10 -25.12
C LEU B 142 -24.44 18.10 -24.21
N GLU B 143 -24.36 17.83 -22.91
CA GLU B 143 -23.61 18.67 -21.99
C GLU B 143 -24.10 20.11 -22.04
N HIS B 144 -25.39 20.27 -21.82
CA HIS B 144 -25.98 21.60 -21.92
C HIS B 144 -25.49 22.47 -20.79
N SER B 145 -24.78 23.53 -21.13
CA SER B 145 -24.41 24.51 -20.14
C SER B 145 -25.65 25.29 -19.76
N ILE B 146 -25.97 25.29 -18.47
CA ILE B 146 -27.12 26.01 -17.97
C ILE B 146 -26.56 27.12 -17.10
N THR B 147 -27.42 27.96 -16.54
CA THR B 147 -26.97 28.96 -15.59
C THR B 147 -27.81 28.85 -14.34
N ARG B 148 -27.38 29.54 -13.30
CA ARG B 148 -28.22 29.80 -12.16
C ARG B 148 -28.25 31.30 -11.93
N MET B 149 -29.40 31.84 -11.61
CA MET B 149 -29.49 33.24 -11.28
C MET B 149 -29.09 33.50 -9.86
N ALA B 150 -28.34 32.60 -9.25
CA ALA B 150 -28.05 32.66 -7.83
C ALA B 150 -26.75 31.94 -7.57
N VAL B 151 -25.80 32.61 -6.97
CA VAL B 151 -24.56 31.94 -6.62
C VAL B 151 -24.83 31.11 -5.37
N THR B 152 -24.11 30.02 -5.22
CA THR B 152 -24.36 29.17 -4.07
C THR B 152 -23.68 29.71 -2.82
N ASN B 153 -22.35 29.78 -2.84
CA ASN B 153 -21.60 30.19 -1.67
C ASN B 153 -21.44 31.70 -1.65
N GLU B 154 -21.31 32.27 -0.45
CA GLU B 154 -20.96 33.67 -0.34
C GLU B 154 -19.46 33.81 -0.46
N LYS B 155 -18.90 33.18 -1.49
CA LYS B 155 -17.46 33.09 -1.65
C LYS B 155 -16.88 34.44 -2.03
N ASP B 156 -15.58 34.45 -2.28
CA ASP B 156 -14.95 35.61 -2.90
C ASP B 156 -15.53 35.85 -4.30
N ALA B 157 -15.79 34.78 -5.03
CA ALA B 157 -16.35 34.87 -6.37
C ALA B 157 -17.88 34.76 -6.33
N SER B 158 -18.48 35.69 -5.59
CA SER B 158 -19.91 35.99 -5.68
C SER B 158 -19.95 37.50 -5.85
N GLU B 159 -19.77 37.94 -7.08
CA GLU B 159 -19.24 39.28 -7.31
C GLU B 159 -20.39 40.29 -7.29
N THR B 160 -20.09 41.54 -7.58
CA THR B 160 -20.96 42.67 -7.33
C THR B 160 -22.27 42.62 -8.09
N GLY B 161 -22.21 42.76 -9.40
CA GLY B 161 -23.37 43.10 -10.18
C GLY B 161 -24.26 41.97 -10.61
N ASP B 162 -23.94 40.75 -10.17
CA ASP B 162 -24.72 39.58 -10.54
C ASP B 162 -24.15 38.39 -9.77
N ASN B 163 -25.01 37.51 -9.28
CA ASN B 163 -24.56 36.27 -8.64
C ASN B 163 -25.03 35.13 -9.54
N ARG B 164 -24.11 34.61 -10.34
CA ARG B 164 -24.41 33.54 -11.26
C ARG B 164 -23.43 32.39 -11.05
N THR B 165 -23.91 31.18 -11.30
CA THR B 165 -23.15 29.98 -11.06
C THR B 165 -23.39 29.01 -12.23
N MET B 166 -22.94 29.41 -13.42
CA MET B 166 -23.29 28.77 -14.67
C MET B 166 -23.60 27.29 -14.54
N GLY B 167 -22.63 26.47 -14.22
CA GLY B 167 -22.96 25.07 -14.09
C GLY B 167 -23.38 24.41 -15.39
N ARG B 168 -23.46 23.09 -15.38
CA ARG B 168 -23.63 22.34 -16.61
C ARG B 168 -24.61 21.21 -16.38
N LYS B 169 -25.54 21.04 -17.31
CA LYS B 169 -26.56 20.00 -17.24
C LYS B 169 -26.29 19.02 -18.36
N PHE B 170 -25.48 18.02 -18.07
CA PHE B 170 -25.20 16.98 -19.03
C PHE B 170 -26.48 16.20 -19.31
N THR B 171 -26.70 15.87 -20.58
CA THR B 171 -27.92 15.19 -20.95
C THR B 171 -27.64 14.30 -22.15
N VAL B 172 -28.26 13.13 -22.14
CA VAL B 172 -28.24 12.23 -23.29
C VAL B 172 -29.40 12.60 -24.18
N PRO B 173 -29.17 13.08 -25.40
CA PRO B 173 -30.29 13.49 -26.23
C PRO B 173 -31.24 12.36 -26.48
N TYR B 174 -30.72 11.14 -26.53
CA TYR B 174 -31.49 9.92 -26.40
C TYR B 174 -30.54 8.74 -26.35
N GLY B 175 -30.84 7.75 -25.52
CA GLY B 175 -30.02 6.57 -25.49
C GLY B 175 -30.81 5.41 -24.92
N LEU B 176 -30.85 4.32 -25.64
CA LEU B 176 -31.63 3.16 -25.23
C LEU B 176 -30.70 2.18 -24.56
N TYR B 177 -30.49 2.39 -23.27
CA TYR B 177 -29.66 1.52 -22.47
C TYR B 177 -30.26 0.13 -22.42
N ARG B 178 -29.40 -0.86 -22.37
CA ARG B 178 -29.81 -2.25 -22.32
C ARG B 178 -29.23 -2.89 -21.08
N CYS B 179 -30.09 -3.39 -20.21
CA CYS B 179 -29.68 -3.91 -18.92
C CYS B 179 -29.97 -5.40 -18.91
N HIS B 180 -28.98 -6.19 -19.25
CA HIS B 180 -29.12 -7.61 -19.01
C HIS B 180 -29.10 -7.82 -17.50
N GLY B 181 -30.06 -8.58 -17.02
CA GLY B 181 -30.13 -8.88 -15.61
C GLY B 181 -30.42 -10.34 -15.43
N PHE B 182 -30.02 -10.87 -14.29
CA PHE B 182 -30.16 -12.28 -14.03
C PHE B 182 -30.77 -12.45 -12.66
N ILE B 183 -31.82 -13.25 -12.60
CA ILE B 183 -32.44 -13.59 -11.34
C ILE B 183 -32.14 -15.04 -11.09
N SER B 184 -31.35 -15.31 -10.06
CA SER B 184 -30.86 -16.64 -9.78
C SER B 184 -31.70 -17.24 -8.67
N THR B 185 -32.32 -18.37 -8.96
CA THR B 185 -33.12 -19.03 -7.94
C THR B 185 -32.25 -19.55 -6.80
N HIS B 186 -31.03 -19.96 -7.11
CA HIS B 186 -30.16 -20.50 -6.07
C HIS B 186 -29.88 -19.43 -5.02
N PHE B 187 -29.73 -18.18 -5.43
CA PHE B 187 -29.49 -17.11 -4.48
C PHE B 187 -30.78 -16.47 -4.00
N ALA B 188 -31.92 -16.81 -4.59
CA ALA B 188 -33.19 -16.46 -3.98
C ALA B 188 -33.60 -17.47 -2.93
N LYS B 189 -32.96 -18.63 -2.90
CA LYS B 189 -33.13 -19.52 -1.77
C LYS B 189 -32.49 -18.91 -0.52
N GLN B 190 -31.40 -18.18 -0.70
CA GLN B 190 -30.64 -17.66 0.42
C GLN B 190 -31.23 -16.37 0.96
N THR B 191 -32.22 -15.80 0.30
CA THR B 191 -32.85 -14.57 0.78
C THR B 191 -34.35 -14.68 0.95
N GLY B 192 -34.99 -15.71 0.43
CA GLY B 192 -36.43 -15.72 0.45
C GLY B 192 -37.03 -14.78 -0.56
N PHE B 193 -36.24 -14.25 -1.48
CA PHE B 193 -36.74 -13.49 -2.61
C PHE B 193 -37.85 -14.29 -3.27
N SER B 194 -39.07 -13.80 -3.21
CA SER B 194 -40.23 -14.58 -3.57
C SER B 194 -40.72 -14.26 -4.97
N GLU B 195 -41.57 -15.14 -5.50
CA GLU B 195 -42.23 -14.84 -6.76
C GLU B 195 -43.00 -13.54 -6.68
N ASN B 196 -43.50 -13.19 -5.48
CA ASN B 196 -44.10 -11.88 -5.31
C ASN B 196 -43.05 -10.79 -5.23
N ASP B 197 -41.92 -11.05 -4.58
CA ASP B 197 -40.81 -10.11 -4.63
C ASP B 197 -40.38 -9.88 -6.06
N LEU B 198 -40.41 -10.93 -6.87
CA LEU B 198 -40.01 -10.80 -8.25
C LEU B 198 -41.05 -10.11 -9.10
N GLU B 199 -42.33 -10.32 -8.81
CA GLU B 199 -43.34 -9.53 -9.51
C GLU B 199 -43.22 -8.07 -9.12
N LEU B 200 -42.88 -7.79 -7.87
CA LEU B 200 -42.58 -6.42 -7.48
C LEU B 200 -41.38 -5.91 -8.23
N PHE B 201 -40.39 -6.76 -8.48
CA PHE B 201 -39.21 -6.30 -9.20
C PHE B 201 -39.54 -5.96 -10.64
N TRP B 202 -40.39 -6.77 -11.28
CA TRP B 202 -40.79 -6.46 -12.64
C TRP B 202 -41.63 -5.20 -12.68
N GLN B 203 -42.61 -5.09 -11.78
CA GLN B 203 -43.37 -3.87 -11.67
C GLN B 203 -42.45 -2.69 -11.44
N ALA B 204 -41.37 -2.90 -10.71
CA ALA B 204 -40.40 -1.85 -10.47
C ALA B 204 -39.66 -1.48 -11.73
N LEU B 205 -39.14 -2.46 -12.46
CA LEU B 205 -38.41 -2.13 -13.68
C LEU B 205 -39.31 -1.42 -14.67
N VAL B 206 -40.57 -1.81 -14.74
CA VAL B 206 -41.48 -1.19 -15.69
C VAL B 206 -41.80 0.23 -15.26
N ASN B 207 -42.13 0.43 -13.98
CA ASN B 207 -42.70 1.69 -13.54
C ASN B 207 -41.73 2.57 -12.76
N MET B 208 -40.46 2.22 -12.66
CA MET B 208 -39.60 2.91 -11.72
C MET B 208 -39.04 4.17 -12.30
N PHE B 209 -39.05 4.30 -13.61
CA PHE B 209 -38.60 5.49 -14.27
C PHE B 209 -39.68 6.55 -14.34
N ASP B 210 -40.94 6.14 -14.29
CA ASP B 210 -42.03 7.10 -14.23
C ASP B 210 -42.09 7.80 -12.89
N HIS B 211 -41.35 7.33 -11.89
CA HIS B 211 -41.38 7.92 -10.56
C HIS B 211 -40.06 8.56 -10.16
N ASP B 212 -38.94 7.92 -10.45
CA ASP B 212 -37.64 8.54 -10.23
C ASP B 212 -37.37 9.45 -11.39
N HIS B 213 -38.00 10.62 -11.34
CA HIS B 213 -37.73 11.70 -12.27
C HIS B 213 -36.91 12.77 -11.59
N SER B 214 -36.17 13.51 -12.39
CA SER B 214 -35.29 14.51 -11.83
C SER B 214 -34.97 15.54 -12.90
N ALA B 215 -34.49 16.69 -12.45
CA ALA B 215 -34.00 17.67 -13.41
C ALA B 215 -32.82 17.09 -14.17
N ALA B 216 -31.89 16.46 -13.46
CA ALA B 216 -30.71 15.93 -14.13
C ALA B 216 -31.08 14.89 -15.17
N ARG B 217 -31.91 13.93 -14.80
CA ARG B 217 -32.03 12.75 -15.64
C ARG B 217 -33.07 12.92 -16.72
N GLY B 218 -33.80 14.03 -16.71
CA GLY B 218 -34.77 14.27 -17.73
C GLY B 218 -35.82 13.19 -17.75
N GLN B 219 -36.31 12.90 -18.94
CA GLN B 219 -37.33 11.89 -19.12
C GLN B 219 -36.65 10.58 -19.46
N MET B 220 -36.98 9.54 -18.72
CA MET B 220 -36.33 8.24 -18.86
C MET B 220 -37.36 7.16 -18.58
N ASN B 221 -37.38 6.13 -19.43
CA ASN B 221 -38.52 5.23 -19.53
C ASN B 221 -38.06 3.80 -19.68
N ALA B 222 -38.92 2.87 -19.32
CA ALA B 222 -38.65 1.44 -19.48
C ALA B 222 -39.18 1.01 -20.84
N ARG B 223 -38.29 0.98 -21.82
CA ARG B 223 -38.74 0.75 -23.18
C ARG B 223 -39.07 -0.70 -23.43
N GLY B 224 -38.50 -1.61 -22.67
CA GLY B 224 -38.81 -3.01 -22.82
C GLY B 224 -38.30 -3.77 -21.62
N LEU B 225 -39.01 -4.80 -21.22
CA LEU B 225 -38.54 -5.71 -20.18
C LEU B 225 -38.87 -7.10 -20.71
N TYR B 226 -37.94 -7.70 -21.42
CA TYR B 226 -38.13 -9.01 -21.98
C TYR B 226 -37.45 -10.00 -21.06
N VAL B 227 -38.23 -10.67 -20.22
CA VAL B 227 -37.72 -11.63 -19.27
C VAL B 227 -37.76 -12.99 -19.94
N PHE B 228 -36.78 -13.82 -19.63
CA PHE B 228 -36.77 -15.22 -20.05
C PHE B 228 -36.87 -16.03 -18.77
N GLU B 229 -38.03 -16.65 -18.57
CA GLU B 229 -38.30 -17.49 -17.42
C GLU B 229 -37.87 -18.90 -17.79
N HIS B 230 -36.70 -19.31 -17.29
CA HIS B 230 -36.25 -20.67 -17.51
C HIS B 230 -37.19 -21.63 -16.80
N SER B 231 -37.34 -22.84 -17.36
CA SER B 231 -38.28 -23.77 -16.77
C SER B 231 -37.80 -24.29 -15.42
N ASN B 232 -36.51 -24.21 -15.14
CA ASN B 232 -35.93 -24.83 -13.96
C ASN B 232 -35.02 -23.87 -13.23
N ASN B 233 -34.57 -24.32 -12.06
CA ASN B 233 -33.66 -23.52 -11.24
C ASN B 233 -32.36 -23.24 -12.00
N LEU B 234 -31.91 -24.22 -12.79
CA LEU B 234 -30.71 -24.07 -13.59
C LEU B 234 -31.02 -23.22 -14.81
N GLY B 235 -30.06 -23.13 -15.73
CA GLY B 235 -30.22 -22.38 -16.95
C GLY B 235 -30.71 -23.30 -18.05
N ASP B 236 -31.92 -23.02 -18.53
CA ASP B 236 -32.47 -23.78 -19.65
C ASP B 236 -31.68 -23.54 -20.93
N ALA B 237 -30.91 -22.46 -20.99
CA ALA B 237 -30.03 -22.17 -22.10
C ALA B 237 -29.08 -21.07 -21.67
N PRO B 238 -27.88 -21.00 -22.23
CA PRO B 238 -26.92 -20.01 -21.75
C PRO B 238 -27.48 -18.60 -21.89
N ALA B 239 -27.27 -17.80 -20.85
CA ALA B 239 -27.96 -16.53 -20.72
C ALA B 239 -27.77 -15.66 -21.94
N ASP B 240 -26.55 -15.60 -22.46
CA ASP B 240 -26.29 -14.70 -23.57
C ASP B 240 -26.98 -15.17 -24.85
N SER B 241 -27.11 -16.48 -25.02
CA SER B 241 -27.85 -16.96 -26.19
C SER B 241 -29.32 -16.54 -26.11
N LEU B 242 -29.79 -16.22 -24.90
CA LEU B 242 -31.13 -15.68 -24.72
C LEU B 242 -31.15 -14.18 -24.90
N PHE B 243 -30.11 -13.48 -24.44
CA PHE B 243 -30.10 -12.05 -24.60
C PHE B 243 -29.85 -11.65 -26.05
N LYS B 244 -29.28 -12.56 -26.84
CA LYS B 244 -29.20 -12.32 -28.27
C LYS B 244 -30.57 -12.37 -28.92
N ARG B 245 -31.56 -12.99 -28.26
CA ARG B 245 -32.90 -12.95 -28.80
C ARG B 245 -33.39 -11.52 -28.86
N ILE B 246 -33.15 -10.74 -27.82
CA ILE B 246 -33.60 -9.34 -27.77
C ILE B 246 -32.50 -8.54 -28.44
N GLN B 247 -32.53 -8.51 -29.75
CA GLN B 247 -31.53 -7.77 -30.50
C GLN B 247 -32.09 -6.38 -30.78
N VAL B 248 -31.40 -5.36 -30.29
CA VAL B 248 -31.84 -3.99 -30.44
C VAL B 248 -30.89 -3.30 -31.38
N VAL B 249 -31.41 -2.72 -32.44
CA VAL B 249 -30.59 -2.02 -33.42
C VAL B 249 -31.26 -0.69 -33.71
N LYS B 250 -30.48 0.25 -34.24
CA LYS B 250 -31.10 1.44 -34.79
C LYS B 250 -31.97 1.04 -35.95
N LYS B 251 -33.00 1.84 -36.21
CA LYS B 251 -33.91 1.51 -37.29
C LYS B 251 -33.17 1.58 -38.63
N ASP B 252 -33.92 1.31 -39.70
CA ASP B 252 -33.35 1.18 -41.03
C ASP B 252 -32.32 2.25 -41.36
N GLY B 253 -32.71 3.52 -41.30
CA GLY B 253 -31.84 4.57 -41.79
C GLY B 253 -31.54 5.68 -40.82
N VAL B 254 -31.87 5.50 -39.54
CA VAL B 254 -31.58 6.55 -38.56
C VAL B 254 -30.09 6.52 -38.24
N GLU B 255 -29.37 7.55 -38.69
CA GLU B 255 -27.96 7.65 -38.36
C GLU B 255 -27.77 7.84 -36.86
N VAL B 256 -28.62 8.63 -36.25
CA VAL B 256 -28.60 8.90 -34.82
C VAL B 256 -30.01 8.74 -34.29
N VAL B 257 -30.09 8.40 -33.04
CA VAL B 257 -31.37 8.06 -32.43
C VAL B 257 -31.89 9.26 -31.68
N ARG B 258 -33.20 9.47 -31.77
CA ARG B 258 -33.86 10.55 -31.05
C ARG B 258 -34.96 10.06 -30.15
N SER B 259 -35.46 8.84 -30.37
CA SER B 259 -36.56 8.31 -29.58
C SER B 259 -36.59 6.81 -29.80
N PHE B 260 -37.42 6.14 -29.00
CA PHE B 260 -37.57 4.70 -29.15
C PHE B 260 -38.06 4.32 -30.52
N ASP B 261 -38.69 5.24 -31.24
CA ASP B 261 -39.03 4.97 -32.61
C ASP B 261 -37.85 4.98 -33.52
N ASP B 262 -36.65 5.17 -32.98
CA ASP B 262 -35.42 5.04 -33.75
C ASP B 262 -34.69 3.75 -33.41
N TYR B 263 -35.41 2.74 -32.95
CA TYR B 263 -34.79 1.52 -32.45
C TYR B 263 -35.71 0.35 -32.77
N LEU B 264 -35.31 -0.48 -33.72
CA LEU B 264 -35.95 -1.77 -33.89
C LEU B 264 -35.50 -2.67 -32.75
N VAL B 265 -36.41 -2.96 -31.82
CA VAL B 265 -36.16 -3.97 -30.81
C VAL B 265 -36.69 -5.27 -31.38
N SER B 266 -35.88 -5.90 -32.23
CA SER B 266 -36.27 -7.19 -32.77
C SER B 266 -36.16 -8.22 -31.67
N VAL B 267 -37.19 -9.04 -31.54
CA VAL B 267 -37.27 -10.06 -30.51
C VAL B 267 -37.74 -11.34 -31.16
N ASP B 268 -36.96 -12.40 -31.04
CA ASP B 268 -37.35 -13.70 -31.58
C ASP B 268 -37.44 -14.69 -30.44
N ASP B 269 -38.67 -15.10 -30.13
CA ASP B 269 -38.93 -16.18 -29.19
C ASP B 269 -39.17 -17.50 -29.91
N LYS B 270 -38.42 -17.72 -31.00
CA LYS B 270 -38.68 -18.86 -31.86
C LYS B 270 -38.41 -20.17 -31.14
N ASN B 271 -37.17 -20.38 -30.70
CA ASN B 271 -36.79 -21.67 -30.14
C ASN B 271 -36.62 -21.66 -28.62
N LEU B 272 -36.62 -20.49 -27.98
CA LEU B 272 -36.63 -20.49 -26.53
C LEU B 272 -37.87 -21.19 -25.98
N GLU B 273 -38.93 -21.26 -26.80
CA GLU B 273 -40.15 -21.96 -26.43
C GLU B 273 -39.86 -23.40 -26.04
N GLU B 274 -38.61 -23.84 -26.30
CA GLU B 274 -38.14 -25.13 -25.85
C GLU B 274 -38.53 -25.33 -24.39
N THR B 275 -37.97 -24.51 -23.50
CA THR B 275 -38.41 -24.48 -22.12
C THR B 275 -38.41 -23.08 -21.51
N LYS B 276 -38.07 -22.04 -22.26
CA LYS B 276 -38.09 -20.69 -21.73
C LYS B 276 -39.43 -20.04 -22.04
N LEU B 277 -39.87 -19.19 -21.14
CA LEU B 277 -41.00 -18.32 -21.41
C LEU B 277 -40.45 -16.92 -21.64
N LEU B 278 -40.61 -16.40 -22.86
CA LEU B 278 -40.24 -15.02 -23.10
C LEU B 278 -41.42 -14.16 -22.69
N ARG B 279 -41.38 -13.68 -21.46
CA ARG B 279 -42.42 -12.81 -20.92
C ARG B 279 -42.00 -11.38 -21.25
N LYS B 280 -42.63 -10.78 -22.25
CA LYS B 280 -42.30 -9.42 -22.65
C LYS B 280 -43.08 -8.48 -21.75
N LEU B 281 -42.59 -8.28 -20.52
CA LEU B 281 -43.37 -7.50 -19.58
C LEU B 281 -43.38 -6.03 -19.95
N GLY B 282 -42.22 -5.46 -20.25
CA GLY B 282 -42.12 -4.02 -20.38
C GLY B 282 -42.36 -3.44 -21.75
N GLY B 283 -42.46 -4.29 -22.76
CA GLY B 283 -42.68 -3.82 -24.12
C GLY B 283 -42.45 -4.87 -25.17
N THR C 1 23.03 -49.00 -19.95
CA THR C 1 24.39 -48.55 -20.22
C THR C 1 24.48 -47.91 -21.58
N ILE C 2 24.13 -46.62 -21.67
CA ILE C 2 24.27 -45.91 -22.93
C ILE C 2 25.74 -45.83 -23.28
N GLU C 3 26.01 -45.65 -24.58
CA GLU C 3 27.38 -45.60 -25.05
C GLU C 3 27.79 -44.22 -25.57
N LYS C 4 26.85 -43.30 -25.71
CA LYS C 4 27.18 -41.94 -26.08
C LYS C 4 27.07 -41.06 -24.84
N ARG C 5 27.53 -39.82 -24.95
CA ARG C 5 27.34 -38.83 -23.90
C ARG C 5 26.44 -37.74 -24.42
N TYR C 6 25.37 -37.44 -23.69
CA TYR C 6 24.37 -36.51 -24.17
C TYR C 6 24.45 -35.24 -23.37
N ASP C 7 24.31 -34.11 -24.05
CA ASP C 7 24.21 -32.82 -23.39
C ASP C 7 23.01 -32.14 -24.02
N PHE C 8 21.92 -32.04 -23.28
CA PHE C 8 20.71 -31.52 -23.89
C PHE C 8 20.38 -30.14 -23.34
N VAL C 9 19.74 -29.35 -24.18
CA VAL C 9 19.15 -28.09 -23.79
C VAL C 9 17.64 -28.33 -23.78
N PHE C 10 17.09 -28.52 -22.60
CA PHE C 10 15.65 -28.54 -22.43
C PHE C 10 15.18 -27.12 -22.25
N LEU C 11 14.08 -26.76 -22.89
CA LEU C 11 13.49 -25.45 -22.80
C LEU C 11 12.02 -25.69 -22.58
N PHE C 12 11.59 -25.55 -21.35
CA PHE C 12 10.17 -25.60 -21.06
C PHE C 12 9.71 -24.20 -20.74
N ASP C 13 8.42 -24.04 -20.54
CA ASP C 13 7.96 -22.72 -20.18
C ASP C 13 6.78 -22.85 -19.24
N VAL C 14 6.50 -21.77 -18.55
CA VAL C 14 5.36 -21.68 -17.66
C VAL C 14 4.45 -20.59 -18.18
N GLN C 15 3.19 -20.95 -18.41
CA GLN C 15 2.23 -19.96 -18.87
C GLN C 15 1.72 -19.14 -17.69
N ASP C 16 1.04 -19.80 -16.77
CA ASP C 16 0.48 -19.10 -15.59
C ASP C 16 0.60 -20.03 -14.40
N GLY C 17 1.66 -19.86 -13.64
CA GLY C 17 1.77 -20.61 -12.42
C GLY C 17 3.18 -20.65 -11.90
N ASN C 18 3.34 -21.35 -10.80
CA ASN C 18 4.62 -21.55 -10.15
C ASN C 18 5.37 -22.68 -10.83
N PRO C 19 6.36 -22.37 -11.67
CA PRO C 19 7.13 -23.46 -12.25
C PRO C 19 7.76 -24.29 -11.18
N ASN C 20 8.33 -23.60 -10.20
CA ASN C 20 8.87 -24.22 -9.00
C ASN C 20 8.87 -23.12 -7.95
N GLY C 21 7.88 -23.14 -7.07
CA GLY C 21 7.79 -22.14 -6.05
C GLY C 21 8.88 -22.28 -5.02
N ASP C 22 9.25 -21.17 -4.41
CA ASP C 22 10.33 -21.17 -3.43
C ASP C 22 9.73 -21.27 -2.05
N PRO C 23 9.87 -22.39 -1.35
CA PRO C 23 9.30 -22.49 0.00
C PRO C 23 9.85 -21.46 0.94
N ASP C 24 11.04 -20.94 0.65
CA ASP C 24 11.59 -19.79 1.33
C ASP C 24 10.80 -18.53 1.07
N ALA C 25 10.16 -18.43 -0.08
CA ALA C 25 9.38 -17.25 -0.43
C ALA C 25 7.94 -17.70 -0.63
N GLY C 26 7.24 -17.90 0.49
CA GLY C 26 5.92 -18.48 0.39
C GLY C 26 5.98 -19.61 -0.58
N ASN C 27 5.32 -19.43 -1.71
CA ASN C 27 5.51 -20.29 -2.86
C ASN C 27 5.91 -19.48 -4.07
N LEU C 28 6.58 -18.35 -3.87
CA LEU C 28 7.00 -17.52 -4.98
C LEU C 28 7.87 -18.36 -5.92
N PRO C 29 7.71 -18.22 -7.22
CA PRO C 29 8.59 -18.95 -8.12
C PRO C 29 10.02 -18.56 -7.85
N ARG C 30 10.92 -19.54 -7.90
CA ARG C 30 12.30 -19.24 -7.60
C ARG C 30 12.83 -18.22 -8.60
N ILE C 31 13.06 -17.00 -8.16
CA ILE C 31 13.66 -15.99 -8.99
C ILE C 31 15.12 -15.87 -8.62
N ASP C 32 15.97 -15.82 -9.62
CA ASP C 32 17.31 -15.34 -9.38
C ASP C 32 17.18 -13.86 -9.04
N PRO C 33 17.33 -13.47 -7.77
CA PRO C 33 16.97 -12.09 -7.41
C PRO C 33 17.70 -11.04 -8.21
N GLN C 34 18.97 -11.29 -8.56
CA GLN C 34 19.73 -10.33 -9.33
C GLN C 34 19.10 -10.01 -10.67
N THR C 35 18.73 -11.02 -11.44
CA THR C 35 18.17 -10.81 -12.75
C THR C 35 16.67 -10.96 -12.78
N GLY C 36 16.03 -11.28 -11.67
CA GLY C 36 14.63 -11.64 -11.72
C GLY C 36 14.34 -12.88 -12.51
N GLU C 37 15.34 -13.45 -13.16
CA GLU C 37 15.14 -14.66 -13.95
C GLU C 37 14.61 -15.76 -13.05
N GLY C 38 13.61 -16.46 -13.54
CA GLY C 38 13.07 -17.55 -12.77
C GLY C 38 14.09 -18.67 -12.60
N LEU C 39 13.82 -19.53 -11.65
CA LEU C 39 14.59 -20.73 -11.46
C LEU C 39 13.62 -21.87 -11.21
N VAL C 40 13.91 -23.01 -11.81
CA VAL C 40 13.21 -24.24 -11.55
C VAL C 40 14.30 -25.23 -11.19
N THR C 41 14.30 -25.68 -9.95
CA THR C 41 15.43 -26.42 -9.44
C THR C 41 15.71 -27.65 -10.27
N ASP C 42 16.88 -28.24 -10.05
CA ASP C 42 17.16 -29.55 -10.61
C ASP C 42 16.06 -30.49 -10.21
N VAL C 43 15.73 -30.49 -8.92
CA VAL C 43 14.84 -31.47 -8.35
C VAL C 43 13.44 -31.29 -8.85
N CYS C 44 13.06 -30.09 -9.30
CA CYS C 44 11.71 -29.93 -9.82
C CYS C 44 11.53 -30.71 -11.12
N LEU C 45 12.43 -30.51 -12.07
CA LEU C 45 12.29 -31.23 -13.32
C LEU C 45 12.65 -32.69 -13.16
N LYS C 46 13.56 -33.00 -12.25
CA LYS C 46 13.80 -34.39 -11.94
C LYS C 46 12.55 -35.04 -11.36
N ARG C 47 11.80 -34.31 -10.53
CA ARG C 47 10.56 -34.83 -9.98
C ARG C 47 9.49 -34.94 -11.04
N LYS C 48 9.50 -34.03 -12.00
CA LYS C 48 8.48 -34.13 -13.03
C LYS C 48 8.79 -35.29 -13.97
N VAL C 49 10.06 -35.59 -14.21
CA VAL C 49 10.42 -36.83 -14.88
C VAL C 49 10.00 -38.01 -14.02
N ARG C 50 10.23 -37.92 -12.72
CA ARG C 50 9.82 -38.99 -11.82
C ARG C 50 8.33 -39.23 -11.89
N ASN C 51 7.56 -38.16 -11.91
CA ASN C 51 6.11 -38.29 -12.02
C ASN C 51 5.74 -38.90 -13.35
N PHE C 52 6.43 -38.52 -14.42
CA PHE C 52 6.15 -39.11 -15.72
C PHE C 52 6.43 -40.60 -15.72
N ILE C 53 7.45 -41.04 -14.99
CA ILE C 53 7.74 -42.46 -14.97
C ILE C 53 6.89 -43.21 -13.95
N GLN C 54 6.35 -42.52 -12.95
CA GLN C 54 5.29 -43.11 -12.15
C GLN C 54 3.98 -43.20 -12.92
N MET C 55 3.83 -42.39 -13.95
CA MET C 55 2.62 -42.44 -14.77
C MET C 55 2.70 -43.49 -15.85
N THR C 56 3.78 -43.49 -16.62
CA THR C 56 3.79 -44.23 -17.87
C THR C 56 4.49 -45.57 -17.80
N GLN C 57 5.35 -45.81 -16.80
CA GLN C 57 6.09 -47.04 -16.82
C GLN C 57 5.56 -48.08 -15.84
N ASN C 58 5.50 -47.74 -14.56
CA ASN C 58 4.78 -48.51 -13.53
C ASN C 58 5.08 -50.01 -13.63
N ASP C 59 6.33 -50.35 -13.37
CA ASP C 59 6.71 -51.75 -13.23
C ASP C 59 8.04 -51.81 -12.49
N GLU C 60 8.40 -53.02 -12.07
CA GLU C 60 9.75 -53.24 -11.62
C GLU C 60 10.71 -52.86 -12.73
N HIS C 61 11.93 -52.49 -12.35
CA HIS C 61 12.96 -51.91 -13.20
C HIS C 61 12.66 -50.46 -13.54
N HIS C 62 11.54 -49.90 -13.08
CA HIS C 62 11.31 -48.48 -13.25
C HIS C 62 10.59 -47.86 -12.06
N ASP C 63 10.82 -48.38 -10.86
CA ASP C 63 10.27 -47.73 -9.67
C ASP C 63 10.91 -46.37 -9.53
N ILE C 64 10.49 -45.55 -8.57
CA ILE C 64 10.85 -44.13 -8.65
C ILE C 64 11.43 -43.56 -7.35
N PHE C 65 11.50 -44.36 -6.29
CA PHE C 65 12.11 -43.83 -5.07
C PHE C 65 11.27 -42.63 -4.66
N ILE C 66 10.10 -42.92 -4.09
CA ILE C 66 8.77 -42.56 -4.56
C ILE C 66 8.07 -41.46 -3.79
N ARG C 67 6.77 -41.36 -4.05
CA ARG C 67 5.81 -40.33 -3.70
C ARG C 67 5.56 -40.32 -2.19
N GLU C 68 4.49 -39.68 -1.76
CA GLU C 68 4.17 -39.33 -0.37
C GLU C 68 4.58 -40.35 0.67
N LYS C 69 3.94 -41.52 0.70
CA LYS C 69 4.29 -42.53 1.69
C LYS C 69 5.58 -43.20 1.26
N GLY C 70 6.61 -42.37 1.15
CA GLY C 70 7.86 -42.75 0.56
C GLY C 70 8.97 -42.82 1.56
N ILE C 71 8.76 -43.49 2.69
CA ILE C 71 9.86 -43.65 3.61
C ILE C 71 10.95 -44.28 2.77
N LEU C 72 12.02 -43.53 2.52
CA LEU C 72 12.99 -43.98 1.52
C LEU C 72 13.73 -45.20 2.01
N ASN C 73 13.93 -45.29 3.33
CA ASN C 73 14.56 -46.48 3.87
C ASN C 73 13.70 -47.71 3.64
N ASN C 74 12.38 -47.54 3.52
CA ASN C 74 11.54 -48.69 3.24
C ASN C 74 11.88 -49.30 1.89
N LEU C 75 12.52 -48.54 1.00
CA LEU C 75 13.00 -49.07 -0.27
C LEU C 75 14.46 -49.44 -0.20
N ILE C 76 15.25 -48.63 0.50
CA ILE C 76 16.67 -48.88 0.66
C ILE C 76 16.90 -50.21 1.38
N ASP C 77 16.18 -50.45 2.47
CA ASP C 77 16.24 -51.73 3.14
C ASP C 77 15.65 -52.83 2.28
N GLU C 78 14.62 -52.52 1.51
CA GLU C 78 14.07 -53.49 0.57
C GLU C 78 15.15 -54.00 -0.36
N ALA C 79 16.14 -53.16 -0.66
CA ALA C 79 17.31 -53.66 -1.39
C ALA C 79 18.03 -54.74 -0.62
N HIS C 80 18.19 -54.55 0.67
CA HIS C 80 19.00 -55.47 1.44
C HIS C 80 18.29 -56.78 1.72
N GLU C 81 17.00 -56.87 1.40
CA GLU C 81 16.29 -58.14 1.32
C GLU C 81 16.16 -58.49 -0.15
N GLN C 82 17.25 -58.98 -0.73
CA GLN C 82 17.32 -59.30 -2.15
C GLN C 82 18.33 -60.42 -2.33
N GLU C 83 18.84 -60.57 -3.54
CA GLU C 83 19.90 -61.54 -3.81
C GLU C 83 21.17 -61.23 -3.01
N ASN C 84 21.21 -60.10 -2.33
CA ASN C 84 22.40 -59.63 -1.64
C ASN C 84 22.19 -59.50 -0.14
N VAL C 85 21.32 -60.33 0.45
CA VAL C 85 20.99 -60.18 1.86
C VAL C 85 22.22 -60.34 2.73
N LYS C 86 22.97 -61.43 2.53
CA LYS C 86 24.09 -61.74 3.39
C LYS C 86 25.32 -62.22 2.66
N GLY C 87 25.21 -62.65 1.40
CA GLY C 87 26.38 -63.10 0.68
C GLY C 87 27.23 -61.99 0.13
N LYS C 88 26.82 -60.73 0.31
CA LYS C 88 27.52 -59.61 -0.26
C LYS C 88 28.23 -58.74 0.77
N GLU C 89 28.35 -59.20 2.02
CA GLU C 89 29.52 -58.84 2.82
C GLU C 89 29.69 -57.33 2.96
N LYS C 90 28.95 -56.70 3.88
CA LYS C 90 28.50 -55.31 3.81
C LYS C 90 29.35 -54.39 2.95
N GLY C 91 30.67 -54.48 3.05
CA GLY C 91 31.55 -53.72 2.18
C GLY C 91 31.07 -53.59 0.75
N GLU C 92 30.70 -54.72 0.13
CA GLU C 92 30.14 -54.69 -1.21
C GLU C 92 28.65 -55.01 -1.23
N LYS C 93 28.04 -55.30 -0.09
CA LYS C 93 26.58 -55.35 -0.03
C LYS C 93 25.98 -53.99 -0.32
N THR C 94 26.63 -52.93 0.13
CA THR C 94 26.20 -51.58 -0.21
C THR C 94 26.18 -51.37 -1.71
N GLU C 95 27.24 -51.79 -2.39
CA GLU C 95 27.29 -51.64 -3.84
C GLU C 95 26.27 -52.55 -4.52
N ALA C 96 26.08 -53.75 -3.99
CA ALA C 96 25.10 -54.65 -4.59
C ALA C 96 23.69 -54.09 -4.47
N ALA C 97 23.36 -53.50 -3.32
CA ALA C 97 22.07 -52.84 -3.17
C ALA C 97 21.96 -51.65 -4.10
N ARG C 98 23.03 -50.88 -4.19
CA ARG C 98 23.06 -49.74 -5.11
C ARG C 98 22.79 -50.19 -6.52
N GLN C 99 23.36 -51.31 -6.94
CA GLN C 99 23.06 -51.86 -8.25
C GLN C 99 21.65 -52.41 -8.33
N TYR C 100 21.09 -52.90 -7.22
CA TYR C 100 19.72 -53.36 -7.25
C TYR C 100 18.77 -52.21 -7.58
N MET C 101 18.95 -51.07 -6.93
CA MET C 101 18.17 -49.89 -7.31
C MET C 101 18.56 -49.35 -8.68
N CYS C 102 19.78 -49.48 -9.05
CA CYS C 102 20.03 -49.07 -10.42
C CYS C 102 19.58 -50.10 -11.41
N SER C 103 18.97 -51.18 -10.94
CA SER C 103 18.21 -52.06 -11.80
C SER C 103 16.72 -51.82 -11.70
N ARG C 104 16.24 -51.38 -10.54
CA ARG C 104 14.83 -51.27 -10.23
C ARG C 104 14.27 -49.86 -10.32
N TYR C 105 14.97 -48.87 -9.81
CA TYR C 105 14.38 -47.55 -9.62
C TYR C 105 14.82 -46.64 -10.76
N TYR C 106 13.93 -46.43 -11.73
CA TYR C 106 14.27 -45.60 -12.88
C TYR C 106 14.74 -44.24 -12.46
N ASP C 107 14.23 -43.74 -11.34
CA ASP C 107 14.74 -42.48 -10.85
C ASP C 107 16.18 -42.61 -10.43
N ILE C 108 16.55 -43.75 -9.85
CA ILE C 108 17.90 -43.93 -9.35
C ILE C 108 18.86 -44.26 -10.48
N ARG C 109 18.35 -44.81 -11.58
CA ARG C 109 19.17 -44.93 -12.78
C ARG C 109 19.34 -43.59 -13.45
N THR C 110 18.22 -42.94 -13.78
CA THR C 110 18.26 -41.70 -14.53
C THR C 110 18.98 -40.62 -13.75
N PHE C 111 18.39 -40.18 -12.66
CA PHE C 111 19.05 -39.29 -11.74
C PHE C 111 19.71 -40.16 -10.69
N GLY C 112 20.43 -39.55 -9.80
CA GLY C 112 21.02 -40.31 -8.72
C GLY C 112 20.01 -40.49 -7.61
N ALA C 113 20.54 -40.78 -6.44
CA ALA C 113 19.76 -40.85 -5.23
C ALA C 113 20.73 -40.99 -4.08
N VAL C 114 20.57 -40.17 -3.04
CA VAL C 114 21.37 -40.35 -1.84
C VAL C 114 20.69 -41.45 -1.04
N MET C 115 21.23 -42.66 -1.15
CA MET C 115 20.64 -43.84 -0.57
C MET C 115 21.42 -44.34 0.62
N THR C 116 22.33 -43.56 1.12
CA THR C 116 23.16 -44.00 2.21
C THR C 116 22.47 -43.91 3.51
N THR C 117 21.15 -43.76 3.45
CA THR C 117 20.40 -43.38 4.64
C THR C 117 20.09 -44.59 5.52
N GLY C 118 19.33 -45.54 5.01
CA GLY C 118 18.90 -46.64 5.85
C GLY C 118 19.99 -47.66 5.99
N LYS C 119 19.67 -48.94 5.79
CA LYS C 119 20.76 -49.89 5.64
C LYS C 119 21.48 -49.46 4.38
N ASN C 120 22.65 -48.84 4.55
CA ASN C 120 23.26 -48.03 3.50
C ASN C 120 23.18 -48.73 2.17
N ALA C 121 22.51 -48.09 1.23
CA ALA C 121 22.19 -48.69 -0.07
C ALA C 121 22.90 -47.97 -1.20
N GLY C 122 24.15 -47.64 -0.98
CA GLY C 122 24.90 -47.01 -2.03
C GLY C 122 24.55 -45.54 -2.15
N GLN C 123 25.13 -44.94 -3.17
CA GLN C 123 25.03 -43.51 -3.36
C GLN C 123 25.30 -43.27 -4.85
N VAL C 124 24.25 -43.09 -5.62
CA VAL C 124 24.38 -43.10 -7.07
C VAL C 124 24.49 -41.69 -7.59
N ARG C 125 25.32 -41.53 -8.61
CA ARG C 125 25.60 -40.23 -9.18
C ARG C 125 24.51 -39.76 -10.13
N GLY C 126 23.98 -40.66 -10.92
CA GLY C 126 22.89 -40.33 -11.79
C GLY C 126 23.43 -39.85 -13.11
N PRO C 127 23.33 -40.69 -14.13
CA PRO C 127 23.81 -40.27 -15.45
C PRO C 127 23.12 -39.03 -15.94
N VAL C 128 21.84 -38.88 -15.67
CA VAL C 128 21.11 -37.70 -16.09
C VAL C 128 21.18 -36.67 -14.98
N GLN C 129 21.74 -35.50 -15.29
CA GLN C 129 21.83 -34.42 -14.33
C GLN C 129 21.29 -33.17 -14.98
N LEU C 130 20.19 -32.68 -14.47
CA LEU C 130 19.65 -31.42 -14.97
C LEU C 130 20.30 -30.28 -14.21
N THR C 131 20.29 -29.11 -14.81
CA THR C 131 20.76 -27.92 -14.15
C THR C 131 19.59 -27.01 -13.86
N PHE C 132 19.75 -26.17 -12.83
CA PHE C 132 18.70 -25.24 -12.46
C PHE C 132 18.31 -24.43 -13.68
N SER C 133 17.11 -24.63 -14.17
CA SER C 133 16.67 -23.94 -15.36
C SER C 133 16.36 -22.50 -15.00
N ARG C 134 17.01 -21.56 -15.68
CA ARG C 134 16.71 -20.16 -15.53
C ARG C 134 15.85 -19.72 -16.69
N SER C 135 14.77 -19.02 -16.41
CA SER C 135 14.01 -18.40 -17.47
C SER C 135 14.93 -17.49 -18.26
N ILE C 136 14.77 -17.49 -19.57
CA ILE C 136 15.63 -16.69 -20.42
C ILE C 136 15.50 -15.22 -20.05
N ASP C 137 14.29 -14.77 -19.76
CA ASP C 137 14.01 -13.40 -19.38
C ASP C 137 13.51 -13.37 -17.94
N PRO C 138 13.60 -12.23 -17.28
CA PRO C 138 13.03 -12.13 -15.94
C PRO C 138 11.57 -12.53 -15.90
N ILE C 139 11.23 -13.52 -15.08
CA ILE C 139 9.84 -13.84 -14.88
C ILE C 139 9.21 -12.74 -14.04
N MET C 140 8.05 -12.26 -14.48
CA MET C 140 7.38 -11.19 -13.77
C MET C 140 6.31 -11.78 -12.86
N THR C 141 6.77 -12.54 -11.88
CA THR C 141 5.89 -13.22 -10.94
C THR C 141 4.79 -12.29 -10.46
N LEU C 142 3.55 -12.75 -10.60
CA LEU C 142 2.44 -11.83 -10.43
C LEU C 142 1.89 -11.80 -9.01
N GLU C 143 1.99 -12.89 -8.26
CA GLU C 143 1.69 -12.87 -6.84
C GLU C 143 0.23 -12.48 -6.59
N HIS C 144 -0.67 -13.30 -7.11
CA HIS C 144 -2.09 -13.05 -7.00
C HIS C 144 -2.57 -13.37 -5.60
N SER C 145 -3.29 -12.43 -5.00
CA SER C 145 -3.91 -12.66 -3.72
C SER C 145 -5.25 -13.31 -4.00
N ILE C 146 -5.28 -14.63 -3.97
CA ILE C 146 -6.53 -15.34 -4.10
C ILE C 146 -7.25 -15.24 -2.78
N THR C 147 -8.50 -15.67 -2.76
CA THR C 147 -9.32 -15.73 -1.56
C THR C 147 -9.82 -17.14 -1.41
N ARG C 148 -10.00 -17.60 -0.19
CA ARG C 148 -10.78 -18.79 0.05
C ARG C 148 -11.99 -18.39 0.86
N MET C 149 -13.14 -18.90 0.45
CA MET C 149 -14.41 -18.64 1.13
C MET C 149 -14.75 -19.77 2.07
N ALA C 150 -13.72 -20.30 2.73
CA ALA C 150 -13.84 -21.31 3.76
C ALA C 150 -12.59 -21.29 4.60
N VAL C 151 -12.72 -21.05 5.89
CA VAL C 151 -11.55 -21.07 6.76
C VAL C 151 -11.10 -22.51 6.92
N THR C 152 -9.82 -22.70 7.18
CA THR C 152 -9.33 -24.06 7.35
C THR C 152 -9.56 -24.57 8.77
N ASN C 153 -8.95 -23.92 9.74
CA ASN C 153 -9.04 -24.33 11.14
C ASN C 153 -10.08 -23.47 11.85
N GLU C 154 -10.23 -23.70 13.14
CA GLU C 154 -10.95 -22.75 13.98
C GLU C 154 -9.97 -21.64 14.32
N LYS C 155 -9.92 -20.66 13.43
CA LYS C 155 -8.90 -19.64 13.42
C LYS C 155 -9.05 -18.72 14.64
N ASP C 156 -7.98 -17.97 14.93
CA ASP C 156 -8.13 -16.80 15.79
C ASP C 156 -9.16 -15.84 15.22
N ALA C 157 -9.23 -15.75 13.89
CA ALA C 157 -10.31 -15.07 13.18
C ALA C 157 -10.93 -16.07 12.21
N SER C 158 -11.83 -16.90 12.73
CA SER C 158 -12.76 -17.69 11.93
C SER C 158 -14.14 -17.23 12.37
N GLU C 159 -14.29 -15.91 12.45
CA GLU C 159 -15.26 -15.27 13.32
C GLU C 159 -16.64 -15.25 12.66
N THR C 160 -17.53 -14.47 13.26
CA THR C 160 -18.97 -14.45 13.02
C THR C 160 -19.37 -14.51 11.54
N GLY C 161 -19.04 -13.46 10.80
CA GLY C 161 -19.67 -13.26 9.51
C GLY C 161 -19.25 -14.27 8.47
N ASP C 162 -18.00 -14.19 8.05
CA ASP C 162 -17.49 -15.08 7.01
C ASP C 162 -16.24 -15.77 7.53
N ASN C 163 -16.00 -16.96 7.01
CA ASN C 163 -14.76 -17.67 7.24
C ASN C 163 -13.94 -17.57 5.97
N ARG C 164 -12.75 -16.99 6.08
CA ARG C 164 -11.98 -16.65 4.89
C ARG C 164 -10.50 -16.78 5.20
N THR C 165 -9.75 -17.32 4.23
CA THR C 165 -8.33 -17.62 4.38
C THR C 165 -7.57 -17.18 3.14
N MET C 166 -7.62 -15.89 2.84
CA MET C 166 -7.27 -15.35 1.54
C MET C 166 -6.11 -16.02 0.83
N GLY C 167 -4.91 -15.89 1.34
CA GLY C 167 -3.79 -16.56 0.71
C GLY C 167 -3.29 -15.98 -0.61
N ARG C 168 -2.33 -16.68 -1.19
CA ARG C 168 -1.52 -16.23 -2.31
C ARG C 168 -1.37 -17.34 -3.33
N LYS C 169 -1.57 -17.00 -4.60
CA LYS C 169 -1.32 -17.93 -5.69
C LYS C 169 -0.38 -17.21 -6.64
N PHE C 170 0.91 -17.33 -6.37
CA PHE C 170 1.91 -16.72 -7.22
C PHE C 170 1.92 -17.41 -8.57
N THR C 171 1.99 -16.63 -9.62
CA THR C 171 2.08 -17.17 -10.96
C THR C 171 3.14 -16.42 -11.75
N VAL C 172 3.80 -17.13 -12.64
CA VAL C 172 4.65 -16.53 -13.65
C VAL C 172 3.78 -16.25 -14.87
N PRO C 173 3.62 -15.00 -15.28
CA PRO C 173 2.81 -14.72 -16.46
C PRO C 173 3.36 -15.37 -17.71
N TYR C 174 4.67 -15.51 -17.80
CA TYR C 174 5.31 -16.40 -18.75
C TYR C 174 6.77 -16.50 -18.43
N GLY C 175 7.31 -17.70 -18.47
CA GLY C 175 8.73 -17.86 -18.29
C GLY C 175 9.27 -18.98 -19.15
N LEU C 176 10.25 -18.68 -20.01
CA LEU C 176 10.85 -19.71 -20.84
C LEU C 176 12.09 -20.21 -20.14
N TYR C 177 11.93 -21.26 -19.37
CA TYR C 177 13.03 -21.80 -18.58
C TYR C 177 13.92 -22.68 -19.43
N ARG C 178 15.21 -22.47 -19.29
CA ARG C 178 16.22 -23.20 -20.05
C ARG C 178 16.98 -24.09 -19.08
N CYS C 179 16.58 -25.35 -19.03
CA CYS C 179 17.33 -26.36 -18.31
C CYS C 179 18.44 -26.85 -19.21
N HIS C 180 19.63 -27.01 -18.65
CA HIS C 180 20.70 -27.71 -19.31
C HIS C 180 20.83 -29.06 -18.63
N GLY C 181 21.14 -30.09 -19.40
CA GLY C 181 21.18 -31.43 -18.86
C GLY C 181 22.35 -32.20 -19.42
N PHE C 182 22.86 -33.11 -18.60
CA PHE C 182 24.08 -33.83 -18.90
C PHE C 182 23.84 -35.29 -18.60
N ILE C 183 23.86 -36.11 -19.65
CA ILE C 183 23.66 -37.54 -19.50
C ILE C 183 24.99 -38.18 -19.75
N SER C 184 25.72 -38.45 -18.67
CA SER C 184 27.12 -38.86 -18.76
C SER C 184 27.19 -40.36 -18.89
N THR C 185 27.95 -40.82 -19.89
CA THR C 185 28.09 -42.26 -20.08
C THR C 185 28.73 -42.92 -18.86
N HIS C 186 29.65 -42.22 -18.21
CA HIS C 186 30.41 -42.87 -17.15
C HIS C 186 29.51 -43.32 -16.01
N PHE C 187 28.55 -42.49 -15.64
CA PHE C 187 27.60 -42.89 -14.62
C PHE C 187 26.43 -43.66 -15.18
N ALA C 188 26.23 -43.62 -16.49
CA ALA C 188 25.34 -44.57 -17.11
C ALA C 188 25.93 -45.98 -17.11
N LYS C 189 27.20 -46.12 -16.80
CA LYS C 189 27.79 -47.44 -16.67
C LYS C 189 27.58 -48.02 -15.28
N GLN C 190 27.61 -47.20 -14.25
CA GLN C 190 27.48 -47.74 -12.90
C GLN C 190 26.01 -47.93 -12.54
N THR C 191 25.13 -47.13 -13.13
CA THR C 191 23.70 -47.30 -12.84
C THR C 191 22.98 -48.13 -13.88
N GLY C 192 23.66 -48.54 -14.95
CA GLY C 192 22.96 -49.29 -15.96
C GLY C 192 21.92 -48.50 -16.71
N PHE C 193 22.06 -47.17 -16.74
CA PHE C 193 21.16 -46.33 -17.48
C PHE C 193 21.15 -46.74 -18.94
N SER C 194 20.07 -47.37 -19.39
CA SER C 194 20.06 -47.94 -20.72
C SER C 194 19.66 -46.90 -21.75
N GLU C 195 19.95 -47.19 -23.01
CA GLU C 195 19.40 -46.39 -24.08
C GLU C 195 17.89 -46.35 -24.00
N ASN C 196 17.29 -47.46 -23.57
CA ASN C 196 15.86 -47.45 -23.30
C ASN C 196 15.52 -46.51 -22.16
N ASP C 197 16.30 -46.59 -21.07
CA ASP C 197 16.08 -45.69 -19.94
C ASP C 197 16.36 -44.25 -20.31
N LEU C 198 17.00 -44.02 -21.45
CA LEU C 198 17.28 -42.69 -21.95
C LEU C 198 16.16 -42.18 -22.85
N GLU C 199 15.63 -43.05 -23.70
CA GLU C 199 14.45 -42.66 -24.47
C GLU C 199 13.26 -42.43 -23.57
N LEU C 200 13.18 -43.17 -22.46
CA LEU C 200 12.16 -42.85 -21.47
C LEU C 200 12.37 -41.46 -20.91
N PHE C 201 13.62 -41.08 -20.68
CA PHE C 201 13.87 -39.74 -20.15
C PHE C 201 13.60 -38.67 -21.20
N TRP C 202 13.86 -38.96 -22.48
CA TRP C 202 13.53 -38.00 -23.52
C TRP C 202 12.02 -37.80 -23.60
N GLN C 203 11.28 -38.91 -23.61
CA GLN C 203 9.83 -38.80 -23.56
C GLN C 203 9.40 -38.03 -22.33
N ALA C 204 10.04 -38.30 -21.20
CA ALA C 204 9.66 -37.64 -19.96
C ALA C 204 9.85 -36.14 -20.06
N LEU C 205 11.00 -35.71 -20.58
CA LEU C 205 11.23 -34.28 -20.71
C LEU C 205 10.25 -33.64 -21.68
N VAL C 206 9.97 -34.32 -22.79
CA VAL C 206 9.08 -33.74 -23.79
C VAL C 206 7.66 -33.64 -23.24
N ASN C 207 7.23 -34.61 -22.45
CA ASN C 207 5.82 -34.73 -22.11
C ASN C 207 5.51 -34.57 -20.64
N MET C 208 6.47 -34.15 -19.81
CA MET C 208 6.28 -34.23 -18.37
C MET C 208 5.57 -33.03 -17.79
N PHE C 209 5.35 -31.98 -18.56
CA PHE C 209 4.52 -30.88 -18.11
C PHE C 209 3.10 -31.00 -18.61
N ASP C 210 2.90 -31.69 -19.71
CA ASP C 210 1.56 -32.01 -20.17
C ASP C 210 0.83 -32.86 -19.14
N HIS C 211 1.58 -33.51 -18.26
CA HIS C 211 1.02 -34.45 -17.30
C HIS C 211 1.15 -34.01 -15.86
N ASP C 212 2.11 -33.16 -15.53
CA ASP C 212 2.30 -32.68 -14.16
C ASP C 212 1.73 -31.28 -14.07
N HIS C 213 0.42 -31.21 -13.90
CA HIS C 213 -0.29 -29.95 -13.82
C HIS C 213 -0.85 -29.75 -12.43
N SER C 214 -1.17 -28.50 -12.13
CA SER C 214 -1.59 -28.14 -10.79
C SER C 214 -2.26 -26.78 -10.82
N ALA C 215 -2.97 -26.48 -9.73
CA ALA C 215 -3.41 -25.11 -9.53
C ALA C 215 -2.22 -24.20 -9.35
N ALA C 216 -1.17 -24.69 -8.70
CA ALA C 216 -0.02 -23.84 -8.42
C ALA C 216 0.69 -23.43 -9.70
N ARG C 217 1.01 -24.40 -10.56
CA ARG C 217 1.80 -24.11 -11.74
C ARG C 217 0.98 -23.85 -12.99
N GLY C 218 -0.30 -24.16 -12.96
CA GLY C 218 -1.10 -23.91 -14.15
C GLY C 218 -0.49 -24.62 -15.32
N GLN C 219 -0.20 -23.87 -16.37
CA GLN C 219 0.18 -24.46 -17.65
C GLN C 219 1.68 -24.33 -17.84
N MET C 220 2.35 -25.46 -17.94
CA MET C 220 3.75 -25.52 -18.33
C MET C 220 3.87 -26.44 -19.52
N ASN C 221 4.79 -26.12 -20.42
CA ASN C 221 4.97 -26.93 -21.62
C ASN C 221 6.45 -27.11 -21.86
N ALA C 222 6.79 -28.24 -22.46
CA ALA C 222 8.15 -28.46 -22.93
C ALA C 222 8.27 -27.83 -24.30
N ARG C 223 9.07 -26.77 -24.41
CA ARG C 223 9.15 -26.00 -25.64
C ARG C 223 10.31 -26.40 -26.52
N GLY C 224 11.10 -27.38 -26.11
CA GLY C 224 12.12 -27.87 -27.01
C GLY C 224 13.27 -28.56 -26.33
N LEU C 225 13.68 -29.71 -26.86
CA LEU C 225 14.68 -30.54 -26.22
C LEU C 225 15.75 -30.85 -27.25
N TYR C 226 16.80 -30.05 -27.29
CA TYR C 226 17.88 -30.21 -28.26
C TYR C 226 18.99 -31.00 -27.62
N VAL C 227 19.14 -32.25 -28.03
CA VAL C 227 20.08 -33.17 -27.42
C VAL C 227 21.34 -33.21 -28.28
N PHE C 228 22.49 -33.10 -27.66
CA PHE C 228 23.77 -33.19 -28.32
C PHE C 228 24.39 -34.52 -27.93
N GLU C 229 24.28 -35.49 -28.82
CA GLU C 229 24.81 -36.82 -28.61
C GLU C 229 26.22 -36.85 -29.17
N HIS C 230 27.21 -37.10 -28.31
CA HIS C 230 28.60 -37.06 -28.71
C HIS C 230 29.06 -38.45 -29.11
N SER C 231 29.96 -38.51 -30.08
CA SER C 231 30.38 -39.81 -30.60
C SER C 231 31.08 -40.62 -29.52
N ASN C 232 31.78 -39.96 -28.62
CA ASN C 232 32.52 -40.69 -27.61
C ASN C 232 31.80 -40.64 -26.27
N ASN C 233 32.10 -41.61 -25.42
CA ASN C 233 31.68 -41.51 -24.03
C ASN C 233 32.36 -40.36 -23.32
N LEU C 234 33.42 -39.81 -23.91
CA LEU C 234 33.96 -38.52 -23.54
C LEU C 234 33.08 -37.44 -24.15
N GLY C 235 33.55 -36.20 -24.16
CA GLY C 235 32.81 -35.16 -24.84
C GLY C 235 33.45 -34.77 -26.15
N ASP C 236 32.68 -34.82 -27.23
CA ASP C 236 33.19 -34.35 -28.52
C ASP C 236 33.54 -32.87 -28.46
N ALA C 237 32.73 -32.09 -27.77
CA ALA C 237 32.93 -30.66 -27.64
C ALA C 237 32.62 -30.28 -26.20
N PRO C 238 33.12 -29.13 -25.74
CA PRO C 238 32.71 -28.64 -24.43
C PRO C 238 31.21 -28.43 -24.41
N ALA C 239 30.59 -28.78 -23.28
CA ALA C 239 29.14 -28.74 -23.19
C ALA C 239 28.60 -27.35 -23.46
N ASP C 240 29.20 -26.33 -22.84
CA ASP C 240 28.67 -25.00 -23.02
C ASP C 240 28.85 -24.49 -24.44
N SER C 241 29.88 -24.95 -25.14
CA SER C 241 29.98 -24.63 -26.55
C SER C 241 28.76 -25.14 -27.30
N LEU C 242 28.14 -26.20 -26.81
CA LEU C 242 26.93 -26.73 -27.39
C LEU C 242 25.68 -26.09 -26.83
N PHE C 243 25.75 -25.46 -25.68
CA PHE C 243 24.54 -24.89 -25.13
C PHE C 243 24.35 -23.46 -25.59
N LYS C 244 25.41 -22.66 -25.64
CA LYS C 244 25.33 -21.40 -26.35
C LYS C 244 24.98 -21.61 -27.80
N ARG C 245 25.22 -22.82 -28.31
CA ARG C 245 24.82 -23.18 -29.65
C ARG C 245 23.32 -23.08 -29.84
N ILE C 246 22.56 -23.42 -28.80
CA ILE C 246 21.11 -23.25 -28.83
C ILE C 246 20.78 -21.93 -28.16
N GLN C 247 20.80 -20.83 -28.90
CA GLN C 247 20.57 -19.55 -28.25
C GLN C 247 19.10 -19.17 -28.37
N VAL C 248 18.51 -18.86 -27.23
CA VAL C 248 17.12 -18.47 -27.11
C VAL C 248 17.07 -17.01 -26.72
N VAL C 249 16.49 -16.19 -27.57
CA VAL C 249 16.42 -14.77 -27.31
C VAL C 249 14.97 -14.33 -27.42
N LYS C 250 14.57 -13.42 -26.56
CA LYS C 250 13.24 -12.84 -26.71
C LYS C 250 13.12 -12.27 -28.11
N LYS C 251 11.91 -12.31 -28.64
CA LYS C 251 11.68 -11.93 -30.02
C LYS C 251 12.16 -10.50 -30.23
N ASP C 252 12.31 -10.13 -31.51
CA ASP C 252 12.97 -8.90 -31.92
C ASP C 252 12.67 -7.71 -31.01
N GLY C 253 11.38 -7.43 -30.79
CA GLY C 253 11.02 -6.25 -30.06
C GLY C 253 9.94 -6.44 -29.01
N VAL C 254 9.91 -7.59 -28.37
CA VAL C 254 8.97 -7.80 -27.27
C VAL C 254 9.63 -7.36 -25.97
N GLU C 255 9.04 -6.37 -25.31
CA GLU C 255 9.64 -5.84 -24.10
C GLU C 255 9.39 -6.77 -22.92
N VAL C 256 8.23 -7.42 -22.90
CA VAL C 256 7.91 -8.45 -21.92
C VAL C 256 7.33 -9.63 -22.66
N VAL C 257 7.73 -10.83 -22.28
CA VAL C 257 7.40 -12.02 -23.03
C VAL C 257 6.12 -12.62 -22.49
N ARG C 258 5.18 -12.93 -23.38
CA ARG C 258 3.92 -13.52 -23.00
C ARG C 258 3.82 -14.99 -23.37
N SER C 259 4.57 -15.44 -24.36
CA SER C 259 4.49 -16.82 -24.78
C SER C 259 5.76 -17.19 -25.50
N PHE C 260 5.87 -18.48 -25.85
CA PHE C 260 6.96 -18.92 -26.69
C PHE C 260 6.99 -18.15 -27.99
N ASP C 261 5.83 -17.70 -28.46
CA ASP C 261 5.77 -16.88 -29.66
C ASP C 261 6.55 -15.58 -29.51
N ASP C 262 6.82 -15.17 -28.28
CA ASP C 262 7.66 -14.01 -28.02
C ASP C 262 9.11 -14.39 -27.75
N TYR C 263 9.47 -15.67 -27.95
CA TYR C 263 10.86 -16.07 -27.97
C TYR C 263 11.22 -16.66 -29.31
N LEU C 264 12.52 -16.69 -29.57
CA LEU C 264 13.08 -17.22 -30.80
C LEU C 264 14.20 -18.15 -30.37
N VAL C 265 14.04 -19.44 -30.64
CA VAL C 265 15.02 -20.44 -30.30
C VAL C 265 15.77 -20.76 -31.57
N SER C 266 16.94 -20.15 -31.75
CA SER C 266 17.77 -20.42 -32.91
C SER C 266 18.85 -21.41 -32.50
N VAL C 267 18.86 -22.55 -33.17
CA VAL C 267 19.89 -23.56 -32.97
C VAL C 267 21.00 -23.30 -33.99
N ASP C 268 22.19 -23.82 -33.70
CA ASP C 268 23.32 -23.67 -34.61
C ASP C 268 23.83 -25.07 -34.88
N ASP C 269 23.23 -25.73 -35.86
CA ASP C 269 23.66 -27.07 -36.26
C ASP C 269 24.65 -27.01 -37.41
N LYS C 270 25.46 -25.96 -37.48
CA LYS C 270 26.32 -25.76 -38.64
C LYS C 270 27.67 -26.42 -38.49
N ASN C 271 28.24 -26.40 -37.29
CA ASN C 271 29.60 -26.89 -37.09
C ASN C 271 29.69 -28.11 -36.17
N LEU C 272 28.62 -28.47 -35.48
CA LEU C 272 28.67 -29.62 -34.59
C LEU C 272 28.92 -30.92 -35.34
N GLU C 273 28.78 -30.91 -36.66
CA GLU C 273 28.90 -32.12 -37.46
C GLU C 273 30.33 -32.65 -37.43
N GLU C 274 31.16 -32.07 -36.56
CA GLU C 274 32.50 -32.57 -36.29
C GLU C 274 32.42 -34.09 -36.18
N THR C 275 31.72 -34.59 -35.17
CA THR C 275 31.18 -35.93 -35.24
C THR C 275 29.85 -36.01 -34.49
N LYS C 276 29.36 -34.89 -33.98
CA LYS C 276 28.30 -34.84 -32.98
C LYS C 276 26.94 -34.95 -33.67
N LEU C 277 25.89 -35.17 -32.88
CA LEU C 277 24.53 -35.19 -33.42
C LEU C 277 23.65 -34.28 -32.60
N LEU C 278 23.10 -33.24 -33.22
CA LEU C 278 22.05 -32.44 -32.57
C LEU C 278 20.72 -33.04 -33.01
N ARG C 279 20.07 -33.75 -32.11
CA ARG C 279 18.77 -34.33 -32.36
C ARG C 279 17.75 -33.48 -31.61
N LYS C 280 16.87 -32.82 -32.37
CA LYS C 280 15.94 -31.85 -31.82
C LYS C 280 14.63 -32.57 -31.51
N LEU C 281 14.30 -32.67 -30.23
CA LEU C 281 13.18 -33.50 -29.81
C LEU C 281 11.91 -32.71 -29.56
N GLY C 282 12.03 -31.44 -29.18
CA GLY C 282 10.85 -30.63 -28.94
C GLY C 282 10.78 -29.43 -29.85
N GLY C 283 11.93 -28.92 -30.27
CA GLY C 283 11.99 -27.73 -31.09
C GLY C 283 12.07 -28.00 -32.58
N THR D 1 -50.06 17.61 1.23
CA THR D 1 -49.37 17.61 -0.05
C THR D 1 -50.32 17.26 -1.16
N ILE D 2 -49.80 16.70 -2.24
CA ILE D 2 -50.62 16.24 -3.35
C ILE D 2 -50.72 14.74 -3.29
N GLU D 3 -51.85 14.21 -3.77
CA GLU D 3 -52.12 12.79 -3.71
C GLU D 3 -52.26 12.16 -5.08
N LYS D 4 -52.19 12.94 -6.14
CA LYS D 4 -52.26 12.42 -7.50
C LYS D 4 -50.92 12.65 -8.18
N ARG D 5 -50.43 11.65 -8.88
CA ARG D 5 -49.24 11.84 -9.69
C ARG D 5 -49.65 12.47 -11.00
N TYR D 6 -48.99 13.55 -11.38
CA TYR D 6 -49.33 14.26 -12.61
C TYR D 6 -48.19 14.08 -13.59
N ASP D 7 -48.53 14.12 -14.87
CA ASP D 7 -47.54 14.16 -15.94
C ASP D 7 -48.07 15.10 -17.00
N PHE D 8 -47.40 16.20 -17.23
CA PHE D 8 -47.97 17.23 -18.09
C PHE D 8 -47.09 17.44 -19.32
N VAL D 9 -47.72 17.40 -20.49
CA VAL D 9 -47.08 17.88 -21.71
C VAL D 9 -47.32 19.39 -21.72
N PHE D 10 -46.28 20.14 -21.40
CA PHE D 10 -46.37 21.58 -21.47
C PHE D 10 -45.80 22.07 -22.78
N LEU D 11 -46.65 22.29 -23.76
CA LEU D 11 -46.26 22.91 -25.00
C LEU D 11 -46.27 24.41 -24.78
N PHE D 12 -45.15 25.05 -25.05
CA PHE D 12 -45.12 26.49 -25.13
C PHE D 12 -44.50 26.84 -26.46
N ASP D 13 -44.55 28.09 -26.84
CA ASP D 13 -43.98 28.46 -28.11
C ASP D 13 -43.23 29.76 -27.98
N VAL D 14 -42.21 29.92 -28.81
CA VAL D 14 -41.49 31.17 -28.94
C VAL D 14 -41.85 31.77 -30.28
N GLN D 15 -42.33 33.01 -30.26
CA GLN D 15 -42.81 33.62 -31.49
C GLN D 15 -41.65 34.23 -32.28
N ASP D 16 -40.91 35.13 -31.66
CA ASP D 16 -39.70 35.67 -32.29
C ASP D 16 -38.74 35.99 -31.15
N GLY D 17 -37.89 35.02 -30.83
CA GLY D 17 -36.99 35.26 -29.74
C GLY D 17 -36.20 34.03 -29.39
N ASN D 18 -35.40 34.22 -28.38
CA ASN D 18 -34.46 33.22 -27.90
C ASN D 18 -35.13 32.46 -26.77
N PRO D 19 -35.75 31.33 -27.06
CA PRO D 19 -36.44 30.60 -26.00
C PRO D 19 -35.52 30.23 -24.87
N ASN D 20 -34.34 29.75 -25.20
CA ASN D 20 -33.36 29.36 -24.21
C ASN D 20 -32.00 29.46 -24.87
N GLY D 21 -31.30 30.56 -24.65
CA GLY D 21 -29.98 30.70 -25.23
C GLY D 21 -29.06 29.61 -24.70
N ASP D 22 -28.16 29.15 -25.56
CA ASP D 22 -27.19 28.15 -25.17
C ASP D 22 -25.93 28.87 -24.73
N PRO D 23 -25.58 28.87 -23.45
CA PRO D 23 -24.31 29.48 -23.05
C PRO D 23 -23.13 28.84 -23.73
N ASP D 24 -23.23 27.55 -24.04
CA ASP D 24 -22.21 26.90 -24.86
C ASP D 24 -22.26 27.35 -26.30
N ALA D 25 -23.41 27.76 -26.81
CA ALA D 25 -23.53 28.23 -28.19
C ALA D 25 -24.05 29.65 -28.12
N GLY D 26 -23.16 30.58 -27.82
CA GLY D 26 -23.49 31.98 -27.66
C GLY D 26 -24.73 32.28 -26.86
N ASN D 27 -25.69 32.91 -27.52
CA ASN D 27 -27.03 32.95 -26.97
C ASN D 27 -27.97 32.23 -27.91
N LEU D 28 -27.43 31.40 -28.80
CA LEU D 28 -28.28 30.67 -29.73
C LEU D 28 -29.26 29.83 -28.94
N PRO D 29 -30.50 29.73 -29.39
CA PRO D 29 -31.43 28.82 -28.73
C PRO D 29 -30.83 27.43 -28.72
N ARG D 30 -30.93 26.77 -27.58
CA ARG D 30 -30.41 25.42 -27.50
C ARG D 30 -31.07 24.59 -28.57
N ILE D 31 -30.29 24.06 -29.48
CA ILE D 31 -30.80 23.17 -30.50
C ILE D 31 -30.46 21.75 -30.09
N ASP D 32 -31.24 20.81 -30.55
CA ASP D 32 -30.79 19.45 -30.59
C ASP D 32 -29.99 19.26 -31.86
N PRO D 33 -28.73 18.93 -31.77
CA PRO D 33 -27.89 18.84 -32.95
C PRO D 33 -28.47 17.92 -34.00
N GLN D 34 -28.73 16.68 -33.60
CA GLN D 34 -29.09 15.63 -34.52
C GLN D 34 -30.33 15.96 -35.32
N THR D 35 -31.19 16.84 -34.82
CA THR D 35 -32.42 17.14 -35.51
C THR D 35 -32.70 18.62 -35.68
N GLY D 36 -31.88 19.51 -35.15
CA GLY D 36 -32.13 20.92 -35.28
C GLY D 36 -33.28 21.43 -34.44
N GLU D 37 -33.92 20.56 -33.67
CA GLU D 37 -35.05 20.95 -32.86
C GLU D 37 -34.57 21.71 -31.64
N GLY D 38 -35.19 22.84 -31.38
CA GLY D 38 -34.77 23.66 -30.24
C GLY D 38 -34.97 22.93 -28.93
N LEU D 39 -34.12 23.25 -27.98
CA LEU D 39 -34.24 22.76 -26.63
C LEU D 39 -34.45 23.94 -25.70
N VAL D 40 -35.44 23.86 -24.83
CA VAL D 40 -35.56 24.78 -23.72
C VAL D 40 -35.24 23.97 -22.48
N THR D 41 -34.27 24.45 -21.71
CA THR D 41 -33.73 23.64 -20.64
C THR D 41 -34.82 23.32 -19.62
N ASP D 42 -34.60 22.26 -18.87
CA ASP D 42 -35.35 22.00 -17.66
C ASP D 42 -35.54 23.31 -16.93
N VAL D 43 -34.40 23.96 -16.69
CA VAL D 43 -34.31 25.07 -15.77
C VAL D 43 -34.76 26.36 -16.37
N CYS D 44 -34.83 26.46 -17.70
CA CYS D 44 -35.43 27.65 -18.29
C CYS D 44 -36.88 27.75 -17.87
N LEU D 45 -37.65 26.70 -18.09
CA LEU D 45 -39.05 26.70 -17.67
C LEU D 45 -39.17 26.72 -16.17
N LYS D 46 -38.31 25.97 -15.49
CA LYS D 46 -38.37 26.01 -14.04
C LYS D 46 -38.16 27.42 -13.52
N ARG D 47 -37.27 28.18 -14.16
CA ARG D 47 -36.99 29.55 -13.76
C ARG D 47 -38.11 30.49 -14.16
N LYS D 48 -38.74 30.23 -15.30
CA LYS D 48 -39.93 31.02 -15.61
C LYS D 48 -40.98 30.80 -14.55
N VAL D 49 -41.14 29.56 -14.10
CA VAL D 49 -42.06 29.28 -13.00
C VAL D 49 -41.64 30.05 -11.77
N ARG D 50 -40.34 30.02 -11.44
CA ARG D 50 -39.88 30.73 -10.25
C ARG D 50 -40.17 32.20 -10.36
N ASN D 51 -39.88 32.80 -11.50
CA ASN D 51 -40.08 34.23 -11.66
C ASN D 51 -41.55 34.58 -11.59
N PHE D 52 -42.41 33.76 -12.16
CA PHE D 52 -43.84 34.01 -12.02
C PHE D 52 -44.25 33.94 -10.57
N ILE D 53 -43.78 32.93 -9.85
CA ILE D 53 -44.16 32.79 -8.45
C ILE D 53 -43.60 33.95 -7.64
N GLN D 54 -42.42 34.44 -8.01
CA GLN D 54 -41.86 35.61 -7.37
C GLN D 54 -42.76 36.82 -7.58
N MET D 55 -43.29 36.95 -8.79
CA MET D 55 -44.21 38.04 -9.08
C MET D 55 -45.47 37.96 -8.25
N THR D 56 -46.12 36.80 -8.28
CA THR D 56 -47.52 36.73 -7.86
C THR D 56 -47.66 36.53 -6.37
N GLN D 57 -46.65 35.98 -5.71
CA GLN D 57 -46.84 35.56 -4.33
C GLN D 57 -46.47 36.66 -3.34
N ASN D 58 -45.21 37.08 -3.35
CA ASN D 58 -44.73 38.12 -2.44
C ASN D 58 -45.16 37.84 -1.00
N ASP D 59 -44.93 36.61 -0.56
CA ASP D 59 -45.27 36.25 0.80
C ASP D 59 -44.36 35.12 1.27
N GLU D 60 -44.46 34.81 2.55
CA GLU D 60 -43.82 33.61 3.06
C GLU D 60 -44.50 32.39 2.45
N HIS D 61 -43.86 31.24 2.63
CA HIS D 61 -44.37 29.98 2.09
C HIS D 61 -44.41 30.00 0.57
N HIS D 62 -43.92 31.07 -0.05
CA HIS D 62 -43.78 31.08 -1.49
C HIS D 62 -42.55 31.84 -1.93
N ASP D 63 -41.54 31.90 -1.07
CA ASP D 63 -40.26 32.46 -1.45
C ASP D 63 -39.68 31.64 -2.59
N ILE D 64 -38.63 32.14 -3.22
CA ILE D 64 -38.28 31.70 -4.57
C ILE D 64 -36.87 31.14 -4.70
N PHE D 65 -35.99 31.26 -3.70
CA PHE D 65 -34.67 30.65 -3.81
C PHE D 65 -33.95 31.21 -5.03
N ILE D 66 -33.55 32.46 -4.87
CA ILE D 66 -33.97 33.61 -5.68
C ILE D 66 -32.94 34.12 -6.66
N ARG D 67 -33.27 35.27 -7.25
CA ARG D 67 -32.67 35.91 -8.41
C ARG D 67 -31.33 36.51 -8.00
N GLU D 68 -30.82 37.47 -8.76
CA GLU D 68 -29.45 37.98 -8.71
C GLU D 68 -28.81 37.96 -7.34
N LYS D 69 -29.30 38.77 -6.41
CA LYS D 69 -28.71 38.76 -5.06
C LYS D 69 -29.18 37.52 -4.32
N GLY D 70 -28.84 36.37 -4.90
CA GLY D 70 -29.37 35.11 -4.49
C GLY D 70 -28.31 34.14 -3.99
N ILE D 71 -27.39 34.61 -3.15
CA ILE D 71 -26.44 33.68 -2.58
C ILE D 71 -27.26 32.61 -1.88
N LEU D 72 -27.22 31.38 -2.40
CA LEU D 72 -28.12 30.36 -1.90
C LEU D 72 -27.70 29.88 -0.53
N ASN D 73 -26.41 29.90 -0.22
CA ASN D 73 -25.98 29.57 1.12
C ASN D 73 -26.54 30.55 2.13
N ASN D 74 -26.80 31.78 1.72
CA ASN D 74 -27.40 32.73 2.64
C ASN D 74 -28.80 32.29 3.04
N LEU D 75 -29.62 31.90 2.06
CA LEU D 75 -30.95 31.39 2.38
C LEU D 75 -30.88 30.10 3.17
N ILE D 76 -29.93 29.23 2.81
CA ILE D 76 -29.78 27.96 3.50
C ILE D 76 -29.39 28.17 4.96
N ASP D 77 -28.45 29.09 5.22
CA ASP D 77 -28.12 29.44 6.59
C ASP D 77 -29.31 30.08 7.30
N GLU D 78 -30.09 30.87 6.57
CA GLU D 78 -31.32 31.41 7.15
C GLU D 78 -32.23 30.28 7.61
N ALA D 79 -32.24 29.16 6.89
CA ALA D 79 -33.01 28.00 7.35
C ALA D 79 -32.46 27.45 8.65
N HIS D 80 -31.14 27.41 8.79
CA HIS D 80 -30.57 26.89 10.02
C HIS D 80 -30.67 27.87 11.17
N GLU D 81 -31.21 29.06 10.93
CA GLU D 81 -31.60 29.98 11.99
C GLU D 81 -33.11 30.04 11.98
N GLN D 82 -33.72 29.05 12.63
CA GLN D 82 -35.17 28.87 12.64
C GLN D 82 -35.53 28.18 13.95
N GLU D 83 -36.70 27.54 13.97
CA GLU D 83 -37.02 26.63 15.06
C GLU D 83 -35.98 25.53 15.23
N ASN D 84 -35.03 25.39 14.31
CA ASN D 84 -33.99 24.37 14.36
C ASN D 84 -32.59 24.98 14.44
N VAL D 85 -32.41 26.05 15.20
CA VAL D 85 -31.07 26.63 15.33
C VAL D 85 -30.12 25.62 15.93
N LYS D 86 -30.54 24.95 17.01
CA LYS D 86 -29.71 23.93 17.65
C LYS D 86 -30.52 22.73 18.11
N GLY D 87 -31.83 22.76 17.99
CA GLY D 87 -32.65 21.72 18.54
C GLY D 87 -32.80 20.51 17.66
N LYS D 88 -32.10 20.46 16.54
CA LYS D 88 -32.37 19.43 15.55
C LYS D 88 -31.16 18.55 15.22
N GLU D 89 -30.10 18.57 16.03
CA GLU D 89 -29.27 17.37 16.13
C GLU D 89 -28.67 16.94 14.80
N LYS D 90 -27.59 17.58 14.36
CA LYS D 90 -27.14 17.69 12.98
C LYS D 90 -27.65 16.63 12.00
N GLY D 91 -27.76 15.38 12.41
CA GLY D 91 -28.36 14.37 11.56
C GLY D 91 -29.65 14.84 10.92
N GLU D 92 -30.63 15.22 11.74
CA GLU D 92 -31.90 15.70 11.24
C GLU D 92 -32.01 17.21 11.28
N LYS D 93 -30.93 17.91 11.61
CA LYS D 93 -30.94 19.37 11.45
C LYS D 93 -31.07 19.73 9.98
N THR D 94 -30.36 19.02 9.11
CA THR D 94 -30.50 19.29 7.69
C THR D 94 -31.89 18.92 7.21
N GLU D 95 -32.49 17.89 7.78
CA GLU D 95 -33.86 17.55 7.41
C GLU D 95 -34.83 18.64 7.85
N ALA D 96 -34.64 19.19 9.05
CA ALA D 96 -35.53 20.25 9.51
C ALA D 96 -35.32 21.52 8.69
N ALA D 97 -34.08 21.83 8.34
CA ALA D 97 -33.83 22.97 7.45
C ALA D 97 -34.42 22.72 6.07
N ARG D 98 -34.32 21.49 5.59
CA ARG D 98 -34.90 21.12 4.31
C ARG D 98 -36.41 21.29 4.36
N GLN D 99 -37.04 20.93 5.47
CA GLN D 99 -38.46 21.14 5.60
C GLN D 99 -38.78 22.63 5.70
N TYR D 100 -37.90 23.42 6.32
CA TYR D 100 -38.17 24.84 6.39
C TYR D 100 -38.13 25.45 5.00
N MET D 101 -37.21 24.99 4.16
CA MET D 101 -37.25 25.37 2.74
C MET D 101 -38.51 24.89 2.07
N CYS D 102 -38.82 23.63 2.18
CA CYS D 102 -39.99 23.04 1.56
C CYS D 102 -41.25 23.46 2.22
N SER D 103 -41.14 24.45 3.09
CA SER D 103 -42.26 25.26 3.52
C SER D 103 -42.18 26.66 2.95
N ARG D 104 -41.01 27.30 3.10
CA ARG D 104 -40.85 28.69 2.71
C ARG D 104 -40.83 28.85 1.20
N TYR D 105 -40.04 28.02 0.52
CA TYR D 105 -39.68 28.27 -0.86
C TYR D 105 -40.57 27.45 -1.77
N TYR D 106 -41.55 28.11 -2.39
CA TYR D 106 -42.34 27.45 -3.41
C TYR D 106 -41.43 26.88 -4.48
N ASP D 107 -40.33 27.56 -4.75
CA ASP D 107 -39.25 26.99 -5.56
C ASP D 107 -38.95 25.57 -5.14
N ILE D 108 -38.50 25.41 -3.90
CA ILE D 108 -38.03 24.14 -3.41
C ILE D 108 -39.17 23.16 -3.18
N ARG D 109 -40.35 23.65 -2.79
CA ARG D 109 -41.50 22.76 -2.70
C ARG D 109 -41.84 22.18 -4.06
N THR D 110 -41.76 22.99 -5.10
CA THR D 110 -42.22 22.59 -6.42
C THR D 110 -41.11 21.88 -7.17
N PHE D 111 -40.01 22.56 -7.37
CA PHE D 111 -38.83 21.99 -7.98
C PHE D 111 -37.87 21.69 -6.86
N GLY D 112 -36.99 20.73 -7.07
CA GLY D 112 -36.07 20.46 -6.00
C GLY D 112 -35.13 21.62 -5.79
N ALA D 113 -34.21 21.42 -4.86
CA ALA D 113 -33.13 22.38 -4.68
C ALA D 113 -31.97 21.66 -4.04
N VAL D 114 -30.80 21.78 -4.64
CA VAL D 114 -29.60 21.24 -4.05
C VAL D 114 -29.15 22.23 -2.99
N MET D 115 -29.40 21.88 -1.74
CA MET D 115 -29.10 22.75 -0.63
C MET D 115 -28.05 22.16 0.29
N THR D 116 -27.32 21.19 -0.18
CA THR D 116 -26.28 20.53 0.57
C THR D 116 -25.08 21.36 0.71
N THR D 117 -25.27 22.63 0.39
CA THR D 117 -24.16 23.54 0.15
C THR D 117 -23.78 24.35 1.38
N GLY D 118 -24.71 25.13 1.92
CA GLY D 118 -24.38 25.98 3.04
C GLY D 118 -24.31 25.19 4.32
N LYS D 119 -24.81 25.74 5.43
CA LYS D 119 -25.04 24.83 6.53
C LYS D 119 -26.09 23.88 5.98
N ASN D 120 -25.67 22.67 5.64
CA ASN D 120 -26.42 21.81 4.73
C ASN D 120 -27.91 21.83 5.04
N ALA D 121 -28.71 22.29 4.09
CA ALA D 121 -30.16 22.31 4.23
C ALA D 121 -30.80 21.20 3.43
N GLY D 122 -30.11 20.09 3.32
CA GLY D 122 -30.69 18.95 2.67
C GLY D 122 -30.60 19.02 1.16
N GLN D 123 -31.38 18.15 0.53
CA GLN D 123 -31.25 17.86 -0.88
C GLN D 123 -32.63 17.49 -1.37
N VAL D 124 -33.34 18.45 -1.92
CA VAL D 124 -34.74 18.28 -2.27
C VAL D 124 -34.85 17.79 -3.69
N ARG D 125 -35.60 16.72 -3.90
CA ARG D 125 -35.80 16.34 -5.29
C ARG D 125 -36.88 17.19 -5.95
N GLY D 126 -37.93 17.52 -5.23
CA GLY D 126 -38.92 18.37 -5.81
C GLY D 126 -39.81 17.55 -6.71
N PRO D 127 -41.08 17.69 -6.53
CA PRO D 127 -42.02 16.83 -7.24
C PRO D 127 -42.02 17.12 -8.72
N VAL D 128 -42.16 18.38 -9.07
CA VAL D 128 -42.37 18.75 -10.46
C VAL D 128 -41.03 18.79 -11.15
N GLN D 129 -40.82 17.86 -12.07
CA GLN D 129 -39.61 17.79 -12.86
C GLN D 129 -39.99 18.00 -14.31
N LEU D 130 -39.59 19.13 -14.86
CA LEU D 130 -39.80 19.41 -16.26
C LEU D 130 -38.60 18.90 -17.03
N THR D 131 -38.84 18.22 -18.14
CA THR D 131 -37.74 17.75 -18.96
C THR D 131 -37.30 18.83 -19.92
N PHE D 132 -36.13 18.63 -20.53
CA PHE D 132 -35.66 19.55 -21.53
C PHE D 132 -36.74 19.72 -22.58
N SER D 133 -37.33 20.89 -22.65
CA SER D 133 -38.43 21.10 -23.56
C SER D 133 -37.89 21.17 -24.97
N ARG D 134 -38.09 20.12 -25.75
CA ARG D 134 -37.56 20.03 -27.09
C ARG D 134 -38.60 20.52 -28.08
N SER D 135 -38.21 21.41 -28.97
CA SER D 135 -39.15 21.95 -29.93
C SER D 135 -39.69 20.85 -30.82
N ILE D 136 -40.94 21.01 -31.25
CA ILE D 136 -41.60 19.96 -32.02
C ILE D 136 -40.87 19.74 -33.34
N ASP D 137 -40.54 20.81 -34.03
CA ASP D 137 -39.88 20.72 -35.32
C ASP D 137 -38.74 21.73 -35.38
N PRO D 138 -37.71 21.46 -36.18
CA PRO D 138 -36.48 22.25 -36.12
C PRO D 138 -36.68 23.75 -36.06
N ILE D 139 -36.23 24.36 -34.96
CA ILE D 139 -36.25 25.81 -34.88
C ILE D 139 -35.26 26.35 -35.88
N MET D 140 -35.68 27.33 -36.66
CA MET D 140 -34.81 27.94 -37.63
C MET D 140 -34.20 29.20 -37.04
N THR D 141 -33.36 28.99 -36.03
CA THR D 141 -32.68 30.08 -35.34
C THR D 141 -32.22 31.11 -36.34
N LEU D 142 -32.68 32.33 -36.18
CA LEU D 142 -32.62 33.28 -37.27
C LEU D 142 -31.42 34.20 -37.18
N GLU D 143 -30.61 34.08 -36.12
CA GLU D 143 -29.35 34.79 -35.97
C GLU D 143 -29.43 36.21 -36.47
N HIS D 144 -30.34 36.97 -35.89
CA HIS D 144 -30.52 38.35 -36.28
C HIS D 144 -29.36 39.19 -35.78
N SER D 145 -28.44 39.52 -36.67
CA SER D 145 -27.33 40.37 -36.32
C SER D 145 -27.86 41.79 -36.21
N ILE D 146 -27.98 42.29 -34.99
CA ILE D 146 -28.52 43.59 -34.74
C ILE D 146 -27.37 44.57 -34.59
N THR D 147 -27.69 45.85 -34.63
CA THR D 147 -26.74 46.92 -34.41
C THR D 147 -27.04 47.55 -33.07
N ARG D 148 -26.01 47.97 -32.37
CA ARG D 148 -26.19 48.92 -31.29
C ARG D 148 -25.40 50.16 -31.63
N MET D 149 -26.05 51.31 -31.51
CA MET D 149 -25.45 52.59 -31.86
C MET D 149 -24.80 53.25 -30.67
N ALA D 150 -24.21 52.44 -29.80
CA ALA D 150 -23.34 52.90 -28.72
C ALA D 150 -22.46 51.74 -28.30
N VAL D 151 -21.14 51.96 -28.24
CA VAL D 151 -20.26 50.91 -27.76
C VAL D 151 -20.45 50.75 -26.27
N THR D 152 -20.15 49.55 -25.78
CA THR D 152 -20.21 49.33 -24.35
C THR D 152 -19.00 49.91 -23.64
N ASN D 153 -17.82 49.42 -23.99
CA ASN D 153 -16.58 49.80 -23.32
C ASN D 153 -15.80 50.77 -24.20
N GLU D 154 -14.66 51.24 -23.69
CA GLU D 154 -13.67 51.89 -24.54
C GLU D 154 -12.83 50.78 -25.16
N LYS D 155 -13.44 50.08 -26.10
CA LYS D 155 -12.83 48.92 -26.68
C LYS D 155 -11.81 49.32 -27.74
N ASP D 156 -11.27 48.32 -28.43
CA ASP D 156 -10.25 48.58 -29.45
C ASP D 156 -10.78 49.41 -30.61
N ALA D 157 -12.11 49.43 -30.81
CA ALA D 157 -12.72 50.35 -31.78
C ALA D 157 -13.90 51.06 -31.11
N SER D 158 -13.59 52.14 -30.41
CA SER D 158 -14.55 53.16 -30.04
C SER D 158 -14.14 54.45 -30.73
N GLU D 159 -13.86 54.32 -32.02
CA GLU D 159 -13.03 55.23 -32.78
C GLU D 159 -13.87 56.38 -33.35
N THR D 160 -13.28 57.09 -34.31
CA THR D 160 -13.82 58.30 -34.91
C THR D 160 -15.27 58.19 -35.34
N GLY D 161 -15.55 57.32 -36.32
CA GLY D 161 -16.75 57.45 -37.12
C GLY D 161 -18.04 57.30 -36.31
N ASP D 162 -18.08 56.31 -35.43
CA ASP D 162 -19.29 56.03 -34.68
C ASP D 162 -18.90 54.99 -33.63
N ASN D 163 -19.73 54.86 -32.60
CA ASN D 163 -19.56 53.82 -31.61
C ASN D 163 -20.64 52.76 -31.83
N ARG D 164 -20.22 51.53 -32.11
CA ARG D 164 -21.13 50.47 -32.49
C ARG D 164 -20.60 49.15 -31.97
N THR D 165 -21.49 48.31 -31.45
CA THR D 165 -21.11 47.02 -30.89
C THR D 165 -22.12 45.96 -31.35
N MET D 166 -22.29 45.83 -32.66
CA MET D 166 -23.46 45.19 -33.26
C MET D 166 -24.00 43.97 -32.52
N GLY D 167 -23.22 42.90 -32.46
CA GLY D 167 -23.73 41.69 -31.83
C GLY D 167 -24.98 41.13 -32.47
N ARG D 168 -25.48 40.03 -31.94
CA ARG D 168 -26.60 39.32 -32.55
C ARG D 168 -27.71 39.14 -31.54
N LYS D 169 -28.94 39.13 -32.06
CA LYS D 169 -30.13 38.82 -31.29
C LYS D 169 -30.71 37.58 -31.93
N PHE D 170 -30.30 36.42 -31.45
CA PHE D 170 -30.79 35.16 -31.98
C PHE D 170 -32.27 35.03 -31.67
N THR D 171 -33.06 34.73 -32.69
CA THR D 171 -34.49 34.58 -32.53
C THR D 171 -34.95 33.32 -33.24
N VAL D 172 -35.72 32.50 -32.54
CA VAL D 172 -36.45 31.43 -33.19
C VAL D 172 -37.64 32.07 -33.87
N PRO D 173 -37.75 31.98 -35.19
CA PRO D 173 -38.86 32.65 -35.87
C PRO D 173 -40.21 32.08 -35.50
N TYR D 174 -40.24 30.83 -35.05
CA TYR D 174 -41.30 30.27 -34.24
C TYR D 174 -40.88 28.87 -33.84
N GLY D 175 -41.17 28.50 -32.60
CA GLY D 175 -40.91 27.13 -32.22
C GLY D 175 -41.83 26.68 -31.12
N LEU D 176 -42.57 25.61 -31.35
CA LEU D 176 -43.48 25.09 -30.33
C LEU D 176 -42.72 24.05 -29.55
N TYR D 177 -42.05 24.49 -28.51
CA TYR D 177 -41.34 23.59 -27.63
C TYR D 177 -42.31 22.76 -26.80
N ARG D 178 -41.91 21.53 -26.50
CA ARG D 178 -42.76 20.53 -25.87
C ARG D 178 -42.06 20.02 -24.62
N CYS D 179 -42.26 20.71 -23.50
CA CYS D 179 -41.75 20.24 -22.23
C CYS D 179 -42.55 19.05 -21.76
N HIS D 180 -41.89 18.12 -21.09
CA HIS D 180 -42.55 17.04 -20.38
C HIS D 180 -42.26 17.22 -18.91
N GLY D 181 -43.29 17.11 -18.09
CA GLY D 181 -43.15 17.30 -16.66
C GLY D 181 -43.78 16.15 -15.91
N PHE D 182 -43.18 15.82 -14.78
CA PHE D 182 -43.67 14.75 -13.93
C PHE D 182 -43.76 15.30 -12.53
N ILE D 183 -44.92 15.19 -11.93
CA ILE D 183 -45.15 15.62 -10.57
C ILE D 183 -45.42 14.37 -9.77
N SER D 184 -44.48 13.99 -8.94
CA SER D 184 -44.57 12.76 -8.18
C SER D 184 -44.95 13.10 -6.75
N THR D 185 -46.08 12.56 -6.30
CA THR D 185 -46.48 12.77 -4.92
C THR D 185 -45.44 12.22 -3.96
N HIS D 186 -44.70 11.19 -4.37
CA HIS D 186 -43.70 10.63 -3.47
C HIS D 186 -42.64 11.64 -3.07
N PHE D 187 -42.41 12.66 -3.89
CA PHE D 187 -41.48 13.70 -3.50
C PHE D 187 -42.19 14.96 -3.05
N ALA D 188 -43.47 15.12 -3.38
CA ALA D 188 -44.25 16.15 -2.72
C ALA D 188 -44.31 15.90 -1.22
N LYS D 189 -44.68 14.68 -0.82
CA LYS D 189 -44.77 14.37 0.59
C LYS D 189 -43.44 14.59 1.30
N GLN D 190 -42.34 14.46 0.57
CA GLN D 190 -41.06 14.80 1.17
C GLN D 190 -40.87 16.31 1.26
N THR D 191 -41.35 17.07 0.27
CA THR D 191 -41.17 18.51 0.27
C THR D 191 -42.43 19.27 0.61
N GLY D 192 -43.48 18.60 1.08
CA GLY D 192 -44.68 19.32 1.44
C GLY D 192 -45.30 20.08 0.31
N PHE D 193 -45.01 19.69 -0.93
CA PHE D 193 -45.59 20.31 -2.10
C PHE D 193 -47.09 20.12 -2.11
N SER D 194 -47.82 21.18 -1.87
CA SER D 194 -49.25 21.08 -1.62
C SER D 194 -50.04 21.13 -2.92
N GLU D 195 -51.30 20.71 -2.83
CA GLU D 195 -52.17 20.80 -4.00
C GLU D 195 -52.36 22.24 -4.41
N ASN D 196 -52.45 23.14 -3.44
CA ASN D 196 -52.48 24.57 -3.75
C ASN D 196 -51.20 24.98 -4.43
N ASP D 197 -50.05 24.47 -3.97
CA ASP D 197 -48.80 24.70 -4.67
C ASP D 197 -48.87 24.20 -6.10
N LEU D 198 -49.53 23.08 -6.32
CA LEU D 198 -49.61 22.57 -7.68
C LEU D 198 -50.47 23.48 -8.54
N GLU D 199 -51.54 24.03 -7.97
CA GLU D 199 -52.33 25.00 -8.73
C GLU D 199 -51.53 26.26 -9.01
N LEU D 200 -50.71 26.68 -8.06
CA LEU D 200 -49.74 27.74 -8.34
C LEU D 200 -48.85 27.35 -9.50
N PHE D 201 -48.45 26.09 -9.56
CA PHE D 201 -47.59 25.65 -10.66
C PHE D 201 -48.32 25.68 -11.98
N TRP D 202 -49.60 25.31 -11.98
CA TRP D 202 -50.36 25.31 -13.22
C TRP D 202 -50.58 26.73 -13.72
N GLN D 203 -51.05 27.60 -12.82
CA GLN D 203 -51.15 29.01 -13.17
C GLN D 203 -49.79 29.55 -13.60
N ALA D 204 -48.72 29.03 -12.99
CA ALA D 204 -47.38 29.47 -13.36
C ALA D 204 -47.03 29.05 -14.76
N LEU D 205 -47.31 27.80 -15.12
CA LEU D 205 -47.01 27.37 -16.48
C LEU D 205 -47.81 28.15 -17.49
N VAL D 206 -49.10 28.35 -17.22
CA VAL D 206 -49.91 28.99 -18.23
C VAL D 206 -49.69 30.50 -18.28
N ASN D 207 -49.09 31.10 -17.26
CA ASN D 207 -48.92 32.55 -17.25
C ASN D 207 -47.48 33.01 -17.11
N MET D 208 -46.49 32.12 -17.07
CA MET D 208 -45.14 32.58 -16.84
C MET D 208 -44.55 33.22 -18.06
N PHE D 209 -45.12 32.98 -19.22
CA PHE D 209 -44.63 33.54 -20.46
C PHE D 209 -45.30 34.85 -20.81
N ASP D 210 -46.29 35.25 -20.04
CA ASP D 210 -46.83 36.59 -20.16
C ASP D 210 -46.04 37.59 -19.35
N HIS D 211 -45.05 37.13 -18.59
CA HIS D 211 -44.36 37.98 -17.65
C HIS D 211 -42.85 37.94 -17.76
N ASP D 212 -42.24 36.79 -18.02
CA ASP D 212 -40.82 36.74 -18.34
C ASP D 212 -40.70 37.05 -19.82
N HIS D 213 -40.93 38.32 -20.12
CA HIS D 213 -40.77 38.86 -21.46
C HIS D 213 -39.44 39.56 -21.52
N SER D 214 -38.75 39.41 -22.64
CA SER D 214 -37.42 39.94 -22.79
C SER D 214 -37.23 40.36 -24.23
N ALA D 215 -36.26 41.23 -24.45
CA ALA D 215 -35.81 41.44 -25.82
C ALA D 215 -35.23 40.16 -26.38
N ALA D 216 -34.57 39.37 -25.54
CA ALA D 216 -33.95 38.15 -26.02
C ALA D 216 -34.99 37.18 -26.54
N ARG D 217 -36.01 36.87 -25.74
CA ARG D 217 -36.97 35.86 -26.11
C ARG D 217 -38.23 36.41 -26.76
N GLY D 218 -38.32 37.72 -26.92
CA GLY D 218 -39.44 38.27 -27.65
C GLY D 218 -40.74 37.81 -27.05
N GLN D 219 -41.60 37.24 -27.89
CA GLN D 219 -42.91 36.79 -27.47
C GLN D 219 -42.90 35.29 -27.28
N MET D 220 -43.26 34.85 -26.08
CA MET D 220 -43.30 33.45 -25.72
C MET D 220 -44.63 33.19 -25.06
N ASN D 221 -45.21 32.03 -25.33
CA ASN D 221 -46.57 31.78 -24.90
C ASN D 221 -46.74 30.33 -24.47
N ALA D 222 -47.34 30.14 -23.31
CA ALA D 222 -47.73 28.81 -22.88
C ALA D 222 -48.84 28.36 -23.80
N ARG D 223 -48.51 27.52 -24.76
CA ARG D 223 -49.41 27.24 -25.86
C ARG D 223 -50.27 26.01 -25.61
N GLY D 224 -50.09 25.37 -24.48
CA GLY D 224 -50.88 24.20 -24.14
C GLY D 224 -50.25 23.54 -22.95
N LEU D 225 -51.05 23.08 -22.02
CA LEU D 225 -50.53 22.42 -20.83
C LEU D 225 -51.51 21.28 -20.54
N TYR D 226 -51.18 20.11 -21.03
CA TYR D 226 -52.08 18.97 -20.94
C TYR D 226 -51.58 18.11 -19.80
N VAL D 227 -52.25 18.17 -18.68
CA VAL D 227 -51.82 17.48 -17.48
C VAL D 227 -52.61 16.20 -17.35
N PHE D 228 -51.92 15.09 -17.23
CA PHE D 228 -52.52 13.80 -16.94
C PHE D 228 -52.46 13.61 -15.44
N GLU D 229 -53.62 13.51 -14.82
CA GLU D 229 -53.72 13.28 -13.39
C GLU D 229 -54.01 11.79 -13.20
N HIS D 230 -52.99 11.04 -12.83
CA HIS D 230 -53.19 9.68 -12.39
C HIS D 230 -54.01 9.69 -11.11
N SER D 231 -54.78 8.64 -10.88
CA SER D 231 -55.51 8.54 -9.63
C SER D 231 -54.59 8.32 -8.45
N ASN D 232 -53.48 7.63 -8.66
CA ASN D 232 -52.70 7.06 -7.58
C ASN D 232 -51.40 7.82 -7.39
N ASN D 233 -50.73 7.53 -6.27
CA ASN D 233 -49.34 7.91 -6.12
C ASN D 233 -48.52 7.27 -7.22
N LEU D 234 -48.77 6.01 -7.50
CA LEU D 234 -48.26 5.30 -8.67
C LEU D 234 -49.06 5.73 -9.89
N GLY D 235 -48.50 5.52 -11.07
CA GLY D 235 -49.08 5.99 -12.31
C GLY D 235 -49.98 4.95 -12.95
N ASP D 236 -51.16 5.39 -13.40
CA ASP D 236 -52.06 4.50 -14.10
C ASP D 236 -51.44 4.02 -15.41
N ALA D 237 -50.75 4.91 -16.11
CA ALA D 237 -50.12 4.57 -17.38
C ALA D 237 -48.66 5.01 -17.35
N PRO D 238 -47.81 4.38 -18.14
CA PRO D 238 -46.42 4.86 -18.25
C PRO D 238 -46.41 6.31 -18.70
N ALA D 239 -45.46 7.07 -18.15
CA ALA D 239 -45.43 8.50 -18.45
C ALA D 239 -45.32 8.76 -19.94
N ASP D 240 -44.49 7.99 -20.64
CA ASP D 240 -44.34 8.24 -22.06
C ASP D 240 -45.59 7.86 -22.84
N SER D 241 -46.21 6.74 -22.48
CA SER D 241 -47.46 6.36 -23.15
C SER D 241 -48.50 7.45 -23.00
N LEU D 242 -48.43 8.23 -21.93
CA LEU D 242 -49.28 9.40 -21.77
C LEU D 242 -48.81 10.54 -22.65
N PHE D 243 -47.50 10.76 -22.73
CA PHE D 243 -47.01 11.89 -23.49
C PHE D 243 -47.16 11.68 -24.98
N LYS D 244 -47.29 10.45 -25.43
CA LYS D 244 -47.64 10.20 -26.80
C LYS D 244 -49.10 10.49 -27.09
N ARG D 245 -49.91 10.70 -26.06
CA ARG D 245 -51.30 11.09 -26.29
C ARG D 245 -51.40 12.53 -26.76
N ILE D 246 -50.48 13.38 -26.33
CA ILE D 246 -50.41 14.75 -26.83
C ILE D 246 -49.37 14.73 -27.94
N GLN D 247 -49.80 14.40 -29.14
CA GLN D 247 -48.88 14.42 -30.26
C GLN D 247 -49.04 15.75 -30.98
N VAL D 248 -47.92 16.42 -31.19
CA VAL D 248 -47.91 17.75 -31.80
C VAL D 248 -47.16 17.63 -33.11
N VAL D 249 -47.81 18.03 -34.20
CA VAL D 249 -47.21 17.88 -35.52
C VAL D 249 -47.49 19.14 -36.33
N LYS D 250 -46.60 19.43 -37.27
CA LYS D 250 -46.89 20.48 -38.23
C LYS D 250 -48.24 20.22 -38.88
N LYS D 251 -48.93 21.29 -39.24
CA LYS D 251 -50.28 21.14 -39.76
C LYS D 251 -50.22 20.63 -41.20
N ASP D 252 -51.35 20.73 -41.91
CA ASP D 252 -51.55 20.00 -43.15
C ASP D 252 -50.37 20.15 -44.10
N GLY D 253 -50.12 21.38 -44.57
CA GLY D 253 -49.13 21.57 -45.60
C GLY D 253 -48.15 22.68 -45.32
N VAL D 254 -47.87 22.92 -44.04
CA VAL D 254 -46.90 23.94 -43.66
C VAL D 254 -45.50 23.36 -43.78
N GLU D 255 -44.70 23.92 -44.69
CA GLU D 255 -43.31 23.49 -44.80
C GLU D 255 -42.54 23.81 -43.53
N VAL D 256 -42.79 24.99 -42.96
CA VAL D 256 -42.17 25.44 -41.73
C VAL D 256 -43.22 26.19 -40.93
N VAL D 257 -42.93 26.37 -39.66
CA VAL D 257 -43.90 26.93 -38.72
C VAL D 257 -43.56 28.38 -38.45
N ARG D 258 -44.55 29.25 -38.59
CA ARG D 258 -44.41 30.64 -38.22
C ARG D 258 -45.47 31.07 -37.23
N SER D 259 -46.32 30.15 -36.80
CA SER D 259 -47.34 30.45 -35.81
C SER D 259 -47.76 29.13 -35.17
N PHE D 260 -48.57 29.24 -34.13
CA PHE D 260 -49.16 28.04 -33.56
C PHE D 260 -50.14 27.41 -34.52
N ASP D 261 -50.79 28.21 -35.35
CA ASP D 261 -51.74 27.68 -36.33
C ASP D 261 -51.06 26.77 -37.33
N ASP D 262 -49.74 26.79 -37.41
CA ASP D 262 -49.01 25.79 -38.17
C ASP D 262 -48.81 24.50 -37.39
N TYR D 263 -49.27 24.45 -36.15
CA TYR D 263 -49.12 23.26 -35.32
C TYR D 263 -50.47 22.70 -34.95
N LEU D 264 -50.62 21.40 -35.14
CA LEU D 264 -51.81 20.66 -34.75
C LEU D 264 -51.42 19.88 -33.51
N VAL D 265 -52.04 20.23 -32.39
CA VAL D 265 -51.82 19.55 -31.12
C VAL D 265 -52.98 18.58 -30.94
N SER D 266 -52.78 17.33 -31.30
CA SER D 266 -53.81 16.31 -31.19
C SER D 266 -53.65 15.65 -29.83
N VAL D 267 -54.60 15.91 -28.94
CA VAL D 267 -54.68 15.15 -27.71
C VAL D 267 -55.33 13.80 -28.01
N ASP D 268 -54.97 12.79 -27.24
CA ASP D 268 -55.54 11.46 -27.38
C ASP D 268 -55.98 11.00 -26.00
N ASP D 269 -57.18 11.40 -25.60
CA ASP D 269 -57.77 10.98 -24.34
C ASP D 269 -58.79 9.87 -24.52
N LYS D 270 -58.77 9.21 -25.69
CA LYS D 270 -59.77 8.20 -25.99
C LYS D 270 -59.69 7.03 -25.03
N ASN D 271 -58.49 6.65 -24.60
CA ASN D 271 -58.32 5.49 -23.76
C ASN D 271 -57.62 5.77 -22.43
N LEU D 272 -57.08 6.96 -22.22
CA LEU D 272 -56.39 7.21 -20.96
C LEU D 272 -57.33 7.23 -19.78
N GLU D 273 -58.62 7.30 -20.02
CA GLU D 273 -59.58 7.44 -18.95
C GLU D 273 -59.67 6.23 -18.09
N GLU D 274 -58.74 5.30 -18.27
CA GLU D 274 -58.66 4.11 -17.44
C GLU D 274 -58.93 4.47 -15.98
N THR D 275 -58.08 5.32 -15.40
CA THR D 275 -58.51 6.09 -14.24
C THR D 275 -57.92 7.49 -14.29
N LYS D 276 -57.09 7.80 -15.28
CA LYS D 276 -56.42 9.07 -15.41
C LYS D 276 -57.38 10.16 -15.84
N LEU D 277 -56.91 11.40 -15.77
CA LEU D 277 -57.69 12.54 -16.23
C LEU D 277 -56.76 13.44 -17.03
N LEU D 278 -56.89 13.41 -18.35
CA LEU D 278 -56.27 14.44 -19.16
C LEU D 278 -57.06 15.71 -18.98
N ARG D 279 -56.38 16.77 -18.59
CA ARG D 279 -57.01 18.04 -18.31
C ARG D 279 -56.16 19.14 -18.93
N LYS D 280 -56.77 19.91 -19.83
CA LYS D 280 -56.05 20.78 -20.75
C LYS D 280 -56.05 22.17 -20.15
N LEU D 281 -55.03 22.45 -19.35
CA LEU D 281 -55.04 23.72 -18.66
C LEU D 281 -54.70 24.86 -19.59
N GLY D 282 -53.74 24.65 -20.50
CA GLY D 282 -53.23 25.73 -21.32
C GLY D 282 -53.75 25.70 -22.73
N GLY D 283 -54.40 24.61 -23.12
CA GLY D 283 -54.91 24.48 -24.47
C GLY D 283 -56.01 23.46 -24.64
N THR E 1 -13.06 -43.70 -12.58
CA THR E 1 -12.08 -42.73 -13.02
C THR E 1 -12.09 -42.60 -14.54
N ILE E 2 -11.51 -41.54 -15.03
CA ILE E 2 -11.45 -41.31 -16.48
C ILE E 2 -10.23 -42.03 -17.05
N GLU E 3 -10.37 -42.50 -18.27
CA GLU E 3 -9.28 -43.19 -18.95
C GLU E 3 -8.73 -42.41 -20.11
N LYS E 4 -9.21 -41.20 -20.34
CA LYS E 4 -8.62 -40.28 -21.28
C LYS E 4 -8.11 -39.06 -20.53
N ARG E 5 -7.08 -38.44 -21.06
CA ARG E 5 -6.59 -37.19 -20.51
C ARG E 5 -7.12 -36.07 -21.38
N TYR E 6 -7.61 -35.02 -20.75
CA TYR E 6 -8.25 -33.93 -21.48
C TYR E 6 -7.43 -32.66 -21.32
N ASP E 7 -7.36 -31.88 -22.39
CA ASP E 7 -6.84 -30.53 -22.31
C ASP E 7 -7.88 -29.63 -22.94
N PHE E 8 -8.49 -28.77 -22.16
CA PHE E 8 -9.57 -27.96 -22.67
C PHE E 8 -9.15 -26.50 -22.72
N VAL E 9 -9.61 -25.80 -23.73
CA VAL E 9 -9.51 -24.36 -23.78
C VAL E 9 -10.89 -23.83 -23.46
N PHE E 10 -11.01 -23.09 -22.38
CA PHE E 10 -12.27 -22.56 -21.92
C PHE E 10 -12.22 -21.05 -22.10
N LEU E 11 -12.75 -20.58 -23.21
CA LEU E 11 -12.89 -19.16 -23.46
C LEU E 11 -14.14 -18.70 -22.77
N PHE E 12 -13.99 -17.80 -21.81
CA PHE E 12 -15.13 -17.19 -21.17
C PHE E 12 -14.89 -15.69 -21.16
N ASP E 13 -15.95 -14.93 -21.34
CA ASP E 13 -15.77 -13.49 -21.39
C ASP E 13 -16.52 -12.84 -20.27
N VAL E 14 -16.16 -11.59 -20.03
CA VAL E 14 -16.90 -10.69 -19.15
C VAL E 14 -17.31 -9.50 -19.99
N GLN E 15 -18.58 -9.11 -19.90
CA GLN E 15 -19.00 -7.99 -20.73
C GLN E 15 -18.89 -6.67 -20.00
N ASP E 16 -19.56 -6.53 -18.87
CA ASP E 16 -19.43 -5.29 -18.10
C ASP E 16 -19.31 -5.69 -16.64
N GLY E 17 -18.11 -6.01 -16.20
CA GLY E 17 -17.97 -6.39 -14.82
C GLY E 17 -16.58 -6.84 -14.47
N ASN E 18 -16.42 -7.13 -13.20
CA ASN E 18 -15.19 -7.56 -12.58
C ASN E 18 -15.12 -9.07 -12.60
N PRO E 19 -14.39 -9.65 -13.55
CA PRO E 19 -14.36 -11.12 -13.61
C PRO E 19 -13.73 -11.72 -12.38
N ASN E 20 -12.62 -11.15 -11.94
CA ASN E 20 -11.93 -11.64 -10.76
C ASN E 20 -11.16 -10.44 -10.20
N GLY E 21 -11.70 -9.82 -9.18
CA GLY E 21 -11.01 -8.69 -8.59
C GLY E 21 -9.73 -9.12 -7.92
N ASP E 22 -8.71 -8.29 -8.02
CA ASP E 22 -7.44 -8.56 -7.36
C ASP E 22 -7.51 -7.96 -5.98
N PRO E 23 -7.63 -8.76 -4.92
CA PRO E 23 -7.63 -8.19 -3.57
C PRO E 23 -6.40 -7.37 -3.29
N ASP E 24 -5.28 -7.75 -3.90
CA ASP E 24 -4.08 -6.93 -3.85
C ASP E 24 -4.30 -5.60 -4.53
N ALA E 25 -5.22 -5.51 -5.48
CA ALA E 25 -5.46 -4.29 -6.22
C ALA E 25 -6.91 -3.88 -6.00
N GLY E 26 -7.16 -3.24 -4.87
CA GLY E 26 -8.51 -2.84 -4.53
C GLY E 26 -9.45 -4.00 -4.72
N ASN E 27 -10.29 -3.88 -5.72
CA ASN E 27 -11.00 -5.03 -6.25
C ASN E 27 -10.94 -5.01 -7.77
N LEU E 28 -10.06 -4.21 -8.35
CA LEU E 28 -10.03 -4.10 -9.79
C LEU E 28 -9.53 -5.41 -10.38
N PRO E 29 -10.05 -5.79 -11.54
CA PRO E 29 -9.89 -7.16 -12.02
C PRO E 29 -8.42 -7.52 -12.10
N ARG E 30 -8.14 -8.79 -11.87
CA ARG E 30 -6.78 -9.25 -12.02
C ARG E 30 -6.32 -9.00 -13.44
N ILE E 31 -5.10 -8.54 -13.57
CA ILE E 31 -4.54 -8.09 -14.83
C ILE E 31 -3.11 -8.57 -14.93
N ASP E 32 -2.75 -9.06 -16.09
CA ASP E 32 -1.35 -9.25 -16.41
C ASP E 32 -0.80 -7.87 -16.71
N PRO E 33 -0.08 -7.29 -15.80
CA PRO E 33 0.23 -5.87 -15.88
C PRO E 33 1.06 -5.50 -17.09
N GLN E 34 2.23 -6.13 -17.24
CA GLN E 34 3.10 -5.78 -18.34
C GLN E 34 2.50 -6.06 -19.70
N THR E 35 1.34 -6.72 -19.77
CA THR E 35 0.59 -6.77 -21.01
C THR E 35 -0.83 -6.28 -20.86
N GLY E 36 -1.24 -5.83 -19.68
CA GLY E 36 -2.57 -5.32 -19.48
C GLY E 36 -3.67 -6.34 -19.61
N GLU E 37 -3.36 -7.53 -20.12
CA GLU E 37 -4.38 -8.55 -20.31
C GLU E 37 -4.93 -8.97 -18.96
N GLY E 38 -6.24 -9.16 -18.91
CA GLY E 38 -6.86 -9.51 -17.66
C GLY E 38 -6.48 -10.90 -17.20
N LEU E 39 -6.72 -11.15 -15.93
CA LEU E 39 -6.52 -12.48 -15.36
C LEU E 39 -7.73 -12.85 -14.54
N VAL E 40 -8.04 -14.12 -14.52
CA VAL E 40 -9.07 -14.67 -13.66
C VAL E 40 -8.44 -15.92 -13.07
N THR E 41 -8.14 -15.89 -11.78
CA THR E 41 -7.43 -16.98 -11.16
C THR E 41 -8.08 -18.30 -11.52
N ASP E 42 -7.26 -19.35 -11.57
CA ASP E 42 -7.83 -20.68 -11.69
C ASP E 42 -8.77 -20.95 -10.54
N VAL E 43 -8.48 -20.41 -9.36
CA VAL E 43 -9.35 -20.65 -8.22
C VAL E 43 -10.67 -19.96 -8.41
N CYS E 44 -10.71 -18.91 -9.23
CA CYS E 44 -11.98 -18.22 -9.47
C CYS E 44 -12.93 -19.09 -10.27
N LEU E 45 -12.44 -19.69 -11.36
CA LEU E 45 -13.30 -20.57 -12.13
C LEU E 45 -13.54 -21.87 -11.39
N LYS E 46 -12.55 -22.37 -10.68
CA LYS E 46 -12.80 -23.52 -9.84
C LYS E 46 -13.87 -23.18 -8.81
N ARG E 47 -13.89 -21.95 -8.34
CA ARG E 47 -14.91 -21.52 -7.40
C ARG E 47 -16.27 -21.50 -8.05
N LYS E 48 -16.36 -20.96 -9.25
CA LYS E 48 -17.68 -20.90 -9.87
C LYS E 48 -18.14 -22.29 -10.31
N VAL E 49 -17.22 -23.19 -10.63
CA VAL E 49 -17.60 -24.57 -10.86
C VAL E 49 -18.04 -25.22 -9.56
N ARG E 50 -17.38 -24.89 -8.45
CA ARG E 50 -17.83 -25.34 -7.15
C ARG E 50 -19.22 -24.83 -6.85
N ASN E 51 -19.46 -23.55 -7.11
CA ASN E 51 -20.77 -22.97 -6.89
C ASN E 51 -21.79 -23.65 -7.76
N PHE E 52 -21.42 -23.97 -9.00
CA PHE E 52 -22.35 -24.65 -9.88
C PHE E 52 -22.68 -26.05 -9.36
N ILE E 53 -21.68 -26.79 -8.90
CA ILE E 53 -21.95 -28.14 -8.43
C ILE E 53 -22.73 -28.10 -7.12
N GLN E 54 -22.40 -27.17 -6.24
CA GLN E 54 -23.17 -26.94 -5.04
C GLN E 54 -24.58 -26.51 -5.37
N MET E 55 -24.76 -25.87 -6.53
CA MET E 55 -26.08 -25.44 -6.97
C MET E 55 -26.90 -26.62 -7.46
N THR E 56 -26.34 -27.39 -8.38
CA THR E 56 -27.11 -28.36 -9.14
C THR E 56 -27.17 -29.73 -8.46
N GLN E 57 -26.02 -30.24 -8.01
CA GLN E 57 -25.98 -31.63 -7.53
C GLN E 57 -26.83 -31.80 -6.28
N ASN E 58 -26.60 -30.97 -5.26
CA ASN E 58 -27.36 -31.03 -4.00
C ASN E 58 -27.39 -32.44 -3.43
N ASP E 59 -26.33 -33.21 -3.61
CA ASP E 59 -26.34 -34.58 -3.13
C ASP E 59 -24.95 -34.99 -2.71
N GLU E 60 -24.90 -35.97 -1.82
CA GLU E 60 -23.63 -36.52 -1.38
C GLU E 60 -22.95 -37.22 -2.54
N HIS E 61 -21.62 -37.30 -2.46
CA HIS E 61 -20.69 -37.62 -3.54
C HIS E 61 -20.48 -36.44 -4.47
N HIS E 62 -21.08 -35.29 -4.21
CA HIS E 62 -20.75 -34.10 -5.00
C HIS E 62 -20.75 -32.84 -4.15
N ASP E 63 -20.39 -32.96 -2.88
CA ASP E 63 -20.28 -31.79 -2.05
C ASP E 63 -19.09 -30.95 -2.50
N ILE E 64 -18.86 -29.83 -1.82
CA ILE E 64 -18.05 -28.77 -2.40
C ILE E 64 -16.94 -28.24 -1.51
N PHE E 65 -16.87 -28.67 -0.26
CA PHE E 65 -15.73 -28.27 0.56
C PHE E 65 -15.70 -26.74 0.61
N ILE E 66 -16.67 -26.21 1.37
CA ILE E 66 -17.76 -25.33 0.95
C ILE E 66 -17.74 -23.88 1.42
N ARG E 67 -18.90 -23.23 1.30
CA ARG E 67 -19.17 -21.81 1.49
C ARG E 67 -18.80 -21.33 2.89
N GLU E 68 -19.02 -20.05 3.16
CA GLU E 68 -18.44 -19.30 4.27
C GLU E 68 -18.27 -20.11 5.54
N LYS E 69 -19.35 -20.56 6.15
CA LYS E 69 -19.24 -21.32 7.39
C LYS E 69 -18.73 -22.71 7.06
N GLY E 70 -17.60 -22.70 6.37
CA GLY E 70 -16.99 -23.86 5.76
C GLY E 70 -15.67 -24.15 6.41
N ILE E 71 -15.62 -24.14 7.74
CA ILE E 71 -14.38 -24.47 8.42
C ILE E 71 -13.95 -25.79 7.85
N LEU E 72 -12.85 -25.80 7.11
CA LEU E 72 -12.50 -26.98 6.34
C LEU E 72 -12.07 -28.12 7.23
N ASN E 73 -11.42 -27.81 8.35
CA ASN E 73 -11.07 -28.86 9.28
C ASN E 73 -12.29 -29.56 9.83
N ASN E 74 -13.44 -28.90 9.83
CA ASN E 74 -14.65 -29.61 10.24
C ASN E 74 -14.99 -30.72 9.26
N LEU E 75 -14.92 -30.43 7.96
CA LEU E 75 -15.18 -31.47 6.97
C LEU E 75 -14.11 -32.54 7.01
N ILE E 76 -12.86 -32.13 7.18
CA ILE E 76 -11.75 -33.06 7.25
C ILE E 76 -11.91 -33.99 8.45
N ASP E 77 -12.29 -33.44 9.60
CA ASP E 77 -12.54 -34.26 10.76
C ASP E 77 -13.79 -35.12 10.57
N GLU E 78 -14.74 -34.69 9.73
CA GLU E 78 -15.80 -35.61 9.35
C GLU E 78 -15.25 -36.81 8.62
N ALA E 79 -14.20 -36.60 7.81
CA ALA E 79 -13.58 -37.73 7.15
C ALA E 79 -13.03 -38.73 8.15
N HIS E 80 -12.43 -38.23 9.23
CA HIS E 80 -11.85 -39.14 10.20
C HIS E 80 -12.89 -39.72 11.14
N GLU E 81 -14.13 -39.26 11.06
CA GLU E 81 -15.26 -39.94 11.69
C GLU E 81 -16.01 -40.72 10.61
N GLN E 82 -15.41 -41.83 10.19
CA GLN E 82 -15.92 -42.63 9.08
C GLN E 82 -15.57 -44.09 9.34
N GLU E 83 -15.60 -44.89 8.28
CA GLU E 83 -15.09 -46.25 8.39
C GLU E 83 -13.61 -46.29 8.77
N ASN E 84 -12.88 -45.18 8.60
CA ASN E 84 -11.46 -45.11 8.87
C ASN E 84 -11.15 -44.36 10.16
N VAL E 85 -12.05 -44.41 11.15
CA VAL E 85 -11.77 -43.73 12.42
C VAL E 85 -10.46 -44.26 13.02
N LYS E 86 -10.35 -45.58 13.11
CA LYS E 86 -9.19 -46.20 13.74
C LYS E 86 -8.64 -47.27 12.82
N GLY E 87 -9.54 -47.90 12.06
CA GLY E 87 -9.19 -49.03 11.24
C GLY E 87 -8.20 -48.75 10.14
N LYS E 88 -7.71 -47.51 10.02
CA LYS E 88 -6.80 -47.18 8.94
C LYS E 88 -5.49 -46.56 9.40
N GLU E 89 -5.10 -46.77 10.65
CA GLU E 89 -3.67 -46.90 10.94
C GLU E 89 -2.85 -45.69 10.49
N LYS E 90 -2.82 -44.64 11.30
CA LYS E 90 -2.58 -43.26 10.90
C LYS E 90 -1.83 -43.03 9.60
N GLY E 91 -0.82 -43.83 9.29
CA GLY E 91 -0.16 -43.71 8.00
C GLY E 91 -1.13 -43.62 6.84
N GLU E 92 -1.91 -44.66 6.61
CA GLU E 92 -2.91 -44.66 5.55
C GLU E 92 -4.27 -44.19 6.01
N LYS E 93 -4.39 -43.72 7.25
CA LYS E 93 -5.61 -43.05 7.66
C LYS E 93 -5.84 -41.82 6.81
N THR E 94 -4.79 -41.04 6.57
CA THR E 94 -4.91 -39.88 5.72
C THR E 94 -5.23 -40.27 4.28
N GLU E 95 -4.77 -41.44 3.83
CA GLU E 95 -5.07 -41.85 2.47
C GLU E 95 -6.51 -42.30 2.35
N ALA E 96 -7.02 -43.04 3.34
CA ALA E 96 -8.44 -43.36 3.36
C ALA E 96 -9.28 -42.10 3.49
N ALA E 97 -8.80 -41.13 4.25
CA ALA E 97 -9.48 -39.85 4.34
C ALA E 97 -9.48 -39.14 2.99
N ARG E 98 -8.37 -39.19 2.27
CA ARG E 98 -8.36 -38.66 0.92
C ARG E 98 -9.40 -39.34 0.08
N GLN E 99 -9.45 -40.66 0.11
CA GLN E 99 -10.43 -41.36 -0.70
C GLN E 99 -11.84 -40.94 -0.32
N TYR E 100 -12.08 -40.71 0.97
CA TYR E 100 -13.39 -40.21 1.40
C TYR E 100 -13.65 -38.82 0.86
N MET E 101 -12.88 -37.82 1.33
CA MET E 101 -13.00 -36.46 0.83
C MET E 101 -13.11 -36.38 -0.68
N CYS E 102 -12.50 -37.32 -1.39
CA CYS E 102 -12.69 -37.37 -2.83
C CYS E 102 -14.07 -37.92 -3.17
N SER E 103 -14.51 -38.96 -2.47
CA SER E 103 -15.83 -39.50 -2.74
C SER E 103 -16.90 -38.45 -2.48
N ARG E 104 -16.92 -37.89 -1.28
CA ARG E 104 -17.99 -36.98 -0.90
C ARG E 104 -17.90 -35.67 -1.69
N TYR E 105 -16.74 -35.04 -1.70
CA TYR E 105 -16.63 -33.66 -2.15
C TYR E 105 -16.16 -33.63 -3.60
N TYR E 106 -17.06 -33.25 -4.49
CA TYR E 106 -16.73 -33.13 -5.90
C TYR E 106 -15.67 -32.07 -6.11
N ASP E 107 -15.66 -31.06 -5.25
CA ASP E 107 -14.54 -30.12 -5.25
C ASP E 107 -13.24 -30.87 -5.17
N ILE E 108 -13.13 -31.76 -4.21
CA ILE E 108 -11.90 -32.49 -3.96
C ILE E 108 -11.66 -33.55 -5.01
N ARG E 109 -12.71 -34.21 -5.46
CA ARG E 109 -12.55 -35.22 -6.48
C ARG E 109 -12.12 -34.63 -7.79
N THR E 110 -12.53 -33.40 -8.07
CA THR E 110 -12.35 -32.76 -9.36
C THR E 110 -11.16 -31.82 -9.39
N PHE E 111 -11.23 -30.75 -8.62
CA PHE E 111 -10.04 -30.00 -8.29
C PHE E 111 -9.42 -30.69 -7.10
N GLY E 112 -8.25 -30.29 -6.69
CA GLY E 112 -7.67 -30.92 -5.54
C GLY E 112 -8.21 -30.28 -4.30
N ALA E 113 -7.51 -30.51 -3.20
CA ALA E 113 -7.73 -29.71 -2.00
C ALA E 113 -6.60 -29.98 -1.04
N VAL E 114 -6.09 -28.91 -0.43
CA VAL E 114 -5.10 -29.04 0.61
C VAL E 114 -5.88 -29.30 1.89
N MET E 115 -6.04 -30.58 2.19
CA MET E 115 -6.80 -31.01 3.34
C MET E 115 -5.91 -31.69 4.37
N THR E 116 -4.62 -31.40 4.34
CA THR E 116 -3.67 -31.96 5.29
C THR E 116 -3.78 -31.32 6.65
N THR E 117 -4.87 -30.62 6.92
CA THR E 117 -4.86 -29.59 7.94
C THR E 117 -5.42 -30.06 9.28
N GLY E 118 -6.64 -30.57 9.31
CA GLY E 118 -7.24 -30.88 10.58
C GLY E 118 -6.82 -32.24 11.04
N LYS E 119 -7.77 -33.13 11.26
CA LYS E 119 -7.40 -34.52 11.41
C LYS E 119 -6.94 -34.95 10.02
N ASN E 120 -5.65 -34.82 9.76
CA ASN E 120 -5.10 -34.74 8.41
C ASN E 120 -5.82 -35.64 7.43
N ALA E 121 -6.38 -35.05 6.37
CA ALA E 121 -7.12 -35.82 5.39
C ALA E 121 -6.32 -35.99 4.10
N GLY E 122 -5.02 -35.90 4.17
CA GLY E 122 -4.22 -36.07 2.99
C GLY E 122 -4.19 -34.82 2.15
N GLN E 123 -3.82 -35.01 0.89
CA GLN E 123 -3.44 -33.90 0.03
C GLN E 123 -3.77 -34.31 -1.40
N VAL E 124 -4.91 -33.87 -1.88
CA VAL E 124 -5.42 -34.30 -3.17
C VAL E 124 -4.96 -33.34 -4.23
N ARG E 125 -4.37 -33.85 -5.32
CA ARG E 125 -3.94 -32.93 -6.35
C ARG E 125 -5.11 -32.41 -7.18
N GLY E 126 -6.01 -33.29 -7.57
CA GLY E 126 -7.13 -32.86 -8.34
C GLY E 126 -6.88 -32.99 -9.82
N PRO E 127 -7.62 -33.89 -10.46
CA PRO E 127 -7.42 -34.14 -11.88
C PRO E 127 -7.67 -32.92 -12.73
N VAL E 128 -8.60 -32.08 -12.35
CA VAL E 128 -8.96 -30.91 -13.13
C VAL E 128 -8.14 -29.73 -12.65
N GLN E 129 -7.31 -29.20 -13.51
CA GLN E 129 -6.48 -28.05 -13.19
C GLN E 129 -6.74 -27.00 -14.24
N LEU E 130 -7.60 -26.05 -13.90
CA LEU E 130 -7.72 -24.87 -14.72
C LEU E 130 -6.48 -24.03 -14.52
N THR E 131 -6.05 -23.34 -15.56
CA THR E 131 -4.94 -22.43 -15.39
C THR E 131 -5.51 -21.05 -15.08
N PHE E 132 -4.63 -20.07 -14.99
CA PHE E 132 -5.12 -18.71 -14.96
C PHE E 132 -5.73 -18.37 -16.30
N SER E 133 -6.69 -17.48 -16.28
CA SER E 133 -7.41 -17.10 -17.47
C SER E 133 -6.86 -15.75 -17.92
N ARG E 134 -5.98 -15.76 -18.90
CA ARG E 134 -5.46 -14.50 -19.39
C ARG E 134 -6.30 -14.05 -20.57
N SER E 135 -6.96 -12.91 -20.41
CA SER E 135 -7.80 -12.39 -21.48
C SER E 135 -7.01 -12.25 -22.76
N ILE E 136 -7.68 -12.48 -23.88
CA ILE E 136 -6.99 -12.42 -25.16
C ILE E 136 -6.38 -11.04 -25.38
N ASP E 137 -7.11 -10.00 -24.99
CA ASP E 137 -6.68 -8.63 -25.20
C ASP E 137 -6.68 -7.88 -23.88
N PRO E 138 -5.90 -6.83 -23.76
CA PRO E 138 -5.88 -6.06 -22.53
C PRO E 138 -7.27 -5.64 -22.11
N ILE E 139 -7.74 -6.13 -20.98
CA ILE E 139 -8.99 -5.64 -20.43
C ILE E 139 -8.81 -4.18 -20.06
N MET E 140 -9.75 -3.34 -20.47
CA MET E 140 -9.68 -1.93 -20.18
C MET E 140 -10.54 -1.62 -18.97
N THR E 141 -10.11 -2.17 -17.83
CA THR E 141 -10.86 -2.06 -16.59
C THR E 141 -11.37 -0.65 -16.39
N LEU E 142 -12.69 -0.51 -16.33
CA LEU E 142 -13.30 0.81 -16.39
C LEU E 142 -13.30 1.52 -15.04
N GLU E 143 -13.41 0.79 -13.94
CA GLU E 143 -13.40 1.39 -12.62
C GLU E 143 -14.48 2.45 -12.51
N HIS E 144 -15.72 1.99 -12.63
CA HIS E 144 -16.88 2.87 -12.59
C HIS E 144 -17.10 3.34 -11.17
N SER E 145 -16.78 4.59 -10.89
CA SER E 145 -17.12 5.13 -9.59
C SER E 145 -18.63 5.23 -9.48
N ILE E 146 -19.15 4.66 -8.42
CA ILE E 146 -20.59 4.60 -8.19
C ILE E 146 -20.86 5.37 -6.92
N THR E 147 -22.11 5.42 -6.52
CA THR E 147 -22.49 6.10 -5.30
C THR E 147 -23.39 5.18 -4.51
N ARG E 148 -23.40 5.37 -3.20
CA ARG E 148 -24.42 4.81 -2.35
C ARG E 148 -25.02 5.96 -1.57
N MET E 149 -26.33 6.04 -1.54
CA MET E 149 -26.97 7.04 -0.70
C MET E 149 -27.09 6.61 0.73
N ALA E 150 -26.24 5.70 1.16
CA ALA E 150 -26.25 5.22 2.51
C ALA E 150 -24.81 5.01 2.96
N VAL E 151 -24.60 5.11 4.27
CA VAL E 151 -23.28 4.84 4.81
C VAL E 151 -23.35 3.61 5.67
N THR E 152 -22.23 3.28 6.29
CA THR E 152 -22.08 2.25 7.27
C THR E 152 -21.78 2.97 8.57
N ASN E 153 -21.23 2.24 9.54
CA ASN E 153 -21.32 2.59 10.96
C ASN E 153 -21.29 4.08 11.21
N GLU E 154 -22.09 4.51 12.18
CA GLU E 154 -22.30 5.93 12.41
C GLU E 154 -21.01 6.52 12.96
N LYS E 155 -19.95 6.37 12.19
CA LYS E 155 -18.63 6.90 12.44
C LYS E 155 -18.18 7.54 11.14
N ASP E 156 -18.67 6.99 10.03
CA ASP E 156 -18.54 7.58 8.71
C ASP E 156 -19.80 8.30 8.29
N ALA E 157 -20.82 8.33 9.15
CA ALA E 157 -21.99 9.13 8.87
C ALA E 157 -21.62 10.61 8.83
N SER E 158 -22.28 11.33 7.93
CA SER E 158 -21.87 12.70 7.67
C SER E 158 -22.11 13.60 8.89
N GLU E 159 -21.29 14.64 9.00
CA GLU E 159 -21.52 15.68 9.99
C GLU E 159 -22.83 16.43 9.73
N THR E 160 -23.40 16.26 8.55
CA THR E 160 -24.76 16.62 8.25
C THR E 160 -25.56 15.35 8.01
N GLY E 161 -26.81 15.49 7.62
CA GLY E 161 -27.60 14.30 7.43
C GLY E 161 -27.33 13.52 6.17
N ASP E 162 -26.53 14.07 5.27
CA ASP E 162 -26.34 13.51 3.94
C ASP E 162 -25.31 12.40 4.00
N ASN E 163 -25.78 11.18 4.25
CA ASN E 163 -24.90 10.02 4.25
C ASN E 163 -24.74 9.47 2.85
N ARG E 164 -23.51 9.13 2.50
CA ARG E 164 -23.20 8.55 1.21
C ARG E 164 -21.79 8.01 1.25
N THR E 165 -21.55 6.89 0.57
CA THR E 165 -20.26 6.19 0.58
C THR E 165 -19.88 5.75 -0.83
N MET E 166 -19.71 6.72 -1.72
CA MET E 166 -19.65 6.49 -3.15
C MET E 166 -19.04 5.15 -3.56
N GLY E 167 -17.83 4.86 -3.12
CA GLY E 167 -17.28 3.58 -3.49
C GLY E 167 -17.04 3.42 -4.97
N ARG E 168 -16.52 2.26 -5.37
CA ARG E 168 -16.01 2.07 -6.71
C ARG E 168 -16.42 0.70 -7.22
N LYS E 169 -16.77 0.64 -8.50
CA LYS E 169 -17.23 -0.58 -9.14
C LYS E 169 -16.37 -0.78 -10.38
N PHE E 170 -15.38 -1.64 -10.26
CA PHE E 170 -14.49 -1.92 -11.38
C PHE E 170 -15.17 -2.87 -12.33
N THR E 171 -15.25 -2.50 -13.60
CA THR E 171 -15.82 -3.38 -14.61
C THR E 171 -14.87 -3.48 -15.79
N VAL E 172 -14.78 -4.69 -16.34
CA VAL E 172 -14.10 -4.91 -17.61
C VAL E 172 -15.11 -4.66 -18.72
N PRO E 173 -14.93 -3.62 -19.52
CA PRO E 173 -15.92 -3.33 -20.56
C PRO E 173 -16.03 -4.42 -21.58
N TYR E 174 -15.00 -5.24 -21.73
CA TYR E 174 -15.12 -6.58 -22.28
C TYR E 174 -13.77 -7.26 -22.16
N GLY E 175 -13.78 -8.51 -21.75
CA GLY E 175 -12.56 -9.28 -21.78
C GLY E 175 -12.84 -10.73 -22.07
N LEU E 176 -12.24 -11.28 -23.11
CA LEU E 176 -12.41 -12.69 -23.43
C LEU E 176 -11.26 -13.44 -22.80
N TYR E 177 -11.44 -13.82 -21.56
CA TYR E 177 -10.44 -14.58 -20.84
C TYR E 177 -10.37 -15.98 -21.43
N ARG E 178 -9.18 -16.54 -21.45
CA ARG E 178 -8.93 -17.84 -22.06
C ARG E 178 -8.26 -18.71 -21.01
N CYS E 179 -8.97 -19.70 -20.50
CA CYS E 179 -8.49 -20.55 -19.45
C CYS E 179 -8.11 -21.90 -20.03
N HIS E 180 -6.83 -22.19 -20.07
CA HIS E 180 -6.38 -23.52 -20.40
C HIS E 180 -6.58 -24.40 -19.19
N GLY E 181 -7.00 -25.63 -19.41
CA GLY E 181 -7.24 -26.55 -18.32
C GLY E 181 -6.82 -27.95 -18.70
N PHE E 182 -6.57 -28.75 -17.66
CA PHE E 182 -6.00 -30.07 -17.86
C PHE E 182 -6.72 -31.05 -16.95
N ILE E 183 -7.44 -31.99 -17.55
CA ILE E 183 -7.99 -33.12 -16.82
C ILE E 183 -6.93 -34.20 -16.90
N SER E 184 -6.15 -34.31 -15.84
CA SER E 184 -5.07 -35.28 -15.79
C SER E 184 -5.60 -36.61 -15.30
N THR E 185 -5.38 -37.66 -16.09
CA THR E 185 -5.91 -38.97 -15.76
C THR E 185 -5.22 -39.56 -14.56
N HIS E 186 -3.91 -39.32 -14.43
CA HIS E 186 -3.14 -39.98 -13.38
C HIS E 186 -3.68 -39.62 -12.00
N PHE E 187 -4.16 -38.39 -11.83
CA PHE E 187 -4.75 -37.96 -10.57
C PHE E 187 -6.24 -38.21 -10.50
N ALA E 188 -6.90 -38.38 -11.64
CA ALA E 188 -8.24 -38.94 -11.61
C ALA E 188 -8.23 -40.33 -11.01
N LYS E 189 -7.17 -41.11 -11.27
CA LYS E 189 -7.03 -42.38 -10.59
C LYS E 189 -6.91 -42.19 -9.08
N GLN E 190 -6.25 -41.11 -8.65
CA GLN E 190 -6.09 -40.89 -7.22
C GLN E 190 -7.41 -40.52 -6.56
N THR E 191 -8.18 -39.64 -7.19
CA THR E 191 -9.39 -39.13 -6.57
C THR E 191 -10.64 -39.89 -6.94
N GLY E 192 -10.58 -40.81 -7.89
CA GLY E 192 -11.79 -41.43 -8.34
C GLY E 192 -12.64 -40.55 -9.23
N PHE E 193 -12.08 -39.44 -9.69
CA PHE E 193 -12.74 -38.52 -10.60
C PHE E 193 -13.16 -39.23 -11.86
N SER E 194 -14.46 -39.39 -12.07
CA SER E 194 -14.98 -40.25 -13.12
C SER E 194 -15.47 -39.43 -14.30
N GLU E 195 -15.80 -40.13 -15.38
CA GLU E 195 -16.38 -39.45 -16.53
C GLU E 195 -17.72 -38.83 -16.20
N ASN E 196 -18.40 -39.34 -15.17
CA ASN E 196 -19.60 -38.66 -14.69
C ASN E 196 -19.24 -37.34 -14.02
N ASP E 197 -18.25 -37.35 -13.13
CA ASP E 197 -17.75 -36.11 -12.55
C ASP E 197 -17.17 -35.19 -13.60
N LEU E 198 -16.61 -35.75 -14.67
CA LEU E 198 -16.08 -34.93 -15.73
C LEU E 198 -17.18 -34.29 -16.57
N GLU E 199 -18.24 -35.03 -16.88
CA GLU E 199 -19.36 -34.41 -17.56
C GLU E 199 -20.00 -33.35 -16.69
N LEU E 200 -20.07 -33.60 -15.38
CA LEU E 200 -20.47 -32.56 -14.45
C LEU E 200 -19.57 -31.35 -14.59
N PHE E 201 -18.26 -31.57 -14.74
CA PHE E 201 -17.35 -30.44 -14.86
C PHE E 201 -17.56 -29.70 -16.18
N TRP E 202 -17.86 -30.41 -17.26
CA TRP E 202 -18.08 -29.72 -18.52
C TRP E 202 -19.36 -28.92 -18.49
N GLN E 203 -20.44 -29.49 -17.95
CA GLN E 203 -21.63 -28.70 -17.71
C GLN E 203 -21.31 -27.50 -16.84
N ALA E 204 -20.49 -27.71 -15.82
CA ALA E 204 -20.16 -26.64 -14.91
C ALA E 204 -19.39 -25.54 -15.61
N LEU E 205 -18.47 -25.90 -16.49
CA LEU E 205 -17.71 -24.88 -17.20
C LEU E 205 -18.61 -24.10 -18.14
N VAL E 206 -19.52 -24.79 -18.83
CA VAL E 206 -20.39 -24.07 -19.76
C VAL E 206 -21.36 -23.18 -19.01
N ASN E 207 -21.86 -23.64 -17.86
CA ASN E 207 -22.97 -22.99 -17.18
C ASN E 207 -22.58 -22.34 -15.87
N MET E 208 -21.29 -22.17 -15.63
CA MET E 208 -20.78 -21.64 -14.37
C MET E 208 -20.92 -20.14 -14.30
N PHE E 209 -21.18 -19.49 -15.41
CA PHE E 209 -21.34 -18.05 -15.43
C PHE E 209 -22.78 -17.62 -15.57
N ASP E 210 -23.64 -18.48 -16.09
CA ASP E 210 -25.06 -18.20 -16.11
C ASP E 210 -25.61 -18.11 -14.70
N HIS E 211 -24.89 -18.63 -13.71
CA HIS E 211 -25.40 -18.76 -12.37
C HIS E 211 -24.63 -17.98 -11.33
N ASP E 212 -23.35 -17.71 -11.56
CA ASP E 212 -22.53 -16.94 -10.63
C ASP E 212 -22.51 -15.51 -11.14
N HIS E 213 -23.57 -14.78 -10.83
CA HIS E 213 -23.70 -13.39 -11.23
C HIS E 213 -23.61 -12.50 -10.02
N SER E 214 -23.00 -11.35 -10.20
CA SER E 214 -22.83 -10.39 -9.14
C SER E 214 -23.10 -9.02 -9.70
N ALA E 215 -23.26 -8.04 -8.81
CA ALA E 215 -23.06 -6.68 -9.24
C ALA E 215 -21.63 -6.47 -9.72
N ALA E 216 -20.71 -7.32 -9.28
CA ALA E 216 -19.32 -7.24 -9.69
C ALA E 216 -19.11 -7.86 -11.06
N ARG E 217 -19.52 -9.11 -11.24
CA ARG E 217 -19.34 -9.78 -12.54
C ARG E 217 -19.98 -9.00 -13.66
N GLY E 218 -21.05 -8.28 -13.37
CA GLY E 218 -21.90 -7.87 -14.45
C GLY E 218 -22.32 -9.11 -15.19
N GLN E 219 -21.80 -9.27 -16.40
CA GLN E 219 -22.24 -10.33 -17.30
C GLN E 219 -21.03 -11.08 -17.81
N MET E 220 -20.86 -12.32 -17.33
CA MET E 220 -19.82 -13.20 -17.82
C MET E 220 -20.48 -14.40 -18.48
N ASN E 221 -19.90 -14.85 -19.58
CA ASN E 221 -20.41 -16.00 -20.30
C ASN E 221 -19.27 -16.94 -20.61
N ALA E 222 -19.62 -18.14 -21.04
CA ALA E 222 -18.66 -19.17 -21.39
C ALA E 222 -18.64 -19.28 -22.90
N ARG E 223 -17.76 -18.51 -23.53
CA ARG E 223 -17.75 -18.33 -24.97
C ARG E 223 -17.26 -19.55 -25.73
N GLY E 224 -16.78 -20.57 -25.04
CA GLY E 224 -16.36 -21.76 -25.74
C GLY E 224 -15.62 -22.71 -24.84
N LEU E 225 -15.87 -23.99 -24.98
CA LEU E 225 -15.15 -25.01 -24.22
C LEU E 225 -14.75 -26.07 -25.24
N TYR E 226 -13.53 -25.95 -25.74
CA TYR E 226 -13.00 -26.89 -26.71
C TYR E 226 -12.15 -27.89 -25.96
N VAL E 227 -12.64 -29.11 -25.82
CA VAL E 227 -11.98 -30.13 -25.03
C VAL E 227 -11.25 -31.06 -25.97
N PHE E 228 -9.95 -31.20 -25.76
CA PHE E 228 -9.10 -32.11 -26.50
C PHE E 228 -9.02 -33.38 -25.67
N GLU E 229 -9.76 -34.40 -26.06
CA GLU E 229 -9.75 -35.68 -25.38
C GLU E 229 -8.72 -36.57 -26.07
N HIS E 230 -7.62 -36.84 -25.39
CA HIS E 230 -6.59 -37.70 -25.92
C HIS E 230 -7.03 -39.15 -25.88
N SER E 231 -6.51 -39.96 -26.80
CA SER E 231 -6.80 -41.38 -26.77
C SER E 231 -6.23 -42.04 -25.52
N ASN E 232 -4.98 -41.74 -25.21
CA ASN E 232 -4.30 -42.40 -24.12
C ASN E 232 -4.65 -41.77 -22.78
N ASN E 233 -4.34 -42.50 -21.70
CA ASN E 233 -4.17 -41.85 -20.41
C ASN E 233 -3.08 -40.80 -20.52
N LEU E 234 -2.03 -41.11 -21.29
CA LEU E 234 -1.01 -40.14 -21.64
C LEU E 234 -1.58 -39.14 -22.64
N GLY E 235 -0.74 -38.20 -23.05
CA GLY E 235 -1.13 -37.20 -24.03
C GLY E 235 -0.75 -37.64 -25.42
N ASP E 236 -1.74 -37.68 -26.31
CA ASP E 236 -1.45 -37.98 -27.72
C ASP E 236 -0.58 -36.90 -28.32
N ALA E 237 -0.84 -35.65 -28.00
CA ALA E 237 -0.09 -34.51 -28.50
C ALA E 237 0.30 -33.64 -27.32
N PRO E 238 1.34 -32.83 -27.45
CA PRO E 238 1.66 -31.88 -26.39
C PRO E 238 0.50 -30.93 -26.19
N ALA E 239 0.26 -30.56 -24.93
CA ALA E 239 -0.93 -29.79 -24.60
C ALA E 239 -0.95 -28.46 -25.31
N ASP E 240 0.18 -27.77 -25.36
CA ASP E 240 0.18 -26.46 -26.01
C ASP E 240 0.17 -26.55 -27.52
N SER E 241 0.66 -27.63 -28.11
CA SER E 241 0.45 -27.79 -29.53
C SER E 241 -1.02 -28.00 -29.86
N LEU E 242 -1.83 -28.27 -28.84
CA LEU E 242 -3.28 -28.32 -28.98
C LEU E 242 -3.89 -26.96 -28.73
N PHE E 243 -3.51 -26.32 -27.63
CA PHE E 243 -4.07 -25.03 -27.29
C PHE E 243 -3.80 -24.00 -28.36
N LYS E 244 -2.74 -24.17 -29.14
CA LYS E 244 -2.52 -23.29 -30.27
C LYS E 244 -3.47 -23.58 -31.42
N ARG E 245 -4.23 -24.69 -31.36
CA ARG E 245 -5.27 -24.89 -32.35
C ARG E 245 -6.44 -23.97 -32.11
N ILE E 246 -6.73 -23.67 -30.84
CA ILE E 246 -7.78 -22.70 -30.51
C ILE E 246 -7.12 -21.34 -30.50
N GLN E 247 -6.99 -20.74 -31.67
CA GLN E 247 -6.40 -19.42 -31.75
C GLN E 247 -7.53 -18.40 -31.68
N VAL E 248 -7.52 -17.59 -30.64
CA VAL E 248 -8.52 -16.55 -30.43
C VAL E 248 -7.84 -15.22 -30.67
N VAL E 249 -8.34 -14.48 -31.64
CA VAL E 249 -7.76 -13.20 -31.99
C VAL E 249 -8.87 -12.18 -31.99
N LYS E 250 -8.52 -10.92 -31.79
CA LYS E 250 -9.48 -9.87 -32.07
C LYS E 250 -9.71 -9.83 -33.57
N LYS E 251 -10.95 -9.61 -33.98
CA LYS E 251 -11.27 -9.71 -35.40
C LYS E 251 -10.53 -8.64 -36.19
N ASP E 252 -10.79 -8.65 -37.50
CA ASP E 252 -10.01 -7.92 -38.47
C ASP E 252 -9.74 -6.48 -38.04
N GLY E 253 -10.80 -5.70 -37.85
CA GLY E 253 -10.64 -4.27 -37.69
C GLY E 253 -11.21 -3.68 -36.42
N VAL E 254 -11.05 -4.37 -35.30
CA VAL E 254 -11.51 -3.85 -34.01
C VAL E 254 -10.31 -3.28 -33.26
N GLU E 255 -10.40 -1.99 -32.93
CA GLU E 255 -9.30 -1.35 -32.21
C GLU E 255 -9.07 -2.03 -30.87
N VAL E 256 -10.12 -2.22 -30.09
CA VAL E 256 -10.09 -3.16 -28.98
C VAL E 256 -11.52 -3.62 -28.75
N VAL E 257 -11.66 -4.81 -28.19
CA VAL E 257 -12.90 -5.55 -28.27
C VAL E 257 -13.95 -4.97 -27.35
N ARG E 258 -15.20 -5.26 -27.66
CA ARG E 258 -16.30 -4.92 -26.78
C ARG E 258 -17.32 -6.03 -26.68
N SER E 259 -17.15 -7.13 -27.41
CA SER E 259 -18.04 -8.28 -27.30
C SER E 259 -17.35 -9.46 -27.96
N PHE E 260 -17.89 -10.65 -27.71
CA PHE E 260 -17.36 -11.85 -28.35
C PHE E 260 -17.43 -11.73 -29.85
N ASP E 261 -18.35 -10.93 -30.36
CA ASP E 261 -18.42 -10.65 -31.78
C ASP E 261 -17.23 -9.83 -32.25
N ASP E 262 -16.36 -9.39 -31.34
CA ASP E 262 -15.11 -8.77 -31.73
C ASP E 262 -13.94 -9.74 -31.75
N TYR E 263 -14.13 -10.97 -31.28
CA TYR E 263 -13.11 -12.00 -31.32
C TYR E 263 -13.48 -13.07 -32.32
N LEU E 264 -12.52 -13.44 -33.15
CA LEU E 264 -12.61 -14.63 -33.98
C LEU E 264 -11.94 -15.74 -33.20
N VAL E 265 -12.70 -16.79 -32.90
CA VAL E 265 -12.16 -17.99 -32.26
C VAL E 265 -12.02 -19.04 -33.36
N SER E 266 -10.84 -19.11 -33.95
CA SER E 266 -10.56 -20.09 -34.99
C SER E 266 -10.11 -21.37 -34.31
N VAL E 267 -10.85 -22.42 -34.54
CA VAL E 267 -10.51 -23.73 -34.00
C VAL E 267 -9.92 -24.56 -35.12
N ASP E 268 -8.74 -25.11 -34.89
CA ASP E 268 -8.01 -25.87 -35.90
C ASP E 268 -8.04 -27.34 -35.48
N ASP E 269 -9.12 -28.03 -35.83
CA ASP E 269 -9.21 -29.47 -35.64
C ASP E 269 -8.78 -30.23 -36.87
N LYS E 270 -7.88 -29.67 -37.67
CA LYS E 270 -7.55 -30.25 -38.97
C LYS E 270 -6.83 -31.59 -38.82
N ASN E 271 -5.77 -31.62 -38.02
CA ASN E 271 -4.90 -32.79 -37.97
C ASN E 271 -4.77 -33.41 -36.59
N LEU E 272 -5.45 -32.87 -35.58
CA LEU E 272 -5.34 -33.45 -34.25
C LEU E 272 -5.88 -34.87 -34.18
N GLU E 273 -6.64 -35.28 -35.17
CA GLU E 273 -7.28 -36.60 -35.15
C GLU E 273 -6.30 -37.71 -35.30
N GLU E 274 -5.00 -37.39 -35.19
CA GLU E 274 -3.96 -38.41 -35.23
C GLU E 274 -4.41 -39.66 -34.48
N THR E 275 -4.75 -39.50 -33.20
CA THR E 275 -5.45 -40.52 -32.45
C THR E 275 -6.50 -39.90 -31.53
N LYS E 276 -6.86 -38.64 -31.75
CA LYS E 276 -7.35 -37.80 -30.68
C LYS E 276 -8.58 -37.02 -31.08
N LEU E 277 -9.47 -36.78 -30.11
CA LEU E 277 -10.72 -36.09 -30.36
C LEU E 277 -10.63 -34.64 -29.92
N LEU E 278 -11.31 -33.77 -30.65
CA LEU E 278 -11.63 -32.43 -30.19
C LEU E 278 -13.14 -32.29 -30.19
N ARG E 279 -13.72 -32.09 -29.02
CA ARG E 279 -15.15 -31.91 -28.86
C ARG E 279 -15.40 -30.48 -28.42
N LYS E 280 -16.18 -29.74 -29.22
CA LYS E 280 -16.44 -28.34 -28.94
C LYS E 280 -17.64 -28.28 -28.00
N LEU E 281 -17.35 -28.54 -26.72
CA LEU E 281 -18.42 -28.64 -25.73
C LEU E 281 -19.14 -27.31 -25.56
N GLY E 282 -18.41 -26.20 -25.54
CA GLY E 282 -19.03 -24.94 -25.18
C GLY E 282 -19.25 -23.98 -26.32
N GLY E 283 -18.49 -24.14 -27.41
CA GLY E 283 -18.58 -23.20 -28.51
C GLY E 283 -18.72 -23.84 -29.87
N THR F 1 -44.09 53.51 -10.29
CA THR F 1 -44.16 52.32 -11.13
C THR F 1 -45.58 52.10 -11.63
N ILE F 2 -45.70 51.42 -12.75
CA ILE F 2 -47.00 51.13 -13.33
C ILE F 2 -47.61 49.96 -12.57
N GLU F 3 -48.94 49.99 -12.42
CA GLU F 3 -49.65 48.93 -11.72
C GLU F 3 -50.40 48.01 -12.64
N LYS F 4 -50.96 48.54 -13.73
CA LYS F 4 -51.67 47.75 -14.71
C LYS F 4 -50.66 47.09 -15.64
N ARG F 5 -50.84 45.80 -15.91
CA ARG F 5 -49.97 45.10 -16.86
C ARG F 5 -50.55 45.32 -18.25
N TYR F 6 -49.77 45.96 -19.11
CA TYR F 6 -50.25 46.21 -20.46
C TYR F 6 -49.63 45.23 -21.43
N ASP F 7 -50.34 44.95 -22.50
CA ASP F 7 -49.80 44.23 -23.65
C ASP F 7 -50.27 44.97 -24.88
N PHE F 8 -49.35 45.50 -25.67
CA PHE F 8 -49.78 46.35 -26.77
C PHE F 8 -49.39 45.75 -28.10
N VAL F 9 -50.36 45.64 -29.00
CA VAL F 9 -50.08 45.37 -30.40
C VAL F 9 -49.75 46.72 -31.02
N PHE F 10 -48.49 46.94 -31.33
CA PHE F 10 -48.07 48.12 -32.07
C PHE F 10 -48.01 47.76 -33.55
N LEU F 11 -48.80 48.42 -34.35
CA LEU F 11 -48.77 48.23 -35.79
C LEU F 11 -48.19 49.50 -36.37
N PHE F 12 -46.97 49.42 -36.86
CA PHE F 12 -46.44 50.56 -37.59
C PHE F 12 -46.35 50.17 -39.04
N ASP F 13 -46.01 51.10 -39.91
CA ASP F 13 -45.86 50.74 -41.30
C ASP F 13 -44.74 51.55 -41.92
N VAL F 14 -44.12 50.94 -42.92
CA VAL F 14 -43.12 51.61 -43.72
C VAL F 14 -43.71 51.77 -45.11
N GLN F 15 -43.83 53.02 -45.56
CA GLN F 15 -44.46 53.20 -46.87
C GLN F 15 -43.47 52.91 -47.98
N ASP F 16 -42.43 53.73 -48.12
CA ASP F 16 -41.41 53.50 -49.15
C ASP F 16 -40.06 53.65 -48.48
N GLY F 17 -39.56 52.56 -47.92
CA GLY F 17 -38.29 52.67 -47.24
C GLY F 17 -37.92 51.35 -46.61
N ASN F 18 -36.77 51.38 -45.94
CA ASN F 18 -36.21 50.21 -45.31
C ASN F 18 -36.50 50.29 -43.82
N PRO F 19 -37.39 49.49 -43.29
CA PRO F 19 -37.79 49.64 -41.89
C PRO F 19 -36.65 49.35 -40.96
N ASN F 20 -36.10 48.16 -41.12
CA ASN F 20 -34.99 47.68 -40.31
C ASN F 20 -34.14 46.85 -41.26
N GLY F 21 -33.07 47.44 -41.77
CA GLY F 21 -32.17 46.68 -42.61
C GLY F 21 -31.51 45.56 -41.85
N ASP F 22 -31.24 44.47 -42.55
CA ASP F 22 -30.55 43.35 -41.95
C ASP F 22 -29.07 43.53 -42.22
N PRO F 23 -28.24 43.78 -41.21
CA PRO F 23 -26.81 43.88 -41.47
C PRO F 23 -26.22 42.61 -42.02
N ASP F 24 -26.86 41.47 -41.77
CA ASP F 24 -26.46 40.24 -42.42
C ASP F 24 -26.86 40.22 -43.89
N ALA F 25 -27.80 41.07 -44.29
CA ALA F 25 -28.25 41.15 -45.68
C ALA F 25 -28.16 42.60 -46.11
N GLY F 26 -26.97 43.02 -46.51
CA GLY F 26 -26.74 44.37 -46.96
C GLY F 26 -27.31 45.41 -46.04
N ASN F 27 -28.30 46.13 -46.53
CA ASN F 27 -29.24 46.83 -45.68
C ASN F 27 -30.64 46.34 -45.95
N LEU F 28 -30.74 45.11 -46.46
CA LEU F 28 -32.03 44.58 -46.88
C LEU F 28 -32.98 44.53 -45.68
N PRO F 29 -34.24 44.90 -45.86
CA PRO F 29 -35.18 44.82 -44.75
C PRO F 29 -35.16 43.41 -44.18
N ARG F 30 -35.12 43.32 -42.85
CA ARG F 30 -35.12 42.01 -42.24
C ARG F 30 -36.36 41.27 -42.68
N ILE F 31 -36.20 40.26 -43.47
CA ILE F 31 -37.33 39.44 -43.86
C ILE F 31 -37.29 38.18 -43.03
N ASP F 32 -38.45 37.66 -42.71
CA ASP F 32 -38.49 36.29 -42.25
C ASP F 32 -38.26 35.43 -43.47
N PRO F 33 -37.22 34.64 -43.50
CA PRO F 33 -36.93 33.83 -44.67
C PRO F 33 -38.12 33.00 -45.10
N GLN F 34 -38.57 32.16 -44.18
CA GLN F 34 -39.51 31.11 -44.55
C GLN F 34 -40.91 31.60 -44.78
N THR F 35 -41.16 32.91 -44.67
CA THR F 35 -42.44 33.45 -45.06
C THR F 35 -42.35 34.80 -45.75
N GLY F 36 -41.16 35.31 -46.03
CA GLY F 36 -41.02 36.59 -46.66
C GLY F 36 -41.53 37.77 -45.85
N GLU F 37 -42.12 37.53 -44.69
CA GLU F 37 -42.58 38.61 -43.85
C GLU F 37 -41.40 39.41 -43.33
N GLY F 38 -41.53 40.73 -43.39
CA GLY F 38 -40.47 41.57 -42.88
C GLY F 38 -40.38 41.53 -41.38
N LEU F 39 -39.19 41.79 -40.86
CA LEU F 39 -38.98 41.94 -39.44
C LEU F 39 -38.39 43.32 -39.15
N VAL F 40 -38.86 43.90 -38.06
CA VAL F 40 -38.30 45.12 -37.52
C VAL F 40 -37.98 44.78 -36.08
N THR F 41 -36.70 44.62 -35.78
CA THR F 41 -36.26 44.03 -34.52
C THR F 41 -36.91 44.67 -33.32
N ASP F 42 -36.91 43.93 -32.21
CA ASP F 42 -37.20 44.51 -30.91
C ASP F 42 -36.54 45.86 -30.83
N VAL F 43 -35.25 45.87 -31.14
CA VAL F 43 -34.38 46.98 -30.85
C VAL F 43 -34.52 48.10 -31.86
N CYS F 44 -35.00 47.84 -33.06
CA CYS F 44 -35.25 48.93 -33.98
C CYS F 44 -36.35 49.84 -33.47
N LEU F 45 -37.47 49.26 -33.08
CA LEU F 45 -38.53 50.04 -32.48
C LEU F 45 -38.08 50.62 -31.15
N LYS F 46 -37.38 49.83 -30.35
CA LYS F 46 -36.91 50.36 -29.08
C LYS F 46 -36.04 51.56 -29.31
N ARG F 47 -35.23 51.55 -30.36
CA ARG F 47 -34.35 52.66 -30.64
C ARG F 47 -35.10 53.84 -31.21
N LYS F 48 -36.14 53.59 -31.98
CA LYS F 48 -36.93 54.74 -32.41
C LYS F 48 -37.67 55.36 -31.25
N VAL F 49 -38.11 54.55 -30.29
CA VAL F 49 -38.63 55.09 -29.04
C VAL F 49 -37.56 55.91 -28.35
N ARG F 50 -36.34 55.40 -28.33
CA ARG F 50 -35.25 56.10 -27.67
C ARG F 50 -34.98 57.44 -28.32
N ASN F 51 -34.98 57.47 -29.65
CA ASN F 51 -34.79 58.72 -30.36
C ASN F 51 -35.91 59.69 -30.06
N PHE F 52 -37.15 59.21 -29.99
CA PHE F 52 -38.25 60.11 -29.68
C PHE F 52 -38.12 60.67 -28.28
N ILE F 53 -37.73 59.85 -27.32
CA ILE F 53 -37.59 60.35 -25.96
C ILE F 53 -36.40 61.28 -25.86
N GLN F 54 -35.32 60.97 -26.57
CA GLN F 54 -34.18 61.88 -26.65
C GLN F 54 -34.55 63.18 -27.31
N MET F 55 -35.61 63.17 -28.10
CA MET F 55 -36.07 64.34 -28.83
C MET F 55 -37.01 65.22 -28.01
N THR F 56 -37.98 64.61 -27.33
CA THR F 56 -38.95 65.38 -26.57
C THR F 56 -38.40 65.77 -25.21
N GLN F 57 -37.98 64.76 -24.45
CA GLN F 57 -37.73 64.97 -23.03
C GLN F 57 -36.51 65.85 -22.81
N ASN F 58 -35.34 65.37 -23.24
CA ASN F 58 -34.09 66.12 -23.11
C ASN F 58 -33.86 66.53 -21.66
N ASP F 59 -34.34 65.71 -20.74
CA ASP F 59 -34.33 66.05 -19.32
C ASP F 59 -33.74 64.93 -18.51
N GLU F 60 -33.16 65.28 -17.37
CA GLU F 60 -32.84 64.28 -16.37
C GLU F 60 -34.09 63.51 -16.02
N HIS F 61 -33.90 62.23 -15.69
CA HIS F 61 -34.94 61.22 -15.51
C HIS F 61 -35.47 60.76 -16.85
N HIS F 62 -34.99 61.31 -17.96
CA HIS F 62 -35.43 60.84 -19.26
C HIS F 62 -34.29 60.81 -20.26
N ASP F 63 -33.07 60.70 -19.80
CA ASP F 63 -31.98 60.48 -20.74
C ASP F 63 -32.10 59.08 -21.33
N ILE F 64 -31.23 58.78 -22.29
CA ILE F 64 -31.59 57.81 -23.32
C ILE F 64 -30.60 56.67 -23.46
N PHE F 65 -29.43 56.76 -22.81
CA PHE F 65 -28.49 55.64 -22.83
C PHE F 65 -28.10 55.36 -24.29
N ILE F 66 -27.29 56.29 -24.80
CA ILE F 66 -27.55 57.16 -25.96
C ILE F 66 -26.79 56.86 -27.24
N ARG F 67 -26.89 57.78 -28.19
CA ARG F 67 -26.41 57.68 -29.56
C ARG F 67 -24.88 57.58 -29.56
N GLU F 68 -24.28 57.63 -30.75
CA GLU F 68 -22.88 57.33 -31.02
C GLU F 68 -21.94 57.68 -29.88
N LYS F 69 -21.97 58.93 -29.40
CA LYS F 69 -21.14 59.25 -28.25
C LYS F 69 -21.78 58.61 -27.03
N GLY F 70 -21.92 57.29 -27.10
CA GLY F 70 -22.61 56.50 -26.11
C GLY F 70 -21.77 55.38 -25.58
N ILE F 71 -20.49 55.60 -25.29
CA ILE F 71 -19.75 54.53 -24.66
C ILE F 71 -20.57 54.19 -23.42
N LEU F 72 -21.16 53.00 -23.41
CA LEU F 72 -22.16 52.70 -22.38
C LEU F 72 -21.51 52.59 -21.02
N ASN F 73 -20.28 52.10 -20.96
CA ASN F 73 -19.60 52.04 -19.68
C ASN F 73 -19.40 53.43 -19.10
N ASN F 74 -19.34 54.46 -19.94
CA ASN F 74 -19.24 55.81 -19.41
C ASN F 74 -20.48 56.17 -18.61
N LEU F 75 -21.66 55.93 -19.17
CA LEU F 75 -22.89 56.23 -18.45
C LEU F 75 -23.02 55.34 -17.22
N ILE F 76 -22.65 54.07 -17.35
CA ILE F 76 -22.69 53.15 -16.23
C ILE F 76 -21.78 53.62 -15.11
N ASP F 77 -20.58 54.08 -15.44
CA ASP F 77 -19.69 54.63 -14.44
C ASP F 77 -20.26 55.90 -13.83
N GLU F 78 -20.85 56.76 -14.65
CA GLU F 78 -21.51 57.95 -14.14
C GLU F 78 -22.61 57.58 -13.15
N ALA F 79 -23.18 56.38 -13.27
CA ALA F 79 -24.08 55.91 -12.23
C ALA F 79 -23.36 55.69 -10.92
N HIS F 80 -22.13 55.19 -10.97
CA HIS F 80 -21.42 54.89 -9.74
C HIS F 80 -20.90 56.12 -9.05
N GLU F 81 -20.57 57.18 -9.79
CA GLU F 81 -20.16 58.44 -9.18
C GLU F 81 -21.40 59.27 -8.85
N GLN F 82 -22.09 58.81 -7.81
CA GLN F 82 -23.39 59.36 -7.42
C GLN F 82 -23.49 59.26 -5.90
N GLU F 83 -24.72 59.32 -5.38
CA GLU F 83 -24.92 59.04 -3.96
C GLU F 83 -24.29 57.71 -3.55
N ASN F 84 -24.08 56.80 -4.48
CA ASN F 84 -23.54 55.47 -4.20
C ASN F 84 -22.10 55.31 -4.63
N VAL F 85 -21.26 56.34 -4.48
CA VAL F 85 -19.85 56.21 -4.82
C VAL F 85 -19.22 55.09 -3.99
N LYS F 86 -19.39 55.16 -2.68
CA LYS F 86 -18.82 54.16 -1.80
C LYS F 86 -19.77 53.67 -0.72
N GLY F 87 -20.86 54.37 -0.45
CA GLY F 87 -21.70 54.01 0.66
C GLY F 87 -22.63 52.85 0.40
N LYS F 88 -22.50 52.19 -0.75
CA LYS F 88 -23.47 51.17 -1.14
C LYS F 88 -22.87 49.79 -1.36
N GLU F 89 -21.68 49.49 -0.80
CA GLU F 89 -21.39 48.11 -0.43
C GLU F 89 -21.49 47.13 -1.61
N LYS F 90 -20.44 47.05 -2.42
CA LYS F 90 -20.44 46.56 -3.81
C LYS F 90 -21.58 45.62 -4.20
N GLY F 91 -21.97 44.70 -3.33
CA GLY F 91 -23.10 43.85 -3.67
C GLY F 91 -24.34 44.64 -4.06
N GLU F 92 -24.70 45.63 -3.26
CA GLU F 92 -25.83 46.50 -3.57
C GLU F 92 -25.41 47.83 -4.14
N LYS F 93 -24.11 48.06 -4.34
CA LYS F 93 -23.68 49.22 -5.11
C LYS F 93 -24.23 49.15 -6.52
N THR F 94 -24.17 47.97 -7.13
CA THR F 94 -24.70 47.81 -8.47
C THR F 94 -26.21 47.92 -8.48
N GLU F 95 -26.87 47.50 -7.39
CA GLU F 95 -28.31 47.71 -7.31
C GLU F 95 -28.64 49.18 -7.21
N ALA F 96 -27.86 49.94 -6.45
CA ALA F 96 -28.08 51.37 -6.36
C ALA F 96 -27.79 52.07 -7.68
N ALA F 97 -26.75 51.64 -8.39
CA ALA F 97 -26.47 52.20 -9.71
C ALA F 97 -27.56 51.83 -10.70
N ARG F 98 -28.05 50.59 -10.62
CA ARG F 98 -29.16 50.16 -11.43
C ARG F 98 -30.38 51.02 -11.17
N GLN F 99 -30.65 51.33 -9.91
CA GLN F 99 -31.73 52.25 -9.58
C GLN F 99 -31.45 53.64 -10.12
N TYR F 100 -30.20 54.09 -10.07
CA TYR F 100 -29.89 55.43 -10.56
C TYR F 100 -30.17 55.53 -12.05
N MET F 101 -29.80 54.51 -12.81
CA MET F 101 -30.03 54.57 -14.25
C MET F 101 -31.45 54.20 -14.61
N CYS F 102 -32.15 53.45 -13.76
CA CYS F 102 -33.59 53.30 -13.91
C CYS F 102 -34.35 54.53 -13.46
N SER F 103 -33.67 55.50 -12.87
CA SER F 103 -34.27 56.80 -12.63
C SER F 103 -33.90 57.82 -13.69
N ARG F 104 -32.61 57.86 -14.05
CA ARG F 104 -32.13 58.85 -15.00
C ARG F 104 -32.52 58.48 -16.42
N TYR F 105 -32.39 57.22 -16.77
CA TYR F 105 -32.39 56.79 -18.17
C TYR F 105 -33.77 56.24 -18.49
N TYR F 106 -34.61 57.07 -19.11
CA TYR F 106 -35.90 56.59 -19.56
C TYR F 106 -35.75 55.37 -20.43
N ASP F 107 -34.65 55.30 -21.16
CA ASP F 107 -34.27 54.06 -21.83
C ASP F 107 -34.28 52.89 -20.89
N ILE F 108 -33.61 53.03 -19.74
CA ILE F 108 -33.47 51.93 -18.82
C ILE F 108 -34.69 51.80 -17.91
N ARG F 109 -35.46 52.87 -17.74
CA ARG F 109 -36.79 52.71 -17.16
C ARG F 109 -37.62 51.81 -18.03
N THR F 110 -37.97 52.30 -19.22
CA THR F 110 -38.88 51.64 -20.14
C THR F 110 -38.35 50.30 -20.58
N PHE F 111 -37.25 50.32 -21.31
CA PHE F 111 -36.62 49.10 -21.75
C PHE F 111 -35.57 48.79 -20.71
N GLY F 112 -34.97 47.63 -20.80
CA GLY F 112 -33.90 47.30 -19.90
C GLY F 112 -32.60 47.86 -20.41
N ALA F 113 -31.52 47.37 -19.83
CA ALA F 113 -30.21 47.60 -20.39
C ALA F 113 -29.23 46.64 -19.76
N VAL F 114 -28.47 45.93 -20.57
CA VAL F 114 -27.39 45.13 -20.01
C VAL F 114 -26.35 46.12 -19.54
N MET F 115 -26.26 46.27 -18.23
CA MET F 115 -25.44 47.27 -17.58
C MET F 115 -24.35 46.62 -16.76
N THR F 116 -24.19 45.31 -16.87
CA THR F 116 -23.22 44.56 -16.10
C THR F 116 -21.82 44.75 -16.59
N THR F 117 -21.60 45.78 -17.39
CA THR F 117 -20.41 45.86 -18.22
C THR F 117 -19.27 46.65 -17.60
N GLY F 118 -19.47 47.93 -17.33
CA GLY F 118 -18.37 48.74 -16.87
C GLY F 118 -18.19 48.59 -15.38
N LYS F 119 -18.20 49.70 -14.66
CA LYS F 119 -18.33 49.56 -13.22
C LYS F 119 -19.75 49.06 -13.01
N ASN F 120 -19.90 47.74 -12.94
CA ASN F 120 -21.17 47.05 -13.15
C ASN F 120 -22.33 47.80 -12.54
N ALA F 121 -23.30 48.15 -13.39
CA ALA F 121 -24.51 48.85 -12.95
C ALA F 121 -25.72 47.96 -13.06
N GLY F 122 -25.55 46.69 -12.75
CA GLY F 122 -26.68 45.81 -12.69
C GLY F 122 -27.15 45.39 -14.07
N GLN F 123 -28.39 44.94 -14.10
CA GLN F 123 -28.94 44.24 -15.25
C GLN F 123 -30.46 44.48 -15.23
N VAL F 124 -30.90 45.47 -15.98
CA VAL F 124 -32.28 45.90 -15.95
C VAL F 124 -33.05 45.12 -16.99
N ARG F 125 -34.23 44.63 -16.62
CA ARG F 125 -35.03 44.03 -17.67
C ARG F 125 -35.89 45.04 -18.38
N GLY F 126 -36.52 45.94 -17.66
CA GLY F 126 -37.30 46.96 -18.31
C GLY F 126 -38.66 46.40 -18.65
N PRO F 127 -39.68 47.06 -18.20
CA PRO F 127 -41.03 46.54 -18.39
C PRO F 127 -41.37 46.34 -19.83
N VAL F 128 -41.29 47.43 -20.59
CA VAL F 128 -41.80 47.41 -21.95
C VAL F 128 -40.86 46.58 -22.81
N GLN F 129 -41.29 45.38 -23.17
CA GLN F 129 -40.56 44.50 -24.05
C GLN F 129 -41.30 44.48 -25.37
N LEU F 130 -40.70 45.03 -26.40
CA LEU F 130 -41.28 44.92 -27.72
C LEU F 130 -40.86 43.61 -28.35
N THR F 131 -41.70 43.05 -29.19
CA THR F 131 -41.42 41.82 -29.91
C THR F 131 -41.00 42.18 -31.33
N PHE F 132 -40.21 41.30 -31.94
CA PHE F 132 -39.86 41.46 -33.34
C PHE F 132 -41.12 41.72 -34.15
N SER F 133 -41.06 42.75 -34.97
CA SER F 133 -42.24 43.20 -35.70
C SER F 133 -42.35 42.43 -36.99
N ARG F 134 -43.30 41.51 -37.06
CA ARG F 134 -43.55 40.77 -38.29
C ARG F 134 -44.50 41.56 -39.16
N SER F 135 -44.07 41.89 -40.37
CA SER F 135 -44.98 42.47 -41.34
C SER F 135 -46.15 41.52 -41.53
N ILE F 136 -47.35 42.08 -41.64
CA ILE F 136 -48.53 41.24 -41.74
C ILE F 136 -48.46 40.39 -43.00
N ASP F 137 -48.13 41.01 -44.12
CA ASP F 137 -47.94 40.31 -45.38
C ASP F 137 -46.47 40.35 -45.77
N PRO F 138 -46.01 39.41 -46.59
CA PRO F 138 -44.61 39.46 -47.02
C PRO F 138 -44.30 40.77 -47.69
N ILE F 139 -43.08 41.24 -47.50
CA ILE F 139 -42.62 42.51 -48.05
C ILE F 139 -41.78 42.22 -49.27
N MET F 140 -42.10 42.88 -50.39
CA MET F 140 -41.35 42.72 -51.62
C MET F 140 -40.30 43.83 -51.66
N THR F 141 -39.23 43.63 -50.87
CA THR F 141 -38.13 44.57 -50.82
C THR F 141 -37.65 44.90 -52.22
N LEU F 142 -37.72 46.16 -52.63
CA LEU F 142 -37.46 46.51 -54.02
C LEU F 142 -36.03 46.26 -54.43
N GLU F 143 -35.06 46.52 -53.55
CA GLU F 143 -33.66 46.55 -53.97
C GLU F 143 -33.49 47.60 -55.06
N HIS F 144 -33.86 48.84 -54.73
CA HIS F 144 -33.59 49.95 -55.62
C HIS F 144 -32.09 50.20 -55.69
N SER F 145 -31.54 50.03 -56.88
CA SER F 145 -30.15 50.39 -57.12
C SER F 145 -30.14 51.86 -57.55
N ILE F 146 -29.43 52.67 -56.80
CA ILE F 146 -29.46 54.12 -57.00
C ILE F 146 -28.05 54.62 -57.25
N THR F 147 -27.95 55.59 -58.15
CA THR F 147 -26.66 56.10 -58.60
C THR F 147 -26.26 57.34 -57.81
N ARG F 148 -24.98 57.44 -57.49
CA ARG F 148 -24.43 58.61 -56.84
C ARG F 148 -23.44 59.29 -57.76
N MET F 149 -23.52 60.60 -57.83
CA MET F 149 -22.65 61.36 -58.71
C MET F 149 -21.23 61.36 -58.26
N ALA F 150 -20.77 60.62 -57.26
CA ALA F 150 -19.38 60.77 -56.83
C ALA F 150 -18.90 59.48 -56.18
N VAL F 151 -17.69 59.04 -56.57
CA VAL F 151 -17.03 57.97 -55.85
C VAL F 151 -16.72 58.43 -54.45
N THR F 152 -16.82 57.52 -53.49
CA THR F 152 -16.53 57.88 -52.11
C THR F 152 -15.03 58.05 -51.89
N ASN F 153 -14.28 56.98 -52.05
CA ASN F 153 -12.84 56.98 -51.77
C ASN F 153 -12.05 57.03 -53.06
N GLU F 154 -10.74 56.84 -52.96
CA GLU F 154 -9.88 56.71 -54.12
C GLU F 154 -9.69 55.22 -54.45
N LYS F 155 -10.77 54.64 -54.93
CA LYS F 155 -10.83 53.20 -55.16
C LYS F 155 -10.11 52.85 -56.46
N ASP F 156 -10.30 51.61 -56.93
CA ASP F 156 -9.74 51.16 -58.20
C ASP F 156 -10.43 51.82 -59.40
N ALA F 157 -11.59 52.44 -59.20
CA ALA F 157 -12.32 53.11 -60.28
C ALA F 157 -12.85 54.44 -59.77
N SER F 158 -12.05 55.49 -59.97
CA SER F 158 -12.46 56.87 -59.77
C SER F 158 -11.92 57.72 -60.90
N GLU F 159 -11.95 57.18 -62.10
CA GLU F 159 -11.11 57.62 -63.21
C GLU F 159 -11.78 58.72 -64.03
N THR F 160 -11.22 58.97 -65.21
CA THR F 160 -11.52 60.18 -65.97
C THR F 160 -12.96 60.23 -66.42
N GLY F 161 -13.53 59.07 -66.78
CA GLY F 161 -14.86 59.07 -67.37
C GLY F 161 -15.91 59.68 -66.46
N ASP F 162 -15.95 59.23 -65.21
CA ASP F 162 -16.93 59.70 -64.24
C ASP F 162 -16.59 59.06 -62.90
N ASN F 163 -17.25 59.53 -61.85
CA ASN F 163 -17.08 58.99 -60.51
C ASN F 163 -18.43 58.53 -59.98
N ARG F 164 -18.58 57.21 -59.78
CA ARG F 164 -19.83 56.63 -59.30
C ARG F 164 -19.59 55.32 -58.54
N THR F 165 -20.13 55.22 -57.33
CA THR F 165 -20.08 54.01 -56.50
C THR F 165 -21.47 53.67 -56.02
N MET F 166 -22.40 53.62 -56.98
CA MET F 166 -23.81 53.83 -56.73
C MET F 166 -24.45 53.03 -55.60
N GLY F 167 -24.48 51.71 -55.68
CA GLY F 167 -25.06 50.93 -54.59
C GLY F 167 -26.57 51.03 -54.50
N ARG F 168 -27.11 50.45 -53.43
CA ARG F 168 -28.52 50.10 -53.33
C ARG F 168 -29.20 50.82 -52.18
N LYS F 169 -30.48 51.15 -52.38
CA LYS F 169 -31.39 51.52 -51.30
C LYS F 169 -32.53 50.52 -51.29
N PHE F 170 -32.38 49.46 -50.54
CA PHE F 170 -33.47 48.50 -50.34
C PHE F 170 -34.64 49.22 -49.69
N THR F 171 -35.83 49.03 -50.24
CA THR F 171 -37.03 49.64 -49.69
C THR F 171 -38.17 48.66 -49.71
N VAL F 172 -39.10 48.85 -48.78
CA VAL F 172 -40.32 48.04 -48.69
C VAL F 172 -41.44 48.81 -49.36
N PRO F 173 -42.14 48.24 -50.33
CA PRO F 173 -43.18 48.99 -51.04
C PRO F 173 -44.25 49.50 -50.11
N TYR F 174 -44.60 48.68 -49.12
CA TYR F 174 -45.39 49.04 -47.96
C TYR F 174 -45.31 47.88 -47.01
N GLY F 175 -45.17 48.13 -45.73
CA GLY F 175 -45.17 47.02 -44.81
C GLY F 175 -45.86 47.39 -43.51
N LEU F 176 -46.93 46.68 -43.18
CA LEU F 176 -47.59 46.86 -41.90
C LEU F 176 -46.99 45.87 -40.93
N TYR F 177 -46.19 46.38 -40.01
CA TYR F 177 -45.42 45.59 -39.08
C TYR F 177 -46.16 45.50 -37.76
N ARG F 178 -46.16 44.32 -37.17
CA ARG F 178 -46.99 44.01 -36.01
C ARG F 178 -46.08 43.62 -34.85
N CYS F 179 -45.62 44.60 -34.11
CA CYS F 179 -44.85 44.39 -32.91
C CYS F 179 -45.78 44.07 -31.76
N HIS F 180 -45.33 43.23 -30.84
CA HIS F 180 -46.13 42.78 -29.72
C HIS F 180 -45.40 43.11 -28.44
N GLY F 181 -45.65 44.29 -27.90
CA GLY F 181 -45.02 44.69 -26.66
C GLY F 181 -45.68 44.08 -25.44
N PHE F 182 -45.01 44.24 -24.32
CA PHE F 182 -45.46 43.71 -23.04
C PHE F 182 -44.93 44.62 -21.96
N ILE F 183 -45.81 45.26 -21.23
CA ILE F 183 -45.42 46.15 -20.15
C ILE F 183 -45.80 45.44 -18.86
N SER F 184 -44.85 44.70 -18.32
CA SER F 184 -45.07 43.96 -17.09
C SER F 184 -44.72 44.83 -15.90
N THR F 185 -45.62 44.90 -14.93
CA THR F 185 -45.41 45.76 -13.78
C THR F 185 -44.42 45.19 -12.79
N HIS F 186 -44.18 43.89 -12.81
CA HIS F 186 -43.16 43.34 -11.93
C HIS F 186 -41.79 43.89 -12.26
N PHE F 187 -41.52 44.06 -13.55
CA PHE F 187 -40.28 44.66 -13.99
C PHE F 187 -40.40 46.15 -14.12
N ALA F 188 -41.53 46.72 -13.71
CA ALA F 188 -41.60 48.15 -13.50
C ALA F 188 -41.34 48.51 -12.04
N LYS F 189 -41.68 47.62 -11.12
CA LYS F 189 -41.33 47.83 -9.72
C LYS F 189 -39.82 47.93 -9.56
N GLN F 190 -39.07 47.16 -10.35
CA GLN F 190 -37.63 47.18 -10.25
C GLN F 190 -37.02 48.41 -10.90
N THR F 191 -37.63 48.91 -11.98
CA THR F 191 -37.04 50.00 -12.73
C THR F 191 -37.72 51.33 -12.48
N GLY F 192 -38.72 51.38 -11.61
CA GLY F 192 -39.41 52.63 -11.42
C GLY F 192 -40.09 53.14 -12.67
N PHE F 193 -40.54 52.25 -13.53
CA PHE F 193 -41.20 52.67 -14.76
C PHE F 193 -42.56 53.27 -14.44
N SER F 194 -42.61 54.58 -14.34
CA SER F 194 -43.78 55.29 -13.85
C SER F 194 -44.92 55.20 -14.85
N GLU F 195 -46.11 55.52 -14.37
CA GLU F 195 -47.23 55.68 -15.28
C GLU F 195 -46.97 56.83 -16.23
N ASN F 196 -46.31 57.88 -15.74
CA ASN F 196 -45.92 58.99 -16.60
C ASN F 196 -44.91 58.52 -17.64
N ASP F 197 -43.95 57.70 -17.23
CA ASP F 197 -43.02 57.13 -18.19
C ASP F 197 -43.76 56.28 -19.21
N LEU F 198 -44.83 55.63 -18.79
CA LEU F 198 -45.61 54.83 -19.72
C LEU F 198 -46.37 55.70 -20.70
N GLU F 199 -46.86 56.86 -20.24
CA GLU F 199 -47.49 57.77 -21.20
C GLU F 199 -46.47 58.36 -22.15
N LEU F 200 -45.24 58.60 -21.66
CA LEU F 200 -44.14 58.91 -22.57
C LEU F 200 -43.96 57.80 -23.60
N PHE F 201 -44.06 56.55 -23.16
CA PHE F 201 -43.86 55.46 -24.11
C PHE F 201 -44.99 55.39 -25.11
N TRP F 202 -46.22 55.61 -24.67
CA TRP F 202 -47.34 55.60 -25.61
C TRP F 202 -47.18 56.71 -26.63
N GLN F 203 -46.88 57.92 -26.15
CA GLN F 203 -46.61 59.02 -27.07
C GLN F 203 -45.43 58.69 -27.96
N ALA F 204 -44.44 57.96 -27.44
CA ALA F 204 -43.29 57.59 -28.23
C ALA F 204 -43.68 56.65 -29.36
N LEU F 205 -44.45 55.62 -29.06
CA LEU F 205 -44.90 54.73 -30.11
C LEU F 205 -45.69 55.49 -31.15
N VAL F 206 -46.60 56.36 -30.71
CA VAL F 206 -47.49 57.03 -31.64
C VAL F 206 -46.74 58.03 -32.53
N ASN F 207 -45.77 58.76 -31.96
CA ASN F 207 -45.15 59.87 -32.65
C ASN F 207 -43.68 59.65 -32.94
N MET F 208 -43.18 58.43 -32.82
CA MET F 208 -41.76 58.19 -32.98
C MET F 208 -41.37 57.96 -34.42
N PHE F 209 -42.34 57.74 -35.30
CA PHE F 209 -42.07 57.61 -36.71
C PHE F 209 -42.29 58.90 -37.47
N ASP F 210 -43.02 59.85 -36.89
CA ASP F 210 -43.10 61.18 -37.47
C ASP F 210 -41.75 61.87 -37.43
N HIS F 211 -40.81 61.33 -36.67
CA HIS F 211 -39.58 62.03 -36.35
C HIS F 211 -38.33 61.25 -36.72
N ASP F 212 -38.40 59.92 -36.70
CA ASP F 212 -37.24 59.08 -36.99
C ASP F 212 -37.31 58.71 -38.47
N HIS F 213 -36.93 59.68 -39.30
CA HIS F 213 -36.97 59.54 -40.75
C HIS F 213 -35.56 59.51 -41.31
N SER F 214 -35.42 58.79 -42.42
CA SER F 214 -34.14 58.63 -43.07
C SER F 214 -34.39 58.30 -44.52
N ALA F 215 -33.38 58.51 -45.35
CA ALA F 215 -33.48 58.06 -46.73
C ALA F 215 -33.77 56.58 -46.79
N ALA F 216 -33.06 55.80 -45.98
CA ALA F 216 -33.28 54.35 -45.95
C ALA F 216 -34.67 54.03 -45.43
N ARG F 217 -35.06 54.62 -44.30
CA ARG F 217 -36.34 54.27 -43.71
C ARG F 217 -37.49 54.81 -44.51
N GLY F 218 -37.29 55.91 -45.23
CA GLY F 218 -38.42 56.45 -45.94
C GLY F 218 -39.50 56.87 -44.97
N GLN F 219 -40.74 56.81 -45.43
CA GLN F 219 -41.87 57.22 -44.64
C GLN F 219 -42.34 56.04 -43.80
N MET F 220 -42.16 56.14 -42.49
CA MET F 220 -42.70 55.16 -41.56
C MET F 220 -43.69 55.86 -40.65
N ASN F 221 -44.72 55.13 -40.24
CA ASN F 221 -45.77 55.72 -39.43
C ASN F 221 -46.22 54.74 -38.38
N ALA F 222 -46.49 55.24 -37.19
CA ALA F 222 -47.19 54.45 -36.18
C ALA F 222 -48.62 54.29 -36.65
N ARG F 223 -48.91 53.14 -37.23
CA ARG F 223 -50.19 52.98 -37.90
C ARG F 223 -51.32 52.69 -36.94
N GLY F 224 -51.02 52.19 -35.76
CA GLY F 224 -52.01 51.84 -34.76
C GLY F 224 -51.32 51.32 -33.54
N LEU F 225 -51.89 51.53 -32.37
CA LEU F 225 -51.30 51.05 -31.13
C LEU F 225 -52.45 50.64 -30.23
N TYR F 226 -52.62 49.34 -30.05
CA TYR F 226 -53.77 48.80 -29.36
C TYR F 226 -53.27 48.18 -28.07
N VAL F 227 -53.53 48.83 -26.95
CA VAL F 227 -52.97 48.46 -25.68
C VAL F 227 -54.04 47.78 -24.84
N PHE F 228 -53.69 46.62 -24.29
CA PHE F 228 -54.56 45.85 -23.43
C PHE F 228 -54.08 46.12 -22.02
N GLU F 229 -54.78 47.00 -21.32
CA GLU F 229 -54.47 47.36 -19.95
C GLU F 229 -55.21 46.39 -19.04
N HIS F 230 -54.49 45.53 -18.34
CA HIS F 230 -55.14 44.63 -17.41
C HIS F 230 -55.36 45.33 -16.09
N SER F 231 -56.42 44.93 -15.38
CA SER F 231 -56.65 45.48 -14.07
C SER F 231 -55.52 45.09 -13.11
N ASN F 232 -55.13 43.83 -13.13
CA ASN F 232 -54.17 43.31 -12.17
C ASN F 232 -52.75 43.45 -12.71
N ASN F 233 -51.77 43.24 -11.84
CA ASN F 233 -50.40 43.13 -12.30
C ASN F 233 -50.18 41.83 -13.06
N LEU F 234 -51.02 40.83 -12.80
CA LEU F 234 -50.94 39.57 -13.51
C LEU F 234 -51.80 39.62 -14.76
N GLY F 235 -51.44 38.79 -15.73
CA GLY F 235 -52.15 38.77 -17.01
C GLY F 235 -53.57 38.27 -16.83
N ASP F 236 -54.55 39.15 -17.04
CA ASP F 236 -55.94 38.74 -16.91
C ASP F 236 -56.31 37.70 -17.96
N ALA F 237 -55.80 37.86 -19.17
CA ALA F 237 -55.86 36.85 -20.21
C ALA F 237 -54.46 36.64 -20.73
N PRO F 238 -54.19 35.49 -21.36
CA PRO F 238 -52.89 35.31 -21.99
C PRO F 238 -52.63 36.42 -22.97
N ALA F 239 -51.39 36.91 -22.97
CA ALA F 239 -51.06 38.04 -23.84
C ALA F 239 -51.34 37.71 -25.29
N ASP F 240 -51.04 36.47 -25.70
CA ASP F 240 -51.32 36.08 -27.08
C ASP F 240 -52.82 36.09 -27.35
N SER F 241 -53.62 35.65 -26.38
CA SER F 241 -55.07 35.70 -26.55
C SER F 241 -55.53 37.12 -26.82
N LEU F 242 -54.88 38.08 -26.20
CA LEU F 242 -55.23 39.49 -26.44
C LEU F 242 -54.76 39.94 -27.81
N PHE F 243 -53.54 39.54 -28.20
CA PHE F 243 -53.02 39.99 -29.49
C PHE F 243 -53.83 39.44 -30.63
N LYS F 244 -54.35 38.22 -30.50
CA LYS F 244 -55.20 37.67 -31.53
C LYS F 244 -56.53 38.39 -31.62
N ARG F 245 -56.85 39.27 -30.68
CA ARG F 245 -58.01 40.13 -30.85
C ARG F 245 -57.70 41.25 -31.83
N ILE F 246 -56.45 41.69 -31.89
CA ILE F 246 -56.03 42.70 -32.88
C ILE F 246 -55.58 41.92 -34.10
N GLN F 247 -56.54 41.53 -34.92
CA GLN F 247 -56.23 40.76 -36.11
C GLN F 247 -56.07 41.72 -37.27
N VAL F 248 -54.89 41.73 -37.86
CA VAL F 248 -54.59 42.58 -39.00
C VAL F 248 -54.49 41.70 -40.23
N VAL F 249 -55.28 42.03 -41.25
CA VAL F 249 -55.32 41.25 -42.47
C VAL F 249 -55.23 42.21 -43.65
N LYS F 250 -54.78 41.69 -44.79
CA LYS F 250 -54.96 42.44 -46.01
C LYS F 250 -56.45 42.55 -46.31
N LYS F 251 -56.83 43.64 -46.95
CA LYS F 251 -58.24 43.90 -47.17
C LYS F 251 -58.76 42.90 -48.20
N ASP F 252 -60.02 43.04 -48.60
CA ASP F 252 -60.70 41.99 -49.36
C ASP F 252 -59.93 41.62 -50.62
N GLY F 253 -59.83 42.55 -51.57
CA GLY F 253 -59.30 42.21 -52.88
C GLY F 253 -57.99 42.87 -53.22
N VAL F 254 -57.08 42.95 -52.25
CA VAL F 254 -55.76 43.52 -52.47
C VAL F 254 -54.75 42.37 -52.41
N GLU F 255 -54.26 41.96 -53.59
CA GLU F 255 -53.27 40.90 -53.64
C GLU F 255 -51.96 41.34 -52.99
N VAL F 256 -51.52 42.56 -53.28
CA VAL F 256 -50.28 43.10 -52.74
C VAL F 256 -50.60 44.38 -52.00
N VAL F 257 -50.07 44.51 -50.80
CA VAL F 257 -50.39 45.64 -49.93
C VAL F 257 -49.55 46.84 -50.34
N ARG F 258 -50.18 48.01 -50.40
CA ARG F 258 -49.44 49.21 -50.73
C ARG F 258 -49.76 50.39 -49.84
N SER F 259 -50.74 50.29 -48.95
CA SER F 259 -51.05 51.36 -48.02
C SER F 259 -51.78 50.74 -46.84
N PHE F 260 -52.04 51.57 -45.83
CA PHE F 260 -52.88 51.09 -44.75
C PHE F 260 -54.31 50.87 -45.24
N ASP F 261 -54.73 51.61 -46.26
CA ASP F 261 -56.00 51.34 -46.91
C ASP F 261 -56.04 49.98 -47.57
N ASP F 262 -54.94 49.24 -47.56
CA ASP F 262 -54.92 47.85 -47.99
C ASP F 262 -54.96 46.90 -46.80
N TYR F 263 -55.18 47.41 -45.60
CA TYR F 263 -55.10 46.61 -44.40
C TYR F 263 -56.31 46.90 -43.52
N LEU F 264 -56.92 45.86 -43.01
CA LEU F 264 -58.00 45.96 -42.04
C LEU F 264 -57.46 45.49 -40.70
N VAL F 265 -57.49 46.38 -39.71
CA VAL F 265 -57.11 46.05 -38.35
C VAL F 265 -58.39 45.84 -37.57
N SER F 266 -58.86 44.59 -37.54
CA SER F 266 -60.08 44.25 -36.84
C SER F 266 -59.73 44.08 -35.36
N VAL F 267 -60.23 44.99 -34.55
CA VAL F 267 -60.05 44.89 -33.11
C VAL F 267 -61.22 44.12 -32.52
N ASP F 268 -60.93 43.16 -31.65
CA ASP F 268 -61.96 42.34 -31.02
C ASP F 268 -61.99 42.71 -29.54
N ASP F 269 -62.78 43.74 -29.22
CA ASP F 269 -63.00 44.15 -27.85
C ASP F 269 -64.29 43.58 -27.28
N LYS F 270 -64.68 42.37 -27.69
CA LYS F 270 -66.01 41.84 -27.42
C LYS F 270 -66.11 41.10 -26.10
N ASN F 271 -65.06 40.39 -25.68
CA ASN F 271 -65.14 39.56 -24.49
C ASN F 271 -64.22 40.04 -23.38
N LEU F 272 -63.13 40.70 -23.72
CA LEU F 272 -62.09 41.09 -22.77
C LEU F 272 -62.60 42.03 -21.69
N GLU F 273 -63.87 42.41 -21.78
CA GLU F 273 -64.45 43.31 -20.79
C GLU F 273 -64.45 42.66 -19.41
N GLU F 274 -63.87 41.47 -19.32
CA GLU F 274 -63.64 40.83 -18.03
C GLU F 274 -62.95 41.81 -17.10
N THR F 275 -61.71 42.17 -17.40
CA THR F 275 -61.02 43.23 -16.66
C THR F 275 -60.08 44.08 -17.51
N LYS F 276 -59.97 43.85 -18.81
CA LYS F 276 -58.96 44.51 -19.61
C LYS F 276 -59.46 45.89 -20.04
N LEU F 277 -58.67 46.55 -20.86
CA LEU F 277 -59.09 47.81 -21.46
C LEU F 277 -58.30 47.99 -22.75
N LEU F 278 -59.00 48.02 -23.89
CA LEU F 278 -58.36 48.41 -25.14
C LEU F 278 -58.28 49.90 -25.25
N ARG F 279 -57.09 50.41 -24.97
CA ARG F 279 -56.73 51.76 -25.30
C ARG F 279 -56.26 51.72 -26.75
N LYS F 280 -57.12 52.12 -27.66
CA LYS F 280 -56.71 52.19 -29.06
C LYS F 280 -56.07 53.55 -29.27
N LEU F 281 -54.76 53.61 -29.09
CA LEU F 281 -54.07 54.89 -29.17
C LEU F 281 -53.79 55.27 -30.61
N GLY F 282 -53.13 54.40 -31.36
CA GLY F 282 -52.73 54.75 -32.71
C GLY F 282 -53.81 54.62 -33.74
N GLY F 283 -54.82 53.79 -33.51
CA GLY F 283 -55.85 53.57 -34.51
C GLY F 283 -57.20 53.18 -33.94
N THR G 1 -30.70 77.04 -36.69
CA THR G 1 -31.58 75.90 -36.91
C THR G 1 -33.04 76.31 -36.89
N ILE G 2 -33.89 75.46 -37.46
CA ILE G 2 -35.33 75.72 -37.51
C ILE G 2 -35.95 75.39 -36.16
N GLU G 3 -37.22 75.76 -35.99
CA GLU G 3 -37.93 75.48 -34.76
C GLU G 3 -39.26 74.79 -34.97
N LYS G 4 -39.70 74.61 -36.22
CA LYS G 4 -40.96 73.94 -36.52
C LYS G 4 -40.68 72.70 -37.34
N ARG G 5 -41.49 71.66 -37.12
CA ARG G 5 -41.33 70.41 -37.86
C ARG G 5 -42.20 70.48 -39.11
N TYR G 6 -41.66 71.12 -40.15
CA TYR G 6 -42.33 71.12 -41.43
C TYR G 6 -42.40 69.70 -41.96
N ASP G 7 -43.59 69.28 -42.36
CA ASP G 7 -43.77 68.05 -43.11
C ASP G 7 -44.54 68.39 -44.38
N PHE G 8 -44.09 67.88 -45.52
CA PHE G 8 -44.64 68.39 -46.76
C PHE G 8 -44.97 67.26 -47.71
N VAL G 9 -45.85 67.56 -48.65
CA VAL G 9 -46.06 66.73 -49.82
C VAL G 9 -45.57 67.50 -51.02
N PHE G 10 -44.70 66.86 -51.80
CA PHE G 10 -44.17 67.39 -53.04
C PHE G 10 -44.80 66.63 -54.20
N LEU G 11 -45.62 67.31 -54.98
CA LEU G 11 -46.28 66.74 -56.14
C LEU G 11 -45.58 67.27 -57.37
N PHE G 12 -44.79 66.42 -58.02
CA PHE G 12 -44.06 66.89 -59.20
C PHE G 12 -44.33 65.98 -60.38
N ASP G 13 -44.29 66.56 -61.57
CA ASP G 13 -44.67 65.86 -62.79
C ASP G 13 -43.45 65.50 -63.60
N VAL G 14 -43.65 64.57 -64.53
CA VAL G 14 -42.70 64.30 -65.59
C VAL G 14 -43.50 64.13 -66.88
N GLN G 15 -43.09 64.84 -67.94
CA GLN G 15 -43.91 64.92 -69.14
C GLN G 15 -43.39 64.02 -70.26
N ASP G 16 -42.15 64.21 -70.69
CA ASP G 16 -41.63 63.48 -71.83
C ASP G 16 -40.22 62.96 -71.54
N GLY G 17 -40.03 62.38 -70.37
CA GLY G 17 -38.73 61.86 -70.03
C GLY G 17 -38.78 60.88 -68.89
N ASN G 18 -37.60 60.45 -68.47
CA ASN G 18 -37.47 59.60 -67.30
C ASN G 18 -37.55 60.46 -66.05
N PRO G 19 -38.50 60.22 -65.16
CA PRO G 19 -38.50 60.95 -63.89
C PRO G 19 -37.26 60.61 -63.08
N ASN G 20 -37.05 59.32 -62.84
CA ASN G 20 -35.81 58.80 -62.29
C ASN G 20 -35.41 57.55 -63.04
N GLY G 21 -35.42 57.64 -64.37
CA GLY G 21 -35.14 56.47 -65.16
C GLY G 21 -33.69 56.05 -65.11
N ASP G 22 -33.18 55.87 -63.89
CA ASP G 22 -31.87 55.24 -63.74
C ASP G 22 -31.95 54.06 -62.78
N PRO G 23 -32.98 53.18 -62.84
CA PRO G 23 -32.90 51.94 -62.07
C PRO G 23 -32.02 50.96 -62.79
N ASP G 24 -30.72 51.08 -62.57
CA ASP G 24 -29.73 50.39 -63.39
C ASP G 24 -29.94 48.89 -63.43
N ALA G 25 -30.82 48.36 -62.59
CA ALA G 25 -31.38 47.05 -62.83
C ALA G 25 -32.43 47.17 -63.93
N GLY G 26 -31.99 47.38 -65.15
CA GLY G 26 -32.81 47.85 -66.23
C GLY G 26 -32.52 49.30 -66.57
N ASN G 27 -33.42 49.91 -67.31
CA ASN G 27 -33.37 51.36 -67.48
C ASN G 27 -34.72 52.04 -67.43
N LEU G 28 -35.83 51.31 -67.54
CA LEU G 28 -37.13 51.95 -67.58
C LEU G 28 -37.38 52.68 -66.27
N PRO G 29 -37.98 53.87 -66.32
CA PRO G 29 -38.23 54.65 -65.11
C PRO G 29 -38.67 53.80 -63.93
N ARG G 30 -38.08 54.08 -62.77
CA ARG G 30 -38.25 53.21 -61.61
C ARG G 30 -39.72 53.03 -61.27
N ILE G 31 -40.21 51.80 -61.45
CA ILE G 31 -41.61 51.49 -61.22
C ILE G 31 -41.74 50.66 -59.96
N ASP G 32 -42.92 50.71 -59.36
CA ASP G 32 -43.28 49.74 -58.35
C ASP G 32 -43.86 48.53 -59.07
N PRO G 33 -43.13 47.42 -59.13
CA PRO G 33 -43.54 46.32 -60.00
C PRO G 33 -44.93 45.78 -59.70
N GLN G 34 -45.37 45.82 -58.44
CA GLN G 34 -46.66 45.25 -58.12
C GLN G 34 -47.80 46.22 -58.45
N THR G 35 -47.52 47.51 -58.53
CA THR G 35 -48.54 48.47 -58.93
C THR G 35 -48.27 49.12 -60.27
N GLY G 36 -47.02 49.14 -60.72
CA GLY G 36 -46.69 49.93 -61.88
C GLY G 36 -46.54 51.41 -61.59
N GLU G 37 -46.72 51.83 -60.34
CA GLU G 37 -46.50 53.21 -59.97
C GLU G 37 -45.03 53.54 -60.04
N GLY G 38 -44.72 54.72 -60.56
CA GLY G 38 -43.33 55.12 -60.66
C GLY G 38 -42.74 55.33 -59.28
N LEU G 39 -41.42 55.19 -59.19
CA LEU G 39 -40.71 55.43 -57.94
C LEU G 39 -39.53 56.35 -58.21
N VAL G 40 -39.79 57.65 -58.21
CA VAL G 40 -38.69 58.60 -58.21
C VAL G 40 -37.99 58.44 -56.88
N THR G 41 -36.78 57.87 -56.90
CA THR G 41 -36.05 57.71 -55.66
C THR G 41 -35.87 59.06 -55.00
N ASP G 42 -36.06 59.10 -53.69
CA ASP G 42 -35.85 60.34 -52.98
C ASP G 42 -34.44 60.87 -53.18
N VAL G 43 -33.49 59.99 -53.49
CA VAL G 43 -32.15 60.47 -53.79
C VAL G 43 -32.12 61.18 -55.13
N CYS G 44 -33.00 60.82 -56.06
CA CYS G 44 -33.09 61.56 -57.31
C CYS G 44 -33.54 62.99 -57.06
N LEU G 45 -34.56 63.16 -56.23
CA LEU G 45 -35.01 64.51 -55.91
C LEU G 45 -33.96 65.24 -55.10
N LYS G 46 -33.22 64.52 -54.25
CA LYS G 46 -32.15 65.14 -53.51
C LYS G 46 -31.05 65.61 -54.46
N ARG G 47 -30.74 64.83 -55.49
CA ARG G 47 -29.77 65.28 -56.48
C ARG G 47 -30.31 66.46 -57.27
N LYS G 48 -31.63 66.52 -57.48
CA LYS G 48 -32.22 67.71 -58.08
C LYS G 48 -32.03 68.92 -57.19
N VAL G 49 -32.23 68.77 -55.89
CA VAL G 49 -32.00 69.86 -54.95
C VAL G 49 -30.53 70.27 -54.98
N ARG G 50 -29.64 69.29 -55.02
CA ARG G 50 -28.21 69.57 -55.11
C ARG G 50 -27.91 70.40 -56.35
N ASN G 51 -28.46 69.99 -57.49
CA ASN G 51 -28.19 70.70 -58.73
C ASN G 51 -28.76 72.11 -58.69
N PHE G 52 -29.96 72.28 -58.14
CA PHE G 52 -30.53 73.62 -58.05
C PHE G 52 -29.66 74.50 -57.17
N ILE G 53 -29.27 74.01 -56.00
CA ILE G 53 -28.48 74.82 -55.08
C ILE G 53 -27.11 75.11 -55.68
N GLN G 54 -26.56 74.15 -56.42
CA GLN G 54 -25.30 74.36 -57.11
C GLN G 54 -25.43 75.46 -58.16
N MET G 55 -26.54 75.47 -58.89
CA MET G 55 -26.76 76.52 -59.87
C MET G 55 -26.97 77.87 -59.19
N THR G 56 -27.60 77.89 -58.02
CA THR G 56 -28.09 79.14 -57.45
C THR G 56 -27.22 79.64 -56.29
N GLN G 57 -27.06 78.83 -55.24
CA GLN G 57 -26.35 79.33 -54.06
C GLN G 57 -24.86 79.43 -54.31
N ASN G 58 -24.25 78.40 -54.88
CA ASN G 58 -22.86 78.38 -55.33
C ASN G 58 -21.91 79.10 -54.38
N ASP G 59 -22.10 78.94 -53.07
CA ASP G 59 -21.33 79.66 -52.07
C ASP G 59 -20.90 78.70 -50.97
N GLU G 60 -19.87 79.10 -50.23
CA GLU G 60 -19.58 78.45 -48.97
C GLU G 60 -20.76 78.69 -48.04
N HIS G 61 -20.96 77.77 -47.10
CA HIS G 61 -22.18 77.60 -46.31
C HIS G 61 -23.33 77.07 -47.16
N HIS G 62 -23.13 76.87 -48.45
CA HIS G 62 -24.15 76.25 -49.29
C HIS G 62 -23.52 75.30 -50.30
N ASP G 63 -22.41 74.67 -49.95
CA ASP G 63 -21.76 73.75 -50.85
C ASP G 63 -22.64 72.51 -51.02
N ILE G 64 -22.32 71.69 -52.00
CA ILE G 64 -23.30 70.80 -52.62
C ILE G 64 -23.04 69.33 -52.34
N PHE G 65 -21.86 68.95 -51.87
CA PHE G 65 -21.51 67.55 -51.73
C PHE G 65 -21.54 66.89 -53.12
N ILE G 66 -20.62 67.38 -53.95
CA ILE G 66 -20.79 67.65 -55.38
C ILE G 66 -20.71 66.45 -56.33
N ARG G 67 -20.95 66.74 -57.60
CA ARG G 67 -20.99 65.81 -58.72
C ARG G 67 -19.58 65.26 -58.97
N GLU G 68 -19.42 64.53 -60.07
CA GLU G 68 -18.29 63.65 -60.38
C GLU G 68 -16.94 64.10 -59.83
N LYS G 69 -16.58 65.36 -60.02
CA LYS G 69 -15.33 65.81 -59.41
C LYS G 69 -15.63 66.10 -57.95
N GLY G 70 -16.26 65.12 -57.30
CA GLY G 70 -16.63 65.21 -55.91
C GLY G 70 -16.26 63.95 -55.16
N ILE G 71 -15.09 63.38 -55.43
CA ILE G 71 -14.67 62.18 -54.73
C ILE G 71 -14.82 62.45 -53.26
N LEU G 72 -15.69 61.69 -52.59
CA LEU G 72 -16.21 62.11 -51.30
C LEU G 72 -15.12 62.14 -50.23
N ASN G 73 -14.19 61.19 -50.28
CA ASN G 73 -13.12 61.19 -49.31
C ASN G 73 -12.34 62.50 -49.34
N ASN G 74 -12.16 63.07 -50.53
CA ASN G 74 -11.42 64.33 -50.63
C ASN G 74 -12.19 65.46 -49.93
N LEU G 75 -13.48 65.57 -50.19
CA LEU G 75 -14.28 66.60 -49.53
C LEU G 75 -14.26 66.40 -48.03
N ILE G 76 -14.43 65.16 -47.58
CA ILE G 76 -14.44 64.86 -46.15
C ILE G 76 -13.11 65.20 -45.51
N ASP G 77 -11.99 64.88 -46.18
CA ASP G 77 -10.69 65.26 -45.67
C ASP G 77 -10.55 66.77 -45.59
N GLU G 78 -11.22 67.51 -46.49
CA GLU G 78 -11.21 68.96 -46.35
C GLU G 78 -11.83 69.43 -45.04
N ALA G 79 -12.64 68.59 -44.41
CA ALA G 79 -13.10 68.92 -43.06
C ALA G 79 -12.00 68.69 -42.03
N HIS G 80 -11.17 67.67 -42.23
CA HIS G 80 -10.07 67.37 -41.34
C HIS G 80 -8.82 68.14 -41.69
N GLU G 81 -8.96 69.23 -42.43
CA GLU G 81 -7.85 70.12 -42.76
C GLU G 81 -8.17 71.54 -42.33
N GLN G 82 -8.75 71.67 -41.15
CA GLN G 82 -9.30 72.94 -40.65
C GLN G 82 -9.14 72.96 -39.14
N GLU G 83 -9.91 73.81 -38.47
CA GLU G 83 -9.84 73.96 -37.03
C GLU G 83 -9.68 72.63 -36.32
N ASN G 84 -10.29 71.58 -36.87
CA ASN G 84 -10.05 70.21 -36.40
C ASN G 84 -9.02 69.51 -37.30
N VAL G 85 -7.83 70.09 -37.44
CA VAL G 85 -6.75 69.37 -38.11
C VAL G 85 -6.46 68.08 -37.36
N LYS G 86 -6.02 68.20 -36.11
CA LYS G 86 -5.88 67.06 -35.21
C LYS G 86 -6.36 67.37 -33.80
N GLY G 87 -6.54 68.64 -33.45
CA GLY G 87 -6.85 69.05 -32.11
C GLY G 87 -8.29 68.89 -31.69
N LYS G 88 -8.92 67.78 -32.08
CA LYS G 88 -10.32 67.56 -31.73
C LYS G 88 -10.62 66.14 -31.28
N GLU G 89 -9.61 65.34 -30.93
CA GLU G 89 -9.87 64.25 -30.00
C GLU G 89 -10.92 63.26 -30.49
N LYS G 90 -10.53 62.32 -31.35
CA LYS G 90 -11.34 61.68 -32.38
C LYS G 90 -12.85 61.63 -32.15
N GLY G 91 -13.29 61.31 -30.93
CA GLY G 91 -14.71 61.34 -30.68
C GLY G 91 -15.31 62.70 -30.99
N GLU G 92 -14.64 63.76 -30.53
CA GLU G 92 -15.04 65.10 -30.88
C GLU G 92 -14.53 65.53 -32.25
N LYS G 93 -13.47 64.89 -32.76
CA LYS G 93 -12.97 65.24 -34.09
C LYS G 93 -14.00 64.92 -35.15
N THR G 94 -14.60 63.74 -35.07
CA THR G 94 -15.66 63.37 -36.01
C THR G 94 -16.85 64.31 -35.87
N GLU G 95 -17.22 64.66 -34.63
CA GLU G 95 -18.33 65.58 -34.43
C GLU G 95 -18.05 66.93 -35.05
N ALA G 96 -16.83 67.43 -34.90
CA ALA G 96 -16.49 68.74 -35.43
C ALA G 96 -16.38 68.73 -36.94
N ALA G 97 -15.83 67.66 -37.51
CA ALA G 97 -15.81 67.50 -38.96
C ALA G 97 -17.23 67.41 -39.51
N ARG G 98 -18.10 66.69 -38.82
CA ARG G 98 -19.49 66.61 -39.20
C ARG G 98 -20.15 67.97 -39.12
N GLN G 99 -19.84 68.74 -38.08
CA GLN G 99 -20.41 70.08 -37.96
C GLN G 99 -19.93 70.97 -39.10
N TYR G 100 -18.67 70.83 -39.50
CA TYR G 100 -18.17 71.61 -40.62
C TYR G 100 -18.83 71.19 -41.92
N MET G 101 -19.01 69.89 -42.14
CA MET G 101 -19.74 69.44 -43.31
C MET G 101 -21.15 70.00 -43.34
N CYS G 102 -21.82 70.00 -42.20
CA CYS G 102 -23.11 70.66 -42.12
C CYS G 102 -22.99 72.11 -42.55
N SER G 103 -22.22 72.91 -41.81
CA SER G 103 -22.22 74.34 -42.04
C SER G 103 -21.79 74.69 -43.47
N ARG G 104 -20.72 74.07 -43.96
CA ARG G 104 -20.19 74.41 -45.27
C ARG G 104 -21.12 73.94 -46.38
N TYR G 105 -21.54 72.68 -46.34
CA TYR G 105 -22.24 72.05 -47.45
C TYR G 105 -23.74 72.14 -47.24
N TYR G 106 -24.43 72.72 -48.22
CA TYR G 106 -25.88 72.83 -48.11
C TYR G 106 -26.54 71.47 -48.10
N ASP G 107 -25.93 70.49 -48.75
CA ASP G 107 -26.58 69.19 -48.80
C ASP G 107 -26.53 68.47 -47.47
N ILE G 108 -25.35 68.42 -46.84
CA ILE G 108 -25.26 67.80 -45.52
C ILE G 108 -26.09 68.54 -44.49
N ARG G 109 -26.31 69.83 -44.67
CA ARG G 109 -27.26 70.51 -43.79
C ARG G 109 -28.69 70.11 -44.12
N THR G 110 -29.04 70.08 -45.40
CA THR G 110 -30.44 69.83 -45.76
C THR G 110 -30.77 68.36 -45.65
N PHE G 111 -30.16 67.54 -46.48
CA PHE G 111 -30.20 66.11 -46.31
C PHE G 111 -28.99 65.72 -45.49
N GLY G 112 -28.69 64.44 -45.40
CA GLY G 112 -27.54 63.99 -44.68
C GLY G 112 -26.39 63.68 -45.61
N ALA G 113 -25.42 62.96 -45.07
CA ALA G 113 -24.39 62.35 -45.90
C ALA G 113 -23.67 61.32 -45.07
N VAL G 114 -23.67 60.08 -45.52
CA VAL G 114 -22.77 59.11 -44.93
C VAL G 114 -21.37 59.62 -45.22
N MET G 115 -20.68 60.05 -44.19
CA MET G 115 -19.37 60.63 -44.34
C MET G 115 -18.34 59.83 -43.57
N THR G 116 -18.75 58.79 -42.86
CA THR G 116 -17.83 58.00 -42.08
C THR G 116 -17.01 57.14 -43.00
N THR G 117 -16.30 57.74 -43.96
CA THR G 117 -15.62 56.97 -44.99
C THR G 117 -14.11 57.11 -44.93
N GLY G 118 -13.59 58.32 -45.05
CA GLY G 118 -12.15 58.50 -45.02
C GLY G 118 -11.72 58.86 -43.62
N LYS G 119 -11.29 60.09 -43.42
CA LYS G 119 -11.18 60.63 -42.06
C LYS G 119 -12.61 60.94 -41.65
N ASN G 120 -13.25 59.96 -41.02
CA ASN G 120 -14.70 59.91 -40.86
C ASN G 120 -15.29 61.24 -40.43
N ALA G 121 -16.12 61.83 -41.27
CA ALA G 121 -16.84 63.04 -40.90
C ALA G 121 -18.21 62.73 -40.33
N GLY G 122 -18.40 61.55 -39.80
CA GLY G 122 -19.63 61.22 -39.09
C GLY G 122 -20.79 61.02 -40.03
N GLN G 123 -21.93 60.73 -39.43
CA GLN G 123 -23.19 60.57 -40.13
C GLN G 123 -24.05 61.79 -39.84
N VAL G 124 -24.66 62.34 -40.87
CA VAL G 124 -25.67 63.37 -40.71
C VAL G 124 -27.00 62.78 -41.13
N ARG G 125 -28.01 62.92 -40.29
CA ARG G 125 -29.27 62.26 -40.57
C ARG G 125 -30.20 63.12 -41.41
N GLY G 126 -29.80 64.34 -41.76
CA GLY G 126 -30.55 65.05 -42.76
C GLY G 126 -31.89 65.56 -42.28
N PRO G 127 -31.88 66.68 -41.59
CA PRO G 127 -33.14 67.27 -41.11
C PRO G 127 -34.24 67.20 -42.14
N VAL G 128 -33.97 67.71 -43.34
CA VAL G 128 -34.91 67.53 -44.43
C VAL G 128 -34.73 66.15 -45.02
N GLN G 129 -35.80 65.36 -45.05
CA GLN G 129 -35.78 64.08 -45.71
C GLN G 129 -36.92 63.98 -46.69
N LEU G 130 -36.59 63.58 -47.90
CA LEU G 130 -37.57 63.16 -48.88
C LEU G 130 -37.71 61.66 -48.80
N THR G 131 -38.86 61.16 -49.20
CA THR G 131 -39.08 59.72 -49.32
C THR G 131 -39.28 59.38 -50.79
N PHE G 132 -39.22 58.08 -51.08
CA PHE G 132 -39.38 57.64 -52.46
C PHE G 132 -40.67 58.20 -53.03
N SER G 133 -40.53 59.11 -53.98
CA SER G 133 -41.70 59.74 -54.55
C SER G 133 -42.35 58.76 -55.51
N ARG G 134 -43.57 58.36 -55.22
CA ARG G 134 -44.29 57.43 -56.08
C ARG G 134 -45.44 58.14 -56.78
N SER G 135 -45.69 57.72 -58.01
CA SER G 135 -46.77 58.27 -58.80
C SER G 135 -48.11 57.81 -58.27
N ILE G 136 -49.09 58.71 -58.33
CA ILE G 136 -50.43 58.37 -57.86
C ILE G 136 -51.03 57.25 -58.72
N ASP G 137 -51.02 57.44 -60.02
CA ASP G 137 -51.45 56.34 -60.86
C ASP G 137 -50.22 55.61 -61.42
N PRO G 138 -50.35 54.33 -61.74
CA PRO G 138 -49.21 53.61 -62.30
C PRO G 138 -48.72 54.30 -63.56
N ILE G 139 -47.41 54.42 -63.68
CA ILE G 139 -46.85 55.06 -64.86
C ILE G 139 -46.79 54.05 -66.00
N MET G 140 -47.16 54.50 -67.19
CA MET G 140 -46.88 53.76 -68.40
C MET G 140 -45.53 54.24 -68.94
N THR G 141 -44.69 53.30 -69.30
CA THR G 141 -43.37 53.61 -69.86
C THR G 141 -43.48 53.48 -71.36
N LEU G 142 -43.43 54.61 -72.07
CA LEU G 142 -43.54 54.57 -73.52
C LEU G 142 -42.42 53.75 -74.16
N GLU G 143 -41.30 53.59 -73.47
CA GLU G 143 -40.19 52.78 -73.95
C GLU G 143 -39.79 53.20 -75.36
N HIS G 144 -39.66 54.52 -75.54
CA HIS G 144 -39.40 55.09 -76.85
C HIS G 144 -38.10 54.51 -77.43
N SER G 145 -38.17 54.11 -78.69
CA SER G 145 -36.99 53.66 -79.42
C SER G 145 -36.50 54.79 -80.30
N ILE G 146 -35.21 55.09 -80.21
CA ILE G 146 -34.62 56.21 -80.91
C ILE G 146 -33.64 55.68 -81.95
N THR G 147 -32.98 56.58 -82.66
CA THR G 147 -31.97 56.20 -83.62
C THR G 147 -30.85 57.22 -83.62
N ARG G 148 -29.61 56.75 -83.71
CA ARG G 148 -28.45 57.61 -83.81
C ARG G 148 -27.69 57.29 -85.08
N MET G 149 -27.22 58.33 -85.76
CA MET G 149 -26.46 58.16 -86.99
C MET G 149 -25.03 57.70 -86.75
N ALA G 150 -24.55 57.74 -85.50
CA ALA G 150 -23.18 57.40 -85.18
C ALA G 150 -23.15 56.12 -84.35
N VAL G 151 -21.93 55.64 -84.09
CA VAL G 151 -21.74 54.40 -83.36
C VAL G 151 -20.73 54.58 -82.22
N ARG G 164 -25.43 52.85 -87.46
CA ARG G 164 -26.60 53.20 -86.68
C ARG G 164 -26.69 52.37 -85.41
N THR G 165 -26.99 53.03 -84.31
CA THR G 165 -27.20 52.38 -83.01
C THR G 165 -28.64 52.59 -82.59
N MET G 166 -29.30 51.51 -82.16
CA MET G 166 -30.71 51.61 -81.82
C MET G 166 -30.94 52.55 -80.65
N GLY G 167 -30.45 52.20 -79.46
CA GLY G 167 -30.73 53.00 -78.28
C GLY G 167 -32.19 53.01 -77.89
N ARG G 168 -32.48 53.34 -76.64
CA ARG G 168 -33.85 53.38 -76.14
C ARG G 168 -33.96 54.52 -75.13
N LYS G 169 -34.65 55.59 -75.52
CA LYS G 169 -34.89 56.73 -74.63
C LYS G 169 -36.23 56.50 -73.94
N PHE G 170 -36.18 55.76 -72.83
CA PHE G 170 -37.38 55.46 -72.08
C PHE G 170 -37.97 56.75 -71.50
N THR G 171 -39.29 56.74 -71.31
CA THR G 171 -39.96 57.96 -70.86
C THR G 171 -41.28 57.59 -70.18
N VAL G 172 -41.86 58.60 -69.54
CA VAL G 172 -43.18 58.49 -68.92
C VAL G 172 -44.02 59.64 -69.46
N PRO G 173 -45.16 59.37 -70.09
CA PRO G 173 -46.00 60.48 -70.56
C PRO G 173 -46.43 61.42 -69.45
N TYR G 174 -46.78 60.86 -68.29
CA TYR G 174 -47.09 61.68 -67.14
C TYR G 174 -47.20 60.86 -65.87
N GLY G 175 -46.56 61.33 -64.81
CA GLY G 175 -46.82 60.81 -63.49
C GLY G 175 -46.71 61.91 -62.47
N LEU G 176 -47.79 62.16 -61.73
CA LEU G 176 -47.74 63.12 -60.65
C LEU G 176 -47.25 62.38 -59.42
N TYR G 177 -46.08 62.77 -58.94
CA TYR G 177 -45.31 61.99 -57.99
C TYR G 177 -45.44 62.64 -56.63
N ARG G 178 -45.78 61.82 -55.62
CA ARG G 178 -45.91 62.25 -54.23
C ARG G 178 -44.62 61.92 -53.50
N CYS G 179 -43.80 62.94 -53.32
CA CYS G 179 -42.63 62.87 -52.45
C CYS G 179 -43.10 63.32 -51.07
N HIS G 180 -43.33 62.37 -50.19
CA HIS G 180 -43.64 62.72 -48.82
C HIS G 180 -42.34 63.09 -48.14
N GLY G 181 -42.21 64.32 -47.69
CA GLY G 181 -40.98 64.79 -47.08
C GLY G 181 -41.22 65.21 -45.65
N PHE G 182 -40.18 65.10 -44.82
CA PHE G 182 -40.25 65.52 -43.44
C PHE G 182 -39.05 66.37 -43.13
N ILE G 183 -39.25 67.43 -42.36
CA ILE G 183 -38.17 68.24 -41.84
C ILE G 183 -38.25 68.13 -40.33
N SER G 184 -37.59 67.14 -39.77
CA SER G 184 -37.57 66.97 -38.33
C SER G 184 -36.64 68.02 -37.74
N THR G 185 -37.20 68.94 -36.96
CA THR G 185 -36.40 69.99 -36.36
C THR G 185 -35.30 69.42 -35.47
N HIS G 186 -35.56 68.26 -34.85
CA HIS G 186 -34.57 67.68 -33.96
C HIS G 186 -33.27 67.40 -34.68
N PHE G 187 -33.32 66.87 -35.89
CA PHE G 187 -32.11 66.62 -36.64
C PHE G 187 -31.64 67.86 -37.37
N ALA G 188 -32.37 68.97 -37.29
CA ALA G 188 -31.84 70.23 -37.76
C ALA G 188 -30.79 70.78 -36.80
N LYS G 189 -30.96 70.52 -35.50
CA LYS G 189 -29.99 71.00 -34.52
C LYS G 189 -28.64 70.33 -34.72
N GLN G 190 -28.63 69.02 -34.99
CA GLN G 190 -27.37 68.33 -35.23
C GLN G 190 -26.69 68.79 -36.50
N THR G 191 -27.37 69.56 -37.35
CA THR G 191 -26.77 70.07 -38.56
C THR G 191 -26.73 71.58 -38.62
N GLY G 192 -27.36 72.29 -37.68
CA GLY G 192 -27.49 73.72 -37.84
C GLY G 192 -28.27 74.08 -39.08
N PHE G 193 -29.28 73.29 -39.43
CA PHE G 193 -30.08 73.52 -40.63
C PHE G 193 -30.97 74.73 -40.40
N SER G 194 -30.48 75.90 -40.80
CA SER G 194 -31.16 77.15 -40.49
C SER G 194 -32.48 77.26 -41.24
N GLU G 195 -33.32 78.18 -40.78
CA GLU G 195 -34.56 78.48 -41.49
C GLU G 195 -34.27 79.04 -42.87
N ASN G 196 -33.14 79.72 -43.03
CA ASN G 196 -32.76 80.19 -44.36
C ASN G 196 -32.42 79.03 -45.28
N ASP G 197 -31.72 78.02 -44.75
CA ASP G 197 -31.45 76.83 -45.55
C ASP G 197 -32.74 76.13 -45.92
N LEU G 198 -33.71 76.13 -45.00
CA LEU G 198 -35.00 75.53 -45.29
C LEU G 198 -35.76 76.33 -46.35
N GLU G 199 -35.66 77.65 -46.29
CA GLU G 199 -36.26 78.47 -47.35
C GLU G 199 -35.61 78.21 -48.69
N LEU G 200 -34.29 78.03 -48.71
CA LEU G 200 -33.62 77.64 -49.94
C LEU G 200 -34.05 76.25 -50.39
N PHE G 201 -34.34 75.36 -49.46
CA PHE G 201 -34.87 74.05 -49.85
C PHE G 201 -36.23 74.19 -50.49
N TRP G 202 -37.07 75.07 -49.96
CA TRP G 202 -38.36 75.31 -50.59
C TRP G 202 -38.17 75.87 -51.99
N GLN G 203 -37.28 76.85 -52.13
CA GLN G 203 -36.97 77.38 -53.44
C GLN G 203 -36.47 76.27 -54.36
N ALA G 204 -35.69 75.35 -53.81
CA ALA G 204 -35.13 74.24 -54.58
C ALA G 204 -36.23 73.31 -55.05
N LEU G 205 -37.11 72.90 -54.16
CA LEU G 205 -38.17 72.00 -54.57
C LEU G 205 -39.10 72.68 -55.57
N VAL G 206 -39.24 74.00 -55.47
CA VAL G 206 -40.11 74.70 -56.41
C VAL G 206 -39.45 74.83 -57.79
N ASN G 207 -38.17 75.18 -57.83
CA ASN G 207 -37.51 75.55 -59.07
C ASN G 207 -36.33 74.65 -59.44
N MET G 208 -36.29 73.43 -58.92
CA MET G 208 -35.16 72.55 -59.17
C MET G 208 -35.33 71.72 -60.42
N PHE G 209 -36.54 71.67 -60.96
CA PHE G 209 -36.76 70.99 -62.22
C PHE G 209 -36.58 71.94 -63.39
N ASP G 210 -36.99 73.21 -63.20
CA ASP G 210 -36.78 74.21 -64.24
C ASP G 210 -35.30 74.48 -64.47
N HIS G 211 -34.46 74.21 -63.50
CA HIS G 211 -33.02 74.26 -63.68
C HIS G 211 -32.41 72.89 -63.94
N ASP G 212 -33.23 71.85 -64.08
CA ASP G 212 -32.80 70.52 -64.46
C ASP G 212 -33.63 70.05 -65.64
N HIS G 213 -33.22 70.43 -66.85
CA HIS G 213 -33.77 69.91 -68.09
C HIS G 213 -32.69 69.06 -68.76
N SER G 214 -32.70 67.78 -68.46
CA SER G 214 -31.85 66.84 -69.17
C SER G 214 -32.62 66.21 -70.32
N ALA G 215 -31.89 65.73 -71.31
CA ALA G 215 -32.53 65.13 -72.49
C ALA G 215 -33.37 63.93 -72.11
N ALA G 216 -32.78 62.98 -71.38
CA ALA G 216 -33.51 61.78 -70.99
C ALA G 216 -34.49 62.05 -69.85
N ARG G 217 -34.10 62.90 -68.90
CA ARG G 217 -34.98 63.15 -67.75
C ARG G 217 -36.22 63.92 -68.17
N GLY G 218 -36.15 64.69 -69.25
CA GLY G 218 -37.37 65.27 -69.77
C GLY G 218 -37.86 66.47 -68.99
N GLN G 219 -39.14 66.79 -69.21
CA GLN G 219 -39.72 68.02 -68.69
C GLN G 219 -40.42 67.72 -67.37
N MET G 220 -39.98 68.36 -66.30
CA MET G 220 -40.53 68.17 -64.96
C MET G 220 -40.86 69.52 -64.35
N ASN G 221 -41.86 69.55 -63.48
CA ASN G 221 -42.24 70.76 -62.77
C ASN G 221 -42.70 70.42 -61.37
N ALA G 222 -42.49 71.34 -60.44
CA ALA G 222 -43.04 71.23 -59.10
C ALA G 222 -44.50 71.66 -59.16
N ARG G 223 -45.36 70.71 -59.52
CA ARG G 223 -46.76 71.03 -59.73
C ARG G 223 -47.40 71.55 -58.45
N GLY G 224 -47.12 70.91 -57.33
CA GLY G 224 -47.62 71.38 -56.06
C GLY G 224 -46.63 71.10 -54.95
N LEU G 225 -46.59 71.94 -53.94
CA LEU G 225 -45.73 71.71 -52.78
C LEU G 225 -46.40 72.31 -51.57
N TYR G 226 -46.89 71.46 -50.68
CA TYR G 226 -47.69 71.92 -49.56
C TYR G 226 -46.97 71.50 -48.29
N VAL G 227 -46.64 72.47 -47.45
CA VAL G 227 -45.90 72.17 -46.23
C VAL G 227 -46.79 72.47 -45.04
N PHE G 228 -46.62 71.67 -44.00
CA PHE G 228 -47.34 71.83 -42.74
C PHE G 228 -46.31 72.20 -41.69
N GLU G 229 -46.45 73.40 -41.14
CA GLU G 229 -45.65 73.87 -40.02
C GLU G 229 -46.32 73.39 -38.75
N HIS G 230 -45.77 72.33 -38.17
CA HIS G 230 -46.12 71.97 -36.81
C HIS G 230 -45.41 72.94 -35.88
N SER G 231 -46.18 73.72 -35.12
CA SER G 231 -45.65 74.92 -34.50
C SER G 231 -44.50 74.64 -33.55
N ASN G 232 -44.39 73.44 -33.02
CA ASN G 232 -43.34 73.12 -32.06
C ASN G 232 -42.28 72.24 -32.71
N ASN G 233 -41.21 72.01 -31.94
CA ASN G 233 -40.17 71.07 -32.35
C ASN G 233 -40.76 69.71 -32.67
N LEU G 234 -41.78 69.29 -31.93
CA LEU G 234 -42.40 68.01 -32.15
C LEU G 234 -43.42 68.12 -33.28
N GLY G 235 -44.18 67.05 -33.50
CA GLY G 235 -45.24 67.05 -34.48
C GLY G 235 -46.59 67.24 -33.81
N ASP G 236 -47.37 68.16 -34.38
CA ASP G 236 -48.69 68.44 -33.82
C ASP G 236 -49.70 67.35 -34.13
N ALA G 237 -49.42 66.49 -35.10
CA ALA G 237 -50.31 65.40 -35.45
C ALA G 237 -49.53 64.36 -36.21
N PRO G 238 -50.06 63.14 -36.34
CA PRO G 238 -49.38 62.15 -37.18
C PRO G 238 -49.11 62.69 -38.57
N ALA G 239 -47.85 62.59 -38.99
CA ALA G 239 -47.46 63.14 -40.28
C ALA G 239 -48.24 62.49 -41.42
N ASP G 240 -48.56 61.21 -41.27
CA ASP G 240 -49.36 60.55 -42.29
C ASP G 240 -50.73 61.19 -42.40
N SER G 241 -51.31 61.60 -41.28
CA SER G 241 -52.58 62.33 -41.35
C SER G 241 -52.41 63.63 -42.11
N LEU G 242 -51.30 64.33 -41.88
CA LEU G 242 -51.03 65.55 -42.61
C LEU G 242 -50.96 65.30 -44.11
N PHE G 243 -50.33 64.20 -44.51
CA PHE G 243 -50.27 63.90 -45.93
C PHE G 243 -51.63 63.48 -46.47
N LYS G 244 -52.40 62.73 -45.68
CA LYS G 244 -53.76 62.39 -46.08
C LYS G 244 -54.63 63.62 -46.23
N ARG G 245 -54.25 64.74 -45.61
CA ARG G 245 -54.89 66.00 -45.94
C ARG G 245 -54.70 66.33 -47.41
N ILE G 246 -53.52 66.05 -47.94
CA ILE G 246 -53.23 66.32 -49.36
C ILE G 246 -53.59 65.04 -50.10
N GLN G 247 -54.85 64.92 -50.45
CA GLN G 247 -55.33 63.76 -51.18
C GLN G 247 -55.38 64.12 -52.65
N VAL G 248 -54.49 63.53 -53.44
CA VAL G 248 -54.44 63.79 -54.87
C VAL G 248 -54.80 62.52 -55.62
N VAL G 249 -55.70 62.64 -56.60
CA VAL G 249 -56.09 61.51 -57.43
C VAL G 249 -56.34 62.00 -58.85
N LYS G 250 -56.37 61.05 -59.78
CA LYS G 250 -56.76 61.35 -61.14
C LYS G 250 -58.18 61.91 -61.16
N LYS G 251 -58.44 62.82 -62.09
CA LYS G 251 -59.73 63.47 -62.13
C LYS G 251 -60.81 62.47 -62.55
N ASP G 252 -62.05 62.96 -62.65
CA ASP G 252 -63.21 62.10 -62.80
C ASP G 252 -63.07 61.15 -63.98
N GLY G 253 -62.94 61.69 -65.18
CA GLY G 253 -62.94 60.86 -66.37
C GLY G 253 -61.59 60.75 -67.05
N VAL G 254 -60.52 60.76 -66.27
CA VAL G 254 -59.16 60.65 -66.80
C VAL G 254 -58.59 59.32 -66.32
N GLU G 255 -58.71 58.29 -67.16
CA GLU G 255 -58.17 56.99 -66.80
C GLU G 255 -56.65 56.99 -66.90
N VAL G 256 -56.10 57.53 -67.98
CA VAL G 256 -54.67 57.72 -68.13
C VAL G 256 -54.38 59.21 -68.14
N VAL G 257 -53.45 59.62 -67.31
CA VAL G 257 -53.20 61.04 -67.06
C VAL G 257 -52.13 61.53 -68.02
N ARG G 258 -52.33 62.74 -68.55
CA ARG G 258 -51.35 63.39 -69.40
C ARG G 258 -51.03 64.82 -68.98
N SER G 259 -51.59 65.29 -67.86
CA SER G 259 -51.29 66.65 -67.40
C SER G 259 -51.66 66.77 -65.93
N PHE G 260 -51.11 67.81 -65.30
CA PHE G 260 -51.55 68.16 -63.95
C PHE G 260 -53.02 68.53 -63.95
N ASP G 261 -53.51 69.07 -65.06
CA ASP G 261 -54.93 69.32 -65.22
C ASP G 261 -55.76 68.05 -65.29
N ASP G 262 -55.11 66.90 -65.42
CA ASP G 262 -55.76 65.60 -65.33
C ASP G 262 -55.72 65.04 -63.91
N TYR G 263 -55.20 65.79 -62.96
CA TYR G 263 -55.14 65.42 -61.56
C TYR G 263 -55.83 66.48 -60.72
N LEU G 264 -56.48 66.05 -59.64
CA LEU G 264 -56.99 66.98 -58.65
C LEU G 264 -56.28 66.74 -57.33
N VAL G 265 -55.80 67.84 -56.74
CA VAL G 265 -55.08 67.80 -55.47
C VAL G 265 -56.01 68.43 -54.45
N SER G 266 -56.82 67.60 -53.81
CA SER G 266 -57.69 68.07 -52.74
C SER G 266 -56.80 68.36 -51.53
N VAL G 267 -56.62 69.64 -51.24
CA VAL G 267 -55.89 70.10 -50.06
C VAL G 267 -56.87 70.84 -49.17
N ASP G 268 -56.93 70.46 -47.90
CA ASP G 268 -57.93 70.96 -46.98
C ASP G 268 -57.27 71.60 -45.76
N ASP G 269 -57.74 72.78 -45.40
CA ASP G 269 -57.26 73.53 -44.25
C ASP G 269 -58.23 73.42 -43.08
N LYS G 270 -58.86 72.27 -42.90
CA LYS G 270 -60.03 72.21 -42.04
C LYS G 270 -59.66 72.16 -40.55
N ASN G 271 -58.96 71.12 -40.12
CA ASN G 271 -58.74 70.89 -38.70
C ASN G 271 -57.30 71.06 -38.26
N LEU G 272 -56.34 70.98 -39.18
CA LEU G 272 -54.95 71.17 -38.80
C LEU G 272 -54.68 72.60 -38.36
N GLU G 273 -55.55 73.55 -38.71
CA GLU G 273 -55.36 74.93 -38.31
C GLU G 273 -55.39 75.12 -36.80
N GLU G 274 -55.58 74.05 -36.03
CA GLU G 274 -55.55 74.16 -34.58
C GLU G 274 -54.20 74.69 -34.10
N THR G 275 -53.11 74.15 -34.65
CA THR G 275 -51.78 74.64 -34.33
C THR G 275 -50.89 74.71 -35.56
N LYS G 276 -51.26 74.07 -36.66
CA LYS G 276 -50.39 73.91 -37.82
C LYS G 276 -50.58 75.06 -38.79
N LEU G 277 -49.57 75.26 -39.63
CA LEU G 277 -49.64 76.23 -40.71
C LEU G 277 -49.41 75.46 -42.00
N LEU G 278 -50.48 75.06 -42.66
CA LEU G 278 -50.34 74.52 -44.01
C LEU G 278 -50.22 75.69 -44.97
N ARG G 279 -49.08 75.82 -45.60
CA ARG G 279 -48.86 76.85 -46.60
C ARG G 279 -48.46 76.20 -47.91
N LYS G 280 -48.97 76.76 -48.99
CA LYS G 280 -48.91 76.16 -50.32
C LYS G 280 -47.87 76.90 -51.14
N LEU G 281 -46.77 76.21 -51.46
CA LEU G 281 -45.70 76.81 -52.25
C LEU G 281 -45.84 76.50 -53.73
N GLY G 282 -45.83 75.21 -54.08
CA GLY G 282 -45.97 74.83 -55.48
C GLY G 282 -47.36 75.06 -56.03
N GLY G 283 -48.37 75.16 -55.17
CA GLY G 283 -49.72 75.37 -55.61
C GLY G 283 -50.62 75.96 -54.55
N GLY H 1 3.15 19.45 -33.98
CA GLY H 1 1.99 18.82 -33.39
C GLY H 1 0.69 19.30 -33.98
N LEU H 2 0.58 19.26 -35.30
CA LEU H 2 -0.66 19.57 -35.99
C LEU H 2 -0.71 18.76 -37.26
N ASP H 3 -1.72 17.90 -37.37
CA ASP H 3 -1.91 17.07 -38.55
C ASP H 3 -2.84 17.83 -39.47
N ARG H 4 -2.26 18.66 -40.33
CA ARG H 4 -3.06 19.54 -41.18
C ARG H 4 -3.94 18.76 -42.13
N ASN H 5 -3.66 17.49 -42.34
CA ASN H 5 -4.42 16.63 -43.24
C ASN H 5 -5.03 15.46 -42.49
N ARG H 6 -5.54 15.73 -41.29
CA ARG H 6 -6.02 14.66 -40.42
C ARG H 6 -7.34 14.09 -40.91
N GLN H 7 -8.23 14.97 -41.41
CA GLN H 7 -9.53 14.59 -41.93
C GLN H 7 -10.49 14.15 -40.83
N ASP H 8 -10.01 14.04 -39.59
CA ASP H 8 -10.89 13.73 -38.47
C ASP H 8 -11.79 14.93 -38.21
N ILE H 9 -13.09 14.78 -38.48
CA ILE H 9 -13.96 15.95 -38.50
C ILE H 9 -13.90 16.71 -37.20
N GLY H 10 -13.78 16.01 -36.08
CA GLY H 10 -13.55 16.71 -34.83
C GLY H 10 -12.28 17.53 -34.86
N TYR H 11 -11.19 16.94 -35.37
CA TYR H 11 -9.91 17.64 -35.40
C TYR H 11 -9.94 18.80 -36.38
N VAL H 12 -10.55 18.61 -37.54
CA VAL H 12 -10.60 19.74 -38.47
C VAL H 12 -11.51 20.82 -37.92
N LEU H 13 -12.57 20.48 -37.20
CA LEU H 13 -13.40 21.54 -36.64
C LEU H 13 -12.69 22.23 -35.49
N GLY H 14 -11.92 21.50 -34.71
CA GLY H 14 -11.12 22.14 -33.69
C GLY H 14 -10.13 23.11 -34.30
N ARG H 15 -9.47 22.69 -35.38
CA ARG H 15 -8.57 23.58 -36.08
C ARG H 15 -9.31 24.81 -36.60
N LEU H 16 -10.50 24.57 -37.15
CA LEU H 16 -11.30 25.65 -37.69
C LEU H 16 -11.71 26.63 -36.61
N PHE H 17 -12.08 26.11 -35.45
CA PHE H 17 -12.45 26.99 -34.35
C PHE H 17 -11.24 27.73 -33.82
N ALA H 18 -10.08 27.07 -33.83
CA ALA H 18 -8.88 27.74 -33.40
C ALA H 18 -8.56 28.91 -34.29
N VAL H 19 -8.66 28.74 -35.60
CA VAL H 19 -8.40 29.86 -36.49
C VAL H 19 -9.52 30.89 -36.39
N LEU H 20 -10.77 30.45 -36.16
CA LEU H 20 -11.85 31.40 -36.00
C LEU H 20 -11.61 32.30 -34.81
N GLU H 21 -11.20 31.73 -33.68
CA GLU H 21 -10.89 32.55 -32.53
C GLU H 21 -9.60 33.33 -32.72
N LYS H 22 -8.66 32.78 -33.50
CA LYS H 22 -7.47 33.57 -33.79
C LYS H 22 -7.84 34.83 -34.51
N ILE H 23 -8.75 34.73 -35.48
CA ILE H 23 -9.20 35.90 -36.20
C ILE H 23 -9.98 36.84 -35.30
N GLN H 24 -10.86 36.30 -34.47
CA GLN H 24 -11.60 37.14 -33.55
C GLN H 24 -10.67 37.86 -32.60
N ALA H 25 -9.65 37.16 -32.11
CA ALA H 25 -8.68 37.72 -31.19
C ALA H 25 -7.60 38.52 -31.89
N GLU H 26 -7.54 38.46 -33.22
CA GLU H 26 -6.78 39.47 -33.93
C GLU H 26 -7.65 40.57 -34.48
N ALA H 27 -8.95 40.32 -34.65
CA ALA H 27 -9.86 41.39 -35.05
C ALA H 27 -9.87 42.49 -34.01
N ASN H 28 -10.31 42.16 -32.80
CA ASN H 28 -10.11 43.02 -31.63
C ASN H 28 -9.44 42.22 -30.53
N PRO H 29 -8.13 42.39 -30.35
CA PRO H 29 -7.45 41.62 -29.31
C PRO H 29 -8.01 41.88 -27.92
N GLY H 30 -8.48 43.09 -27.67
CA GLY H 30 -9.11 43.36 -26.39
C GLY H 30 -10.55 42.92 -26.47
N LEU H 31 -10.82 41.72 -26.01
CA LEU H 31 -12.09 41.06 -26.21
C LEU H 31 -12.49 40.34 -24.93
N ASN H 32 -13.65 40.71 -24.40
CA ASN H 32 -14.11 40.10 -23.16
C ASN H 32 -14.39 38.62 -23.36
N ALA H 33 -15.19 38.28 -24.36
CA ALA H 33 -15.68 36.92 -24.55
C ALA H 33 -15.38 36.50 -25.98
N THR H 34 -14.20 35.94 -26.18
CA THR H 34 -13.88 35.35 -27.47
C THR H 34 -14.83 34.20 -27.76
N ILE H 35 -14.81 33.72 -29.00
CA ILE H 35 -15.70 32.61 -29.33
C ILE H 35 -15.32 31.36 -28.57
N ALA H 36 -14.09 31.27 -28.05
CA ALA H 36 -13.83 30.21 -27.09
C ALA H 36 -14.67 30.41 -25.85
N ASP H 37 -14.81 31.65 -25.40
CA ASP H 37 -15.49 31.94 -24.16
C ASP H 37 -17.01 31.87 -24.30
N ARG H 38 -17.55 31.85 -25.51
CA ARG H 38 -18.99 31.92 -25.73
C ARG H 38 -19.54 30.83 -26.64
N TYR H 39 -18.71 30.26 -27.51
CA TYR H 39 -19.14 29.29 -28.52
C TYR H 39 -18.49 27.93 -28.36
N PHE H 40 -17.31 27.85 -27.75
CA PHE H 40 -16.52 26.61 -27.73
C PHE H 40 -17.32 25.46 -27.16
N GLY H 41 -18.13 25.71 -26.15
CA GLY H 41 -18.82 24.62 -25.48
C GLY H 41 -19.64 23.78 -26.44
N SER H 42 -20.25 24.41 -27.44
CA SER H 42 -21.02 23.66 -28.41
C SER H 42 -20.25 23.42 -29.68
N ALA H 43 -19.37 24.35 -30.06
CA ALA H 43 -18.50 24.10 -31.20
C ALA H 43 -17.77 22.79 -31.04
N SER H 44 -17.39 22.46 -29.81
CA SER H 44 -16.79 21.17 -29.52
C SER H 44 -17.80 20.04 -29.53
N SER H 45 -19.06 20.33 -29.31
CA SER H 45 -20.05 19.26 -29.22
C SER H 45 -21.13 19.33 -30.28
N THR H 46 -21.60 20.52 -30.62
CA THR H 46 -22.68 20.70 -31.59
C THR H 46 -22.21 21.66 -32.66
N PRO H 47 -21.32 21.21 -33.54
CA PRO H 47 -20.73 22.13 -34.51
C PRO H 47 -21.74 22.79 -35.41
N ILE H 48 -22.86 22.14 -35.71
CA ILE H 48 -23.87 22.79 -36.52
C ILE H 48 -24.45 23.99 -35.82
N ALA H 49 -24.57 23.92 -34.49
CA ALA H 49 -25.17 25.03 -33.75
C ALA H 49 -24.42 26.32 -34.03
N VAL H 50 -23.16 26.39 -33.62
CA VAL H 50 -22.37 27.58 -33.76
C VAL H 50 -21.79 27.73 -35.16
N PHE H 51 -21.05 26.73 -35.65
CA PHE H 51 -20.19 26.93 -36.81
C PHE H 51 -20.90 27.55 -37.99
N GLY H 52 -22.22 27.46 -38.04
CA GLY H 52 -22.94 28.32 -38.95
C GLY H 52 -22.76 29.77 -38.56
N THR H 53 -23.09 30.08 -37.30
CA THR H 53 -23.02 31.46 -36.83
C THR H 53 -21.58 31.95 -36.74
N LEU H 54 -20.65 31.06 -36.46
CA LEU H 54 -19.24 31.40 -36.42
C LEU H 54 -18.76 31.93 -37.75
N MET H 55 -19.49 31.65 -38.82
CA MET H 55 -19.09 32.13 -40.12
C MET H 55 -20.06 33.10 -40.74
N ARG H 56 -21.23 33.33 -40.14
CA ARG H 56 -21.79 34.67 -40.25
C ARG H 56 -20.76 35.65 -39.74
N LEU H 57 -20.16 35.30 -38.62
CA LEU H 57 -19.37 36.14 -37.74
C LEU H 57 -17.93 36.27 -38.22
N LEU H 58 -17.52 35.40 -39.14
CA LEU H 58 -16.13 35.36 -39.56
C LEU H 58 -15.75 36.46 -40.54
N PRO H 59 -16.48 36.71 -41.62
CA PRO H 59 -16.06 37.77 -42.55
C PRO H 59 -15.96 39.11 -41.88
N HIS H 60 -16.77 39.36 -40.86
CA HIS H 60 -16.67 40.60 -40.14
C HIS H 60 -15.41 40.70 -39.32
N HIS H 61 -14.93 39.60 -38.75
CA HIS H 61 -13.62 39.63 -38.11
C HIS H 61 -12.53 39.85 -39.15
N LEU H 62 -12.62 39.17 -40.28
CA LEU H 62 -11.64 39.36 -41.33
C LEU H 62 -11.59 40.82 -41.77
N ASN H 63 -12.74 41.48 -41.81
CA ASN H 63 -12.74 42.92 -42.02
C ASN H 63 -12.06 43.64 -40.87
N LYS H 64 -12.40 43.29 -39.64
CA LYS H 64 -11.85 44.06 -38.54
C LYS H 64 -10.36 43.82 -38.36
N LEU H 65 -9.79 42.81 -39.01
CA LEU H 65 -8.35 42.59 -38.94
C LEU H 65 -7.62 43.81 -39.48
N GLU H 66 -6.74 44.37 -38.65
CA GLU H 66 -6.06 45.60 -39.01
C GLU H 66 -5.17 45.41 -40.22
N PHE H 67 -4.44 44.30 -40.28
CA PHE H 67 -3.52 44.03 -41.37
C PHE H 67 -4.31 43.27 -42.43
N GLU H 68 -4.65 43.95 -43.52
CA GLU H 68 -5.62 43.39 -44.45
C GLU H 68 -5.11 42.11 -45.09
N GLY H 69 -3.78 41.96 -45.17
CA GLY H 69 -3.23 40.72 -45.69
C GLY H 69 -3.26 39.61 -44.66
N ARG H 70 -3.24 39.95 -43.38
CA ARG H 70 -3.38 38.94 -42.34
C ARG H 70 -4.74 38.28 -42.43
N ALA H 71 -5.75 39.03 -42.88
CA ALA H 71 -7.06 38.45 -43.12
C ALA H 71 -7.00 37.38 -44.18
N VAL H 72 -6.26 37.63 -45.26
CA VAL H 72 -6.07 36.59 -46.27
C VAL H 72 -5.31 35.42 -45.68
N GLN H 73 -4.28 35.71 -44.88
CA GLN H 73 -3.52 34.64 -44.21
C GLN H 73 -4.43 33.70 -43.48
N LEU H 74 -5.32 34.24 -42.64
CA LEU H 74 -6.16 33.39 -41.79
C LEU H 74 -7.32 32.79 -42.56
N GLN H 75 -7.92 33.54 -43.48
CA GLN H 75 -8.98 32.96 -44.29
C GLN H 75 -8.47 31.81 -45.12
N TRP H 76 -7.22 31.89 -45.58
CA TRP H 76 -6.67 30.81 -46.39
C TRP H 76 -6.60 29.54 -45.58
N GLU H 77 -6.17 29.61 -44.33
CA GLU H 77 -6.12 28.40 -43.55
C GLU H 77 -7.49 27.98 -43.06
N ILE H 78 -8.45 28.89 -42.98
CA ILE H 78 -9.83 28.45 -42.79
C ILE H 78 -10.26 27.57 -43.95
N ARG H 79 -9.93 27.99 -45.16
CA ARG H 79 -10.25 27.16 -46.32
C ARG H 79 -9.47 25.87 -46.31
N GLN H 80 -8.20 25.93 -45.90
CA GLN H 80 -7.40 24.72 -45.81
C GLN H 80 -8.01 23.74 -44.85
N ILE H 81 -8.53 24.24 -43.74
CA ILE H 81 -9.22 23.40 -42.78
C ILE H 81 -10.51 22.86 -43.37
N LEU H 82 -11.30 23.73 -43.99
CA LEU H 82 -12.63 23.37 -44.44
C LEU H 82 -12.62 22.46 -45.66
N GLU H 83 -11.51 22.33 -46.38
CA GLU H 83 -11.42 21.26 -47.35
C GLU H 83 -11.64 19.92 -46.67
N HIS H 84 -11.21 19.80 -45.42
CA HIS H 84 -11.31 18.56 -44.69
C HIS H 84 -12.64 18.43 -43.98
N CYS H 85 -13.50 19.42 -44.10
CA CYS H 85 -14.80 19.42 -43.45
C CYS H 85 -15.86 19.39 -44.54
N GLN H 86 -16.28 18.18 -44.90
CA GLN H 86 -17.34 18.03 -45.90
C GLN H 86 -18.68 18.50 -45.36
N ARG H 87 -18.81 18.62 -44.05
CA ARG H 87 -20.03 19.05 -43.40
C ARG H 87 -19.72 19.31 -41.94
N PHE H 88 -20.37 20.31 -41.37
CA PHE H 88 -20.30 20.45 -39.93
C PHE H 88 -21.16 19.36 -39.34
N PRO H 89 -20.59 18.41 -38.61
CA PRO H 89 -21.39 17.31 -38.08
C PRO H 89 -22.43 17.82 -37.11
N ASN H 90 -23.58 17.16 -37.12
CA ASN H 90 -24.66 17.55 -36.23
C ASN H 90 -24.18 17.55 -34.80
N HIS H 91 -23.78 16.39 -34.28
CA HIS H 91 -23.15 16.27 -32.98
C HIS H 91 -21.79 15.63 -33.17
N LEU H 92 -20.75 16.25 -32.61
CA LEU H 92 -19.43 15.68 -32.72
C LEU H 92 -19.37 14.36 -31.97
N ASN H 93 -18.86 13.33 -32.64
CA ASN H 93 -18.63 12.05 -31.99
C ASN H 93 -17.73 12.25 -30.79
N LEU H 94 -17.74 11.28 -29.89
CA LEU H 94 -17.00 11.42 -28.64
C LEU H 94 -15.49 11.45 -28.88
N GLU H 95 -15.01 10.52 -29.71
CA GLU H 95 -13.67 10.63 -30.26
C GLU H 95 -13.48 12.01 -30.86
N GLN H 96 -14.41 12.42 -31.70
CA GLN H 96 -14.36 13.73 -32.32
C GLN H 96 -14.58 14.82 -31.29
N GLN H 97 -15.35 14.52 -30.23
CA GLN H 97 -15.49 15.47 -29.14
C GLN H 97 -14.13 15.90 -28.65
N GLY H 98 -13.31 14.92 -28.28
CA GLY H 98 -11.97 15.25 -27.79
C GLY H 98 -11.07 15.80 -28.87
N LEU H 99 -11.15 15.25 -30.07
CA LEU H 99 -10.32 15.75 -31.15
C LEU H 99 -10.63 17.19 -31.50
N PHE H 100 -11.81 17.69 -31.16
CA PHE H 100 -12.06 19.12 -31.37
C PHE H 100 -11.17 19.95 -30.47
N ALA H 101 -11.08 19.60 -29.20
CA ALA H 101 -10.18 20.31 -28.31
C ALA H 101 -8.75 20.14 -28.76
N ILE H 102 -8.41 18.93 -29.21
CA ILE H 102 -7.11 18.69 -29.83
C ILE H 102 -6.88 19.67 -30.97
N GLY H 103 -7.87 19.82 -31.84
CA GLY H 103 -7.71 20.69 -32.98
C GLY H 103 -7.60 22.15 -32.59
N TYR H 104 -8.45 22.57 -31.67
CA TYR H 104 -8.35 23.92 -31.17
C TYR H 104 -6.94 24.22 -30.72
N TYR H 105 -6.36 23.35 -29.91
CA TYR H 105 -5.06 23.71 -29.37
C TYR H 105 -3.91 23.41 -30.30
N HIS H 106 -4.03 22.41 -31.17
CA HIS H 106 -3.05 22.18 -32.22
C HIS H 106 -2.99 23.36 -33.16
N GLU H 107 -4.13 23.77 -33.70
CA GLU H 107 -4.15 24.87 -34.65
C GLU H 107 -3.85 26.18 -33.95
N THR H 108 -4.22 26.31 -32.68
CA THR H 108 -3.86 27.51 -31.96
C THR H 108 -2.35 27.60 -31.81
N GLN H 109 -1.70 26.46 -31.53
CA GLN H 109 -0.25 26.45 -31.54
C GLN H 109 0.28 26.82 -32.91
N PHE H 110 -0.26 26.21 -33.96
CA PHE H 110 0.21 26.48 -35.31
C PHE H 110 0.07 27.96 -35.65
N LEU H 111 -0.94 28.63 -35.11
CA LEU H 111 -1.12 30.05 -35.37
C LEU H 111 -0.19 30.89 -34.51
N PHE H 112 0.09 30.46 -33.29
CA PHE H 112 0.98 31.20 -32.42
C PHE H 112 2.42 30.75 -32.50
N THR H 113 2.73 29.73 -33.29
CA THR H 113 4.10 29.57 -33.74
C THR H 113 4.40 30.62 -34.79
N LYS H 114 5.56 31.27 -34.67
CA LYS H 114 5.79 32.59 -35.24
C LYS H 114 5.48 32.67 -36.72
N ASP H 115 6.24 31.95 -37.53
CA ASP H 115 6.15 32.13 -38.97
C ASP H 115 5.26 31.10 -39.65
N ALA H 116 4.62 30.21 -38.90
CA ALA H 116 4.04 29.01 -39.49
C ALA H 116 2.96 29.35 -40.51
N LEU H 117 1.97 30.13 -40.11
CA LEU H 117 0.89 30.43 -41.06
C LEU H 117 1.39 31.29 -42.21
N LYS H 118 2.19 32.31 -41.91
CA LYS H 118 2.69 33.15 -42.98
C LYS H 118 3.60 32.35 -43.92
N ASN H 119 4.41 31.46 -43.36
CA ASN H 119 5.16 30.55 -44.21
C ASN H 119 4.20 29.68 -45.01
N LEU H 120 3.47 28.82 -44.29
CA LEU H 120 2.70 27.76 -44.94
C LEU H 120 1.74 28.30 -45.98
N PHE H 121 1.27 29.52 -45.79
CA PHE H 121 0.48 30.20 -46.81
C PHE H 121 1.31 30.44 -48.06
N ASN H 122 2.56 30.85 -47.89
CA ASN H 122 3.40 31.17 -49.04
C ASN H 122 3.82 29.94 -49.83
N GLU H 123 3.62 28.73 -49.32
CA GLU H 123 3.72 27.54 -50.15
C GLU H 123 2.39 27.14 -50.76
N ALA H 124 1.48 28.08 -50.95
CA ALA H 124 0.23 27.82 -51.64
C ALA H 124 0.04 28.83 -52.76
N GLY I 1 -10.89 19.10 -51.81
CA GLY I 1 -11.90 19.34 -50.79
C GLY I 1 -13.06 20.18 -51.28
N LEU I 2 -13.65 19.78 -52.41
CA LEU I 2 -14.84 20.44 -52.92
C LEU I 2 -15.65 19.39 -53.67
N ASP I 3 -16.87 19.15 -53.20
CA ASP I 3 -17.76 18.19 -53.83
C ASP I 3 -18.62 18.98 -54.81
N ARG I 4 -18.12 19.09 -56.05
CA ARG I 4 -18.78 19.93 -57.03
C ARG I 4 -20.18 19.44 -57.37
N ASN I 5 -20.48 18.19 -57.03
CA ASN I 5 -21.78 17.59 -57.30
C ASN I 5 -22.46 17.16 -56.02
N ARG I 6 -22.37 18.02 -54.99
CA ARG I 6 -22.86 17.65 -53.67
C ARG I 6 -24.37 17.68 -53.61
N GLN I 7 -24.99 18.66 -54.27
CA GLN I 7 -26.43 18.83 -54.33
C GLN I 7 -27.02 19.28 -53.00
N ASP I 8 -26.20 19.36 -51.95
CA ASP I 8 -26.66 19.89 -50.66
C ASP I 8 -26.88 21.37 -50.81
N ILE I 9 -28.14 21.81 -50.75
CA ILE I 9 -28.46 23.17 -51.14
C ILE I 9 -27.66 24.18 -50.35
N GLY I 10 -27.40 23.90 -49.07
CA GLY I 10 -26.49 24.76 -48.32
C GLY I 10 -25.11 24.78 -48.94
N TYR I 11 -24.59 23.62 -49.33
CA TYR I 11 -23.25 23.55 -49.88
C TYR I 11 -23.19 24.20 -51.26
N VAL I 12 -24.21 23.98 -52.09
CA VAL I 12 -24.17 24.63 -53.39
C VAL I 12 -24.35 26.13 -53.24
N LEU I 13 -25.12 26.60 -52.26
CA LEU I 13 -25.23 28.04 -52.08
C LEU I 13 -23.96 28.62 -51.52
N GLY I 14 -23.27 27.88 -50.65
CA GLY I 14 -21.99 28.34 -50.19
C GLY I 14 -21.00 28.45 -51.32
N ARG I 15 -20.99 27.46 -52.20
CA ARG I 15 -20.13 27.52 -53.38
C ARG I 15 -20.51 28.72 -54.25
N LEU I 16 -21.80 28.93 -54.41
CA LEU I 16 -22.30 30.03 -55.22
C LEU I 16 -21.88 31.36 -54.63
N PHE I 17 -21.98 31.50 -53.32
CA PHE I 17 -21.56 32.73 -52.68
C PHE I 17 -20.06 32.90 -52.76
N ALA I 18 -19.32 31.81 -52.68
CA ALA I 18 -17.88 31.89 -52.81
C ALA I 18 -17.49 32.43 -54.19
N VAL I 19 -18.12 31.92 -55.24
CA VAL I 19 -17.81 32.44 -56.56
C VAL I 19 -18.35 33.84 -56.74
N LEU I 20 -19.49 34.16 -56.11
CA LEU I 20 -20.02 35.51 -56.19
C LEU I 20 -19.03 36.50 -55.60
N GLU I 21 -18.48 36.19 -54.43
CA GLU I 21 -17.50 37.08 -53.84
C GLU I 21 -16.18 37.01 -54.59
N LYS I 22 -15.85 35.87 -55.19
CA LYS I 22 -14.65 35.84 -56.01
C LYS I 22 -14.76 36.83 -57.15
N ILE I 23 -15.93 36.89 -57.78
CA ILE I 23 -16.15 37.83 -58.86
C ILE I 23 -16.12 39.25 -58.34
N GLN I 24 -16.79 39.50 -57.22
CA GLN I 24 -16.78 40.83 -56.65
C GLN I 24 -15.36 41.27 -56.30
N ALA I 25 -14.58 40.36 -55.75
CA ALA I 25 -13.20 40.63 -55.36
C ALA I 25 -12.23 40.52 -56.53
N GLU I 26 -12.68 40.04 -57.68
CA GLU I 26 -11.92 40.26 -58.88
C GLU I 26 -12.46 41.41 -59.71
N ALA I 27 -13.72 41.79 -59.50
CA ALA I 27 -14.25 42.97 -60.17
C ALA I 27 -13.47 44.20 -59.75
N ASN I 28 -13.53 44.53 -58.47
CA ASN I 28 -12.62 45.50 -57.86
C ASN I 28 -11.93 44.87 -56.66
N PRO I 29 -10.69 44.43 -56.80
CA PRO I 29 -10.01 43.80 -55.67
C PRO I 29 -9.90 44.72 -54.47
N GLY I 30 -9.76 46.02 -54.70
CA GLY I 30 -9.73 46.93 -53.59
C GLY I 30 -11.15 47.26 -53.21
N LEU I 31 -11.66 46.55 -52.21
CA LEU I 31 -13.07 46.57 -51.87
C LEU I 31 -13.21 46.59 -50.37
N ASN I 32 -13.87 47.61 -49.85
CA ASN I 32 -14.04 47.73 -48.41
C ASN I 32 -14.90 46.60 -47.87
N ALA I 33 -16.07 46.40 -48.45
CA ALA I 33 -17.07 45.48 -47.92
C ALA I 33 -17.48 44.54 -49.05
N THR I 34 -16.76 43.43 -49.19
CA THR I 34 -17.17 42.41 -50.11
C THR I 34 -18.52 41.84 -49.68
N ILE I 35 -19.13 41.05 -50.55
CA ILE I 35 -20.41 40.48 -50.19
C ILE I 35 -20.28 39.50 -49.04
N ALA I 36 -19.08 39.00 -48.77
CA ALA I 36 -18.90 38.31 -47.50
C ALA I 36 -19.10 39.27 -46.35
N ASP I 37 -18.58 40.48 -46.49
CA ASP I 37 -18.62 41.45 -45.40
C ASP I 37 -19.98 42.09 -45.21
N ARG I 38 -20.90 41.95 -46.18
CA ARG I 38 -22.17 42.65 -46.14
C ARG I 38 -23.38 41.73 -46.35
N TYR I 39 -23.22 40.59 -47.02
CA TYR I 39 -24.30 39.70 -47.39
C TYR I 39 -24.19 38.32 -46.76
N PHE I 40 -22.98 37.88 -46.40
CA PHE I 40 -22.77 36.49 -45.99
C PHE I 40 -23.68 36.12 -44.82
N GLY I 41 -23.91 37.04 -43.89
CA GLY I 41 -24.66 36.70 -42.70
C GLY I 41 -26.02 36.11 -43.02
N SER I 42 -26.67 36.62 -44.07
CA SER I 42 -27.96 36.07 -44.45
C SER I 42 -27.84 35.09 -45.61
N ALA I 43 -26.89 35.31 -46.50
CA ALA I 43 -26.66 34.32 -47.55
C ALA I 43 -26.46 32.94 -46.95
N SER I 44 -25.81 32.88 -45.79
CA SER I 44 -25.68 31.63 -45.08
C SER I 44 -26.96 31.21 -44.40
N SER I 45 -27.86 32.12 -44.11
CA SER I 45 -29.06 31.76 -43.37
C SER I 45 -30.34 32.01 -44.15
N THR I 46 -30.43 33.10 -44.89
CA THR I 46 -31.64 33.47 -45.62
C THR I 46 -31.27 33.68 -47.07
N PRO I 47 -30.98 32.60 -47.80
CA PRO I 47 -30.50 32.77 -49.17
C PRO I 47 -31.44 33.51 -50.07
N ILE I 48 -32.75 33.44 -49.84
CA ILE I 48 -33.67 34.20 -50.67
C ILE I 48 -33.46 35.68 -50.47
N ALA I 49 -33.11 36.11 -49.26
CA ALA I 49 -32.93 37.53 -49.01
C ALA I 49 -31.91 38.13 -49.96
N VAL I 50 -30.67 37.69 -49.85
CA VAL I 50 -29.60 38.24 -50.65
C VAL I 50 -29.56 37.64 -52.04
N PHE I 51 -29.47 36.32 -52.16
CA PHE I 51 -29.08 35.69 -53.43
C PHE I 51 -29.91 36.17 -54.60
N GLY I 52 -31.08 36.73 -54.37
CA GLY I 52 -31.70 37.49 -55.43
C GLY I 52 -30.87 38.70 -55.76
N THR I 53 -30.57 39.51 -54.74
CA THR I 53 -29.82 40.75 -54.95
C THR I 53 -28.39 40.49 -55.34
N LEU I 54 -27.81 39.39 -54.87
CA LEU I 54 -26.47 38.99 -55.24
C LEU I 54 -26.35 38.77 -56.73
N MET I 55 -27.46 38.56 -57.41
CA MET I 55 -27.42 38.34 -58.84
C MET I 55 -28.11 39.42 -59.65
N ARG I 56 -28.81 40.37 -59.01
CA ARG I 56 -28.83 41.69 -59.60
C ARG I 56 -27.40 42.15 -59.78
N LEU I 57 -26.61 41.92 -58.75
CA LEU I 57 -25.30 42.49 -58.49
C LEU I 57 -24.20 41.75 -59.22
N LEU I 58 -24.50 40.56 -59.71
CA LEU I 58 -23.48 39.71 -60.32
C LEU I 58 -23.11 40.12 -61.74
N PRO I 59 -24.04 40.34 -62.67
CA PRO I 59 -23.62 40.71 -64.02
C PRO I 59 -22.79 41.95 -64.05
N HIS I 60 -23.02 42.87 -63.12
CA HIS I 60 -22.21 44.07 -63.07
C HIS I 60 -20.79 43.79 -62.62
N HIS I 61 -20.59 42.83 -61.71
CA HIS I 61 -19.23 42.42 -61.40
C HIS I 61 -18.59 41.74 -62.60
N LEU I 62 -19.34 40.87 -63.27
CA LEU I 62 -18.81 40.22 -64.46
C LEU I 62 -18.39 41.25 -65.50
N ASN I 63 -19.14 42.33 -65.63
CA ASN I 63 -18.67 43.45 -66.45
C ASN I 63 -17.41 44.07 -65.89
N LYS I 64 -17.38 44.33 -64.60
CA LYS I 64 -16.23 45.03 -64.06
C LYS I 64 -14.98 44.16 -64.07
N LEU I 65 -15.11 42.86 -64.29
CA LEU I 65 -13.93 42.00 -64.38
C LEU I 65 -13.05 42.47 -65.53
N GLU I 66 -11.78 42.75 -65.21
CA GLU I 66 -10.88 43.31 -66.20
C GLU I 66 -10.63 42.34 -67.35
N PHE I 67 -10.44 41.07 -67.03
CA PHE I 67 -10.15 40.05 -68.04
C PHE I 67 -11.49 39.49 -68.47
N GLU I 68 -11.93 39.87 -69.68
CA GLU I 68 -13.31 39.59 -70.06
C GLU I 68 -13.57 38.10 -70.16
N GLY I 69 -12.53 37.31 -70.39
CA GLY I 69 -12.70 35.86 -70.40
C GLY I 69 -12.77 35.29 -69.00
N ARG I 70 -12.16 35.96 -68.03
CA ARG I 70 -12.27 35.55 -66.64
C ARG I 70 -13.71 35.64 -66.18
N ALA I 71 -14.45 36.60 -66.73
CA ALA I 71 -15.88 36.69 -66.44
C ALA I 71 -16.60 35.45 -66.91
N VAL I 72 -16.29 34.96 -68.10
CA VAL I 72 -16.87 33.70 -68.56
C VAL I 72 -16.44 32.56 -67.65
N GLN I 73 -15.17 32.55 -67.26
CA GLN I 73 -14.67 31.52 -66.35
C GLN I 73 -15.54 31.42 -65.11
N LEU I 74 -15.79 32.56 -64.46
CA LEU I 74 -16.50 32.55 -63.19
C LEU I 74 -18.01 32.39 -63.38
N GLN I 75 -18.56 32.99 -64.42
CA GLN I 75 -19.99 32.79 -64.68
C GLN I 75 -20.28 31.34 -64.99
N TRP I 76 -19.36 30.65 -65.66
CA TRP I 76 -19.58 29.26 -65.98
C TRP I 76 -19.70 28.43 -64.72
N GLU I 77 -18.85 28.68 -63.73
CA GLU I 77 -18.97 27.90 -62.51
C GLU I 77 -20.12 28.37 -61.65
N ILE I 78 -20.58 29.62 -61.81
CA ILE I 78 -21.84 29.99 -61.19
C ILE I 78 -22.95 29.12 -61.75
N ARG I 79 -22.96 28.92 -63.07
CA ARG I 79 -23.97 28.05 -63.65
C ARG I 79 -23.77 26.61 -63.20
N GLN I 80 -22.52 26.17 -63.11
CA GLN I 80 -22.25 24.82 -62.64
C GLN I 80 -22.78 24.63 -61.23
N ILE I 81 -22.64 25.65 -60.39
CA ILE I 81 -23.19 25.59 -59.05
C ILE I 81 -24.72 25.59 -59.10
N LEU I 82 -25.29 26.49 -59.89
CA LEU I 82 -26.72 26.70 -59.88
C LEU I 82 -27.50 25.58 -60.55
N GLU I 83 -26.85 24.70 -61.32
CA GLU I 83 -27.53 23.48 -61.71
C GLU I 83 -27.97 22.70 -60.48
N HIS I 84 -27.19 22.80 -59.41
CA HIS I 84 -27.47 22.07 -58.19
C HIS I 84 -28.40 22.82 -57.28
N CYS I 85 -28.82 24.02 -57.67
CA CYS I 85 -29.68 24.86 -56.87
C CYS I 85 -30.99 25.00 -57.62
N GLN I 86 -31.93 24.11 -57.32
CA GLN I 86 -33.26 24.20 -57.94
C GLN I 86 -34.04 25.40 -57.44
N ARG I 87 -33.63 25.98 -56.32
CA ARG I 87 -34.28 27.13 -55.71
C ARG I 87 -33.38 27.64 -54.61
N PHE I 88 -33.36 28.96 -54.44
CA PHE I 88 -32.72 29.49 -53.25
C PHE I 88 -33.65 29.20 -52.10
N PRO I 89 -33.25 28.38 -51.13
CA PRO I 89 -34.16 28.04 -50.04
C PRO I 89 -34.49 29.26 -49.21
N ASN I 90 -35.73 29.28 -48.74
CA ASN I 90 -36.18 30.41 -47.93
C ASN I 90 -35.25 30.63 -46.76
N HIS I 91 -35.15 29.65 -45.87
CA HIS I 91 -34.19 29.65 -44.79
C HIS I 91 -33.33 28.41 -44.90
N LEU I 92 -32.01 28.58 -44.88
CA LEU I 92 -31.13 27.43 -44.96
C LEU I 92 -31.30 26.57 -43.72
N ASN I 93 -31.49 25.27 -43.94
CA ASN I 93 -31.54 24.32 -42.85
C ASN I 93 -30.25 24.41 -42.04
N LEU I 94 -30.29 23.91 -40.81
CA LEU I 94 -29.15 24.07 -39.93
C LEU I 94 -27.95 23.28 -40.42
N GLU I 95 -28.18 22.02 -40.81
CA GLU I 95 -27.19 21.29 -41.59
C GLU I 95 -26.73 22.14 -42.77
N GLN I 96 -27.69 22.65 -43.52
CA GLN I 96 -27.38 23.50 -44.65
C GLN I 96 -26.80 24.82 -44.19
N GLN I 97 -27.17 25.28 -43.00
CA GLN I 97 -26.54 26.47 -42.43
C GLN I 97 -25.04 26.31 -42.44
N GLY I 98 -24.56 25.23 -41.83
CA GLY I 98 -23.13 25.00 -41.78
C GLY I 98 -22.54 24.67 -43.13
N LEU I 99 -23.25 23.88 -43.93
CA LEU I 99 -22.75 23.54 -45.25
C LEU I 99 -22.61 24.76 -46.14
N PHE I 100 -23.31 25.85 -45.86
CA PHE I 100 -23.07 27.06 -46.63
C PHE I 100 -21.68 27.61 -46.37
N ALA I 101 -21.27 27.66 -45.11
CA ALA I 101 -19.91 28.09 -44.81
C ALA I 101 -18.91 27.10 -45.39
N ILE I 102 -19.23 25.81 -45.32
CA ILE I 102 -18.44 24.79 -45.98
C ILE I 102 -18.29 25.12 -47.45
N GLY I 103 -19.40 25.45 -48.11
CA GLY I 103 -19.35 25.72 -49.52
C GLY I 103 -18.58 26.97 -49.85
N TYR I 104 -18.81 28.02 -49.08
CA TYR I 104 -18.04 29.23 -49.26
C TYR I 104 -16.56 28.93 -49.25
N TYR I 105 -16.09 28.19 -48.26
CA TYR I 105 -14.65 28.02 -48.17
C TYR I 105 -14.12 26.92 -49.07
N HIS I 106 -14.91 25.89 -49.36
CA HIS I 106 -14.54 24.90 -50.35
C HIS I 106 -14.39 25.53 -51.73
N GLU I 107 -15.41 26.25 -52.17
CA GLU I 107 -15.36 26.87 -53.49
C GLU I 107 -14.37 28.00 -53.51
N THR I 108 -14.18 28.69 -52.39
CA THR I 108 -13.15 29.72 -52.36
C THR I 108 -11.79 29.10 -52.53
N GLN I 109 -11.55 27.94 -51.90
CA GLN I 109 -10.31 27.23 -52.17
C GLN I 109 -10.22 26.84 -53.63
N PHE I 110 -11.30 26.28 -54.17
CA PHE I 110 -11.28 25.85 -55.56
C PHE I 110 -10.98 27.01 -56.50
N LEU I 111 -11.40 28.21 -56.14
CA LEU I 111 -11.11 29.38 -56.97
C LEU I 111 -9.69 29.88 -56.76
N PHE I 112 -9.17 29.77 -55.55
CA PHE I 112 -7.82 30.23 -55.27
C PHE I 112 -6.78 29.12 -55.40
N THR I 113 -7.19 27.89 -55.70
CA THR I 113 -6.24 26.94 -56.26
C THR I 113 -5.97 27.34 -57.71
N LYS I 114 -4.70 27.33 -58.09
CA LYS I 114 -4.22 28.12 -59.22
C LYS I 114 -4.98 27.87 -60.51
N ASP I 115 -4.91 26.67 -61.03
CA ASP I 115 -5.44 26.39 -62.36
C ASP I 115 -6.83 25.78 -62.33
N ALA I 116 -7.43 25.61 -61.16
CA ALA I 116 -8.58 24.72 -61.05
C ALA I 116 -9.75 25.20 -61.90
N LEU I 117 -10.17 26.46 -61.72
CA LEU I 117 -11.31 26.92 -62.49
C LEU I 117 -10.99 27.01 -63.97
N LYS I 118 -9.82 27.56 -64.31
CA LYS I 118 -9.47 27.66 -65.72
C LYS I 118 -9.34 26.28 -66.34
N ASN I 119 -8.77 25.32 -65.61
CA ASN I 119 -8.78 23.95 -66.08
C ASN I 119 -10.20 23.45 -66.22
N LEU I 120 -10.89 23.32 -65.08
CA LEU I 120 -12.18 22.64 -65.03
C LEU I 120 -13.18 23.23 -66.01
N PHE I 121 -13.05 24.52 -66.30
CA PHE I 121 -13.84 25.13 -67.36
C PHE I 121 -13.51 24.53 -68.71
N ASN I 122 -12.22 24.29 -68.97
CA ASN I 122 -11.80 23.80 -70.27
C ASN I 122 -12.19 22.34 -70.50
N GLU I 123 -12.63 21.61 -69.46
CA GLU I 123 -13.29 20.33 -69.69
C GLU I 123 -14.79 20.47 -69.79
N ALA I 124 -15.28 21.62 -70.22
CA ALA I 124 -16.69 21.80 -70.49
C ALA I 124 -16.90 22.36 -71.89
N MET J 1 48.01 -19.45 20.76
CA MET J 1 47.25 -18.54 21.58
C MET J 1 45.87 -19.09 21.80
N ILE J 2 45.48 -20.09 21.02
CA ILE J 2 44.18 -20.71 21.26
C ILE J 2 44.18 -21.38 22.62
N LEU J 3 45.28 -22.03 22.96
CA LEU J 3 45.41 -22.81 24.18
C LEU J 3 46.24 -22.13 25.24
N HIS J 4 47.28 -21.39 24.86
CA HIS J 4 47.94 -20.63 25.90
C HIS J 4 47.04 -19.55 26.46
N ALA J 5 45.95 -19.24 25.79
CA ALA J 5 44.93 -18.41 26.41
C ALA J 5 43.94 -19.23 27.21
N LEU J 6 43.98 -20.54 27.10
CA LEU J 6 43.21 -21.40 27.99
C LEU J 6 44.04 -21.87 29.16
N THR J 7 45.30 -22.22 28.92
CA THR J 7 46.22 -22.48 30.02
C THR J 7 46.32 -21.25 30.90
N GLN J 8 46.36 -20.07 30.28
CA GLN J 8 46.47 -18.83 31.02
C GLN J 8 45.12 -18.26 31.41
N TYR J 9 44.09 -19.08 31.54
CA TYR J 9 43.18 -18.73 32.62
C TYR J 9 42.91 -19.91 33.51
N TYR J 10 43.31 -21.12 33.17
CA TYR J 10 43.32 -22.13 34.20
C TYR J 10 44.22 -21.65 35.32
N GLN J 11 45.39 -21.13 34.95
CA GLN J 11 46.29 -20.59 35.95
C GLN J 11 45.74 -19.34 36.60
N ARG J 12 44.66 -18.77 36.08
CA ARG J 12 44.01 -17.63 36.71
C ARG J 12 42.83 -18.04 37.59
N LYS J 13 41.97 -18.92 37.09
CA LYS J 13 40.88 -19.46 37.87
C LYS J 13 41.36 -20.39 38.97
N ALA J 14 42.42 -21.16 38.72
CA ALA J 14 43.01 -21.92 39.81
C ALA J 14 43.64 -21.02 40.85
N GLU J 15 43.89 -19.75 40.53
CA GLU J 15 44.46 -18.81 41.48
C GLU J 15 43.48 -17.73 41.88
N SER J 16 42.32 -17.64 41.23
CA SER J 16 41.24 -16.78 41.69
C SER J 16 40.33 -17.52 42.65
N ASP J 17 40.71 -18.73 43.07
CA ASP J 17 39.89 -19.56 43.94
C ASP J 17 38.51 -19.80 43.35
N GLY J 18 38.44 -19.83 42.02
CA GLY J 18 37.18 -20.10 41.36
C GLY J 18 36.75 -21.55 41.41
N GLY J 19 37.61 -22.44 41.89
CA GLY J 19 37.24 -23.83 42.01
C GLY J 19 37.32 -24.58 40.70
N ILE J 20 38.52 -24.65 40.13
CA ILE J 20 38.77 -25.42 38.93
C ILE J 20 39.61 -26.63 39.32
N ALA J 21 39.44 -27.72 38.57
CA ALA J 21 40.07 -28.99 38.92
C ALA J 21 41.57 -28.83 39.02
N GLN J 22 42.17 -29.31 40.11
CA GLN J 22 43.54 -28.92 40.46
C GLN J 22 44.52 -30.02 40.08
N GLU J 23 45.08 -29.91 38.88
CA GLU J 23 46.31 -30.56 38.43
C GLU J 23 46.20 -32.07 38.27
N GLY J 24 45.12 -32.68 38.73
CA GLY J 24 44.97 -34.10 38.51
C GLY J 24 43.54 -34.54 38.36
N PHE J 25 42.61 -33.59 38.33
CA PHE J 25 41.22 -33.92 38.55
C PHE J 25 40.32 -33.39 37.45
N GLU J 26 39.02 -33.42 37.69
CA GLU J 26 38.05 -33.10 36.67
C GLU J 26 36.68 -32.91 37.32
N ASN J 27 35.99 -31.82 37.00
CA ASN J 27 34.65 -31.65 37.52
C ASN J 27 33.70 -32.59 36.79
N LYS J 28 33.83 -33.89 37.05
CA LYS J 28 33.00 -34.85 36.35
C LYS J 28 31.58 -34.79 36.88
N GLU J 29 30.62 -34.94 35.97
CA GLU J 29 29.20 -34.91 36.30
C GLU J 29 28.82 -36.32 36.74
N ILE J 30 28.94 -36.58 38.04
CA ILE J 30 28.73 -37.91 38.60
C ILE J 30 27.27 -37.99 39.05
N PRO J 31 26.43 -38.75 38.38
CA PRO J 31 24.99 -38.65 38.62
C PRO J 31 24.46 -39.42 39.80
N PHE J 32 25.07 -40.57 40.09
CA PHE J 32 24.54 -41.58 41.02
C PHE J 32 25.61 -42.05 41.98
N ILE J 33 26.21 -41.09 42.67
CA ILE J 33 27.16 -41.29 43.76
C ILE J 33 26.73 -42.45 44.66
N ILE J 34 27.67 -43.32 44.99
CA ILE J 34 27.44 -44.49 45.83
C ILE J 34 27.85 -44.15 47.25
N VAL J 35 27.10 -44.68 48.22
CA VAL J 35 27.44 -44.54 49.62
C VAL J 35 27.78 -45.91 50.19
N ILE J 36 28.90 -46.00 50.89
CA ILE J 36 29.32 -47.24 51.54
C ILE J 36 29.74 -46.90 52.96
N ASP J 37 29.87 -47.93 53.79
CA ASP J 37 30.33 -47.73 55.15
C ASP J 37 31.85 -47.79 55.17
N LYS J 38 32.42 -47.87 56.37
CA LYS J 38 33.88 -47.89 56.49
C LYS J 38 34.49 -49.22 56.07
N GLN J 39 33.69 -50.27 55.87
CA GLN J 39 34.22 -51.58 55.52
C GLN J 39 33.42 -52.25 54.41
N GLY J 40 32.96 -51.46 53.44
CA GLY J 40 32.16 -52.00 52.34
C GLY J 40 30.70 -51.67 52.55
N ASN J 41 29.84 -52.69 52.47
CA ASN J 41 28.46 -52.59 52.93
C ASN J 41 27.77 -51.35 52.34
N PHE J 42 27.52 -51.43 51.04
CA PHE J 42 26.73 -50.43 50.33
C PHE J 42 25.61 -49.86 51.18
N ILE J 43 25.62 -48.55 51.34
CA ILE J 43 24.65 -47.85 52.18
C ILE J 43 23.54 -47.25 51.34
N GLN J 44 23.88 -46.38 50.39
CA GLN J 44 22.83 -45.75 49.59
C GLN J 44 23.39 -45.37 48.24
N LEU J 45 22.54 -45.42 47.22
CA LEU J 45 22.88 -44.95 45.89
C LEU J 45 22.23 -43.58 45.70
N GLU J 46 22.89 -42.54 46.23
CA GLU J 46 22.32 -41.21 46.06
C GLU J 46 22.52 -40.74 44.64
N ASP J 47 21.55 -39.98 44.13
CA ASP J 47 21.66 -39.34 42.84
C ASP J 47 21.83 -37.84 43.04
N THR J 48 22.95 -37.31 42.57
CA THR J 48 23.21 -35.88 42.70
C THR J 48 22.78 -35.12 41.44
N ARG J 49 21.57 -35.42 40.99
CA ARG J 49 21.00 -34.91 39.75
C ARG J 49 20.19 -33.64 39.99
N GLU J 50 19.15 -33.44 39.19
CA GLU J 50 18.14 -32.38 39.30
C GLU J 50 18.70 -30.99 39.00
N LEU J 51 18.94 -30.75 37.72
CA LEU J 51 19.31 -29.44 37.20
C LEU J 51 18.45 -29.22 35.96
N LYS J 52 18.89 -28.33 35.06
CA LYS J 52 18.10 -27.82 33.95
C LYS J 52 17.31 -28.91 33.23
N VAL J 53 16.19 -28.54 32.60
CA VAL J 53 15.05 -29.41 32.30
C VAL J 53 15.41 -30.79 31.78
N LYS J 54 16.55 -30.92 31.11
CA LYS J 54 17.11 -32.24 30.82
C LYS J 54 18.06 -32.59 31.96
N LYS J 55 17.68 -33.59 32.76
CA LYS J 55 18.26 -33.72 34.09
C LYS J 55 19.73 -34.08 33.96
N LYS J 56 20.58 -33.06 33.93
CA LYS J 56 21.99 -33.30 33.66
C LYS J 56 22.59 -34.12 34.78
N VAL J 57 23.44 -35.06 34.41
CA VAL J 57 23.64 -36.24 35.22
C VAL J 57 24.66 -35.96 36.32
N GLY J 58 24.20 -35.31 37.38
CA GLY J 58 24.99 -35.26 38.59
C GLY J 58 25.56 -33.92 38.99
N ARG J 59 25.72 -33.73 40.29
CA ARG J 59 26.50 -32.61 40.77
C ARG J 59 27.95 -32.82 40.35
N THR J 60 28.58 -31.78 39.83
CA THR J 60 29.94 -31.92 39.33
C THR J 60 30.87 -32.13 40.52
N PHE J 61 31.19 -33.38 40.79
CA PHE J 61 32.20 -33.71 41.79
C PHE J 61 33.57 -33.62 41.13
N LEU J 62 34.51 -32.99 41.83
CA LEU J 62 35.81 -32.72 41.23
C LEU J 62 36.66 -33.94 41.58
N VAL J 63 36.55 -34.95 40.73
CA VAL J 63 37.07 -36.30 41.00
C VAL J 63 38.31 -36.54 40.15
N PRO J 64 39.06 -37.63 40.35
CA PRO J 64 40.25 -37.87 39.52
C PRO J 64 39.89 -37.93 38.05
N LYS J 65 40.78 -37.43 37.22
CA LYS J 65 40.45 -37.14 35.84
C LYS J 65 40.05 -38.38 35.07
N GLY J 66 39.08 -38.22 34.18
CA GLY J 66 38.72 -39.27 33.23
C GLY J 66 39.92 -39.62 32.37
N LEU J 67 40.21 -40.91 32.27
CA LEU J 67 41.44 -41.39 31.67
C LEU J 67 41.33 -41.61 30.17
N GLY J 68 40.20 -41.30 29.56
CA GLY J 68 40.06 -41.41 28.13
C GLY J 68 40.21 -42.84 27.67
N ARG J 69 39.23 -43.66 28.00
CA ARG J 69 39.36 -45.10 27.83
C ARG J 69 39.47 -45.49 26.36
N SER J 70 38.40 -45.27 25.59
CA SER J 70 38.45 -45.14 24.14
C SER J 70 39.28 -46.23 23.47
N GLY J 71 38.78 -47.46 23.54
CA GLY J 71 39.49 -48.51 22.81
C GLY J 71 38.73 -49.82 22.84
N SER J 72 39.23 -50.76 22.05
CA SER J 72 38.66 -52.11 22.06
C SER J 72 38.85 -52.76 23.43
N LYS J 73 40.07 -52.75 23.95
CA LYS J 73 40.31 -53.16 25.31
C LYS J 73 40.17 -51.96 26.23
N SER J 74 39.02 -51.29 26.14
CA SER J 74 38.73 -50.15 26.99
C SER J 74 38.55 -50.52 28.45
N TYR J 75 38.35 -51.79 28.77
CA TYR J 75 38.06 -52.15 30.14
C TYR J 75 39.28 -51.94 31.04
N GLU J 76 40.49 -52.01 30.49
CA GLU J 76 41.67 -51.96 31.33
C GLU J 76 41.88 -50.59 31.96
N VAL J 77 41.28 -49.54 31.41
CA VAL J 77 41.70 -48.18 31.77
C VAL J 77 41.20 -47.83 33.17
N SER J 78 39.89 -47.96 33.42
CA SER J 78 39.37 -48.00 34.78
C SER J 78 39.65 -46.77 35.63
N ASN J 79 38.96 -45.66 35.38
CA ASN J 79 39.11 -44.46 36.20
C ASN J 79 39.15 -44.76 37.69
N LEU J 80 39.84 -43.91 38.45
CA LEU J 80 40.36 -44.26 39.76
C LEU J 80 39.33 -44.77 40.75
N LEU J 81 38.41 -43.92 41.17
CA LEU J 81 37.40 -44.32 42.15
C LEU J 81 36.01 -43.95 41.73
N TRP J 82 35.84 -43.25 40.63
CA TRP J 82 34.56 -43.04 39.97
C TRP J 82 34.71 -43.61 38.57
N ASP J 83 33.83 -44.51 38.17
CA ASP J 83 33.87 -44.68 36.72
C ASP J 83 32.54 -44.74 36.00
N HIS J 84 31.70 -45.68 36.37
CA HIS J 84 30.70 -46.14 35.43
C HIS J 84 29.79 -47.17 36.07
N TYR J 85 28.52 -47.25 35.69
CA TYR J 85 27.75 -48.36 36.22
C TYR J 85 28.22 -49.68 35.63
N GLY J 86 29.07 -49.66 34.62
CA GLY J 86 29.69 -50.86 34.11
C GLY J 86 31.02 -51.12 34.77
N TYR J 87 31.65 -50.08 35.30
CA TYR J 87 32.93 -50.24 35.98
C TYR J 87 32.78 -50.45 37.47
N VAL J 88 31.71 -49.95 38.05
CA VAL J 88 31.54 -49.99 39.49
C VAL J 88 30.75 -51.21 39.93
N LEU J 89 29.76 -51.62 39.15
CA LEU J 89 28.94 -52.75 39.50
C LEU J 89 29.15 -53.97 38.61
N ALA J 90 29.96 -53.85 37.56
CA ALA J 90 29.98 -54.82 36.47
C ALA J 90 28.61 -54.98 35.84
N TYR J 91 27.76 -53.97 35.94
CA TYR J 91 26.44 -54.01 35.34
C TYR J 91 26.48 -53.34 33.98
N ALA J 92 26.18 -54.11 32.94
CA ALA J 92 26.21 -53.61 31.57
C ALA J 92 24.78 -53.33 31.13
N GLY J 93 24.44 -52.05 30.97
CA GLY J 93 23.12 -51.72 30.48
C GLY J 93 22.90 -52.21 29.05
N GLU J 94 23.88 -51.96 28.18
CA GLU J 94 23.80 -52.43 26.82
C GLU J 94 25.12 -53.00 26.30
N LYS J 95 26.19 -52.96 27.10
CA LYS J 95 27.50 -53.39 26.63
C LYS J 95 27.76 -54.87 26.85
N GLY J 96 26.90 -55.56 27.57
CA GLY J 96 27.10 -56.97 27.83
C GLY J 96 28.23 -57.25 28.81
N GLN J 97 28.16 -58.37 29.49
CA GLN J 97 29.20 -58.75 30.43
C GLN J 97 30.47 -59.13 29.67
N GLU J 98 31.57 -59.19 30.43
CA GLU J 98 32.92 -59.41 29.92
C GLU J 98 33.38 -58.21 29.11
N GLN J 99 32.48 -57.25 28.89
CA GLN J 99 32.84 -55.90 28.53
C GLN J 99 32.43 -54.94 29.62
N ALA J 100 31.73 -55.43 30.65
CA ALA J 100 31.53 -54.69 31.88
C ALA J 100 32.13 -55.38 33.09
N ASP J 101 32.25 -56.71 33.06
CA ASP J 101 32.96 -57.38 34.14
C ASP J 101 34.47 -57.24 34.01
N LYS J 102 35.00 -57.26 32.78
CA LYS J 102 36.40 -56.95 32.61
C LYS J 102 36.69 -55.50 32.98
N GLN J 103 35.73 -54.60 32.74
CA GLN J 103 35.83 -53.26 33.28
C GLN J 103 35.90 -53.32 34.80
N HIS J 104 34.98 -54.03 35.41
CA HIS J 104 34.98 -54.22 36.85
C HIS J 104 36.13 -55.08 37.32
N ALA J 105 36.70 -55.93 36.47
CA ALA J 105 37.91 -56.64 36.83
C ALA J 105 39.13 -55.72 36.85
N SER J 106 39.03 -54.55 36.22
CA SER J 106 40.10 -53.56 36.22
C SER J 106 39.80 -52.38 37.11
N PHE J 107 38.54 -51.99 37.23
CA PHE J 107 38.18 -50.96 38.20
C PHE J 107 38.44 -51.43 39.62
N THR J 108 38.06 -52.67 39.93
CA THR J 108 38.46 -53.25 41.21
C THR J 108 39.97 -53.33 41.31
N ALA J 109 40.62 -53.70 40.21
CA ALA J 109 42.08 -53.73 40.21
C ALA J 109 42.64 -52.34 40.46
N LYS J 110 42.06 -51.32 39.84
CA LYS J 110 42.53 -49.96 40.07
C LYS J 110 42.37 -49.55 41.53
N VAL J 111 41.20 -49.82 42.11
CA VAL J 111 40.95 -49.45 43.50
C VAL J 111 41.91 -50.19 44.42
N ASN J 112 42.11 -51.49 44.18
CA ASN J 112 42.97 -52.27 45.05
C ASN J 112 44.43 -51.83 44.94
N GLU J 113 44.94 -51.66 43.72
CA GLU J 113 46.31 -51.19 43.59
C GLU J 113 46.46 -49.78 44.13
N LEU J 114 45.37 -49.02 44.23
CA LEU J 114 45.41 -47.82 45.04
C LEU J 114 45.48 -48.16 46.52
N LYS J 115 44.65 -49.11 46.97
CA LYS J 115 44.60 -49.46 48.38
C LYS J 115 45.95 -49.94 48.87
N GLN J 116 46.62 -50.80 48.10
CA GLN J 116 47.96 -51.23 48.49
C GLN J 116 48.92 -50.05 48.55
N ALA J 117 48.75 -49.10 47.64
CA ALA J 117 49.58 -47.90 47.63
C ALA J 117 49.02 -46.79 48.51
N LEU J 118 47.88 -47.02 49.16
CA LEU J 118 47.29 -45.99 50.00
C LEU J 118 46.47 -46.66 51.09
N PRO J 119 47.11 -47.19 52.11
CA PRO J 119 46.38 -47.93 53.14
C PRO J 119 45.93 -47.02 54.27
N ASP J 120 45.21 -47.59 55.23
CA ASP J 120 44.78 -46.85 56.42
C ASP J 120 44.03 -45.58 56.05
N ASP J 121 43.17 -45.67 55.03
CA ASP J 121 42.37 -44.55 54.59
C ASP J 121 40.93 -44.62 55.05
N ALA J 122 40.39 -45.83 55.18
CA ALA J 122 39.01 -46.08 55.62
C ALA J 122 38.02 -45.59 54.56
N GLY J 123 38.51 -44.95 53.51
CA GLY J 123 37.68 -44.60 52.38
C GLY J 123 37.92 -45.53 51.23
N VAL J 124 39.18 -45.83 50.96
CA VAL J 124 39.51 -46.75 49.88
C VAL J 124 39.60 -48.19 50.40
N THR J 125 40.03 -48.38 51.65
CA THR J 125 39.90 -49.71 52.24
C THR J 125 38.44 -50.09 52.32
N ALA J 126 37.56 -49.11 52.48
CA ALA J 126 36.13 -49.37 52.47
C ALA J 126 35.68 -49.84 51.10
N VAL J 127 36.03 -49.10 50.05
CA VAL J 127 35.58 -49.46 48.72
C VAL J 127 36.33 -50.69 48.21
N ALA J 128 37.61 -50.81 48.53
CA ALA J 128 38.33 -52.03 48.19
C ALA J 128 37.75 -53.24 48.91
N ALA J 129 37.11 -53.03 50.05
CA ALA J 129 36.31 -54.08 50.67
C ALA J 129 34.88 -54.11 50.14
N PHE J 130 34.46 -53.06 49.44
CA PHE J 130 33.19 -53.07 48.72
C PHE J 130 33.33 -53.62 47.31
N LEU J 131 34.52 -53.52 46.74
CA LEU J 131 34.81 -54.09 45.43
C LEU J 131 35.37 -55.50 45.52
N SER J 132 35.54 -56.03 46.73
CA SER J 132 35.83 -57.43 46.94
C SER J 132 34.67 -58.10 47.65
N SER J 133 33.45 -57.70 47.27
CA SER J 133 32.24 -58.15 47.93
C SER J 133 31.35 -59.00 47.03
N ALA J 134 31.05 -58.51 45.82
CA ALA J 134 30.21 -59.17 44.82
C ALA J 134 28.76 -59.29 45.27
N GLU J 135 28.44 -58.89 46.50
CA GLU J 135 27.08 -58.95 47.01
C GLU J 135 26.53 -57.58 47.33
N GLU J 136 27.31 -56.74 48.01
CA GLU J 136 26.88 -55.36 48.23
C GLU J 136 26.76 -54.64 46.88
N LYS J 137 27.67 -54.94 45.95
CA LYS J 137 27.52 -54.44 44.60
C LYS J 137 26.24 -54.97 43.96
N SER J 138 25.89 -56.21 44.26
CA SER J 138 24.58 -56.71 43.85
C SER J 138 23.47 -55.92 44.54
N LYS J 139 23.68 -55.58 45.82
CA LYS J 139 22.71 -54.75 46.53
C LYS J 139 22.60 -53.37 45.93
N VAL J 140 23.62 -52.90 45.20
CA VAL J 140 23.53 -51.61 44.55
C VAL J 140 22.43 -51.64 43.50
N MET J 141 22.33 -52.74 42.73
CA MET J 141 21.23 -52.85 41.79
C MET J 141 19.88 -52.89 42.50
N GLN J 142 19.82 -53.50 43.67
CA GLN J 142 18.57 -53.49 44.43
C GLN J 142 18.49 -52.26 45.33
N ALA J 143 18.66 -51.08 44.73
CA ALA J 143 18.54 -49.81 45.42
C ALA J 143 17.26 -49.10 44.98
N ALA J 144 16.84 -48.14 45.79
CA ALA J 144 15.58 -47.45 45.53
C ALA J 144 15.59 -46.75 44.19
N ASN J 145 16.70 -46.07 43.87
CA ASN J 145 16.82 -45.27 42.67
C ASN J 145 17.77 -45.89 41.64
N TRP J 146 18.15 -47.14 41.81
CA TRP J 146 19.03 -47.77 40.84
C TRP J 146 18.38 -47.80 39.46
N ALA J 147 17.06 -47.97 39.43
CA ALA J 147 16.34 -48.05 38.17
C ALA J 147 16.45 -46.77 37.38
N GLU J 148 16.77 -45.65 38.03
CA GLU J 148 16.96 -44.40 37.31
C GLU J 148 18.39 -44.19 36.84
N CYS J 149 19.37 -44.81 37.51
CA CYS J 149 20.72 -44.75 36.96
C CYS J 149 20.91 -45.73 35.83
N ALA J 150 20.19 -46.86 35.85
CA ALA J 150 20.24 -47.75 34.71
C ALA J 150 19.65 -47.10 33.47
N LYS J 151 18.81 -46.07 33.63
CA LYS J 151 18.25 -45.38 32.48
C LYS J 151 19.29 -44.55 31.75
N VAL J 152 20.19 -43.92 32.49
CA VAL J 152 21.21 -43.06 31.87
C VAL J 152 22.38 -43.94 31.45
N LYS J 153 22.61 -44.03 30.15
CA LYS J 153 23.77 -44.74 29.66
C LYS J 153 25.02 -44.04 30.13
N GLY J 154 26.05 -44.81 30.42
CA GLY J 154 27.30 -44.23 30.90
C GLY J 154 27.15 -43.49 32.20
N CYS J 155 26.31 -43.98 33.10
CA CYS J 155 26.22 -43.44 34.44
C CYS J 155 27.55 -43.60 35.15
N ASN J 156 27.92 -42.60 35.94
CA ASN J 156 29.21 -42.57 36.62
C ASN J 156 28.96 -42.65 38.11
N LEU J 157 29.06 -43.85 38.67
CA LEU J 157 28.88 -43.99 40.11
C LEU J 157 30.18 -43.69 40.84
N SER J 158 30.07 -43.13 42.05
CA SER J 158 31.28 -42.97 42.85
C SER J 158 30.94 -42.92 44.34
N PHE J 159 31.00 -44.07 44.99
CA PHE J 159 31.79 -44.25 46.19
C PHE J 159 31.99 -43.05 47.11
N ARG J 160 30.95 -42.53 47.72
CA ARG J 160 31.13 -41.69 48.90
C ARG J 160 30.95 -42.56 50.13
N LEU J 161 32.02 -42.85 50.84
CA LEU J 161 31.84 -43.56 52.09
C LEU J 161 31.04 -42.69 53.04
N VAL J 162 30.23 -43.34 53.88
CA VAL J 162 29.56 -42.58 54.92
C VAL J 162 30.59 -42.13 55.95
N ASP J 163 30.22 -41.12 56.74
CA ASP J 163 31.05 -40.44 57.73
C ASP J 163 32.01 -39.45 57.09
N GLU J 164 31.84 -39.12 55.82
CA GLU J 164 32.46 -37.95 55.22
C GLU J 164 31.43 -36.99 54.64
N ALA J 165 30.33 -37.51 54.12
CA ALA J 165 29.05 -36.82 54.01
C ALA J 165 28.96 -35.76 52.92
N VAL J 166 30.09 -35.31 52.38
CA VAL J 166 30.09 -34.60 51.11
C VAL J 166 31.27 -35.12 50.31
N ASP J 167 32.23 -35.72 51.01
CA ASP J 167 33.54 -36.01 50.46
C ASP J 167 33.55 -37.44 49.94
N LEU J 168 33.86 -37.60 48.67
CA LEU J 168 33.89 -38.90 48.06
C LEU J 168 35.04 -39.71 48.64
N VAL J 169 35.07 -41.00 48.30
CA VAL J 169 36.28 -41.78 48.53
C VAL J 169 37.42 -41.17 47.74
N CYS J 170 37.12 -40.63 46.57
CA CYS J 170 38.10 -39.94 45.73
C CYS J 170 38.24 -38.48 46.07
N GLN J 171 37.89 -38.08 47.28
CA GLN J 171 38.05 -36.72 47.76
C GLN J 171 38.87 -36.65 49.03
N SER J 172 39.13 -37.78 49.69
CA SER J 172 39.86 -37.79 50.93
C SER J 172 41.27 -37.26 50.73
N LYS J 173 41.86 -36.71 51.80
CA LYS J 173 43.19 -36.16 51.68
C LYS J 173 44.21 -37.29 51.79
N ALA J 174 43.95 -38.35 51.09
CA ALA J 174 44.97 -39.29 50.65
C ALA J 174 44.80 -39.64 49.19
N VAL J 175 43.56 -39.84 48.74
CA VAL J 175 43.30 -40.00 47.31
C VAL J 175 43.55 -38.68 46.59
N ARG J 176 43.18 -37.59 47.24
CA ARG J 176 43.50 -36.28 46.70
C ARG J 176 45.01 -36.14 46.49
N GLU J 177 45.79 -36.51 47.50
CA GLU J 177 47.23 -36.50 47.36
C GLU J 177 47.74 -37.59 46.43
N TYR J 178 47.10 -38.76 46.42
CA TYR J 178 47.53 -39.81 45.50
C TYR J 178 47.40 -39.36 44.06
N VAL J 179 46.27 -38.74 43.71
CA VAL J 179 46.12 -38.20 42.38
C VAL J 179 47.09 -37.06 42.14
N SER J 180 47.26 -36.18 43.13
CA SER J 180 48.30 -35.17 43.01
C SER J 180 49.70 -35.79 43.00
N GLN J 181 49.83 -37.06 43.39
CA GLN J 181 51.05 -37.83 43.24
C GLN J 181 51.03 -38.72 42.00
N ALA J 182 49.85 -39.17 41.57
CA ALA J 182 49.71 -39.94 40.35
C ALA J 182 49.48 -39.06 39.13
N ASN J 183 49.51 -37.74 39.30
CA ASN J 183 49.63 -36.83 38.17
C ASN J 183 50.90 -35.99 38.29
N GLN J 184 51.81 -36.40 39.16
CA GLN J 184 53.10 -35.74 39.31
C GLN J 184 54.25 -36.72 39.18
N THR J 185 53.99 -38.02 39.23
CA THR J 185 55.00 -39.03 38.96
C THR J 185 54.74 -39.80 37.68
N GLN J 186 53.55 -40.39 37.54
CA GLN J 186 53.28 -41.17 36.35
C GLN J 186 53.16 -40.27 35.12
N SER J 187 52.51 -39.12 35.25
CA SER J 187 52.46 -38.17 34.14
C SER J 187 53.57 -37.13 34.24
N ASP J 188 54.78 -37.62 34.52
CA ASP J 188 55.99 -36.84 34.38
C ASP J 188 57.17 -37.61 33.82
N ASN J 189 57.10 -38.93 33.72
CA ASN J 189 58.14 -39.71 33.07
C ASN J 189 57.91 -39.88 31.57
N ALA J 190 56.89 -39.23 31.02
CA ALA J 190 56.53 -39.38 29.62
C ALA J 190 57.53 -38.60 28.75
N GLN J 191 57.19 -38.44 27.47
CA GLN J 191 58.08 -37.76 26.53
C GLN J 191 58.45 -36.37 27.04
N LYS J 192 59.76 -36.13 27.15
CA LYS J 192 60.27 -35.13 28.09
C LYS J 192 59.83 -33.71 27.73
N GLY J 193 59.88 -33.35 26.45
CA GLY J 193 59.52 -32.01 26.03
C GLY J 193 59.11 -32.06 24.57
N ILE J 194 58.70 -30.90 24.03
CA ILE J 194 58.70 -29.59 24.65
C ILE J 194 57.28 -29.01 24.48
N CYS J 195 56.78 -28.27 25.47
CA CYS J 195 55.41 -27.79 25.41
C CYS J 195 55.12 -26.93 24.18
N LEU J 196 54.00 -27.23 23.54
CA LEU J 196 53.41 -26.30 22.58
C LEU J 196 52.88 -25.05 23.27
N VAL J 197 52.21 -25.23 24.41
CA VAL J 197 51.46 -24.14 25.01
C VAL J 197 52.37 -23.25 25.83
N THR J 198 53.03 -23.83 26.83
CA THR J 198 53.86 -23.05 27.73
C THR J 198 55.28 -22.89 27.21
N GLY J 199 55.76 -23.84 26.40
CA GLY J 199 57.12 -23.82 25.94
C GLY J 199 58.12 -24.45 26.88
N LYS J 200 57.67 -24.88 28.06
CA LYS J 200 58.56 -25.49 29.04
C LYS J 200 58.83 -26.95 28.67
N ALA J 201 59.72 -27.59 29.42
CA ALA J 201 60.03 -28.99 29.16
C ALA J 201 58.78 -29.83 29.35
N ALA J 202 58.31 -29.95 30.60
CA ALA J 202 56.94 -30.35 30.91
C ALA J 202 56.48 -31.54 30.08
N PRO J 203 56.82 -32.77 30.48
CA PRO J 203 56.59 -33.95 29.64
C PRO J 203 55.32 -33.96 28.82
N ILE J 204 55.47 -34.33 27.55
CA ILE J 204 54.42 -34.13 26.56
C ILE J 204 53.27 -35.09 26.80
N ALA J 205 52.06 -34.59 26.64
CA ALA J 205 50.84 -35.36 26.83
C ALA J 205 50.30 -35.76 25.47
N ARG J 206 50.59 -36.99 25.08
CA ARG J 206 49.74 -37.66 24.10
C ARG J 206 48.38 -37.86 24.74
N LEU J 207 47.33 -37.94 23.92
CA LEU J 207 45.97 -38.08 24.46
C LEU J 207 45.59 -36.88 25.33
N HIS J 208 45.34 -35.78 24.64
CA HIS J 208 44.68 -34.64 25.27
C HIS J 208 43.27 -35.01 25.71
N ASN J 209 42.80 -34.35 26.77
CA ASN J 209 41.74 -34.87 27.62
C ASN J 209 40.37 -34.36 27.22
N ALA J 210 39.73 -35.05 26.27
CA ALA J 210 38.28 -35.17 26.22
C ALA J 210 37.51 -33.93 26.65
N VAL J 211 37.70 -32.81 25.97
CA VAL J 211 36.97 -31.59 26.30
C VAL J 211 35.48 -31.82 26.19
N LYS J 212 34.77 -31.62 27.28
CA LYS J 212 33.35 -31.95 27.38
C LYS J 212 32.50 -30.70 27.21
N GLY J 213 31.39 -30.84 26.49
CA GLY J 213 30.45 -29.76 26.31
C GLY J 213 30.28 -29.29 24.89
N VAL J 214 31.18 -29.70 23.99
CA VAL J 214 31.08 -29.35 22.58
C VAL J 214 30.27 -30.37 21.82
N ASN J 215 30.72 -31.62 21.87
CA ASN J 215 30.23 -32.68 21.03
C ASN J 215 29.13 -33.45 21.75
N ALA J 216 28.66 -34.53 21.11
CA ALA J 216 27.76 -35.42 21.81
C ALA J 216 28.46 -36.18 22.92
N LYS J 217 29.79 -36.21 22.90
CA LYS J 217 30.61 -36.84 23.92
C LYS J 217 31.86 -36.00 24.12
N PRO J 218 32.43 -36.02 25.32
CA PRO J 218 33.70 -35.31 25.52
C PRO J 218 34.75 -35.75 24.53
N ALA J 219 35.13 -34.83 23.66
CA ALA J 219 36.04 -35.09 22.58
C ALA J 219 37.36 -34.39 22.80
N PRO J 220 38.46 -35.00 22.41
CA PRO J 220 39.77 -34.41 22.66
C PRO J 220 40.05 -33.21 21.78
N PHE J 221 39.72 -32.03 22.28
CA PHE J 221 39.80 -30.76 21.57
C PHE J 221 40.97 -30.70 20.59
N ALA J 222 42.17 -30.96 21.08
CA ALA J 222 43.34 -31.09 20.22
C ALA J 222 43.69 -32.56 20.18
N SER J 223 43.48 -33.19 19.03
CA SER J 223 43.73 -34.63 18.92
C SER J 223 43.98 -34.96 17.46
N VAL J 224 45.23 -35.25 17.13
CA VAL J 224 45.59 -35.66 15.78
C VAL J 224 45.65 -37.18 15.74
N ASN J 225 44.52 -37.82 15.51
CA ASN J 225 44.53 -39.28 15.42
C ASN J 225 43.81 -39.73 14.17
N LEU J 226 44.53 -39.71 13.06
CA LEU J 226 44.22 -40.49 11.87
C LEU J 226 45.51 -40.64 11.11
N SER J 227 45.54 -41.65 10.23
CA SER J 227 46.80 -42.09 9.65
C SER J 227 47.57 -40.92 9.08
N ALA J 228 46.89 -40.01 8.39
CA ALA J 228 47.52 -38.73 8.04
C ALA J 228 46.59 -37.59 8.40
N PHE J 229 46.60 -37.27 9.69
CA PHE J 229 46.73 -35.91 10.17
C PHE J 229 48.07 -35.77 10.84
N GLU J 230 48.69 -36.87 11.23
CA GLU J 230 50.01 -36.87 11.81
C GLU J 230 50.99 -36.26 10.83
N SER J 231 51.75 -35.29 11.30
CA SER J 231 52.63 -34.56 10.39
C SER J 231 53.92 -35.32 10.15
N TYR J 232 54.75 -35.46 11.17
CA TYR J 232 56.12 -35.92 11.00
C TYR J 232 56.34 -37.27 11.67
N GLY J 233 55.40 -38.19 11.48
CA GLY J 233 55.45 -39.43 12.22
C GLY J 233 55.33 -39.22 13.70
N LYS J 234 54.60 -38.19 14.11
CA LYS J 234 54.55 -37.79 15.50
C LYS J 234 53.45 -38.50 16.27
N GLU J 235 52.41 -38.97 15.60
CA GLU J 235 51.49 -39.95 16.18
C GLU J 235 50.78 -39.39 17.42
N GLN J 236 49.82 -38.51 17.16
CA GLN J 236 48.66 -38.38 18.04
C GLN J 236 48.97 -37.63 19.35
N GLY J 237 49.60 -36.49 19.25
CA GLY J 237 49.71 -35.67 20.44
C GLY J 237 51.13 -35.24 20.63
N PHE J 238 52.03 -35.97 20.00
CA PHE J 238 53.36 -35.45 19.73
C PHE J 238 53.40 -34.68 18.41
N ALA J 239 52.33 -34.77 17.62
CA ALA J 239 52.15 -33.81 16.54
C ALA J 239 52.02 -32.42 17.10
N PHE J 240 51.47 -32.30 18.29
CA PHE J 240 51.37 -31.06 19.04
C PHE J 240 51.85 -31.28 20.45
N PRO J 241 53.15 -31.17 20.67
CA PRO J 241 53.71 -31.57 21.96
C PRO J 241 53.29 -30.62 23.07
N ILE J 242 52.12 -30.85 23.65
CA ILE J 242 51.64 -30.05 24.77
C ILE J 242 51.93 -30.82 26.05
N GLY J 243 52.55 -30.16 27.00
CA GLY J 243 52.91 -30.85 28.23
C GLY J 243 51.69 -31.35 28.96
N GLU J 244 51.88 -32.38 29.77
CA GLU J 244 50.78 -32.90 30.56
C GLU J 244 50.21 -31.81 31.45
N GLN J 245 51.08 -31.04 32.10
CA GLN J 245 50.61 -29.96 32.96
C GLN J 245 49.93 -28.86 32.18
N ALA J 246 50.21 -28.72 30.90
CA ALA J 246 49.53 -27.74 30.07
C ALA J 246 48.34 -28.33 29.33
N MET J 247 48.43 -29.58 28.91
CA MET J 247 47.29 -30.25 28.31
C MET J 247 46.15 -30.33 29.31
N PHE J 248 46.46 -30.77 30.53
CA PHE J 248 45.44 -30.82 31.56
C PHE J 248 44.81 -29.46 31.77
N GLU J 249 45.63 -28.42 31.78
CA GLU J 249 45.12 -27.10 32.12
C GLU J 249 44.13 -26.61 31.10
N TYR J 250 44.45 -26.69 29.80
CA TYR J 250 43.47 -26.13 28.88
C TYR J 250 42.30 -27.09 28.69
N THR J 251 42.52 -28.40 28.83
CA THR J 251 41.39 -29.31 28.74
C THR J 251 40.38 -29.06 29.86
N THR J 252 40.87 -28.87 31.08
CA THR J 252 39.97 -28.53 32.17
C THR J 252 39.60 -27.07 32.18
N ALA J 253 40.20 -26.29 31.31
CA ALA J 253 39.76 -24.92 31.10
C ALA J 253 38.56 -24.89 30.18
N LEU J 254 38.58 -25.68 29.10
CA LEU J 254 37.38 -25.81 28.28
C LEU J 254 36.28 -26.50 29.06
N ASN J 255 36.65 -27.52 29.82
CA ASN J 255 35.65 -28.33 30.51
C ASN J 255 34.82 -27.47 31.44
N THR J 256 35.46 -26.54 32.16
CA THR J 256 34.69 -25.68 33.05
C THR J 256 33.92 -24.61 32.28
N LEU J 257 34.54 -23.97 31.29
CA LEU J 257 33.81 -22.98 30.51
C LEU J 257 32.73 -23.58 29.63
N LEU J 258 32.88 -24.81 29.19
CA LEU J 258 31.74 -25.43 28.53
C LEU J 258 30.75 -25.98 29.54
N ALA J 259 31.09 -25.94 30.83
CA ALA J 259 30.15 -26.26 31.88
C ALA J 259 29.83 -25.07 32.76
N GLY J 260 30.46 -23.92 32.53
CA GLY J 260 30.22 -22.73 33.30
C GLY J 260 29.29 -21.76 32.60
N GLU J 261 29.19 -20.56 33.18
CA GLU J 261 28.42 -19.50 32.57
C GLU J 261 29.12 -18.88 31.38
N ASN J 262 30.39 -19.21 31.15
CA ASN J 262 31.11 -18.71 29.99
C ASN J 262 30.48 -19.22 28.71
N ARG J 263 30.10 -20.49 28.68
CA ARG J 263 29.49 -21.07 27.50
C ARG J 263 28.22 -20.32 27.12
N PHE J 264 28.13 -19.99 25.85
CA PHE J 264 26.93 -19.39 25.27
C PHE J 264 27.04 -19.53 23.78
N ARG J 265 25.94 -19.82 23.12
CA ARG J 265 26.01 -20.02 21.68
C ARG J 265 25.93 -18.66 21.01
N ILE J 266 26.94 -18.34 20.20
CA ILE J 266 26.88 -17.12 19.40
C ILE J 266 25.69 -17.29 18.48
N GLY J 267 25.79 -18.22 17.54
CA GLY J 267 24.64 -18.81 16.92
C GLY J 267 25.03 -20.18 16.41
N ASP J 268 24.36 -21.22 16.90
CA ASP J 268 24.67 -22.59 16.51
C ASP J 268 26.14 -22.93 16.74
N VAL J 269 26.86 -22.10 17.49
CA VAL J 269 28.28 -22.31 17.73
C VAL J 269 28.63 -22.01 19.19
N THR J 270 28.66 -23.07 20.00
CA THR J 270 28.84 -22.88 21.44
C THR J 270 30.20 -22.28 21.70
N THR J 271 30.24 -21.20 22.46
CA THR J 271 31.43 -20.38 22.59
C THR J 271 31.74 -20.16 24.05
N VAL J 272 33.01 -20.27 24.41
CA VAL J 272 33.46 -19.98 25.76
C VAL J 272 34.19 -18.65 25.71
N CYS J 273 33.65 -17.67 26.42
CA CYS J 273 34.25 -16.36 26.52
C CYS J 273 34.73 -16.13 27.94
N TRP J 274 35.94 -15.60 28.06
CA TRP J 274 36.48 -15.25 29.36
C TRP J 274 37.31 -13.99 29.22
N GLY J 275 37.25 -13.15 30.24
CA GLY J 275 38.06 -11.96 30.23
C GLY J 275 39.54 -12.28 30.15
N ALA J 276 40.26 -11.46 29.41
CA ALA J 276 41.71 -11.60 29.35
C ALA J 276 42.30 -11.09 30.66
N LYS J 277 43.62 -10.98 30.72
CA LYS J 277 44.27 -10.43 31.89
C LYS J 277 43.87 -8.97 32.04
N ARG J 278 43.06 -8.67 33.07
CA ARG J 278 42.65 -7.29 33.28
C ARG J 278 43.87 -6.43 33.58
N THR J 279 43.77 -5.16 33.21
CA THR J 279 44.80 -4.18 33.50
C THR J 279 45.02 -4.09 35.00
N PRO J 280 46.10 -3.49 35.47
CA PRO J 280 46.41 -3.51 36.91
C PRO J 280 45.35 -2.84 37.78
N LEU J 281 44.22 -2.45 37.20
CA LEU J 281 43.08 -1.92 37.94
C LEU J 281 43.47 -0.61 38.63
N GLU J 282 43.56 0.43 37.80
CA GLU J 282 44.25 1.69 38.13
C GLU J 282 44.00 2.11 39.58
N GLU J 283 45.05 2.68 40.18
CA GLU J 283 45.20 2.71 41.64
C GLU J 283 43.96 3.22 42.35
N SER J 284 43.40 4.35 41.89
CA SER J 284 42.23 4.91 42.56
C SER J 284 41.14 3.87 42.68
N LEU J 285 40.77 3.26 41.56
CA LEU J 285 39.75 2.22 41.56
C LEU J 285 40.18 1.01 42.40
N ALA J 286 41.46 0.72 42.45
CA ALA J 286 41.93 -0.35 43.32
C ALA J 286 42.00 0.06 44.78
N SER J 287 41.96 1.35 45.07
CA SER J 287 41.96 1.80 46.45
C SER J 287 40.71 1.32 47.18
N MET J 288 39.56 1.45 46.52
CA MET J 288 38.31 0.98 47.12
C MET J 288 38.25 -0.54 47.14
N ILE J 289 38.62 -1.18 46.04
CA ILE J 289 38.64 -2.64 45.97
C ILE J 289 39.63 -3.18 46.99
N ASN J 290 39.23 -4.22 47.71
CA ASN J 290 40.13 -4.85 48.67
C ASN J 290 40.94 -5.95 48.00
N GLY J 291 42.20 -6.07 48.40
CA GLY J 291 43.04 -7.15 47.92
C GLY J 291 44.29 -6.84 47.12
N GLY J 292 44.24 -5.95 46.12
CA GLY J 292 43.04 -5.30 45.64
C GLY J 292 42.29 -6.10 44.60
N GLY J 293 42.12 -5.52 43.41
CA GLY J 293 41.36 -6.20 42.38
C GLY J 293 42.01 -7.50 41.95
N LYS J 294 41.17 -8.49 41.68
CA LYS J 294 41.61 -9.81 41.27
C LYS J 294 41.16 -10.08 39.85
N ASP J 295 42.01 -10.76 39.09
CA ASP J 295 41.67 -11.14 37.72
C ASP J 295 40.86 -12.44 37.77
N ASN J 296 39.60 -12.31 38.11
CA ASN J 296 38.69 -13.41 37.91
C ASN J 296 38.55 -13.64 36.42
N PRO J 297 38.93 -14.80 35.90
CA PRO J 297 38.97 -14.95 34.44
C PRO J 297 37.63 -14.70 33.79
N ASP J 298 36.57 -15.28 34.32
CA ASP J 298 35.26 -15.14 33.72
C ASP J 298 34.47 -13.99 34.36
N ALA J 299 35.08 -12.82 34.48
CA ALA J 299 34.39 -11.75 35.20
C ALA J 299 33.42 -11.00 34.32
N HIS J 300 33.93 -10.23 33.36
CA HIS J 300 33.06 -9.36 32.58
C HIS J 300 32.67 -10.00 31.26
N ILE J 301 32.64 -11.33 31.21
CA ILE J 301 32.23 -12.05 30.03
C ILE J 301 30.85 -11.58 29.63
N ASP J 302 30.11 -11.05 30.60
CA ASP J 302 28.79 -10.56 30.30
C ASP J 302 28.85 -9.48 29.24
N ALA J 303 29.87 -8.63 29.29
CA ALA J 303 30.04 -7.58 28.28
C ALA J 303 29.98 -8.18 26.89
N VAL J 304 30.57 -9.36 26.71
CA VAL J 304 30.46 -10.02 25.41
C VAL J 304 29.25 -10.94 25.37
N LYS J 305 28.92 -11.59 26.49
CA LYS J 305 27.71 -12.42 26.50
C LYS J 305 26.48 -11.57 26.23
N ALA J 306 26.41 -10.40 26.87
CA ALA J 306 25.34 -9.45 26.63
C ALA J 306 25.62 -8.55 25.45
N LEU J 307 26.58 -8.92 24.60
CA LEU J 307 26.69 -8.30 23.28
C LEU J 307 25.96 -9.14 22.25
N TYR J 308 26.25 -10.44 22.21
CA TYR J 308 25.50 -11.34 21.36
C TYR J 308 24.09 -11.51 21.87
N LYS J 309 23.90 -11.52 23.18
CA LYS J 309 22.55 -11.48 23.72
C LYS J 309 21.83 -10.21 23.34
N SER J 310 22.58 -9.13 23.12
CA SER J 310 21.97 -7.88 22.70
C SER J 310 21.34 -7.99 21.33
N LEU J 311 21.81 -8.90 20.50
CA LEU J 311 21.21 -9.05 19.19
C LEU J 311 19.79 -9.59 19.30
N TYR J 312 19.51 -10.37 20.35
CA TYR J 312 18.16 -10.83 20.63
C TYR J 312 17.47 -10.01 21.69
N ASN J 313 18.21 -9.46 22.65
CA ASN J 313 17.63 -8.52 23.59
C ASN J 313 17.18 -7.25 22.90
N GLY J 314 17.79 -6.93 21.76
CA GLY J 314 17.62 -5.61 21.21
C GLY J 314 18.26 -4.53 22.05
N GLN J 315 19.05 -4.91 23.06
CA GLN J 315 19.64 -3.98 24.01
C GLN J 315 21.08 -3.67 23.64
N TYR J 316 21.37 -3.58 22.36
CA TYR J 316 22.74 -3.36 21.94
C TYR J 316 23.17 -1.95 22.28
N CYS J 317 24.33 -1.82 22.91
CA CYS J 317 24.96 -0.54 23.16
C CYS J 317 26.30 -0.54 22.45
N LYS J 318 26.58 0.53 21.72
CA LYS J 318 27.87 0.63 21.06
C LYS J 318 28.94 0.69 22.14
N PRO J 319 29.73 -0.35 22.31
CA PRO J 319 30.65 -0.42 23.45
C PRO J 319 32.00 0.19 23.16
N ASP J 320 32.58 0.77 24.20
CA ASP J 320 33.99 1.18 24.19
C ASP J 320 34.73 0.13 25.01
N GLY J 321 35.63 -0.59 24.36
CA GLY J 321 36.19 -1.76 24.98
C GLY J 321 37.49 -1.52 25.71
N GLU J 322 38.59 -1.94 25.10
CA GLU J 322 39.93 -2.02 25.69
C GLU J 322 39.99 -3.01 26.85
N ASP J 323 38.87 -3.62 27.22
CA ASP J 323 38.87 -4.82 28.06
C ASP J 323 38.69 -5.99 27.11
N LYS J 324 39.79 -6.70 26.84
CA LYS J 324 39.79 -7.74 25.84
C LYS J 324 39.22 -9.03 26.40
N PHE J 325 38.31 -9.64 25.66
CA PHE J 325 37.66 -10.88 26.07
C PHE J 325 38.04 -11.97 25.10
N TYR J 326 38.78 -12.96 25.58
CA TYR J 326 38.98 -14.17 24.81
C TYR J 326 37.64 -14.78 24.51
N LEU J 327 37.42 -15.17 23.26
CA LEU J 327 36.13 -15.73 22.84
C LEU J 327 36.44 -16.91 21.93
N LEU J 328 36.56 -18.09 22.50
CA LEU J 328 36.88 -19.29 21.74
C LEU J 328 35.55 -19.88 21.32
N GLY J 329 35.21 -19.71 20.05
CA GLY J 329 33.94 -20.17 19.55
C GLY J 329 34.00 -21.55 18.95
N LEU J 330 34.46 -22.51 19.74
CA LEU J 330 34.47 -23.90 19.32
C LEU J 330 33.13 -24.42 18.82
N SER J 331 33.16 -25.57 18.13
CA SER J 331 31.95 -26.24 17.69
C SER J 331 32.32 -27.66 17.33
N PRO J 332 31.40 -28.62 17.48
CA PRO J 332 31.75 -30.01 17.23
C PRO J 332 31.96 -30.28 15.76
N ASN J 333 32.91 -31.16 15.45
CA ASN J 333 32.96 -31.64 14.08
C ASN J 333 32.20 -32.94 13.95
N SER J 334 32.76 -34.03 14.48
CA SER J 334 31.95 -35.17 14.86
C SER J 334 32.33 -35.57 16.27
N ALA J 335 33.63 -35.78 16.47
CA ALA J 335 34.23 -35.94 17.79
C ALA J 335 35.57 -35.25 17.84
N ARG J 336 35.78 -34.24 17.01
CA ARG J 336 36.80 -33.22 17.19
C ARG J 336 36.10 -31.91 17.48
N ILE J 337 36.89 -30.92 17.84
CA ILE J 337 36.35 -29.62 18.23
C ILE J 337 36.87 -28.59 17.25
N VAL J 338 35.96 -27.99 16.51
CA VAL J 338 36.31 -27.02 15.49
C VAL J 338 36.31 -25.65 16.14
N VAL J 339 37.47 -25.02 16.21
CA VAL J 339 37.52 -23.65 16.69
C VAL J 339 36.97 -22.76 15.60
N ARG J 340 35.70 -22.38 15.72
CA ARG J 340 35.15 -21.49 14.70
C ARG J 340 35.47 -20.04 14.97
N PHE J 341 35.49 -19.62 16.23
CA PHE J 341 35.90 -18.28 16.59
C PHE J 341 37.14 -18.37 17.45
N TRP J 342 38.02 -17.41 17.26
CA TRP J 342 38.99 -17.09 18.29
C TRP J 342 39.19 -15.59 18.28
N HIS J 343 38.82 -14.95 19.39
CA HIS J 343 38.85 -13.51 19.48
C HIS J 343 39.47 -13.13 20.81
N GLU J 344 40.73 -12.74 20.80
CA GLU J 344 41.28 -12.01 21.92
C GLU J 344 40.82 -10.56 21.92
N THR J 345 40.09 -10.14 20.89
CA THR J 345 39.74 -8.75 20.72
C THR J 345 38.77 -8.29 21.79
N THR J 346 38.59 -6.97 21.86
CA THR J 346 37.66 -6.35 22.78
C THR J 346 36.23 -6.66 22.38
N VAL J 347 35.31 -6.38 23.29
CA VAL J 347 33.90 -6.50 22.93
C VAL J 347 33.49 -5.41 21.95
N ALA J 348 34.22 -4.30 21.92
CA ALA J 348 33.97 -3.30 20.89
C ALA J 348 34.31 -3.84 19.52
N ALA J 349 35.42 -4.55 19.40
CA ALA J 349 35.80 -5.16 18.13
C ALA J 349 34.89 -6.31 17.77
N LEU J 350 34.40 -7.06 18.74
CA LEU J 350 33.40 -8.08 18.47
C LEU J 350 32.08 -7.47 18.06
N SER J 351 31.76 -6.28 18.54
CA SER J 351 30.49 -5.66 18.23
C SER J 351 30.40 -5.15 16.81
N GLU J 352 31.52 -5.08 16.08
CA GLU J 352 31.51 -4.49 14.75
C GLU J 352 30.59 -5.23 13.80
N SER J 353 30.22 -6.46 14.11
CA SER J 353 29.24 -7.20 13.31
C SER J 353 27.82 -7.02 13.80
N ILE J 354 27.62 -6.91 15.11
CA ILE J 354 26.29 -6.59 15.61
C ILE J 354 26.00 -5.12 15.48
N ALA J 355 27.02 -4.27 15.63
CA ALA J 355 26.83 -2.85 15.35
C ALA J 355 26.39 -2.66 13.91
N ALA J 356 27.12 -3.26 12.97
CA ALA J 356 26.70 -3.20 11.58
C ALA J 356 25.36 -3.87 11.38
N TRP J 357 25.00 -4.81 12.25
CA TRP J 357 23.67 -5.39 12.17
C TRP J 357 22.61 -4.40 12.61
N TYR J 358 22.88 -3.66 13.67
CA TYR J 358 21.93 -2.71 14.21
C TYR J 358 22.10 -1.32 13.62
N ASP J 359 23.04 -1.14 12.71
CA ASP J 359 23.13 0.09 11.93
C ASP J 359 22.59 -0.09 10.52
N ASP J 360 22.77 -1.27 9.95
CA ASP J 360 22.04 -1.61 8.73
C ASP J 360 20.56 -1.78 9.01
N LEU J 361 20.21 -2.09 10.25
CA LEU J 361 18.83 -2.26 10.65
C LEU J 361 18.19 -0.99 11.14
N GLN J 362 18.96 0.08 11.32
CA GLN J 362 18.41 1.33 11.80
C GLN J 362 17.30 1.78 10.87
N MET J 363 16.21 2.26 11.45
CA MET J 363 15.07 2.62 10.66
C MET J 363 14.44 3.80 11.39
N VAL J 364 13.70 4.65 10.67
CA VAL J 364 13.12 5.82 11.31
C VAL J 364 12.14 5.42 12.38
N ARG J 365 12.11 6.23 13.44
CA ARG J 365 11.09 6.16 14.46
C ARG J 365 10.70 7.59 14.81
N GLY J 366 9.41 7.82 14.99
CA GLY J 366 8.96 9.13 15.38
C GLY J 366 9.24 9.40 16.84
N GLU J 367 8.40 10.20 17.48
CA GLU J 367 8.51 10.42 18.92
C GLU J 367 7.51 9.51 19.63
N ASN J 368 7.94 8.95 20.75
CA ASN J 368 7.19 7.93 21.46
C ASN J 368 6.88 6.76 20.51
N SER J 369 7.86 6.40 19.71
CA SER J 369 7.71 5.24 18.86
C SER J 369 7.72 3.98 19.71
N PRO J 370 6.72 3.13 19.60
CA PRO J 370 6.66 1.94 20.45
C PRO J 370 7.75 0.94 20.11
N TYR J 371 8.55 1.25 19.10
CA TYR J 371 9.59 0.38 18.58
C TYR J 371 10.92 0.69 19.24
N PRO J 372 11.67 -0.34 19.60
CA PRO J 372 12.96 -0.12 20.24
C PRO J 372 13.95 0.50 19.27
N GLU J 373 14.93 1.22 19.83
CA GLU J 373 15.94 1.84 18.99
C GLU J 373 16.69 0.81 18.18
N TYR J 374 17.14 -0.26 18.83
CA TYR J 374 17.70 -1.42 18.15
C TYR J 374 16.74 -2.56 18.39
N MET J 375 16.14 -3.07 17.32
CA MET J 375 14.96 -3.89 17.48
C MET J 375 15.35 -5.35 17.64
N PRO J 376 14.85 -6.03 18.67
CA PRO J 376 15.33 -7.37 18.98
C PRO J 376 15.07 -8.34 17.84
N LEU J 377 16.07 -9.16 17.54
CA LEU J 377 15.96 -10.14 16.46
C LEU J 377 14.72 -11.01 16.57
N PRO J 378 14.42 -11.63 17.70
CA PRO J 378 13.18 -12.43 17.76
C PRO J 378 11.95 -11.61 17.48
N ARG J 379 11.91 -10.37 17.95
CA ARG J 379 10.79 -9.49 17.67
C ARG J 379 10.91 -8.91 16.27
N LEU J 380 12.12 -8.85 15.75
CA LEU J 380 12.38 -8.45 14.38
C LEU J 380 11.98 -9.54 13.40
N LEU J 381 12.43 -10.76 13.66
CA LEU J 381 12.03 -11.92 12.86
C LEU J 381 10.55 -12.21 13.03
N GLY J 382 9.95 -11.77 14.12
CA GLY J 382 8.52 -11.95 14.30
C GLY J 382 7.70 -11.14 13.32
N ASN J 383 8.32 -10.22 12.61
CA ASN J 383 7.66 -9.53 11.51
C ASN J 383 7.74 -10.29 10.21
N LEU J 384 8.54 -11.34 10.16
CA LEU J 384 8.60 -12.22 9.01
C LEU J 384 7.70 -13.43 9.16
N VAL J 385 7.31 -13.75 10.39
CA VAL J 385 6.66 -15.01 10.66
C VAL J 385 5.19 -14.92 10.35
N LEU J 386 4.54 -16.07 10.34
CA LEU J 386 3.13 -16.15 10.03
C LEU J 386 2.32 -15.22 10.92
N ASP J 387 2.33 -15.48 12.23
CA ASP J 387 1.82 -14.52 13.20
C ASP J 387 2.63 -14.45 14.48
N GLY J 388 3.52 -15.40 14.75
CA GLY J 388 4.33 -15.42 15.94
C GLY J 388 5.62 -16.18 15.72
N LYS J 389 6.74 -15.64 16.20
CA LYS J 389 8.08 -16.09 15.77
C LYS J 389 8.42 -17.45 16.38
N MET J 390 7.92 -18.49 15.72
CA MET J 390 8.52 -19.81 15.83
C MET J 390 8.59 -20.54 14.50
N GLU J 391 7.78 -20.16 13.52
CA GLU J 391 7.73 -20.83 12.23
C GLU J 391 8.65 -20.21 11.20
N ASN J 392 9.41 -19.18 11.56
CA ASN J 392 10.39 -18.65 10.62
C ASN J 392 11.54 -19.62 10.51
N LEU J 393 11.83 -20.02 9.28
CA LEU J 393 12.41 -21.27 8.83
C LEU J 393 13.73 -21.55 9.54
N PRO J 394 13.83 -22.55 10.42
CA PRO J 394 15.00 -22.59 11.28
C PRO J 394 16.26 -22.97 10.52
N SER J 395 16.40 -22.60 9.26
CA SER J 395 17.62 -22.95 8.53
C SER J 395 18.07 -21.87 7.54
N ASP J 396 17.11 -21.12 7.00
CA ASP J 396 17.38 -20.02 6.08
C ASP J 396 17.03 -18.69 6.70
N LEU J 397 16.60 -18.73 7.94
CA LEU J 397 15.93 -17.67 8.67
C LEU J 397 16.49 -17.88 10.04
N ILE J 398 15.71 -17.66 11.08
CA ILE J 398 16.16 -17.35 12.43
C ILE J 398 17.55 -17.89 12.74
N ALA J 399 17.87 -19.08 12.24
CA ALA J 399 19.21 -19.66 12.38
C ALA J 399 20.21 -19.12 11.36
N GLN J 400 19.77 -18.42 10.32
CA GLN J 400 20.69 -17.85 9.33
C GLN J 400 20.68 -16.33 9.30
N ILE J 401 19.55 -15.68 9.60
CA ILE J 401 19.59 -14.25 9.83
C ILE J 401 20.55 -13.94 10.96
N THR J 402 20.51 -14.74 12.03
CA THR J 402 21.42 -14.53 13.13
C THR J 402 22.87 -14.68 12.67
N ASP J 403 23.15 -15.69 11.87
CA ASP J 403 24.50 -15.81 11.32
C ASP J 403 24.80 -14.67 10.37
N ALA J 404 23.80 -14.18 9.65
CA ALA J 404 23.98 -13.02 8.81
C ALA J 404 24.02 -11.73 9.62
N ALA J 405 23.65 -11.78 10.88
CA ALA J 405 23.69 -10.63 11.78
C ALA J 405 24.87 -10.67 12.73
N LEU J 406 25.15 -11.82 13.31
CA LEU J 406 26.31 -12.00 14.17
C LEU J 406 27.62 -11.82 13.41
N ASN J 407 27.60 -11.89 12.08
CA ASN J 407 28.81 -11.89 11.30
C ASN J 407 28.83 -10.84 10.20
N ASN J 408 27.85 -9.95 10.15
CA ASN J 408 27.79 -8.90 9.15
C ASN J 408 27.72 -9.50 7.74
N ARG J 409 27.29 -10.75 7.63
CA ARG J 409 27.11 -11.37 6.33
C ARG J 409 25.86 -10.79 5.67
N VAL J 410 25.63 -11.21 4.43
CA VAL J 410 24.49 -10.73 3.68
C VAL J 410 23.25 -11.43 4.18
N LEU J 411 22.25 -10.65 4.54
CA LEU J 411 20.97 -11.23 4.91
C LEU J 411 20.44 -12.03 3.73
N PRO J 412 19.85 -13.20 3.96
CA PRO J 412 19.44 -14.05 2.85
C PRO J 412 18.34 -13.39 2.05
N VAL J 413 18.22 -13.81 0.79
CA VAL J 413 17.12 -13.36 -0.02
C VAL J 413 15.81 -13.69 0.64
N SER J 414 15.79 -14.74 1.44
CA SER J 414 14.61 -15.13 2.17
C SER J 414 14.17 -14.09 3.14
N LEU J 415 14.79 -12.91 3.22
CA LEU J 415 14.15 -11.81 3.90
C LEU J 415 13.30 -10.96 2.99
N LEU J 416 13.86 -10.40 1.91
CA LEU J 416 13.02 -9.80 0.89
C LEU J 416 11.82 -10.69 0.66
N GLN J 417 12.09 -11.96 0.45
CA GLN J 417 10.99 -12.86 0.18
C GLN J 417 10.04 -12.93 1.38
N ALA J 418 10.55 -13.17 2.57
CA ALA J 418 9.67 -13.29 3.73
C ALA J 418 9.16 -11.93 4.20
N ALA J 419 10.02 -10.92 4.25
CA ALA J 419 9.57 -9.61 4.71
C ALA J 419 8.55 -9.03 3.75
N LEU J 420 8.78 -9.17 2.44
CA LEU J 420 7.80 -8.77 1.45
C LEU J 420 6.52 -9.58 1.58
N ARG J 421 6.65 -10.89 1.77
CA ARG J 421 5.47 -11.72 2.00
C ARG J 421 4.61 -11.14 3.10
N ARG J 422 5.24 -10.76 4.19
CA ARG J 422 4.47 -10.24 5.31
C ARG J 422 4.00 -8.82 5.05
N ASN J 423 4.79 -8.02 4.33
CA ASN J 423 4.38 -6.67 3.98
C ASN J 423 3.05 -6.70 3.27
N LYS J 424 2.94 -7.51 2.22
CA LYS J 424 1.70 -7.58 1.49
C LYS J 424 0.76 -8.63 2.03
N ALA J 425 1.13 -9.32 3.09
CA ALA J 425 0.23 -10.26 3.72
C ALA J 425 -0.39 -9.67 4.97
N GLU J 426 0.40 -8.97 5.78
CA GLU J 426 -0.21 -8.17 6.83
C GLU J 426 -0.75 -6.85 6.30
N GLN J 427 -0.52 -6.56 5.02
CA GLN J 427 -1.00 -5.34 4.37
C GLN J 427 -0.44 -4.09 5.02
N LYS J 428 0.68 -4.23 5.72
CA LYS J 428 1.34 -3.10 6.34
C LYS J 428 2.79 -3.46 6.53
N ILE J 429 3.62 -2.43 6.65
CA ILE J 429 5.05 -2.65 6.81
C ILE J 429 5.46 -2.25 8.21
N THR J 430 5.41 -3.20 9.12
CA THR J 430 5.84 -2.93 10.48
C THR J 430 7.30 -2.55 10.48
N TYR J 431 7.63 -1.53 11.27
CA TYR J 431 9.01 -1.37 11.68
C TYR J 431 9.50 -2.70 12.19
N GLY J 432 10.50 -3.25 11.51
CA GLY J 432 10.86 -4.62 11.75
C GLY J 432 10.77 -5.40 10.46
N ARG J 433 9.88 -4.95 9.59
CA ARG J 433 9.93 -5.39 8.21
C ARG J 433 10.56 -4.32 7.35
N ALA J 434 10.23 -3.07 7.61
CA ALA J 434 10.98 -1.98 7.01
C ALA J 434 12.41 -1.98 7.47
N SER J 435 12.64 -2.14 8.76
CA SER J 435 14.01 -2.15 9.26
C SER J 435 14.77 -3.37 8.75
N LEU J 436 14.11 -4.52 8.74
CA LEU J 436 14.79 -5.73 8.31
C LEU J 436 15.06 -5.69 6.81
N LEU J 437 14.15 -5.11 6.04
CA LEU J 437 14.40 -4.91 4.62
C LEU J 437 15.47 -3.88 4.38
N LYS J 438 15.53 -2.85 5.23
CA LYS J 438 16.62 -1.90 5.13
C LYS J 438 17.95 -2.58 5.37
N ALA J 439 18.01 -3.47 6.35
CA ALA J 439 19.22 -4.23 6.58
C ALA J 439 19.53 -5.13 5.40
N TYR J 440 18.53 -5.84 4.87
CA TYR J 440 18.81 -6.72 3.75
C TYR J 440 19.33 -5.91 2.58
N ILE J 441 18.64 -4.85 2.22
CA ILE J 441 18.99 -4.13 1.00
C ILE J 441 20.31 -3.38 1.18
N ASN J 442 20.56 -2.86 2.39
CA ASN J 442 21.86 -2.25 2.63
C ASN J 442 22.98 -3.26 2.48
N ARG J 443 22.79 -4.48 2.98
CA ARG J 443 23.85 -5.46 2.84
C ARG J 443 23.90 -6.06 1.45
N ALA J 444 22.77 -6.07 0.74
CA ALA J 444 22.79 -6.49 -0.65
C ALA J 444 23.56 -5.49 -1.49
N ILE J 445 23.39 -4.20 -1.20
CA ILE J 445 24.20 -3.18 -1.86
C ILE J 445 25.66 -3.38 -1.52
N ARG J 446 25.96 -3.49 -0.22
CA ARG J 446 27.33 -3.57 0.24
C ARG J 446 28.03 -4.83 -0.25
N ALA J 447 27.27 -5.86 -0.58
CA ALA J 447 27.83 -7.08 -1.14
C ALA J 447 27.89 -7.06 -2.65
N GLY J 448 27.49 -5.97 -3.28
CA GLY J 448 27.38 -5.96 -4.71
C GLY J 448 26.36 -6.95 -5.23
N ARG J 449 25.34 -7.23 -4.43
CA ARG J 449 24.25 -8.10 -4.84
C ARG J 449 23.05 -7.31 -5.31
N LEU J 450 23.16 -5.99 -5.40
CA LEU J 450 21.98 -5.20 -5.70
C LEU J 450 22.40 -3.98 -6.52
N LYS J 451 23.20 -4.21 -7.56
CA LYS J 451 24.23 -3.30 -8.07
C LYS J 451 23.89 -1.81 -8.14
N ASN J 452 22.92 -1.43 -8.96
CA ASN J 452 22.74 -0.01 -9.26
C ASN J 452 22.34 0.78 -8.03
N MET J 453 21.45 0.24 -7.22
CA MET J 453 20.93 0.89 -6.03
C MET J 453 22.04 1.39 -5.11
N LYS J 454 21.70 2.39 -4.32
CA LYS J 454 22.54 2.92 -3.26
C LYS J 454 21.94 2.58 -1.91
N GLU J 455 22.81 2.44 -0.91
CA GLU J 455 22.37 1.96 0.39
C GLU J 455 21.29 2.86 0.96
N LEU J 456 20.32 2.24 1.63
CA LEU J 456 19.30 3.02 2.31
C LEU J 456 19.88 3.75 3.51
N THR J 457 19.16 4.75 3.97
CA THR J 457 19.50 5.46 5.18
C THR J 457 18.41 5.24 6.21
N MET J 458 18.71 5.60 7.46
CA MET J 458 17.64 5.70 8.45
C MET J 458 16.44 6.42 7.86
N GLY J 459 16.62 7.70 7.54
CA GLY J 459 15.53 8.55 7.19
C GLY J 459 14.97 8.29 5.82
N LEU J 460 13.79 8.85 5.59
CA LEU J 460 13.29 8.95 4.24
C LEU J 460 14.29 9.70 3.39
N ASP J 461 14.56 9.16 2.21
CA ASP J 461 15.49 9.80 1.28
C ASP J 461 14.63 10.54 0.27
N ARG J 462 14.46 11.84 0.47
CA ARG J 462 13.57 12.63 -0.37
C ARG J 462 14.24 12.84 -1.72
N ASN J 463 14.65 11.73 -2.29
CA ASN J 463 15.57 11.59 -3.40
C ASN J 463 15.37 10.15 -3.84
N ARG J 464 16.43 9.52 -4.32
CA ARG J 464 16.58 8.08 -4.39
C ARG J 464 15.93 7.50 -5.63
N GLN J 465 15.07 8.24 -6.32
CA GLN J 465 14.77 8.02 -7.73
C GLN J 465 14.38 6.59 -8.06
N ASP J 466 14.21 5.75 -7.03
CA ASP J 466 14.14 4.31 -7.24
C ASP J 466 12.71 3.91 -7.52
N ILE J 467 12.49 3.34 -8.70
CA ILE J 467 11.13 3.12 -9.17
C ILE J 467 10.35 2.22 -8.25
N GLY J 468 11.00 1.67 -7.23
CA GLY J 468 10.29 0.96 -6.19
C GLY J 468 10.23 1.79 -4.93
N TYR J 469 11.33 2.46 -4.60
CA TYR J 469 11.36 3.25 -3.37
C TYR J 469 10.45 4.46 -3.49
N VAL J 470 10.46 5.14 -4.63
CA VAL J 470 9.63 6.32 -4.76
C VAL J 470 8.17 5.94 -4.84
N LEU J 471 7.86 4.77 -5.38
CA LEU J 471 6.48 4.32 -5.31
C LEU J 471 6.12 3.83 -3.92
N GLY J 472 7.07 3.35 -3.15
CA GLY J 472 6.79 3.12 -1.74
C GLY J 472 6.45 4.41 -1.03
N ARG J 473 7.21 5.46 -1.31
CA ARG J 473 6.90 6.77 -0.76
C ARG J 473 5.54 7.24 -1.24
N LEU J 474 5.24 7.02 -2.51
CA LEU J 474 3.97 7.42 -3.08
C LEU J 474 2.83 6.70 -2.38
N PHE J 475 2.99 5.41 -2.12
CA PHE J 475 1.97 4.69 -1.40
C PHE J 475 1.86 5.20 0.02
N ALA J 476 2.98 5.56 0.64
CA ALA J 476 2.92 6.07 1.99
C ALA J 476 2.16 7.38 2.06
N VAL J 477 2.44 8.29 1.13
CA VAL J 477 1.70 9.55 1.12
C VAL J 477 0.25 9.32 0.75
N LEU J 478 -0.01 8.40 -0.17
CA LEU J 478 -1.37 8.13 -0.56
C LEU J 478 -2.18 7.59 0.60
N GLU J 479 -1.60 6.65 1.35
CA GLU J 479 -2.31 6.10 2.50
C GLU J 479 -2.37 7.10 3.64
N LYS J 480 -1.36 7.96 3.76
CA LYS J 480 -1.44 9.01 4.77
C LYS J 480 -2.55 9.97 4.45
N ILE J 481 -2.68 10.35 3.18
CA ILE J 481 -3.75 11.24 2.76
C ILE J 481 -5.09 10.59 3.02
N GLN J 482 -5.22 9.30 2.70
CA GLN J 482 -6.47 8.61 2.97
C GLN J 482 -6.76 8.58 4.47
N ALA J 483 -5.79 8.15 5.26
CA ALA J 483 -5.94 8.12 6.70
C ALA J 483 -6.03 9.51 7.29
N GLU J 484 -5.53 10.52 6.58
CA GLU J 484 -5.79 11.89 6.97
C GLU J 484 -7.18 12.34 6.57
N ALA J 485 -7.67 11.84 5.44
CA ALA J 485 -9.01 12.19 4.97
C ALA J 485 -10.07 11.46 5.79
N ASN J 486 -9.95 10.14 5.85
CA ASN J 486 -10.79 9.32 6.70
C ASN J 486 -9.96 8.88 7.88
N PRO J 487 -10.14 9.47 9.04
CA PRO J 487 -9.32 9.07 10.19
C PRO J 487 -9.53 7.60 10.51
N GLY J 488 -10.78 7.23 10.75
CA GLY J 488 -11.13 5.85 10.97
C GLY J 488 -11.51 5.14 9.69
N LEU J 489 -10.57 4.40 9.12
CA LEU J 489 -10.79 3.59 7.93
C LEU J 489 -10.77 2.13 8.27
N ASN J 490 -11.67 1.38 7.65
CA ASN J 490 -11.63 -0.07 7.77
C ASN J 490 -10.77 -0.71 6.70
N ALA J 491 -10.73 -0.13 5.51
CA ALA J 491 -9.88 -0.61 4.43
C ALA J 491 -9.10 0.57 3.89
N THR J 492 -7.97 0.87 4.54
CA THR J 492 -7.05 1.84 3.98
C THR J 492 -6.54 1.32 2.66
N ILE J 493 -6.04 2.22 1.81
CA ILE J 493 -5.48 1.74 0.56
C ILE J 493 -4.30 0.84 0.80
N ALA J 494 -3.73 0.83 1.99
CA ALA J 494 -2.84 -0.27 2.34
C ALA J 494 -3.61 -1.58 2.29
N ASP J 495 -4.56 -1.74 3.21
CA ASP J 495 -5.28 -3.00 3.35
C ASP J 495 -5.99 -3.42 2.07
N ARG J 496 -6.11 -2.52 1.10
CA ARG J 496 -6.89 -2.79 -0.09
C ARG J 496 -6.06 -2.85 -1.35
N TYR J 497 -5.01 -2.05 -1.45
CA TYR J 497 -4.22 -1.94 -2.65
C TYR J 497 -2.75 -2.28 -2.46
N PHE J 498 -2.31 -2.64 -1.26
CA PHE J 498 -0.88 -2.74 -1.03
C PHE J 498 -0.28 -3.94 -1.74
N GLY J 499 -0.96 -5.08 -1.67
CA GLY J 499 -0.37 -6.28 -2.21
C GLY J 499 -0.01 -6.15 -3.68
N SER J 500 -0.68 -5.25 -4.38
CA SER J 500 -0.39 -5.04 -5.79
C SER J 500 0.27 -3.71 -6.08
N ALA J 501 0.22 -2.76 -5.15
CA ALA J 501 1.03 -1.56 -5.35
C ALA J 501 2.49 -1.82 -5.03
N SER J 502 2.75 -2.74 -4.10
CA SER J 502 4.13 -3.10 -3.79
C SER J 502 4.76 -3.86 -4.93
N SER J 503 4.04 -4.82 -5.50
CA SER J 503 4.64 -5.73 -6.46
C SER J 503 4.25 -5.44 -7.90
N THR J 504 3.23 -4.62 -8.13
CA THR J 504 2.67 -4.45 -9.47
C THR J 504 2.11 -3.05 -9.60
N PRO J 505 2.97 -2.04 -9.65
CA PRO J 505 2.49 -0.67 -9.52
C PRO J 505 1.54 -0.19 -10.60
N ILE J 506 1.64 -0.65 -11.84
CA ILE J 506 0.68 -0.13 -12.80
C ILE J 506 -0.72 -0.67 -12.50
N ALA J 507 -0.79 -1.88 -11.95
CA ALA J 507 -2.10 -2.43 -11.63
C ALA J 507 -2.86 -1.55 -10.66
N VAL J 508 -2.15 -0.78 -9.86
CA VAL J 508 -2.78 -0.14 -8.72
C VAL J 508 -2.61 1.38 -8.80
N PHE J 509 -1.36 1.84 -8.79
CA PHE J 509 -1.09 3.28 -8.72
C PHE J 509 -1.75 4.07 -9.81
N GLY J 510 -2.23 3.43 -10.87
CA GLY J 510 -3.11 4.12 -11.77
C GLY J 510 -4.49 4.32 -11.22
N THR J 511 -4.83 3.65 -10.11
CA THR J 511 -6.16 3.74 -9.53
C THR J 511 -6.14 4.22 -8.09
N LEU J 512 -5.01 4.07 -7.41
CA LEU J 512 -4.79 4.75 -6.14
C LEU J 512 -4.89 6.24 -6.33
N MET J 513 -4.41 6.72 -7.46
CA MET J 513 -4.25 8.14 -7.65
C MET J 513 -5.46 8.74 -8.33
N ARG J 514 -6.49 7.94 -8.56
CA ARG J 514 -7.84 8.46 -8.72
C ARG J 514 -8.56 8.58 -7.41
N LEU J 515 -8.29 7.67 -6.46
CA LEU J 515 -8.76 7.88 -5.10
C LEU J 515 -8.12 9.11 -4.51
N LEU J 516 -6.95 9.47 -4.97
CA LEU J 516 -6.17 10.53 -4.35
C LEU J 516 -6.83 11.89 -4.40
N PRO J 517 -7.34 12.38 -5.54
CA PRO J 517 -7.97 13.71 -5.51
C PRO J 517 -9.13 13.77 -4.56
N HIS J 518 -9.88 12.68 -4.43
CA HIS J 518 -10.99 12.67 -3.49
C HIS J 518 -10.50 12.70 -2.05
N HIS J 519 -9.44 11.97 -1.75
CA HIS J 519 -8.88 12.04 -0.40
C HIS J 519 -8.39 13.44 -0.09
N LEU J 520 -7.70 14.07 -1.04
CA LEU J 520 -7.25 15.44 -0.82
C LEU J 520 -8.41 16.39 -0.66
N ASN J 521 -9.48 16.19 -1.43
CA ASN J 521 -10.67 17.00 -1.25
C ASN J 521 -11.23 16.84 0.15
N LYS J 522 -11.19 15.63 0.69
CA LYS J 522 -11.82 15.40 1.98
C LYS J 522 -10.95 15.84 3.16
N LEU J 523 -9.70 16.22 2.92
CA LEU J 523 -8.87 16.71 4.02
C LEU J 523 -9.48 17.98 4.61
N GLU J 524 -9.78 17.96 5.90
CA GLU J 524 -10.49 19.08 6.51
C GLU J 524 -9.66 20.35 6.45
N PHE J 525 -8.35 20.24 6.55
CA PHE J 525 -7.46 21.39 6.33
C PHE J 525 -7.04 21.34 4.88
N GLU J 526 -7.66 22.17 4.04
CA GLU J 526 -7.31 22.17 2.62
C GLU J 526 -5.85 22.51 2.40
N GLY J 527 -5.26 23.28 3.31
CA GLY J 527 -3.84 23.50 3.25
C GLY J 527 -3.05 22.22 3.47
N ARG J 528 -3.52 21.37 4.38
CA ARG J 528 -2.89 20.07 4.55
C ARG J 528 -3.03 19.25 3.28
N ALA J 529 -4.16 19.36 2.60
CA ALA J 529 -4.32 18.69 1.32
C ALA J 529 -3.30 19.20 0.32
N VAL J 530 -3.06 20.51 0.32
CA VAL J 530 -2.08 21.08 -0.58
C VAL J 530 -0.68 20.57 -0.24
N GLN J 531 -0.37 20.49 1.06
CA GLN J 531 0.94 20.00 1.47
C GLN J 531 1.15 18.56 1.05
N LEU J 532 0.14 17.72 1.29
CA LEU J 532 0.27 16.32 0.97
C LEU J 532 0.31 16.11 -0.54
N GLN J 533 -0.48 16.87 -1.28
CA GLN J 533 -0.39 16.81 -2.74
C GLN J 533 0.94 17.34 -3.22
N TRP J 534 1.51 18.32 -2.55
CA TRP J 534 2.82 18.80 -2.92
C TRP J 534 3.85 17.72 -2.76
N GLU J 535 3.80 17.00 -1.64
CA GLU J 535 4.84 16.00 -1.45
C GLU J 535 4.58 14.80 -2.32
N ILE J 536 3.33 14.54 -2.69
CA ILE J 536 3.15 13.44 -3.63
C ILE J 536 3.58 13.86 -5.02
N ARG J 537 3.52 15.15 -5.33
CA ARG J 537 4.17 15.66 -6.53
C ARG J 537 5.67 15.48 -6.46
N GLN J 538 6.27 15.76 -5.30
CA GLN J 538 7.71 15.59 -5.16
C GLN J 538 8.09 14.12 -5.29
N ILE J 539 7.36 13.27 -4.59
CA ILE J 539 7.58 11.83 -4.67
C ILE J 539 7.49 11.38 -6.11
N LEU J 540 6.48 11.84 -6.81
CA LEU J 540 6.17 11.32 -8.11
C LEU J 540 6.99 12.00 -9.19
N GLU J 541 7.68 13.07 -8.82
CA GLU J 541 8.67 13.68 -9.70
C GLU J 541 9.86 12.76 -9.91
N HIS J 542 10.21 11.98 -8.90
CA HIS J 542 11.22 10.95 -9.06
C HIS J 542 10.73 9.76 -9.84
N CYS J 543 9.44 9.69 -10.13
CA CYS J 543 8.85 8.58 -10.85
C CYS J 543 8.57 9.02 -12.28
N GLN J 544 9.12 8.29 -13.24
CA GLN J 544 8.84 8.57 -14.64
C GLN J 544 7.74 7.68 -15.20
N ARG J 545 7.49 6.55 -14.56
CA ARG J 545 6.42 5.64 -14.94
C ARG J 545 6.28 4.62 -13.83
N PHE J 546 5.05 4.33 -13.46
CA PHE J 546 4.85 3.20 -12.58
C PHE J 546 5.28 1.94 -13.31
N PRO J 547 6.14 1.12 -12.73
CA PRO J 547 6.59 -0.07 -13.44
C PRO J 547 5.51 -1.12 -13.48
N ASN J 548 5.54 -1.93 -14.54
CA ASN J 548 4.57 -3.00 -14.67
C ASN J 548 4.66 -3.95 -13.50
N HIS J 549 5.89 -4.31 -13.13
CA HIS J 549 6.12 -5.22 -12.03
C HIS J 549 7.36 -4.75 -11.30
N LEU J 550 7.31 -4.78 -9.98
CA LEU J 550 8.44 -4.35 -9.17
C LEU J 550 9.29 -5.56 -8.84
N ASN J 551 10.56 -5.50 -9.21
CA ASN J 551 11.51 -6.56 -8.88
C ASN J 551 11.52 -6.81 -7.39
N LEU J 552 11.93 -8.02 -7.00
CA LEU J 552 12.07 -8.32 -5.58
C LEU J 552 12.99 -7.33 -4.90
N GLU J 553 13.94 -6.77 -5.64
CA GLU J 553 14.80 -5.73 -5.10
C GLU J 553 13.99 -4.53 -4.66
N GLN J 554 13.02 -4.11 -5.47
CA GLN J 554 12.29 -2.87 -5.21
C GLN J 554 11.05 -3.05 -4.36
N GLN J 555 10.42 -4.22 -4.34
CA GLN J 555 9.33 -4.37 -3.38
C GLN J 555 9.85 -4.26 -1.96
N GLY J 556 11.11 -4.61 -1.75
CA GLY J 556 11.76 -4.25 -0.50
C GLY J 556 11.93 -2.75 -0.39
N LEU J 557 12.31 -2.10 -1.50
CA LEU J 557 12.36 -0.65 -1.50
C LEU J 557 11.00 -0.05 -1.26
N PHE J 558 9.99 -0.58 -1.95
CA PHE J 558 8.63 -0.09 -1.75
C PHE J 558 8.28 -0.14 -0.28
N ALA J 559 8.53 -1.27 0.37
CA ALA J 559 8.27 -1.36 1.79
C ALA J 559 9.11 -0.38 2.57
N ILE J 560 10.39 -0.30 2.25
CA ILE J 560 11.25 0.67 2.90
C ILE J 560 10.83 2.08 2.54
N GLY J 561 10.52 2.31 1.27
CA GLY J 561 10.06 3.61 0.86
C GLY J 561 8.75 3.98 1.54
N TYR J 562 7.84 3.02 1.61
CA TYR J 562 6.59 3.23 2.33
C TYR J 562 6.86 3.64 3.77
N TYR J 563 7.67 2.87 4.48
CA TYR J 563 7.85 3.18 5.90
C TYR J 563 8.62 4.47 6.08
N HIS J 564 9.62 4.71 5.25
CA HIS J 564 10.35 5.98 5.26
C HIS J 564 9.40 7.15 5.12
N GLU J 565 8.56 7.12 4.08
CA GLU J 565 7.70 8.26 3.85
C GLU J 565 6.59 8.34 4.87
N THR J 566 6.13 7.20 5.38
CA THR J 566 5.05 7.29 6.35
C THR J 566 5.54 7.76 7.70
N GLN J 567 6.77 7.47 8.07
CA GLN J 567 7.34 8.07 9.28
C GLN J 567 7.90 9.45 9.02
N PHE J 568 8.06 9.83 7.76
CA PHE J 568 8.30 11.22 7.43
C PHE J 568 7.03 12.03 7.61
N LEU J 569 5.91 11.49 7.16
CA LEU J 569 4.64 12.17 7.32
C LEU J 569 4.24 12.28 8.78
N PHE J 570 4.46 11.22 9.53
CA PHE J 570 4.18 11.25 10.94
C PHE J 570 5.32 11.83 11.75
N THR J 571 6.24 12.54 11.10
CA THR J 571 7.22 13.32 11.83
C THR J 571 6.54 14.60 12.32
N LYS J 572 7.22 15.28 13.24
CA LYS J 572 6.60 16.41 13.93
C LYS J 572 6.07 17.43 12.93
N ASP J 573 6.97 18.06 12.17
CA ASP J 573 6.59 19.10 11.22
C ASP J 573 7.20 18.85 9.85
N ALA J 574 7.56 17.61 9.53
CA ALA J 574 8.41 17.36 8.38
C ALA J 574 7.75 17.81 7.09
N LEU J 575 6.51 17.39 6.86
CA LEU J 575 5.86 17.78 5.62
C LEU J 575 5.57 19.27 5.59
N LYS J 576 5.13 19.83 6.71
CA LYS J 576 4.92 21.27 6.75
C LYS J 576 6.21 22.01 6.45
N ASN J 577 7.33 21.52 6.99
CA ASN J 577 8.60 22.16 6.71
C ASN J 577 8.99 21.98 5.25
N LEU J 578 9.15 20.74 4.81
CA LEU J 578 9.59 20.48 3.44
C LEU J 578 8.73 21.21 2.42
N PHE J 579 7.43 21.30 2.68
CA PHE J 579 6.57 22.10 1.82
C PHE J 579 6.95 23.56 1.87
N ASN J 580 7.27 24.07 3.06
CA ASN J 580 7.54 25.48 3.24
C ASN J 580 8.88 25.90 2.67
N GLU J 581 9.80 24.97 2.43
CA GLU J 581 11.03 25.29 1.74
C GLU J 581 10.92 25.12 0.24
N ALA J 582 9.72 25.28 -0.31
CA ALA J 582 9.55 25.27 -1.75
C ALA J 582 8.78 26.52 -2.17
N GLY K 1 11.66 16.85 -13.03
CA GLY K 1 10.84 15.65 -13.13
C GLY K 1 9.61 15.82 -13.99
N LEU K 2 9.80 16.32 -15.20
CA LEU K 2 8.72 16.44 -16.16
C LEU K 2 9.30 16.29 -17.55
N ASP K 3 8.88 15.27 -18.27
CA ASP K 3 9.35 15.03 -19.63
C ASP K 3 8.36 15.72 -20.55
N ARG K 4 8.63 16.99 -20.85
CA ARG K 4 7.69 17.79 -21.62
C ARG K 4 7.48 17.25 -23.01
N ASN K 5 8.38 16.39 -23.47
CA ASN K 5 8.31 15.80 -24.81
C ASN K 5 8.19 14.29 -24.73
N ARG K 6 7.40 13.81 -23.78
CA ARG K 6 7.33 12.38 -23.53
C ARG K 6 6.57 11.64 -24.61
N GLN K 7 5.49 12.25 -25.10
CA GLN K 7 4.66 11.70 -26.16
C GLN K 7 3.83 10.51 -25.68
N ASP K 8 4.05 10.06 -24.44
CA ASP K 8 3.23 8.99 -23.88
C ASP K 8 1.84 9.55 -23.61
N ILE K 9 0.85 9.07 -24.37
CA ILE K 9 -0.46 9.73 -24.36
C ILE K 9 -1.02 9.81 -22.96
N GLY K 10 -0.80 8.79 -22.14
CA GLY K 10 -1.18 8.90 -20.75
C GLY K 10 -0.47 10.05 -20.06
N TYR K 11 0.84 10.18 -20.29
CA TYR K 11 1.61 11.23 -19.63
C TYR K 11 1.22 12.60 -20.14
N VAL K 12 1.01 12.74 -21.45
CA VAL K 12 0.60 14.05 -21.95
C VAL K 12 -0.80 14.38 -21.47
N LEU K 13 -1.68 13.40 -21.33
CA LEU K 13 -3.01 13.71 -20.81
C LEU K 13 -2.96 14.05 -19.34
N GLY K 14 -2.09 13.39 -18.59
CA GLY K 14 -1.91 13.77 -17.21
C GLY K 14 -1.41 15.18 -17.08
N ARG K 15 -0.44 15.54 -17.92
CA ARG K 15 0.04 16.92 -17.94
C ARG K 15 -1.08 17.88 -18.29
N LEU K 16 -1.87 17.50 -19.28
CA LEU K 16 -2.98 18.33 -19.73
C LEU K 16 -4.00 18.52 -18.63
N PHE K 17 -4.30 17.46 -17.91
CA PHE K 17 -5.24 17.56 -16.81
C PHE K 17 -4.66 18.38 -15.68
N ALA K 18 -3.36 18.26 -15.45
CA ALA K 18 -2.72 19.06 -14.42
C ALA K 18 -2.85 20.54 -14.73
N VAL K 19 -2.59 20.92 -15.99
CA VAL K 19 -2.74 22.33 -16.33
C VAL K 19 -4.21 22.73 -16.35
N LEU K 20 -5.10 21.82 -16.73
CA LEU K 20 -6.52 22.13 -16.70
C LEU K 20 -6.98 22.45 -15.29
N GLU K 21 -6.57 21.63 -14.32
CA GLU K 21 -6.92 21.92 -12.94
C GLU K 21 -6.15 23.11 -12.41
N LYS K 22 -4.94 23.34 -12.90
CA LYS K 22 -4.23 24.54 -12.49
C LYS K 22 -5.02 25.77 -12.88
N ILE K 23 -5.56 25.77 -14.09
CA ILE K 23 -6.37 26.89 -14.54
C ILE K 23 -7.65 26.99 -13.74
N GLN K 24 -8.31 25.86 -13.51
CA GLN K 24 -9.53 25.88 -12.72
C GLN K 24 -9.26 26.40 -11.32
N ALA K 25 -8.15 25.98 -10.73
CA ALA K 25 -7.77 26.40 -9.39
C ALA K 25 -7.08 27.75 -9.36
N GLU K 26 -6.75 28.30 -10.53
CA GLU K 26 -6.44 29.72 -10.57
C GLU K 26 -7.61 30.55 -11.04
N ALA K 27 -8.57 29.94 -11.74
CA ALA K 27 -9.78 30.67 -12.11
C ALA K 27 -10.52 31.12 -10.87
N ASN K 28 -10.98 30.17 -10.07
CA ASN K 28 -11.44 30.44 -8.71
C ASN K 28 -10.69 29.55 -7.73
N PRO K 29 -9.69 30.07 -7.03
CA PRO K 29 -8.94 29.22 -6.09
C PRO K 29 -9.81 28.64 -5.02
N GLY K 30 -10.85 29.36 -4.59
CA GLY K 30 -11.75 28.79 -3.62
C GLY K 30 -12.76 27.95 -4.35
N LEU K 31 -12.51 26.65 -4.41
CA LEU K 31 -13.25 25.74 -5.26
C LEU K 31 -13.49 24.45 -4.50
N ASN K 32 -14.76 24.10 -4.34
CA ASN K 32 -15.10 22.89 -3.61
C ASN K 32 -14.59 21.65 -4.33
N ALA K 33 -14.92 21.52 -5.61
CA ALA K 33 -14.66 20.31 -6.37
C ALA K 33 -13.92 20.69 -7.64
N THR K 34 -12.60 20.75 -7.56
CA THR K 34 -11.81 20.94 -8.75
C THR K 34 -12.00 19.77 -9.69
N ILE K 35 -11.52 19.91 -10.92
CA ILE K 35 -11.69 18.83 -11.87
C ILE K 35 -10.91 17.61 -11.45
N ALA K 36 -9.91 17.75 -10.57
CA ALA K 36 -9.37 16.56 -9.95
C ALA K 36 -10.43 15.87 -9.11
N ASP K 37 -11.21 16.66 -8.39
CA ASP K 37 -12.19 16.10 -7.47
C ASP K 37 -13.43 15.56 -8.16
N ARG K 38 -13.64 15.87 -9.44
CA ARG K 38 -14.87 15.51 -10.14
C ARG K 38 -14.64 14.79 -11.46
N TYR K 39 -13.49 15.01 -12.11
CA TYR K 39 -13.21 14.50 -13.44
C TYR K 39 -12.03 13.53 -13.48
N PHE K 40 -11.09 13.64 -12.52
CA PHE K 40 -9.83 12.90 -12.60
C PHE K 40 -10.07 11.41 -12.74
N GLY K 41 -11.08 10.88 -12.07
CA GLY K 41 -11.29 9.44 -12.07
C GLY K 41 -11.40 8.87 -13.47
N SER K 42 -12.04 9.60 -14.38
CA SER K 42 -12.15 9.12 -15.74
C SER K 42 -11.11 9.77 -16.65
N ALA K 43 -10.73 11.02 -16.38
CA ALA K 43 -9.65 11.62 -17.14
C ALA K 43 -8.43 10.74 -17.13
N SER K 44 -8.18 10.06 -16.01
CA SER K 44 -7.12 9.09 -15.92
C SER K 44 -7.45 7.80 -16.64
N SER K 45 -8.71 7.48 -16.83
CA SER K 45 -9.05 6.20 -17.43
C SER K 45 -9.80 6.34 -18.74
N THR K 46 -10.71 7.29 -18.86
CA THR K 46 -11.54 7.47 -20.04
C THR K 46 -11.38 8.90 -20.52
N PRO K 47 -10.23 9.23 -21.10
CA PRO K 47 -9.99 10.64 -21.46
C PRO K 47 -10.99 11.20 -22.43
N ILE K 48 -11.58 10.38 -23.30
CA ILE K 48 -12.59 10.92 -24.19
C ILE K 48 -13.80 11.39 -23.42
N ALA K 49 -14.14 10.70 -22.31
CA ALA K 49 -15.31 11.08 -21.55
C ALA K 49 -15.24 12.53 -21.13
N VAL K 50 -14.26 12.87 -20.29
CA VAL K 50 -14.14 14.21 -19.76
C VAL K 50 -13.44 15.14 -20.72
N PHE K 51 -12.24 14.80 -21.19
CA PHE K 51 -11.37 15.78 -21.82
C PHE K 51 -12.05 16.54 -22.94
N GLY K 52 -13.13 16.01 -23.50
CA GLY K 52 -13.97 16.86 -24.31
C GLY K 52 -14.60 17.94 -23.46
N THR K 53 -15.27 17.54 -22.37
CA THR K 53 -15.94 18.50 -21.52
C THR K 53 -14.98 19.38 -20.76
N LEU K 54 -13.81 18.86 -20.43
CA LEU K 54 -12.77 19.64 -19.78
C LEU K 54 -12.35 20.82 -20.62
N MET K 55 -12.64 20.80 -21.91
CA MET K 55 -12.28 21.90 -22.76
C MET K 55 -13.46 22.63 -23.36
N ARG K 56 -14.68 22.13 -23.20
CA ARG K 56 -15.78 23.07 -23.10
C ARG K 56 -15.46 24.04 -21.98
N LEU K 57 -15.00 23.48 -20.87
CA LEU K 57 -14.89 24.07 -19.56
C LEU K 57 -13.63 24.90 -19.41
N LEU K 58 -12.69 24.74 -20.32
CA LEU K 58 -11.39 25.39 -20.21
C LEU K 58 -11.42 26.87 -20.59
N PRO K 59 -11.95 27.28 -21.74
CA PRO K 59 -11.91 28.70 -22.08
C PRO K 59 -12.60 29.55 -21.05
N HIS K 60 -13.60 29.02 -20.36
CA HIS K 60 -14.26 29.77 -19.32
C HIS K 60 -13.37 29.96 -18.10
N HIS K 61 -12.55 28.97 -17.76
CA HIS K 61 -11.57 29.19 -16.72
C HIS K 61 -10.54 30.22 -17.15
N LEU K 62 -10.07 30.11 -18.40
CA LEU K 62 -9.12 31.09 -18.90
C LEU K 62 -9.69 32.50 -18.83
N ASN K 63 -10.98 32.65 -19.09
CA ASN K 63 -11.64 33.92 -18.82
C ASN K 63 -11.62 34.27 -17.35
N LYS K 64 -11.98 33.32 -16.50
CA LYS K 64 -12.09 33.67 -15.09
C LYS K 64 -10.74 33.93 -14.46
N LEU K 65 -9.64 33.58 -15.14
CA LEU K 65 -8.32 33.90 -14.60
C LEU K 65 -8.16 35.40 -14.44
N GLU K 66 -7.84 35.82 -13.22
CA GLU K 66 -7.78 37.24 -12.91
C GLU K 66 -6.69 37.93 -13.71
N PHE K 67 -5.52 37.31 -13.82
CA PHE K 67 -4.39 37.90 -14.53
C PHE K 67 -4.50 37.44 -15.98
N GLU K 68 -4.91 38.35 -16.86
CA GLU K 68 -5.30 37.95 -18.21
C GLU K 68 -4.11 37.36 -18.97
N GLY K 69 -2.90 37.75 -18.59
CA GLY K 69 -1.74 37.16 -19.22
C GLY K 69 -1.42 35.77 -18.68
N ARG K 70 -1.82 35.52 -17.43
CA ARG K 70 -1.66 34.18 -16.87
C ARG K 70 -2.49 33.18 -17.65
N ALA K 71 -3.62 33.63 -18.19
CA ALA K 71 -4.42 32.78 -19.05
C ALA K 71 -3.65 32.38 -20.29
N VAL K 72 -2.92 33.32 -20.90
CA VAL K 72 -2.07 32.98 -22.03
C VAL K 72 -0.97 32.03 -21.58
N GLN K 73 -0.39 32.28 -20.42
CA GLN K 73 0.64 31.40 -19.88
C GLN K 73 0.17 29.96 -19.85
N LEU K 74 -1.00 29.73 -19.28
CA LEU K 74 -1.48 28.36 -19.09
C LEU K 74 -2.05 27.78 -20.37
N GLN K 75 -2.74 28.58 -21.18
CA GLN K 75 -3.21 28.08 -22.46
C GLN K 75 -2.06 27.67 -23.36
N TRP K 76 -0.94 28.39 -23.27
CA TRP K 76 0.19 28.05 -24.11
C TRP K 76 0.71 26.67 -23.76
N GLU K 77 0.81 26.35 -22.47
CA GLU K 77 1.28 25.02 -22.14
C GLU K 77 0.22 23.96 -22.35
N ILE K 78 -1.07 24.33 -22.35
CA ILE K 78 -2.07 23.38 -22.82
C ILE K 78 -1.79 23.01 -24.26
N ARG K 79 -1.48 24.01 -25.08
CA ARG K 79 -1.14 23.72 -26.47
C ARG K 79 0.16 22.92 -26.56
N GLN K 80 1.14 23.26 -25.72
CA GLN K 80 2.39 22.52 -25.71
C GLN K 80 2.14 21.07 -25.38
N ILE K 81 1.24 20.81 -24.45
CA ILE K 81 0.86 19.44 -24.11
C ILE K 81 0.13 18.80 -25.27
N LEU K 82 -0.84 19.49 -25.85
CA LEU K 82 -1.71 18.91 -26.84
C LEU K 82 -1.04 18.70 -28.19
N GLU K 83 0.12 19.31 -28.44
CA GLU K 83 0.88 18.87 -29.60
C GLU K 83 1.22 17.39 -29.49
N HIS K 84 1.40 16.91 -28.26
CA HIS K 84 1.76 15.53 -28.03
C HIS K 84 0.55 14.62 -27.93
N CYS K 85 -0.64 15.18 -28.06
CA CYS K 85 -1.88 14.44 -27.96
C CYS K 85 -2.55 14.50 -29.32
N GLN K 86 -2.27 13.51 -30.15
CA GLN K 86 -2.92 13.44 -31.46
C GLN K 86 -4.39 13.11 -31.35
N ARG K 87 -4.82 12.58 -30.21
CA ARG K 87 -6.19 12.20 -29.95
C ARG K 87 -6.33 11.91 -28.48
N PHE K 88 -7.48 12.24 -27.92
CA PHE K 88 -7.77 11.76 -26.58
C PHE K 88 -8.09 10.29 -26.70
N PRO K 89 -7.29 9.39 -26.14
CA PRO K 89 -7.56 7.97 -26.31
C PRO K 89 -8.86 7.59 -25.68
N ASN K 90 -9.54 6.63 -26.31
CA ASN K 90 -10.82 6.18 -25.81
C ASN K 90 -10.69 5.73 -24.37
N HIS K 91 -9.89 4.70 -24.13
CA HIS K 91 -9.54 4.25 -22.79
C HIS K 91 -8.03 4.30 -22.64
N LEU K 92 -7.55 4.95 -21.59
CA LEU K 92 -6.12 5.00 -21.37
C LEU K 92 -5.58 3.60 -21.09
N ASN K 93 -4.53 3.24 -21.80
CA ASN K 93 -3.85 1.98 -21.54
C ASN K 93 -3.39 1.94 -20.08
N LEU K 94 -3.12 0.75 -19.59
CA LEU K 94 -2.79 0.61 -18.18
C LEU K 94 -1.47 1.27 -17.84
N GLU K 95 -0.45 1.04 -18.67
CA GLU K 95 0.75 1.87 -18.62
C GLU K 95 0.37 3.33 -18.65
N GLN K 96 -0.47 3.69 -19.62
CA GLN K 96 -0.93 5.06 -19.74
C GLN K 96 -1.84 5.43 -18.59
N GLN K 97 -2.55 4.44 -18.03
CA GLN K 97 -3.34 4.70 -16.84
C GLN K 97 -2.48 5.33 -15.77
N GLY K 98 -1.37 4.67 -15.44
CA GLY K 98 -0.48 5.20 -14.43
C GLY K 98 0.22 6.46 -14.86
N LEU K 99 0.66 6.50 -16.12
CA LEU K 99 1.35 7.68 -16.62
C LEU K 99 0.45 8.90 -16.60
N PHE K 100 -0.87 8.74 -16.59
CA PHE K 100 -1.72 9.91 -16.43
C PHE K 100 -1.54 10.53 -15.06
N ALA K 101 -1.53 9.71 -14.02
CA ALA K 101 -1.28 10.25 -12.69
C ALA K 101 0.13 10.83 -12.61
N ILE K 102 1.08 10.15 -13.25
CA ILE K 102 2.42 10.69 -13.38
C ILE K 102 2.37 12.07 -14.00
N GLY K 103 1.63 12.22 -15.08
CA GLY K 103 1.57 13.49 -15.76
C GLY K 103 0.88 14.56 -14.94
N TYR K 104 -0.22 14.21 -14.32
CA TYR K 104 -0.88 15.14 -13.43
C TYR K 104 0.10 15.69 -12.42
N TYR K 105 0.86 14.83 -11.77
CA TYR K 105 1.69 15.36 -10.70
C TYR K 105 3.01 15.94 -11.19
N HIS K 106 3.55 15.45 -12.30
CA HIS K 106 4.70 16.07 -12.93
C HIS K 106 4.37 17.48 -13.39
N GLU K 107 3.30 17.64 -14.16
CA GLU K 107 2.94 18.95 -14.66
C GLU K 107 2.43 19.84 -13.54
N THR K 108 1.81 19.26 -12.53
CA THR K 108 1.40 20.06 -11.38
C THR K 108 2.62 20.62 -10.68
N GLN K 109 3.67 19.80 -10.54
CA GLN K 109 4.93 20.32 -10.01
C GLN K 109 5.46 21.41 -10.90
N PHE K 110 5.49 21.16 -12.22
CA PHE K 110 6.02 22.15 -13.14
C PHE K 110 5.26 23.46 -13.05
N LEU K 111 3.98 23.41 -12.75
CA LEU K 111 3.19 24.63 -12.61
C LEU K 111 3.43 25.29 -11.26
N PHE K 112 3.63 24.50 -10.22
CA PHE K 112 3.86 25.06 -8.89
C PHE K 112 5.33 25.24 -8.57
N THR K 113 6.24 24.86 -9.47
CA THR K 113 7.59 25.42 -9.40
C THR K 113 7.53 26.85 -9.89
N LYS K 114 8.20 27.75 -9.16
CA LYS K 114 7.87 29.17 -9.18
C LYS K 114 7.85 29.77 -10.57
N ASP K 115 9.00 29.81 -11.23
CA ASP K 115 9.12 30.54 -12.47
C ASP K 115 8.98 29.67 -13.71
N ALA K 116 8.70 28.38 -13.55
CA ALA K 116 8.90 27.44 -14.66
C ALA K 116 8.02 27.78 -15.84
N LEU K 117 6.71 27.89 -15.62
CA LEU K 117 5.83 28.15 -16.75
C LEU K 117 6.07 29.54 -17.32
N LYS K 118 6.20 30.55 -16.46
CA LYS K 118 6.44 31.88 -16.96
C LYS K 118 7.77 31.96 -17.70
N ASN K 119 8.79 31.28 -17.18
CA ASN K 119 10.04 31.18 -17.92
C ASN K 119 9.80 30.45 -19.23
N LEU K 120 9.44 29.17 -19.15
CA LEU K 120 9.42 28.30 -20.31
C LEU K 120 8.52 28.85 -21.42
N PHE K 121 7.50 29.60 -21.06
CA PHE K 121 6.70 30.32 -22.03
C PHE K 121 7.53 31.37 -22.76
N ASN K 122 8.39 32.08 -22.02
CA ASN K 122 9.17 33.14 -22.63
C ASN K 122 10.27 32.63 -23.55
N GLU K 123 10.58 31.33 -23.53
CA GLU K 123 11.40 30.75 -24.59
C GLU K 123 10.56 30.20 -25.73
N ALA K 124 9.37 30.74 -25.94
CA ALA K 124 8.57 30.37 -27.10
C ALA K 124 8.13 31.63 -27.84
N THR N 1 59.37 -37.19 -17.38
CA THR N 1 59.12 -35.97 -16.63
C THR N 1 59.12 -34.74 -17.52
N ILE N 2 58.32 -33.74 -17.17
CA ILE N 2 58.33 -32.49 -17.90
C ILE N 2 59.59 -31.73 -17.56
N GLU N 3 59.98 -30.81 -18.45
CA GLU N 3 61.17 -30.00 -18.24
C GLU N 3 60.86 -28.52 -18.28
N LYS N 4 59.61 -28.13 -18.06
CA LYS N 4 59.21 -26.74 -18.02
C LYS N 4 58.32 -26.51 -16.83
N ARG N 5 58.35 -25.30 -16.30
CA ARG N 5 57.49 -24.91 -15.20
C ARG N 5 56.20 -24.34 -15.75
N TYR N 6 55.09 -24.90 -15.33
CA TYR N 6 53.78 -24.49 -15.82
C TYR N 6 53.03 -23.83 -14.69
N ASP N 7 52.73 -22.54 -14.88
CA ASP N 7 51.83 -21.82 -13.97
C ASP N 7 50.59 -21.47 -14.77
N PHE N 8 49.47 -22.08 -14.43
CA PHE N 8 48.28 -21.88 -15.24
C PHE N 8 47.21 -21.14 -14.46
N VAL N 9 46.41 -20.39 -15.20
CA VAL N 9 45.20 -19.78 -14.66
C VAL N 9 44.01 -20.51 -15.21
N PHE N 10 43.49 -21.47 -14.45
CA PHE N 10 42.23 -22.09 -14.81
C PHE N 10 41.10 -21.11 -14.55
N LEU N 11 40.12 -21.08 -15.44
CA LEU N 11 38.93 -20.27 -15.21
C LEU N 11 37.74 -21.16 -15.51
N PHE N 12 37.22 -21.80 -14.50
CA PHE N 12 35.99 -22.52 -14.73
C PHE N 12 34.86 -21.63 -14.29
N ASP N 13 33.64 -22.08 -14.49
CA ASP N 13 32.50 -21.33 -14.00
C ASP N 13 31.44 -22.32 -13.60
N VAL N 14 30.53 -21.83 -12.76
CA VAL N 14 29.34 -22.56 -12.40
C VAL N 14 28.16 -21.76 -12.92
N GLN N 15 27.28 -22.39 -13.66
CA GLN N 15 26.21 -21.56 -14.17
C GLN N 15 24.97 -21.61 -13.29
N ASP N 16 24.60 -22.77 -12.79
CA ASP N 16 23.40 -22.82 -11.96
C ASP N 16 23.58 -23.79 -10.81
N GLY N 17 24.77 -23.84 -10.23
CA GLY N 17 24.99 -24.90 -9.28
C GLY N 17 25.85 -24.55 -8.09
N ASN N 18 26.18 -25.57 -7.33
CA ASN N 18 27.01 -25.44 -6.16
C ASN N 18 28.40 -25.90 -6.54
N PRO N 19 29.33 -24.99 -6.84
CA PRO N 19 30.65 -25.43 -7.30
C PRO N 19 31.34 -26.29 -6.28
N ASN N 20 31.38 -25.78 -5.07
CA ASN N 20 32.04 -26.42 -3.94
C ASN N 20 31.31 -25.92 -2.71
N GLY N 21 30.40 -26.72 -2.20
CA GLY N 21 29.68 -26.34 -1.01
C GLY N 21 30.55 -26.29 0.21
N ASP N 22 30.04 -25.66 1.25
CA ASP N 22 30.79 -25.49 2.47
C ASP N 22 30.30 -26.48 3.51
N PRO N 23 31.12 -27.43 3.93
CA PRO N 23 30.75 -28.22 5.12
C PRO N 23 30.58 -27.37 6.37
N ASP N 24 31.19 -26.18 6.44
CA ASP N 24 30.82 -25.22 7.48
C ASP N 24 29.33 -25.00 7.51
N ALA N 25 28.73 -24.76 6.36
CA ALA N 25 27.42 -24.14 6.30
C ALA N 25 26.48 -25.02 5.50
N GLY N 26 26.44 -26.30 5.83
CA GLY N 26 25.56 -27.19 5.13
C GLY N 26 26.20 -27.59 3.83
N ASN N 27 25.73 -27.00 2.75
CA ASN N 27 26.35 -27.25 1.45
C ASN N 27 26.44 -25.99 0.61
N LEU N 28 26.28 -24.82 1.20
CA LEU N 28 26.26 -23.61 0.38
C LEU N 28 27.63 -23.35 -0.19
N PRO N 29 27.71 -22.84 -1.42
CA PRO N 29 29.01 -22.69 -2.07
C PRO N 29 29.93 -21.85 -1.22
N ARG N 30 31.18 -22.28 -1.13
CA ARG N 30 32.11 -21.57 -0.27
C ARG N 30 32.22 -20.14 -0.73
N ILE N 31 31.69 -19.22 0.05
CA ILE N 31 31.90 -17.83 -0.25
C ILE N 31 33.13 -17.36 0.51
N ASP N 32 33.71 -16.27 0.05
CA ASP N 32 34.68 -15.56 0.85
C ASP N 32 33.91 -14.63 1.77
N PRO N 33 33.90 -14.86 3.07
CA PRO N 33 32.91 -14.18 3.92
C PRO N 33 32.96 -12.67 3.82
N GLN N 34 34.14 -12.09 3.67
CA GLN N 34 34.26 -10.64 3.63
C GLN N 34 33.89 -10.04 2.30
N THR N 35 34.26 -10.68 1.18
CA THR N 35 34.04 -10.08 -0.13
C THR N 35 32.94 -10.76 -0.93
N GLY N 36 32.31 -11.80 -0.39
CA GLY N 36 31.25 -12.48 -1.09
C GLY N 36 31.66 -13.29 -2.29
N GLU N 37 32.90 -13.15 -2.76
CA GLU N 37 33.37 -13.93 -3.89
C GLU N 37 33.40 -15.39 -3.52
N GLY N 38 32.92 -16.23 -4.41
CA GLY N 38 32.88 -17.65 -4.12
C GLY N 38 34.27 -18.25 -4.06
N LEU N 39 34.40 -19.24 -3.20
CA LEU N 39 35.61 -20.05 -3.10
C LEU N 39 35.28 -21.44 -3.58
N VAL N 40 36.24 -22.07 -4.24
CA VAL N 40 36.15 -23.47 -4.60
C VAL N 40 37.49 -24.06 -4.24
N THR N 41 37.54 -24.75 -3.11
CA THR N 41 38.80 -25.29 -2.64
C THR N 41 39.44 -26.14 -3.72
N ASP N 42 40.73 -25.94 -3.91
CA ASP N 42 41.42 -26.62 -5.00
C ASP N 42 41.24 -28.12 -4.92
N VAL N 43 41.07 -28.66 -3.71
CA VAL N 43 40.84 -30.09 -3.60
C VAL N 43 39.57 -30.48 -4.36
N CYS N 44 38.60 -29.58 -4.46
CA CYS N 44 37.48 -29.81 -5.35
C CYS N 44 37.94 -29.89 -6.79
N LEU N 45 38.73 -28.91 -7.23
CA LEU N 45 39.35 -28.99 -8.54
C LEU N 45 40.26 -30.20 -8.61
N LYS N 46 41.08 -30.40 -7.59
CA LYS N 46 41.91 -31.58 -7.53
C LYS N 46 41.10 -32.86 -7.53
N ARG N 47 39.83 -32.79 -7.16
CA ARG N 47 38.93 -33.93 -7.24
C ARG N 47 38.43 -34.16 -8.65
N LYS N 48 37.97 -33.13 -9.32
CA LYS N 48 37.45 -33.33 -10.65
C LYS N 48 38.52 -33.68 -11.65
N VAL N 49 39.74 -33.19 -11.49
CA VAL N 49 40.86 -33.77 -12.21
C VAL N 49 41.01 -35.23 -11.85
N ARG N 50 40.96 -35.53 -10.55
CA ARG N 50 41.04 -36.93 -10.14
C ARG N 50 39.91 -37.73 -10.73
N ASN N 51 38.70 -37.19 -10.66
CA ASN N 51 37.55 -37.91 -11.20
C ASN N 51 37.69 -38.10 -12.70
N PHE N 52 38.06 -37.05 -13.42
CA PHE N 52 38.19 -37.18 -14.86
C PHE N 52 39.21 -38.24 -15.21
N ILE N 53 40.39 -38.17 -14.60
CA ILE N 53 41.42 -39.14 -14.91
C ILE N 53 40.97 -40.53 -14.50
N GLN N 54 40.06 -40.64 -13.54
CA GLN N 54 39.53 -41.95 -13.22
C GLN N 54 38.50 -42.44 -14.24
N MET N 55 37.72 -41.52 -14.79
CA MET N 55 36.73 -41.90 -15.80
C MET N 55 37.40 -42.33 -17.09
N THR N 56 38.35 -41.53 -17.56
CA THR N 56 38.87 -41.64 -18.91
C THR N 56 39.93 -42.72 -19.06
N GLN N 57 40.85 -42.81 -18.12
CA GLN N 57 42.02 -43.65 -18.32
C GLN N 57 41.69 -45.13 -18.19
N ASN N 58 41.18 -45.54 -17.02
CA ASN N 58 40.75 -46.92 -16.79
C ASN N 58 41.87 -47.92 -17.07
N ASP N 59 43.08 -47.59 -16.64
CA ASP N 59 44.21 -48.46 -16.88
C ASP N 59 45.30 -48.17 -15.85
N GLU N 60 46.36 -48.97 -15.90
CA GLU N 60 47.53 -48.70 -15.09
C GLU N 60 48.24 -47.45 -15.60
N HIS N 61 49.16 -46.95 -14.79
CA HIS N 61 49.88 -45.71 -15.03
C HIS N 61 48.96 -44.50 -14.93
N HIS N 62 47.66 -44.74 -14.77
CA HIS N 62 46.75 -43.62 -14.67
C HIS N 62 45.62 -43.90 -13.68
N ASP N 63 45.93 -44.57 -12.57
CA ASP N 63 44.96 -44.68 -11.49
C ASP N 63 44.97 -43.40 -10.67
N ILE N 64 44.13 -43.34 -9.63
CA ILE N 64 43.97 -42.09 -8.90
C ILE N 64 44.31 -42.21 -7.42
N PHE N 65 44.05 -43.38 -6.84
CA PHE N 65 44.46 -43.76 -5.50
C PHE N 65 43.67 -43.00 -4.43
N ILE N 66 43.00 -41.92 -4.83
CA ILE N 66 42.12 -41.15 -3.96
C ILE N 66 40.76 -41.25 -4.62
N ARG N 67 40.53 -42.40 -5.23
CA ARG N 67 39.42 -42.59 -6.12
C ARG N 67 38.11 -42.46 -5.37
N GLU N 68 37.04 -42.23 -6.12
CA GLU N 68 35.71 -42.13 -5.56
C GLU N 68 35.07 -43.50 -5.46
N LYS N 69 34.46 -43.80 -4.31
CA LYS N 69 33.64 -45.00 -4.29
C LYS N 69 32.38 -44.82 -5.10
N GLY N 70 32.05 -43.59 -5.48
CA GLY N 70 30.87 -43.28 -6.24
C GLY N 70 31.09 -42.86 -7.67
N ILE N 71 32.28 -43.06 -8.21
CA ILE N 71 32.54 -42.70 -9.61
C ILE N 71 33.10 -43.88 -10.38
N LEU N 72 33.76 -44.81 -9.71
CA LEU N 72 34.20 -46.02 -10.38
C LEU N 72 34.22 -47.14 -9.35
N ASN N 73 33.31 -48.09 -9.51
CA ASN N 73 33.10 -49.13 -8.52
C ASN N 73 32.40 -50.34 -9.10
N LYS N 93 64.06 -49.78 -2.68
CA LYS N 93 63.35 -50.22 -1.49
C LYS N 93 62.22 -49.26 -1.14
N THR N 94 62.49 -48.31 -0.25
CA THR N 94 61.51 -47.28 0.06
C THR N 94 61.24 -46.41 -1.16
N GLU N 95 62.28 -46.01 -1.87
CA GLU N 95 62.12 -45.30 -3.14
C GLU N 95 62.10 -46.28 -4.31
N ALA N 96 61.30 -47.33 -4.15
CA ALA N 96 60.94 -48.22 -5.25
C ALA N 96 59.46 -48.53 -5.30
N ALA N 97 58.74 -48.44 -4.19
CA ALA N 97 57.29 -48.47 -4.18
C ALA N 97 56.69 -47.08 -4.27
N ARG N 98 57.40 -46.08 -3.72
CA ARG N 98 56.97 -44.70 -3.89
C ARG N 98 57.13 -44.25 -5.33
N GLN N 99 58.11 -44.80 -6.05
CA GLN N 99 58.14 -44.58 -7.49
C GLN N 99 57.03 -45.36 -8.19
N TYR N 100 56.74 -46.56 -7.69
CA TYR N 100 55.64 -47.35 -8.24
C TYR N 100 54.31 -46.64 -8.04
N MET N 101 54.10 -46.07 -6.85
CA MET N 101 52.93 -45.22 -6.64
C MET N 101 52.95 -44.01 -7.55
N CYS N 102 54.11 -43.39 -7.73
CA CYS N 102 54.23 -42.35 -8.73
C CYS N 102 54.41 -42.91 -10.13
N SER N 103 54.07 -44.19 -10.34
CA SER N 103 54.05 -44.78 -11.65
C SER N 103 52.64 -45.16 -12.08
N ARG N 104 51.96 -45.97 -11.28
CA ARG N 104 50.66 -46.49 -11.68
C ARG N 104 49.50 -45.64 -11.22
N TYR N 105 49.75 -44.52 -10.55
CA TYR N 105 48.69 -43.64 -10.08
C TYR N 105 48.89 -42.25 -10.67
N TYR N 106 47.99 -41.85 -11.55
CA TYR N 106 48.12 -40.53 -12.17
C TYR N 106 48.01 -39.44 -11.13
N ASP N 107 47.15 -39.62 -10.14
CA ASP N 107 47.02 -38.61 -9.12
C ASP N 107 48.28 -38.49 -8.28
N ILE N 108 48.88 -39.62 -7.92
CA ILE N 108 50.06 -39.58 -7.07
C ILE N 108 51.18 -38.80 -7.74
N ARG N 109 51.37 -39.01 -9.04
CA ARG N 109 52.26 -38.15 -9.81
C ARG N 109 51.76 -36.72 -9.80
N THR N 110 50.58 -36.51 -10.37
CA THR N 110 50.02 -35.20 -10.66
C THR N 110 49.90 -34.32 -9.43
N PHE N 111 49.04 -34.72 -8.50
CA PHE N 111 48.77 -33.89 -7.35
C PHE N 111 49.65 -34.21 -6.17
N GLY N 112 50.42 -35.27 -6.24
CA GLY N 112 51.32 -35.59 -5.16
C GLY N 112 50.74 -36.55 -4.16
N ALA N 113 51.57 -36.91 -3.20
CA ALA N 113 51.21 -38.00 -2.30
C ALA N 113 51.75 -37.75 -0.90
N VAL N 114 51.21 -38.51 0.04
CA VAL N 114 51.68 -38.54 1.42
C VAL N 114 51.99 -39.98 1.84
N MET N 115 52.51 -40.77 0.91
CA MET N 115 52.70 -42.21 1.08
C MET N 115 53.07 -42.59 2.50
N THR N 116 52.30 -43.53 3.06
CA THR N 116 52.43 -43.84 4.49
C THR N 116 53.86 -44.19 4.84
N THR N 117 54.55 -44.85 3.92
CA THR N 117 56.00 -44.97 3.98
C THR N 117 56.59 -44.01 2.96
N GLY N 118 57.65 -43.32 3.34
CA GLY N 118 58.23 -42.35 2.44
C GLY N 118 59.53 -41.83 2.99
N LYS N 119 60.04 -40.79 2.33
CA LYS N 119 61.25 -40.13 2.81
C LYS N 119 60.89 -38.99 3.75
N ASN N 120 60.17 -38.00 3.25
CA ASN N 120 59.78 -36.85 4.07
C ASN N 120 58.53 -37.18 4.89
N ALA N 121 58.68 -38.20 5.73
CA ALA N 121 57.59 -38.67 6.60
C ALA N 121 56.33 -38.94 5.81
N GLY N 122 56.46 -39.12 4.50
CA GLY N 122 55.33 -39.49 3.70
C GLY N 122 55.21 -38.79 2.38
N GLN N 123 55.58 -37.52 2.30
CA GLN N 123 55.09 -36.72 1.19
C GLN N 123 55.67 -37.16 -0.13
N VAL N 124 54.83 -37.09 -1.16
CA VAL N 124 55.24 -36.81 -2.52
C VAL N 124 54.49 -35.56 -2.90
N ARG N 125 55.21 -34.48 -3.20
CA ARG N 125 54.47 -33.24 -3.38
C ARG N 125 53.77 -33.21 -4.72
N GLY N 126 54.39 -33.72 -5.78
CA GLY N 126 53.73 -33.77 -7.06
C GLY N 126 53.68 -32.39 -7.69
N PRO N 127 53.86 -32.33 -9.01
CA PRO N 127 54.03 -31.03 -9.65
C PRO N 127 52.87 -30.09 -9.45
N VAL N 128 51.65 -30.62 -9.47
CA VAL N 128 50.47 -29.77 -9.61
C VAL N 128 50.06 -29.25 -8.25
N GLN N 129 50.48 -28.03 -7.94
CA GLN N 129 49.91 -27.27 -6.85
C GLN N 129 48.72 -26.51 -7.40
N LEU N 130 47.74 -26.27 -6.55
CA LEU N 130 46.50 -25.68 -7.02
C LEU N 130 46.02 -24.65 -6.02
N THR N 131 45.26 -23.67 -6.50
CA THR N 131 44.80 -22.55 -5.71
C THR N 131 43.32 -22.71 -5.41
N PHE N 132 42.91 -22.29 -4.22
CA PHE N 132 41.50 -22.15 -3.94
C PHE N 132 40.86 -21.30 -5.02
N SER N 133 39.93 -21.89 -5.75
CA SER N 133 39.39 -21.20 -6.91
C SER N 133 38.47 -20.08 -6.50
N ARG N 134 39.02 -18.91 -6.25
CA ARG N 134 38.19 -17.77 -5.86
C ARG N 134 37.39 -17.29 -7.06
N SER N 135 36.11 -17.02 -6.84
CA SER N 135 35.30 -16.47 -7.91
C SER N 135 35.78 -15.07 -8.27
N ILE N 136 35.58 -14.70 -9.53
CA ILE N 136 36.02 -13.37 -9.97
C ILE N 136 35.22 -12.28 -9.28
N ASP N 137 33.91 -12.39 -9.31
CA ASP N 137 33.02 -11.41 -8.74
C ASP N 137 32.18 -12.06 -7.65
N PRO N 138 31.66 -11.28 -6.71
CA PRO N 138 30.83 -11.86 -5.65
C PRO N 138 29.74 -12.77 -6.20
N ILE N 139 29.86 -14.07 -5.95
CA ILE N 139 28.77 -14.98 -6.27
C ILE N 139 27.60 -14.66 -5.36
N MET N 140 26.40 -14.96 -5.84
CA MET N 140 25.21 -14.77 -5.02
C MET N 140 24.61 -16.13 -4.76
N THR N 141 25.13 -16.82 -3.75
CA THR N 141 24.60 -18.12 -3.36
C THR N 141 23.09 -18.04 -3.16
N LEU N 142 22.34 -18.78 -3.96
CA LEU N 142 20.90 -18.77 -3.89
C LEU N 142 20.47 -19.96 -3.07
N GLU N 143 20.06 -19.72 -1.83
CA GLU N 143 19.63 -20.79 -0.96
C GLU N 143 18.28 -21.28 -1.46
N HIS N 144 18.29 -22.30 -2.29
CA HIS N 144 17.06 -22.88 -2.83
C HIS N 144 16.62 -24.00 -1.90
N SER N 145 15.65 -23.70 -1.05
CA SER N 145 15.10 -24.72 -0.18
C SER N 145 14.28 -25.65 -1.03
N ILE N 146 14.79 -26.84 -1.29
CA ILE N 146 14.11 -27.81 -2.08
C ILE N 146 13.34 -28.74 -1.16
N THR N 147 12.38 -29.46 -1.73
CA THR N 147 11.53 -30.37 -0.99
C THR N 147 11.77 -31.76 -1.55
N ARG N 148 11.60 -32.77 -0.71
CA ARG N 148 11.52 -34.13 -1.20
C ARG N 148 10.17 -34.72 -0.83
N MET N 149 9.54 -35.38 -1.77
CA MET N 149 8.21 -35.92 -1.54
C MET N 149 8.31 -37.27 -0.87
N ALA N 150 9.17 -37.38 0.14
CA ALA N 150 9.47 -38.64 0.78
C ALA N 150 10.42 -38.40 1.95
N VAL N 151 10.25 -39.10 3.05
CA VAL N 151 11.24 -39.05 4.11
C VAL N 151 12.18 -40.21 3.92
N THR N 152 13.39 -40.09 4.47
CA THR N 152 14.31 -41.23 4.44
C THR N 152 14.01 -42.19 5.57
N ASN N 153 14.14 -41.74 6.80
CA ASN N 153 14.06 -42.63 7.93
C ASN N 153 12.61 -42.79 8.38
N GLU N 154 12.40 -43.50 9.49
CA GLU N 154 11.15 -43.41 10.23
C GLU N 154 11.26 -42.14 11.06
N LYS N 155 11.03 -41.03 10.37
CA LYS N 155 11.36 -39.70 10.88
C LYS N 155 10.54 -39.40 12.14
N ASP N 156 10.99 -38.37 12.85
CA ASP N 156 10.16 -37.79 13.91
C ASP N 156 8.77 -37.48 13.36
N ALA N 157 8.72 -36.59 12.38
CA ALA N 157 7.48 -36.34 11.62
C ALA N 157 7.53 -37.03 10.25
N SER N 158 7.65 -38.35 10.27
CA SER N 158 7.26 -39.15 9.10
C SER N 158 5.81 -39.58 9.30
N GLU N 159 4.99 -38.59 9.58
CA GLU N 159 3.75 -38.78 10.30
C GLU N 159 2.62 -39.12 9.34
N THR N 160 1.40 -39.09 9.86
CA THR N 160 0.19 -39.42 9.13
C THR N 160 0.12 -38.78 7.76
N GLY N 161 0.09 -37.45 7.74
CA GLY N 161 -0.38 -36.73 6.57
C GLY N 161 0.42 -37.02 5.32
N ASP N 162 1.73 -36.96 5.43
CA ASP N 162 2.62 -37.17 4.30
C ASP N 162 4.04 -37.22 4.81
N ASN N 163 4.90 -37.87 4.06
CA ASN N 163 6.32 -37.93 4.36
C ASN N 163 7.01 -36.89 3.51
N ARG N 164 7.55 -35.87 4.14
CA ARG N 164 8.33 -34.86 3.47
C ARG N 164 9.61 -34.62 4.25
N THR N 165 10.66 -34.27 3.54
CA THR N 165 11.94 -33.96 4.16
C THR N 165 12.49 -32.68 3.53
N MET N 166 11.67 -31.64 3.61
CA MET N 166 12.02 -30.33 3.11
C MET N 166 13.52 -30.07 3.25
N GLY N 167 14.17 -29.73 2.16
CA GLY N 167 15.61 -29.78 2.13
C GLY N 167 16.27 -28.46 1.80
N ARG N 168 17.44 -28.51 1.19
CA ARG N 168 18.19 -27.31 0.89
C ARG N 168 19.21 -27.61 -0.20
N LYS N 169 19.15 -26.86 -1.29
CA LYS N 169 20.10 -27.01 -2.38
C LYS N 169 20.48 -25.64 -2.87
N PHE N 170 21.76 -25.32 -2.81
CA PHE N 170 22.23 -23.99 -3.14
C PHE N 170 22.72 -23.94 -4.57
N THR N 171 22.68 -22.75 -5.14
CA THR N 171 23.24 -22.53 -6.45
C THR N 171 24.02 -21.24 -6.44
N VAL N 172 25.01 -21.17 -7.33
CA VAL N 172 25.61 -19.90 -7.73
C VAL N 172 24.99 -19.55 -9.08
N PRO N 173 24.20 -18.48 -9.18
CA PRO N 173 23.51 -18.21 -10.43
C PRO N 173 24.47 -17.98 -11.57
N TYR N 174 25.70 -17.57 -11.25
CA TYR N 174 26.85 -17.73 -12.11
C TYR N 174 28.07 -17.33 -11.30
N GLY N 175 29.13 -18.11 -11.42
CA GLY N 175 30.38 -17.68 -10.85
C GLY N 175 31.55 -18.10 -11.71
N LEU N 176 32.36 -17.15 -12.17
CA LEU N 176 33.53 -17.47 -12.96
C LEU N 176 34.69 -17.63 -12.00
N TYR N 177 34.90 -18.85 -11.56
CA TYR N 177 35.91 -19.13 -10.57
C TYR N 177 37.28 -19.21 -11.22
N ARG N 178 38.23 -18.54 -10.61
CA ARG N 178 39.59 -18.44 -11.12
C ARG N 178 40.54 -19.21 -10.21
N CYS N 179 41.14 -20.26 -10.74
CA CYS N 179 42.08 -21.10 -10.04
C CYS N 179 43.48 -20.84 -10.58
N HIS N 180 44.48 -20.96 -9.73
CA HIS N 180 45.87 -20.85 -10.16
C HIS N 180 46.60 -22.13 -9.80
N GLY N 181 47.13 -22.81 -10.80
CA GLY N 181 47.89 -24.02 -10.58
C GLY N 181 49.33 -23.75 -10.90
N PHE N 182 50.21 -24.51 -10.26
CA PHE N 182 51.65 -24.32 -10.41
C PHE N 182 52.27 -25.67 -10.66
N ILE N 183 52.27 -26.14 -11.90
CA ILE N 183 52.96 -27.38 -12.17
C ILE N 183 54.46 -27.12 -12.12
N SER N 184 55.14 -27.80 -11.21
CA SER N 184 56.57 -27.62 -11.02
C SER N 184 57.28 -28.79 -11.65
N THR N 185 58.01 -28.52 -12.73
CA THR N 185 58.82 -29.56 -13.35
C THR N 185 59.82 -30.15 -12.38
N HIS N 186 60.14 -29.43 -11.32
CA HIS N 186 61.02 -29.99 -10.31
C HIS N 186 60.39 -31.17 -9.60
N PHE N 187 59.09 -31.09 -9.32
CA PHE N 187 58.43 -32.23 -8.70
C PHE N 187 58.14 -33.34 -9.70
N ALA N 188 57.85 -32.97 -10.95
CA ALA N 188 57.61 -33.99 -11.98
C ALA N 188 58.78 -34.95 -12.09
N LYS N 189 60.00 -34.47 -11.84
CA LYS N 189 61.14 -35.36 -11.93
C LYS N 189 61.09 -36.45 -10.87
N GLN N 190 60.65 -36.12 -9.65
CA GLN N 190 60.53 -37.18 -8.64
C GLN N 190 59.38 -38.10 -8.98
N THR N 191 58.24 -37.53 -9.39
CA THR N 191 57.04 -38.32 -9.60
C THR N 191 56.96 -38.95 -10.98
N GLY N 192 57.84 -38.60 -11.90
CA GLY N 192 57.68 -39.10 -13.24
C GLY N 192 56.49 -38.53 -13.97
N PHE N 193 56.06 -37.33 -13.59
CA PHE N 193 54.91 -36.67 -14.20
C PHE N 193 55.33 -36.17 -15.56
N SER N 194 55.21 -37.01 -16.58
CA SER N 194 55.71 -36.70 -17.90
C SER N 194 54.76 -35.77 -18.64
N GLU N 195 55.25 -35.22 -19.75
CA GLU N 195 54.46 -34.28 -20.53
C GLU N 195 53.14 -34.89 -20.96
N ASN N 196 53.11 -36.21 -21.14
CA ASN N 196 51.85 -36.88 -21.41
C ASN N 196 50.89 -36.71 -20.25
N ASP N 197 51.39 -36.91 -19.02
CA ASP N 197 50.53 -36.76 -17.85
C ASP N 197 50.02 -35.34 -17.73
N LEU N 198 50.87 -34.36 -18.01
CA LEU N 198 50.44 -32.97 -17.94
C LEU N 198 49.45 -32.62 -19.05
N GLU N 199 49.59 -33.22 -20.22
CA GLU N 199 48.57 -33.04 -21.24
C GLU N 199 47.25 -33.63 -20.77
N LEU N 200 47.30 -34.80 -20.14
CA LEU N 200 46.12 -35.34 -19.48
C LEU N 200 45.55 -34.35 -18.48
N PHE N 201 46.42 -33.63 -17.77
CA PHE N 201 45.96 -32.68 -16.78
C PHE N 201 45.19 -31.53 -17.42
N TRP N 202 45.70 -30.99 -18.53
CA TRP N 202 44.95 -29.94 -19.22
C TRP N 202 43.64 -30.49 -19.75
N GLN N 203 43.68 -31.68 -20.36
CA GLN N 203 42.46 -32.32 -20.82
C GLN N 203 41.48 -32.45 -19.67
N ALA N 204 41.99 -32.73 -18.48
CA ALA N 204 41.16 -32.84 -17.29
C ALA N 204 40.48 -31.51 -17.03
N LEU N 205 41.26 -30.47 -16.74
CA LEU N 205 40.66 -29.19 -16.38
C LEU N 205 39.66 -28.74 -17.43
N VAL N 206 40.05 -28.77 -18.70
CA VAL N 206 39.10 -28.42 -19.74
C VAL N 206 37.92 -29.39 -19.73
N ASN N 207 38.21 -30.68 -19.85
CA ASN N 207 37.16 -31.69 -19.93
C ASN N 207 36.97 -32.40 -18.59
N MET N 208 36.65 -31.68 -17.52
CA MET N 208 36.21 -32.34 -16.32
C MET N 208 34.91 -31.81 -15.78
N PHE N 209 34.55 -30.57 -16.07
CA PHE N 209 33.23 -30.11 -15.73
C PHE N 209 32.20 -30.54 -16.75
N ASP N 210 32.61 -31.19 -17.83
CA ASP N 210 31.65 -31.85 -18.70
C ASP N 210 31.34 -33.26 -18.23
N HIS N 211 32.21 -33.85 -17.42
CA HIS N 211 32.04 -35.21 -16.96
C HIS N 211 31.66 -35.29 -15.49
N ASP N 212 32.04 -34.31 -14.69
CA ASP N 212 31.67 -34.28 -13.28
C ASP N 212 30.46 -33.37 -13.15
N HIS N 213 29.32 -33.89 -13.56
CA HIS N 213 28.04 -33.22 -13.47
C HIS N 213 27.22 -33.90 -12.39
N SER N 214 26.29 -33.14 -11.82
CA SER N 214 25.56 -33.63 -10.66
C SER N 214 24.31 -32.79 -10.49
N ALA N 215 23.61 -33.05 -9.39
CA ALA N 215 22.52 -32.17 -9.02
C ALA N 215 23.05 -30.97 -8.26
N ALA N 216 23.87 -31.20 -7.25
CA ALA N 216 24.43 -30.08 -6.50
C ALA N 216 25.24 -29.17 -7.40
N ARG N 217 26.05 -29.76 -8.28
CA ARG N 217 27.02 -28.96 -9.03
C ARG N 217 26.46 -28.33 -10.28
N GLY N 218 25.19 -28.55 -10.59
CA GLY N 218 24.57 -27.82 -11.68
C GLY N 218 25.38 -27.94 -12.96
N GLN N 219 25.50 -26.84 -13.68
CA GLN N 219 26.31 -26.80 -14.89
C GLN N 219 27.58 -26.02 -14.60
N MET N 220 28.72 -26.65 -14.82
CA MET N 220 30.01 -25.99 -14.72
C MET N 220 30.77 -26.20 -16.00
N ASN N 221 31.62 -25.24 -16.34
CA ASN N 221 32.32 -25.26 -17.61
C ASN N 221 33.70 -24.65 -17.45
N ALA N 222 34.71 -25.33 -17.97
CA ALA N 222 36.07 -24.81 -17.95
C ALA N 222 36.17 -23.68 -18.97
N ARG N 223 35.99 -22.45 -18.51
CA ARG N 223 35.94 -21.31 -19.40
C ARG N 223 37.29 -20.77 -19.75
N GLY N 224 38.32 -21.57 -19.63
CA GLY N 224 39.63 -21.10 -20.01
C GLY N 224 40.70 -21.61 -19.07
N LEU N 225 41.72 -22.23 -19.65
CA LEU N 225 42.83 -22.79 -18.90
C LEU N 225 44.09 -22.17 -19.51
N TYR N 226 44.50 -21.03 -18.97
CA TYR N 226 45.58 -20.27 -19.57
C TYR N 226 46.88 -20.70 -18.92
N VAL N 227 47.50 -21.72 -19.51
CA VAL N 227 48.76 -22.21 -18.97
C VAL N 227 49.86 -21.25 -19.35
N PHE N 228 50.88 -21.16 -18.51
CA PHE N 228 52.11 -20.43 -18.81
C PHE N 228 53.24 -21.43 -18.71
N GLU N 229 53.78 -21.82 -19.86
CA GLU N 229 54.94 -22.68 -19.90
C GLU N 229 56.20 -21.82 -19.87
N HIS N 230 57.13 -22.17 -18.99
CA HIS N 230 58.35 -21.39 -18.81
C HIS N 230 59.52 -22.15 -19.39
N SER N 231 60.34 -21.45 -20.18
CA SER N 231 61.52 -22.10 -20.76
C SER N 231 62.44 -22.65 -19.70
N ASN N 232 62.38 -22.13 -18.48
CA ASN N 232 63.18 -22.64 -17.38
C ASN N 232 62.45 -23.73 -16.63
N ASN N 233 63.23 -24.63 -16.04
CA ASN N 233 62.67 -25.46 -14.97
C ASN N 233 62.22 -24.60 -13.82
N LEU N 234 63.02 -23.59 -13.47
CA LEU N 234 62.74 -22.79 -12.29
C LEU N 234 61.59 -21.83 -12.52
N GLY N 235 61.40 -21.36 -13.73
CA GLY N 235 60.26 -20.51 -14.00
C GLY N 235 60.63 -19.04 -14.07
N ASP N 236 60.66 -18.52 -15.28
CA ASP N 236 61.20 -17.21 -15.60
C ASP N 236 60.26 -16.05 -15.32
N ALA N 237 59.31 -16.20 -14.40
CA ALA N 237 58.36 -15.14 -14.08
C ALA N 237 58.00 -15.23 -12.61
N PRO N 238 57.50 -14.15 -12.01
CA PRO N 238 56.70 -14.30 -10.80
C PRO N 238 55.31 -14.78 -11.20
N ALA N 239 54.84 -15.85 -10.57
CA ALA N 239 53.54 -16.38 -10.93
C ALA N 239 52.45 -15.33 -10.81
N ASP N 240 52.58 -14.40 -9.87
CA ASP N 240 51.61 -13.31 -9.75
C ASP N 240 51.57 -12.49 -11.03
N SER N 241 52.74 -12.17 -11.58
CA SER N 241 52.76 -11.34 -12.80
C SER N 241 52.07 -12.06 -13.94
N LEU N 242 52.30 -13.37 -14.07
CA LEU N 242 51.64 -14.15 -15.10
C LEU N 242 50.14 -14.12 -14.92
N PHE N 243 49.67 -14.36 -13.70
CA PHE N 243 48.23 -14.43 -13.51
C PHE N 243 47.58 -13.07 -13.71
N LYS N 244 48.30 -11.99 -13.40
CA LYS N 244 47.79 -10.67 -13.72
C LYS N 244 47.80 -10.41 -15.21
N ARG N 245 48.42 -11.28 -16.00
CA ARG N 245 48.25 -11.20 -17.45
C ARG N 245 46.89 -11.71 -17.88
N ILE N 246 46.28 -12.59 -17.08
CA ILE N 246 44.94 -13.10 -17.38
C ILE N 246 43.97 -12.22 -16.59
N GLN N 247 43.63 -11.07 -17.16
CA GLN N 247 42.70 -10.16 -16.50
C GLN N 247 41.26 -10.52 -16.83
N VAL N 248 40.53 -10.94 -15.82
CA VAL N 248 39.12 -11.29 -15.97
C VAL N 248 38.30 -10.22 -15.30
N VAL N 249 37.43 -9.58 -16.07
CA VAL N 249 36.60 -8.51 -15.52
C VAL N 249 35.16 -8.73 -15.94
N LYS N 250 34.24 -8.24 -15.12
CA LYS N 250 32.87 -8.08 -15.57
C LYS N 250 32.86 -7.18 -16.78
N LYS N 251 32.01 -7.49 -17.75
CA LYS N 251 32.01 -6.73 -18.98
C LYS N 251 31.56 -5.29 -18.72
N ASP N 252 31.53 -4.49 -19.77
CA ASP N 252 31.23 -3.07 -19.62
C ASP N 252 29.86 -2.87 -19.00
N GLY N 253 28.81 -3.27 -19.70
CA GLY N 253 27.45 -3.04 -19.28
C GLY N 253 26.82 -4.13 -18.46
N VAL N 254 27.54 -5.19 -18.15
CA VAL N 254 26.97 -6.28 -17.36
C VAL N 254 26.80 -5.82 -15.93
N GLU N 255 25.54 -5.76 -15.47
CA GLU N 255 25.27 -5.32 -14.12
C GLU N 255 25.50 -6.44 -13.12
N VAL N 256 24.87 -7.59 -13.35
CA VAL N 256 25.14 -8.79 -12.59
C VAL N 256 25.48 -9.91 -13.57
N VAL N 257 26.55 -10.63 -13.27
CA VAL N 257 27.04 -11.65 -14.18
C VAL N 257 26.10 -12.84 -14.17
N ARG N 258 25.81 -13.38 -15.35
CA ARG N 258 25.03 -14.60 -15.43
C ARG N 258 25.56 -15.62 -16.41
N SER N 259 26.53 -15.29 -17.24
CA SER N 259 27.14 -16.28 -18.11
C SER N 259 28.54 -15.81 -18.44
N PHE N 260 29.35 -16.74 -18.94
CA PHE N 260 30.73 -16.41 -19.22
C PHE N 260 30.88 -15.30 -20.23
N ASP N 261 29.92 -15.13 -21.12
CA ASP N 261 29.95 -14.01 -22.03
C ASP N 261 29.58 -12.70 -21.34
N ASP N 262 29.47 -12.72 -20.02
CA ASP N 262 29.43 -11.50 -19.22
C ASP N 262 30.79 -11.18 -18.61
N TYR N 263 31.85 -11.85 -19.06
CA TYR N 263 33.19 -11.56 -18.60
C TYR N 263 34.12 -11.33 -19.78
N LEU N 264 34.88 -10.24 -19.72
CA LEU N 264 36.03 -10.02 -20.58
C LEU N 264 37.21 -10.75 -19.94
N VAL N 265 37.59 -11.88 -20.53
CA VAL N 265 38.83 -12.55 -20.12
C VAL N 265 39.91 -12.04 -21.05
N SER N 266 40.45 -10.88 -20.73
CA SER N 266 41.49 -10.26 -21.53
C SER N 266 42.82 -10.81 -21.04
N VAL N 267 43.35 -11.79 -21.77
CA VAL N 267 44.73 -12.18 -21.57
C VAL N 267 45.63 -11.06 -22.07
N ASP N 268 46.84 -11.00 -21.53
CA ASP N 268 47.80 -9.98 -21.90
C ASP N 268 49.13 -10.67 -22.21
N ASP N 269 49.28 -11.10 -23.45
CA ASP N 269 50.51 -11.76 -23.87
C ASP N 269 51.55 -10.77 -24.38
N LYS N 270 51.36 -9.47 -24.14
CA LYS N 270 52.24 -8.48 -24.76
C LYS N 270 53.68 -8.63 -24.29
N ASN N 271 53.91 -8.85 -23.00
CA ASN N 271 55.25 -8.79 -22.47
C ASN N 271 55.82 -10.13 -21.99
N LEU N 272 54.99 -11.15 -21.81
CA LEU N 272 55.51 -12.46 -21.42
C LEU N 272 56.37 -13.06 -22.52
N GLU N 273 56.32 -12.52 -23.72
CA GLU N 273 56.88 -13.15 -24.91
C GLU N 273 58.39 -13.34 -24.83
N GLU N 274 59.00 -12.97 -23.71
CA GLU N 274 60.45 -13.11 -23.60
C GLU N 274 60.83 -14.58 -23.70
N THR N 275 60.38 -15.41 -22.75
CA THR N 275 60.53 -16.86 -22.87
C THR N 275 59.30 -17.58 -22.32
N LYS N 276 58.20 -16.89 -22.09
CA LYS N 276 57.00 -17.54 -21.60
C LYS N 276 56.20 -18.04 -22.79
N LEU N 277 55.28 -18.97 -22.52
CA LEU N 277 54.36 -19.41 -23.56
C LEU N 277 52.96 -19.46 -22.95
N LEU N 278 52.09 -18.55 -23.35
CA LEU N 278 50.74 -18.52 -22.82
C LEU N 278 49.93 -19.50 -23.63
N ARG N 279 49.96 -20.76 -23.23
CA ARG N 279 49.18 -21.79 -23.89
C ARG N 279 47.73 -21.57 -23.51
N LYS N 280 46.95 -20.99 -24.42
CA LYS N 280 45.54 -20.71 -24.15
C LYS N 280 44.76 -22.00 -24.32
N LEU N 281 45.04 -22.96 -23.44
CA LEU N 281 44.58 -24.32 -23.64
C LEU N 281 43.09 -24.49 -23.47
N GLY N 282 42.38 -23.48 -22.99
CA GLY N 282 40.94 -23.62 -22.84
C GLY N 282 40.17 -22.38 -23.21
N GLY N 283 40.87 -21.34 -23.63
CA GLY N 283 40.21 -20.10 -24.00
C GLY N 283 41.04 -19.24 -24.94
N ARG O 1 71.21 -11.04 4.02
CA ARG O 1 69.82 -11.05 4.42
C ARG O 1 68.91 -10.76 3.23
N PHE O 2 67.78 -11.45 3.16
CA PHE O 2 66.81 -11.27 2.11
C PHE O 2 65.47 -10.92 2.73
N ILE O 3 64.80 -9.95 2.13
CA ILE O 3 63.63 -9.31 2.73
C ILE O 3 62.41 -9.75 1.91
N LEU O 4 62.48 -10.98 1.42
CA LEU O 4 61.43 -11.56 0.60
C LEU O 4 60.07 -11.36 1.25
N GLU O 5 59.04 -11.20 0.41
CA GLU O 5 57.79 -10.56 0.80
C GLU O 5 56.58 -11.46 0.51
N ILE O 6 56.59 -12.67 1.03
CA ILE O 6 55.49 -13.61 0.88
C ILE O 6 54.13 -12.94 1.05
N SER O 7 53.21 -13.24 0.15
CA SER O 7 51.84 -12.76 0.26
C SER O 7 50.94 -13.76 -0.45
N GLY O 8 49.69 -13.81 -0.02
CA GLY O 8 48.74 -14.70 -0.67
C GLY O 8 47.35 -14.43 -0.16
N ASP O 9 46.37 -14.82 -0.99
CA ASP O 9 44.99 -14.57 -0.63
C ASP O 9 44.60 -15.30 0.63
N LEU O 10 45.03 -16.56 0.75
CA LEU O 10 44.74 -17.37 1.93
C LEU O 10 46.02 -18.01 2.41
N ALA O 11 46.03 -18.42 3.67
CA ALA O 11 47.19 -19.08 4.24
C ALA O 11 46.76 -19.91 5.43
N CYS O 12 47.44 -21.04 5.64
CA CYS O 12 47.16 -21.90 6.78
C CYS O 12 48.49 -22.41 7.33
N PHE O 13 49.07 -21.68 8.26
CA PHE O 13 50.19 -22.20 9.02
C PHE O 13 49.60 -22.92 10.21
N THR O 14 49.10 -24.11 9.94
CA THR O 14 48.22 -24.79 10.88
C THR O 14 48.93 -25.00 12.21
N ARG O 15 48.30 -24.49 13.27
CA ARG O 15 48.80 -24.72 14.61
C ARG O 15 48.94 -26.21 14.83
N SER O 16 50.06 -26.62 15.41
CA SER O 16 50.22 -28.04 15.71
C SER O 16 49.05 -28.54 16.54
N GLU O 17 48.60 -27.75 17.50
CA GLU O 17 47.49 -28.17 18.36
C GLU O 17 46.23 -28.43 17.54
N LEU O 18 45.84 -27.45 16.73
CA LEU O 18 44.62 -27.54 15.96
C LEU O 18 44.96 -27.95 14.53
N LYS O 19 45.45 -29.17 14.40
CA LYS O 19 45.84 -29.68 13.11
C LYS O 19 44.70 -30.39 12.40
N VAL O 20 43.98 -31.24 13.12
CA VAL O 20 42.85 -31.92 12.54
C VAL O 20 41.72 -30.97 12.20
N GLU O 21 41.70 -29.81 12.83
CA GLU O 21 40.65 -28.81 12.65
C GLU O 21 41.28 -27.48 12.31
N ARG O 22 42.10 -27.50 11.27
CA ARG O 22 43.19 -26.56 11.04
C ARG O 22 42.84 -25.15 11.49
N VAL O 23 43.61 -24.63 12.43
CA VAL O 23 43.54 -23.24 12.82
C VAL O 23 44.91 -22.67 12.56
N SER O 24 45.00 -21.75 11.63
CA SER O 24 46.29 -21.25 11.21
C SER O 24 46.98 -20.53 12.36
N TYR O 25 48.29 -20.69 12.44
CA TYR O 25 49.07 -19.80 13.29
C TYR O 25 48.77 -18.38 12.83
N PRO O 26 48.60 -17.44 13.74
CA PRO O 26 48.12 -16.12 13.32
C PRO O 26 49.01 -15.45 12.31
N VAL O 27 50.29 -15.78 12.29
CA VAL O 27 51.22 -15.23 11.33
C VAL O 27 51.97 -16.38 10.69
N ILE O 28 52.87 -16.05 9.76
CA ILE O 28 53.61 -17.09 9.08
C ILE O 28 54.56 -17.77 10.06
N THR O 29 54.45 -19.08 10.12
CA THR O 29 55.35 -19.87 10.93
C THR O 29 56.77 -19.75 10.38
N PRO O 30 57.77 -19.58 11.25
CA PRO O 30 59.16 -19.53 10.75
C PRO O 30 59.60 -20.80 10.08
N SER O 31 58.90 -21.91 10.30
CA SER O 31 59.11 -23.09 9.47
C SER O 31 58.48 -22.91 8.11
N ALA O 32 57.19 -22.62 8.08
CA ALA O 32 56.52 -22.34 6.81
C ALA O 32 57.18 -21.15 6.12
N ALA O 33 57.59 -20.14 6.88
CA ALA O 33 58.33 -19.05 6.27
C ALA O 33 59.62 -19.54 5.65
N ARG O 34 60.34 -20.42 6.36
CA ARG O 34 61.61 -20.90 5.82
C ARG O 34 61.39 -21.84 4.65
N ASN O 35 60.46 -22.79 4.78
CA ASN O 35 60.30 -23.76 3.71
C ASN O 35 59.85 -23.10 2.43
N ILE O 36 59.15 -21.98 2.54
CA ILE O 36 58.92 -21.13 1.38
C ILE O 36 60.23 -20.72 0.75
N LEU O 37 61.15 -20.25 1.58
CA LEU O 37 62.45 -19.87 1.07
C LEU O 37 63.29 -21.06 0.66
N MET O 38 62.85 -22.28 0.96
CA MET O 38 63.44 -23.42 0.28
C MET O 38 62.69 -23.76 -1.00
N ALA O 39 61.43 -23.37 -1.11
CA ALA O 39 60.70 -23.59 -2.35
C ALA O 39 61.28 -22.73 -3.46
N ILE O 40 61.64 -21.49 -3.16
CA ILE O 40 62.25 -20.65 -4.18
C ILE O 40 63.66 -21.12 -4.48
N LEU O 41 64.43 -21.44 -3.47
CA LEU O 41 65.76 -22.00 -3.68
C LEU O 41 66.14 -22.84 -2.48
N TRP O 42 66.60 -24.04 -2.75
CA TRP O 42 67.26 -24.81 -1.72
C TRP O 42 68.27 -25.72 -2.39
N LYS O 43 69.10 -26.32 -1.57
CA LYS O 43 70.15 -27.21 -1.99
C LYS O 43 70.70 -27.76 -0.68
N PRO O 44 71.20 -28.96 -0.63
CA PRO O 44 71.77 -29.43 0.63
C PRO O 44 73.14 -28.82 0.87
N ALA O 45 73.27 -27.54 0.54
CA ALA O 45 74.34 -26.66 1.01
C ALA O 45 73.76 -25.45 1.72
N ILE O 46 72.80 -24.79 1.08
CA ILE O 46 72.04 -23.74 1.73
C ILE O 46 71.25 -24.35 2.89
N ARG O 47 71.26 -23.67 4.01
CA ARG O 47 70.36 -23.96 5.12
C ARG O 47 69.68 -22.65 5.46
N TRP O 48 68.41 -22.53 5.12
CA TRP O 48 67.76 -21.25 5.29
C TRP O 48 67.60 -20.95 6.77
N LYS O 49 67.31 -19.68 7.06
CA LYS O 49 67.16 -19.23 8.43
C LYS O 49 66.37 -17.93 8.37
N VAL O 50 65.14 -17.97 8.87
CA VAL O 50 64.32 -16.76 8.94
C VAL O 50 64.83 -15.91 10.09
N LEU O 51 65.16 -14.66 9.79
CA LEU O 51 65.62 -13.74 10.82
C LEU O 51 64.51 -12.88 11.37
N LYS O 52 63.54 -12.49 10.56
CA LYS O 52 62.47 -11.62 11.04
C LYS O 52 61.30 -11.70 10.08
N ILE O 53 60.19 -12.30 10.53
CA ILE O 53 58.94 -12.09 9.82
C ILE O 53 58.49 -10.66 10.04
N GLU O 54 57.72 -10.15 9.08
CA GLU O 54 57.02 -8.89 9.28
C GLU O 54 55.64 -9.02 8.68
N ILE O 55 54.63 -9.04 9.53
CA ILE O 55 53.25 -9.11 9.06
C ILE O 55 52.97 -7.88 8.21
N LEU O 56 52.29 -8.08 7.10
CA LEU O 56 52.02 -6.97 6.20
C LEU O 56 50.54 -6.74 5.96
N LYS O 57 49.67 -7.67 6.35
CA LYS O 57 48.24 -7.47 6.32
C LYS O 57 47.65 -8.03 7.59
N PRO O 58 46.60 -7.41 8.12
CA PRO O 58 46.14 -7.74 9.48
C PRO O 58 45.69 -9.19 9.57
N ILE O 59 45.79 -9.74 10.78
CA ILE O 59 45.46 -11.14 10.99
C ILE O 59 43.96 -11.30 10.89
N GLN O 60 43.51 -11.78 9.74
CA GLN O 60 42.10 -11.90 9.41
C GLN O 60 41.83 -13.35 9.06
N TRP O 61 40.74 -13.89 9.59
CA TRP O 61 40.49 -15.32 9.50
C TRP O 61 39.26 -15.62 8.67
N THR O 62 39.30 -16.74 7.96
CA THR O 62 38.14 -17.33 7.30
C THR O 62 38.13 -18.83 7.50
N ASN O 63 37.11 -19.35 8.16
CA ASN O 63 36.98 -20.77 8.40
C ASN O 63 36.53 -21.46 7.12
N ILE O 64 37.21 -22.57 6.77
CA ILE O 64 36.96 -23.35 5.57
C ILE O 64 37.01 -24.82 5.93
N ARG O 65 35.86 -25.47 6.05
CA ARG O 65 35.85 -26.92 6.24
C ARG O 65 36.04 -27.57 4.88
N ARG O 66 37.16 -28.23 4.72
CA ARG O 66 37.37 -29.01 3.52
C ARG O 66 37.20 -30.48 3.86
N ASN O 67 36.56 -31.22 2.96
CA ASN O 67 36.52 -32.66 3.15
C ASN O 67 37.88 -33.23 2.86
N GLU O 68 38.71 -33.24 3.87
CA GLU O 68 40.07 -33.69 3.74
C GLU O 68 39.99 -35.22 3.76
N VAL O 69 41.09 -35.91 3.52
CA VAL O 69 41.06 -37.36 3.65
C VAL O 69 41.71 -37.70 4.97
N GLY O 70 41.30 -38.81 5.56
CA GLY O 70 41.75 -39.10 6.90
C GLY O 70 43.09 -39.80 6.99
N THR O 71 43.38 -40.66 6.04
CA THR O 71 44.50 -41.58 6.16
C THR O 71 45.56 -41.29 5.12
N LYS O 72 46.80 -41.59 5.47
CA LYS O 72 47.88 -41.51 4.51
C LYS O 72 47.56 -42.42 3.33
N MET O 73 48.27 -42.19 2.25
CA MET O 73 48.33 -43.13 1.16
C MET O 73 49.43 -44.14 1.38
N SER O 74 49.24 -45.34 0.83
CA SER O 74 50.08 -46.46 1.21
C SER O 74 50.29 -47.41 0.04
N GLU O 75 51.47 -48.05 0.05
CA GLU O 75 51.71 -49.15 -0.88
C GLU O 75 50.76 -50.31 -0.60
N ARG O 76 50.37 -50.49 0.65
CA ARG O 76 49.56 -51.64 1.06
C ARG O 76 48.20 -51.64 0.38
N SER O 77 47.37 -50.65 0.69
CA SER O 77 46.03 -50.56 0.13
C SER O 77 46.09 -49.61 -1.06
N GLY O 78 45.72 -50.12 -2.23
CA GLY O 78 45.94 -49.38 -3.46
C GLY O 78 44.90 -48.36 -3.85
N SER O 79 44.18 -47.80 -2.88
CA SER O 79 43.21 -46.75 -3.13
C SER O 79 42.62 -46.32 -1.80
N LEU O 80 42.04 -45.12 -1.79
CA LEU O 80 41.35 -44.62 -0.61
C LEU O 80 39.84 -44.84 -0.63
N TYR O 81 39.16 -44.48 -1.71
CA TYR O 81 37.71 -44.37 -1.68
C TYR O 81 37.31 -43.40 -0.56
N ILE O 82 37.65 -42.14 -0.81
CA ILE O 82 37.48 -41.03 0.13
C ILE O 82 36.20 -41.14 0.93
N GLU O 83 35.09 -41.51 0.28
CA GLU O 83 33.83 -41.62 0.99
C GLU O 83 33.89 -42.66 2.10
N ASP O 84 34.88 -43.55 2.07
CA ASP O 84 35.15 -44.43 3.19
C ASP O 84 36.13 -43.79 4.18
N ASN O 85 37.14 -43.09 3.68
CA ASN O 85 38.16 -42.46 4.51
C ASN O 85 37.97 -40.94 4.63
N ARG O 86 36.73 -40.48 4.57
CA ARG O 86 36.44 -39.06 4.60
C ARG O 86 36.73 -38.48 5.98
N GLN O 87 37.25 -37.25 6.01
CA GLN O 87 37.23 -36.43 7.21
C GLN O 87 36.88 -35.03 6.79
N GLN O 88 36.33 -34.25 7.71
CA GLN O 88 35.97 -32.87 7.40
C GLN O 88 36.83 -31.97 8.27
N ARG O 89 38.00 -31.62 7.78
CA ARG O 89 38.89 -30.78 8.56
C ARG O 89 38.46 -29.34 8.36
N ALA O 90 38.03 -28.69 9.44
CA ALA O 90 37.86 -27.26 9.38
C ALA O 90 39.21 -26.60 9.19
N SER O 91 39.19 -25.42 8.60
CA SER O 91 40.41 -24.66 8.42
C SER O 91 40.12 -23.21 8.76
N MET O 92 40.49 -22.78 9.95
CA MET O 92 40.51 -21.37 10.25
C MET O 92 41.72 -20.81 9.52
N LEU O 93 41.48 -20.36 8.30
CA LEU O 93 42.54 -19.91 7.41
C LEU O 93 42.83 -18.44 7.67
N LEU O 94 44.00 -18.01 7.24
CA LEU O 94 44.39 -16.62 7.28
C LEU O 94 44.13 -15.98 5.92
N LYS O 95 43.03 -15.26 5.82
CA LYS O 95 42.69 -14.58 4.60
C LYS O 95 43.61 -13.39 4.39
N ASP O 96 43.90 -13.10 3.11
CA ASP O 96 44.66 -11.92 2.70
C ASP O 96 45.89 -11.72 3.57
N VAL O 97 46.80 -12.68 3.52
CA VAL O 97 48.03 -12.55 4.28
C VAL O 97 49.06 -11.82 3.46
N ALA O 98 50.11 -11.37 4.13
CA ALA O 98 51.34 -10.93 3.50
C ALA O 98 52.39 -10.93 4.58
N TYR O 99 53.62 -11.28 4.21
CA TYR O 99 54.69 -11.37 5.18
C TYR O 99 56.00 -11.08 4.46
N ARG O 100 56.75 -10.08 4.92
CA ARG O 100 58.08 -9.87 4.38
C ARG O 100 59.06 -10.58 5.32
N ILE O 101 59.37 -11.83 4.98
CA ILE O 101 60.27 -12.66 5.76
C ILE O 101 61.70 -12.23 5.55
N HIS O 102 62.27 -11.55 6.53
CA HIS O 102 63.68 -11.14 6.47
C HIS O 102 64.51 -12.38 6.81
N ALA O 103 64.91 -13.10 5.78
CA ALA O 103 65.60 -14.36 5.97
C ALA O 103 66.94 -14.37 5.26
N ASP O 104 67.89 -15.08 5.85
CA ASP O 104 69.20 -15.26 5.27
C ASP O 104 69.46 -16.77 5.30
N PHE O 105 70.67 -17.21 5.04
CA PHE O 105 70.94 -18.63 5.17
C PHE O 105 72.39 -18.84 5.57
N ASP O 106 72.72 -20.11 5.82
CA ASP O 106 74.06 -20.52 6.17
C ASP O 106 74.47 -21.67 5.27
N MET O 107 75.70 -22.13 5.44
CA MET O 107 76.19 -23.28 4.69
C MET O 107 76.23 -24.51 5.57
N THR O 108 75.62 -25.59 5.10
CA THR O 108 75.50 -26.82 5.84
C THR O 108 76.85 -27.53 5.90
N SER O 109 76.85 -28.68 6.59
CA SER O 109 78.04 -29.52 6.61
C SER O 109 78.33 -30.06 5.22
N GLU O 110 77.29 -30.42 4.46
CA GLU O 110 77.47 -30.95 3.12
C GLU O 110 77.40 -29.85 2.07
N ALA O 111 78.17 -28.79 2.27
CA ALA O 111 78.17 -27.67 1.34
C ALA O 111 78.76 -28.02 -0.01
N GLY O 112 79.49 -29.13 -0.11
CA GLY O 112 80.10 -29.51 -1.36
C GLY O 112 81.31 -28.67 -1.69
N GLU O 113 81.69 -28.69 -2.97
CA GLU O 113 82.82 -27.91 -3.44
C GLU O 113 82.44 -26.44 -3.57
N SER O 114 81.43 -26.15 -4.41
CA SER O 114 80.98 -24.78 -4.62
C SER O 114 80.15 -24.33 -3.42
N ASP O 115 80.85 -24.12 -2.31
CA ASP O 115 80.25 -23.69 -1.05
C ASP O 115 80.05 -22.19 -0.99
N ASN O 116 80.14 -21.50 -2.14
CA ASN O 116 80.05 -20.05 -2.17
C ASN O 116 78.72 -19.56 -1.62
N TYR O 117 78.75 -18.89 -0.48
CA TYR O 117 77.52 -18.29 0.04
C TYR O 117 76.97 -17.28 -0.94
N VAL O 118 77.86 -16.54 -1.61
CA VAL O 118 77.40 -15.56 -2.59
C VAL O 118 76.72 -16.26 -3.75
N LYS O 119 77.20 -17.45 -4.13
CA LYS O 119 76.59 -18.15 -5.25
C LYS O 119 75.13 -18.46 -4.97
N PHE O 120 74.85 -19.10 -3.82
CA PHE O 120 73.46 -19.40 -3.49
C PHE O 120 72.68 -18.12 -3.18
N ALA O 121 73.34 -17.12 -2.61
CA ALA O 121 72.65 -15.87 -2.31
C ALA O 121 72.13 -15.21 -3.58
N GLU O 122 73.02 -15.05 -4.57
CA GLU O 122 72.60 -14.44 -5.83
C GLU O 122 71.70 -15.37 -6.61
N MET O 123 71.86 -16.68 -6.45
CA MET O 123 70.95 -17.63 -7.07
C MET O 123 69.53 -17.41 -6.56
N PHE O 124 69.37 -17.34 -5.25
CA PHE O 124 68.06 -17.08 -4.67
C PHE O 124 67.57 -15.68 -5.02
N LYS O 125 68.49 -14.71 -5.09
CA LYS O 125 68.12 -13.35 -5.41
C LYS O 125 67.54 -13.25 -6.81
N ARG O 126 68.22 -13.84 -7.79
CA ARG O 126 67.71 -13.93 -9.14
C ARG O 126 66.42 -14.72 -9.19
N ARG O 127 66.33 -15.82 -8.43
CA ARG O 127 65.13 -16.62 -8.42
C ARG O 127 63.94 -15.79 -7.93
N ALA O 128 64.14 -15.03 -6.88
CA ALA O 128 63.02 -14.32 -6.27
C ALA O 128 62.61 -13.10 -7.09
N LYS O 129 63.58 -12.29 -7.53
CA LYS O 129 63.21 -11.16 -8.37
C LYS O 129 62.61 -11.62 -9.69
N LYS O 130 63.29 -12.56 -10.36
CA LYS O 130 62.73 -13.14 -11.58
C LYS O 130 61.41 -13.82 -11.30
N GLY O 131 61.24 -14.36 -10.09
CA GLY O 131 60.07 -15.12 -9.75
C GLY O 131 60.26 -16.61 -9.81
N GLN O 132 61.49 -17.07 -10.04
CA GLN O 132 61.74 -18.50 -10.16
C GLN O 132 61.53 -19.18 -8.83
N TYR O 133 61.32 -20.50 -8.91
CA TYR O 133 61.22 -21.35 -7.74
C TYR O 133 61.25 -22.81 -8.15
N PHE O 134 61.66 -23.64 -7.18
CA PHE O 134 61.57 -25.08 -7.29
C PHE O 134 60.15 -25.57 -7.04
N HIS O 135 59.33 -24.72 -6.43
CA HIS O 135 58.05 -25.06 -5.82
C HIS O 135 57.29 -23.79 -5.56
N GLN O 136 56.08 -23.65 -6.09
CA GLN O 136 55.38 -22.41 -5.83
C GLN O 136 55.18 -22.33 -4.33
N PRO O 137 55.71 -21.32 -3.66
CA PRO O 137 55.82 -21.40 -2.22
C PRO O 137 54.47 -21.61 -1.57
N TYR O 138 54.47 -22.44 -0.55
CA TYR O 138 53.25 -22.82 0.15
C TYR O 138 53.12 -21.94 1.37
N LEU O 139 52.02 -21.20 1.45
CA LEU O 139 51.68 -20.46 2.66
C LEU O 139 51.14 -21.47 3.67
N GLY O 140 52.05 -22.25 4.24
CA GLY O 140 51.62 -23.25 5.20
C GLY O 140 51.00 -24.46 4.56
N CYS O 141 50.10 -24.26 3.60
CA CYS O 141 49.49 -25.35 2.86
C CYS O 141 49.54 -25.06 1.36
N ARG O 142 49.94 -26.05 0.57
CA ARG O 142 50.11 -25.84 -0.85
C ARG O 142 48.85 -25.34 -1.52
N GLU O 143 47.69 -25.64 -0.97
CA GLU O 143 46.47 -25.06 -1.52
C GLU O 143 46.53 -23.55 -1.53
N PHE O 144 47.54 -22.95 -0.91
CA PHE O 144 47.65 -21.51 -0.77
C PHE O 144 48.98 -21.04 -1.33
N PRO O 145 48.98 -20.22 -2.37
CA PRO O 145 50.22 -19.81 -3.01
C PRO O 145 50.76 -18.51 -2.45
N CYS O 146 52.08 -18.41 -2.46
CA CYS O 146 52.80 -17.25 -1.96
C CYS O 146 53.10 -16.34 -3.13
N ASP O 147 52.27 -15.33 -3.33
CA ASP O 147 52.53 -14.38 -4.39
C ASP O 147 53.70 -13.50 -3.96
N PHE O 148 54.90 -14.06 -3.97
CA PHE O 148 56.03 -13.46 -3.26
C PHE O 148 56.61 -12.29 -4.05
N ARG O 149 57.73 -11.81 -3.56
CA ARG O 149 58.54 -10.76 -4.16
C ARG O 149 59.79 -10.65 -3.31
N LEU O 150 60.90 -10.26 -3.93
CA LEU O 150 62.15 -10.07 -3.21
C LEU O 150 62.34 -8.58 -2.99
N LEU O 151 61.73 -8.07 -1.93
CA LEU O 151 61.90 -6.66 -1.61
C LEU O 151 63.33 -6.37 -1.21
N GLU O 152 63.75 -5.13 -1.46
CA GLU O 152 65.08 -4.69 -1.04
C GLU O 152 65.07 -4.22 0.41
N LYS O 153 64.27 -3.21 0.73
CA LYS O 153 64.06 -2.82 2.12
C LYS O 153 62.60 -2.93 2.55
N ALA O 154 61.69 -2.21 1.90
CA ALA O 154 60.32 -2.12 2.37
C ALA O 154 59.39 -1.57 1.31
N GLU O 155 58.45 -2.37 0.82
CA GLU O 155 57.54 -1.96 -0.25
C GLU O 155 56.12 -2.44 0.03
N ASP O 156 55.67 -2.33 1.28
CA ASP O 156 54.31 -2.66 1.68
C ASP O 156 54.13 -2.23 3.14
N GLY O 157 52.91 -1.83 3.47
CA GLY O 157 52.64 -1.31 4.80
C GLY O 157 52.27 -2.36 5.82
N LEU O 158 53.13 -2.54 6.82
CA LEU O 158 52.87 -3.52 7.87
C LEU O 158 51.80 -2.99 8.83
N PRO O 159 50.77 -3.78 9.15
CA PRO O 159 49.58 -3.21 9.81
C PRO O 159 49.67 -3.15 11.33
N LEU O 160 50.43 -4.06 11.93
CA LEU O 160 50.54 -4.12 13.39
C LEU O 160 51.51 -3.02 13.87
N GLU O 161 51.18 -1.79 13.49
CA GLU O 161 52.11 -0.67 13.61
C GLU O 161 52.59 -0.45 15.04
N ASP O 162 51.68 -0.10 15.94
CA ASP O 162 52.03 -0.03 17.35
C ASP O 162 52.28 -1.45 17.87
N ILE O 163 52.73 -1.55 19.11
CA ILE O 163 53.04 -2.85 19.69
C ILE O 163 51.77 -3.69 19.71
N THR O 164 51.85 -4.91 19.17
CA THR O 164 50.67 -5.73 18.98
C THR O 164 50.80 -7.15 19.52
N GLN O 165 49.85 -8.00 19.14
CA GLN O 165 49.59 -9.24 19.85
C GLN O 165 50.81 -10.15 19.89
N ASP O 166 51.08 -10.70 21.05
CA ASP O 166 52.06 -11.76 21.22
C ASP O 166 51.34 -13.09 20.98
N PHE O 167 51.68 -13.76 19.90
CA PHE O 167 50.94 -14.95 19.54
C PHE O 167 51.37 -16.14 20.32
N GLY O 168 52.17 -15.93 21.35
CA GLY O 168 52.55 -17.02 22.20
C GLY O 168 53.54 -17.93 21.50
N PHE O 169 53.59 -19.16 21.98
CA PHE O 169 54.57 -20.12 21.49
C PHE O 169 54.09 -20.69 20.18
N MET O 170 54.68 -20.24 19.09
CA MET O 170 54.42 -20.78 17.77
C MET O 170 55.49 -21.78 17.42
N LEU O 171 55.13 -22.73 16.57
CA LEU O 171 56.12 -23.64 16.01
C LEU O 171 57.17 -22.82 15.28
N TYR O 172 58.43 -22.99 15.68
CA TYR O 172 59.48 -22.19 15.04
C TYR O 172 59.93 -22.84 13.74
N ASP O 173 60.56 -24.00 13.82
CA ASP O 173 61.02 -24.72 12.66
C ASP O 173 61.38 -26.14 13.05
N MET O 174 60.64 -27.13 12.58
CA MET O 174 60.76 -28.47 13.13
C MET O 174 62.20 -28.94 13.03
N ASP O 175 62.69 -29.57 14.10
CA ASP O 175 64.11 -29.83 14.27
C ASP O 175 64.49 -31.09 13.50
N PHE O 176 65.05 -30.91 12.32
CA PHE O 176 65.55 -32.04 11.52
C PHE O 176 67.03 -32.27 11.75
N SER O 177 67.44 -32.34 13.01
CA SER O 177 68.84 -32.61 13.30
C SER O 177 69.08 -34.10 13.50
N LYS O 178 68.25 -34.76 14.30
CA LYS O 178 68.36 -36.20 14.48
C LYS O 178 67.99 -36.96 13.23
N SER O 179 67.41 -36.30 12.24
CA SER O 179 66.98 -36.98 11.02
C SER O 179 68.17 -37.39 10.17
N ASP O 180 68.01 -38.53 9.52
CA ASP O 180 68.89 -38.99 8.46
C ASP O 180 68.56 -38.16 7.22
N PRO O 181 69.20 -38.38 6.08
CA PRO O 181 68.74 -37.70 4.86
C PRO O 181 67.24 -37.84 4.69
N ARG O 182 66.58 -36.73 4.36
CA ARG O 182 65.14 -36.63 4.19
C ARG O 182 64.39 -36.84 5.51
N ASP O 183 64.69 -35.98 6.49
CA ASP O 183 63.91 -35.64 7.68
C ASP O 183 63.06 -36.74 8.33
N SER O 184 63.67 -37.87 8.68
CA SER O 184 62.89 -38.95 9.26
C SER O 184 62.44 -38.61 10.67
N ASN O 185 63.38 -38.49 11.59
CA ASN O 185 63.09 -38.37 13.01
C ASN O 185 63.36 -36.94 13.44
N ASN O 186 62.30 -36.16 13.60
CA ASN O 186 62.45 -34.75 13.90
C ASN O 186 61.94 -34.44 15.30
N ALA O 187 61.92 -33.15 15.63
CA ALA O 187 61.26 -32.64 16.81
C ALA O 187 60.85 -31.21 16.51
N GLU O 188 59.97 -30.66 17.33
CA GLU O 188 59.46 -29.32 17.11
C GLU O 188 60.12 -28.35 18.06
N PRO O 189 60.95 -27.43 17.61
CA PRO O 189 61.30 -26.29 18.46
C PRO O 189 60.31 -25.16 18.24
N MET O 190 60.02 -24.46 19.32
CA MET O 190 58.94 -23.49 19.35
C MET O 190 59.45 -22.24 20.02
N PHE O 191 58.78 -21.11 19.74
CA PHE O 191 59.32 -19.85 20.21
C PHE O 191 58.17 -18.95 20.61
N TYR O 192 58.33 -18.26 21.75
CA TYR O 192 57.60 -17.01 21.95
C TYR O 192 57.82 -16.20 20.70
N GLN O 193 56.74 -15.61 20.18
CA GLN O 193 56.82 -14.88 18.93
C GLN O 193 58.07 -13.99 18.98
N CYS O 194 57.99 -12.90 19.72
CA CYS O 194 58.67 -12.64 20.96
C CYS O 194 57.57 -11.82 21.59
N LYS O 195 56.92 -11.18 20.63
CA LYS O 195 55.67 -10.44 20.59
C LYS O 195 55.47 -10.21 19.11
N ALA O 196 54.52 -9.36 18.73
CA ALA O 196 54.50 -8.80 17.39
C ALA O 196 54.57 -7.29 17.59
N VAL O 197 55.78 -6.77 17.74
CA VAL O 197 55.95 -5.33 17.95
C VAL O 197 55.38 -4.55 16.77
N ASN O 198 55.95 -4.75 15.59
CA ASN O 198 55.21 -4.58 14.35
C ASN O 198 55.49 -5.67 13.33
N GLY O 199 56.66 -6.31 13.38
CA GLY O 199 56.98 -7.48 12.61
C GLY O 199 57.87 -8.35 13.45
N VAL O 200 57.48 -9.60 13.66
CA VAL O 200 58.13 -10.44 14.65
C VAL O 200 59.53 -10.84 14.22
N ILE O 201 60.49 -10.60 15.09
CA ILE O 201 61.82 -11.17 14.93
C ILE O 201 61.80 -12.58 15.47
N THR O 202 62.54 -13.48 14.84
CA THR O 202 62.63 -14.85 15.30
C THR O 202 63.98 -15.10 15.94
N VAL O 203 64.12 -16.25 16.57
CA VAL O 203 65.30 -16.59 17.35
C VAL O 203 66.07 -17.67 16.59
N PRO O 204 67.33 -17.43 16.24
CA PRO O 204 68.16 -18.50 15.72
C PRO O 204 68.55 -19.45 16.84
N PRO O 205 68.26 -20.75 16.69
CA PRO O 205 68.55 -21.77 17.72
C PRO O 205 70.01 -21.81 18.13
#